data_9B8F
#
_entry.id   9B8F
#
_cell.length_a   1.00
_cell.length_b   1.00
_cell.length_c   1.00
_cell.angle_alpha   90.00
_cell.angle_beta   90.00
_cell.angle_gamma   90.00
#
_symmetry.space_group_name_H-M   'P 1'
#
loop_
_entity.id
_entity.type
_entity.pdbx_description
1 polymer 'Spike glycoprotein'
2 branched beta-D-mannopyranose-(1-4)-2-acetamido-2-deoxy-beta-D-glucopyranose-(1-4)-2-acetamido-2-deoxy-beta-D-glucopyranose
3 branched alpha-D-mannopyranose-(1-6)-beta-D-mannopyranose-(1-4)-2-acetamido-2-deoxy-beta-D-glucopyranose-(1-4)-2-acetamido-2-deoxy-beta-D-glucopyranose
4 branched 2-acetamido-2-deoxy-beta-D-glucopyranose-(1-4)-2-acetamido-2-deoxy-beta-D-glucopyranose
5 branched beta-D-mannopyranose-(1-4)-2-acetamido-2-deoxy-beta-D-glucopyranose-(1-4)-[alpha-L-fucopyranose-(1-3)]2-acetamido-2-deoxy-beta-D-glucopyranose
6 branched alpha-D-mannopyranose-(1-3)-beta-D-mannopyranose-(1-4)-2-acetamido-2-deoxy-beta-D-glucopyranose-(1-4)-2-acetamido-2-deoxy-beta-D-glucopyranose
7 branched 2-acetamido-2-deoxy-beta-D-glucopyranose-(1-4)-[alpha-L-fucopyranose-(1-6)]2-acetamido-2-deoxy-beta-D-glucopyranose
8 branched alpha-D-mannopyranose-(1-3)-[alpha-D-mannopyranose-(1-6)]beta-D-mannopyranose-(1-4)-2-acetamido-2-deoxy-beta-D-glucopyranose-(1-4)-2-acetamido-2-deoxy-beta-D-glucopyranose
9 branched alpha-D-mannopyranose-(1-6)-beta-D-mannopyranose-(1-4)-2-acetamido-2-deoxy-beta-D-glucopyranose-(1-6)-2-acetamido-2-deoxy-beta-D-glucopyranose
10 non-polymer 2-acetamido-2-deoxy-beta-D-glucopyranose
#
_entity_poly.entity_id   1
_entity_poly.type   'polypeptide(L)'
_entity_poly.pdbx_seq_one_letter_code
;MFVFLVLLPLVSSQCVNLSAWSHPQFEKGGGSGGGSGGSSAWSHPQFEKSALVPRGSTTRTQLPPAYTNSFTRGVYYPDK
VFRSSVLHSTQDLFLPFFSNVTWFHAIHVSGTNGTKRFDNPVLPFNDGVYFASTEKSNIIRGWIFGTTLDSKTQSLLIVN
NATNVVIKVCEFQFCNDPFLGVYYHKNNKSWMESEFRVYSSANNCTFEYVSQPFLMDLEGKQGNFKNLREFVFKNIDGYF
KIYSKHTPINLVRDLPQGFSALEPLVDLPIGINITRFQTLLALHRSYLTPGDSSSGWTAGAAAYYVGYLQPRTFLLKYNE
NGTITDAVDCALDPLSETKCTLKSFTVEKGIYQTSNFRVQPTESIVRFPNITNLCPFGEVFNATRFASVYAWNRKRISNC
VADYSVLYNSASFSTFKCYGVSPTKLNDLCFTNVYADSFVIRGDEVRQIAPGQTGKIADYNYKLPDDFTGCVIAWNSNNL
DSKVGGNYNYLYRLFRKSNLKPFERDISTEIYQAGSTPCNGVEGFNCYFPLQSYGFQPTNGVGYQPYRVVVLSFELLHAP
ATVCGPKKSTNLVKNKCVNFNFNGLTGTGVLTESNKKFLPFQQFGRDIADTTDAVRDPQTLEILDITPCSFGGVSVITPG
TNTSNQVAVLYQGVNCTEVPVAIHADQLTPTWRVYSTGSNVFQTRAGCLIGAEHVNNSYECDIPIGAGICASYQTQTNSP
GSASSVASQSIIAYTMSLGAENSVAYSNNSIAIPTNFTISVTTEILPVSMTKTSVDCTMYICGDSTECSNLLLQYGSFCT
QLNRALTGIAVEQDKNTQEVFAQVKQIYKTPPIKDFGGFNFSQILPDPSKPSKRSFIEDLLFNKVTLADAGFIKQYGDCL
GDIAARDLICAQKFNGLTVLPPLLTDEMIAQYTSALLAGTITSGWTFGAGAALQIPFAMQMAYRFNGIGVTQNVLYENQK
LIANQFNSAIGKIQDSLSSTASALGKLQDVVNQNAQALNTLVKQLSSNFGAISSVLNDILSRLDPPEAEVQIDRLITGRL
QSLQTYVTQQLIRAAEIRASANLAATKMSECVLGQSKRVDFCGKGYHLMSFPQSAPHGVVFLHVTYVPAQEKNFTTAPAI
CHDGKAHFPREGVFVSNGTHWFVTQRNFYEPQIITTDNTFVSGNCDVVIGIVNNTVYDPLQPELDSFKEELDKYFKNHTS
PDVDLGDISGINASVVNIQKEIDRLNEVAKNLNESLIDLQELGKYEQYIKWPWYIWLGFIAGLIAIVMVTIMLCCMTSCC
SCLKGCCSCGSCCKFDEDDSEPVLKGVALAYT
;
_entity_poly.pdbx_strand_id   A,B,C
#
loop_
_chem_comp.id
_chem_comp.type
_chem_comp.name
_chem_comp.formula
BMA D-saccharide, beta linking beta-D-mannopyranose 'C6 H12 O6'
FUC L-saccharide, alpha linking alpha-L-fucopyranose 'C6 H12 O5'
MAN D-saccharide, alpha linking alpha-D-mannopyranose 'C6 H12 O6'
NAG D-saccharide, beta linking 2-acetamido-2-deoxy-beta-D-glucopyranose 'C8 H15 N O6'
#
# COMPACT_ATOMS: atom_id res chain seq x y z
N ALA A 66 -27.94 25.18 47.12
CA ALA A 66 -28.94 25.12 46.06
C ALA A 66 -28.30 24.65 44.74
N TYR A 67 -29.07 24.74 43.66
CA TYR A 67 -28.59 24.37 42.33
C TYR A 67 -28.73 25.55 41.38
N THR A 68 -27.81 25.65 40.43
CA THR A 68 -27.92 26.66 39.38
C THR A 68 -26.87 26.36 38.32
N ASN A 69 -27.18 26.74 37.09
CA ASN A 69 -26.34 26.37 35.96
C ASN A 69 -24.92 26.89 36.11
N SER A 70 -23.98 26.11 35.60
CA SER A 70 -22.59 26.51 35.42
C SER A 70 -22.38 26.65 33.92
N PHE A 71 -22.69 27.83 33.39
CA PHE A 71 -22.76 28.04 31.95
C PHE A 71 -21.41 27.83 31.27
N THR A 72 -20.44 28.71 31.56
CA THR A 72 -19.17 28.72 30.83
C THR A 72 -18.02 29.00 31.79
N ARG A 73 -18.02 28.36 32.95
CA ARG A 73 -16.99 28.56 33.95
C ARG A 73 -16.12 27.32 34.07
N GLY A 74 -15.09 27.40 34.91
CA GLY A 74 -14.16 26.31 35.08
C GLY A 74 -13.34 26.01 33.85
N VAL A 75 -12.82 27.04 33.20
CA VAL A 75 -12.00 26.90 31.99
C VAL A 75 -10.60 27.40 32.32
N TYR A 76 -9.62 26.52 32.18
CA TYR A 76 -8.24 26.83 32.54
C TYR A 76 -7.30 26.44 31.40
N TYR A 77 -6.23 27.19 31.26
CA TYR A 77 -5.21 26.85 30.27
C TYR A 77 -4.60 25.51 30.65
N PRO A 78 -4.53 24.54 29.73
CA PRO A 78 -4.08 23.19 30.11
C PRO A 78 -2.57 23.05 30.21
N ASP A 79 -1.80 23.93 29.57
CA ASP A 79 -0.37 23.71 29.41
C ASP A 79 0.32 25.08 29.36
N LYS A 80 1.57 25.09 28.88
CA LYS A 80 2.34 26.32 28.77
C LYS A 80 2.65 26.70 27.32
N VAL A 81 2.55 25.78 26.37
CA VAL A 81 2.93 26.08 25.00
C VAL A 81 2.07 27.20 24.46
N PHE A 82 2.67 28.06 23.65
CA PHE A 82 1.96 29.16 23.03
C PHE A 82 1.25 28.69 21.76
N ARG A 83 0.02 29.14 21.58
CA ARG A 83 -0.76 28.83 20.39
C ARG A 83 -1.50 30.08 19.95
N SER A 84 -1.76 30.19 18.65
CA SER A 84 -2.38 31.38 18.09
C SER A 84 -3.40 31.02 17.02
N SER A 85 -4.54 31.71 17.04
CA SER A 85 -5.56 31.59 16.00
C SER A 85 -5.81 30.15 15.58
N VAL A 86 -5.72 29.23 16.53
CA VAL A 86 -5.85 27.80 16.23
C VAL A 86 -6.88 27.20 17.17
N LEU A 87 -7.79 26.41 16.61
CA LEU A 87 -8.77 25.67 17.39
C LEU A 87 -8.13 24.34 17.78
N HIS A 88 -7.71 24.23 19.03
CA HIS A 88 -6.95 23.09 19.51
C HIS A 88 -7.83 22.20 20.39
N SER A 89 -7.85 20.91 20.09
CA SER A 89 -8.64 19.95 20.84
C SER A 89 -7.78 19.28 21.90
N THR A 90 -8.38 19.00 23.06
CA THR A 90 -7.66 18.35 24.14
C THR A 90 -8.63 17.55 25.00
N GLN A 91 -8.22 16.35 25.38
CA GLN A 91 -8.99 15.50 26.28
C GLN A 91 -8.39 15.61 27.67
N ASP A 92 -9.21 15.97 28.64
CA ASP A 92 -8.74 16.07 30.03
C ASP A 92 -9.95 16.29 30.92
N LEU A 93 -9.69 16.36 32.22
CA LEU A 93 -10.75 16.63 33.19
C LEU A 93 -11.21 18.08 33.05
N PHE A 94 -12.49 18.26 32.72
CA PHE A 94 -13.08 19.58 32.51
C PHE A 94 -14.44 19.64 33.19
N LEU A 95 -14.75 20.78 33.77
CA LEU A 95 -16.08 20.98 34.32
C LEU A 95 -17.06 21.08 33.16
N PRO A 96 -18.08 20.23 33.08
CA PRO A 96 -18.93 20.23 31.89
C PRO A 96 -19.65 21.56 31.70
N PHE A 97 -19.95 21.86 30.44
CA PHE A 97 -20.80 23.00 30.13
C PHE A 97 -22.17 22.82 30.77
N PHE A 98 -22.74 23.93 31.25
CA PHE A 98 -24.13 23.93 31.71
C PHE A 98 -24.36 22.83 32.74
N SER A 99 -23.39 22.67 33.64
CA SER A 99 -23.31 21.47 34.46
C SER A 99 -24.12 21.52 35.75
N ASN A 100 -24.89 22.59 35.97
CA ASN A 100 -25.79 22.67 37.13
C ASN A 100 -24.98 22.50 38.43
N VAL A 101 -24.13 23.50 38.68
CA VAL A 101 -23.32 23.48 39.88
C VAL A 101 -24.20 23.68 41.11
N THR A 102 -23.80 23.05 42.21
CA THR A 102 -24.46 23.24 43.48
C THR A 102 -24.03 24.56 44.11
N TRP A 103 -24.96 25.20 44.82
CA TRP A 103 -24.71 26.44 45.52
C TRP A 103 -24.61 26.16 47.01
N PHE A 104 -23.52 26.60 47.62
CA PHE A 104 -23.32 26.48 49.06
C PHE A 104 -23.30 27.87 49.68
N HIS A 105 -24.14 28.05 50.68
CA HIS A 105 -24.30 29.30 51.41
C HIS A 105 -24.57 29.00 52.88
N ALA A 106 -23.95 29.76 53.76
CA ALA A 106 -24.18 29.67 55.19
C ALA A 106 -24.85 30.95 55.67
N ILE A 107 -25.84 30.80 56.55
CA ILE A 107 -26.57 31.95 57.09
C ILE A 107 -26.18 32.13 58.55
N HIS A 108 -25.15 32.93 58.80
CA HIS A 108 -24.68 33.19 60.16
C HIS A 108 -24.48 31.90 60.94
N LYS A 116 -28.37 31.83 61.08
CA LYS A 116 -27.61 31.44 62.26
C LYS A 116 -27.13 30.00 62.15
N ARG A 117 -26.88 29.56 60.91
CA ARG A 117 -26.41 28.20 60.65
C ARG A 117 -25.21 28.24 59.72
N PHE A 118 -24.31 27.29 59.91
CA PHE A 118 -23.07 27.20 59.17
C PHE A 118 -23.06 25.93 58.32
N ASP A 119 -22.47 26.04 57.13
CA ASP A 119 -22.34 24.92 56.20
C ASP A 119 -20.85 24.74 55.91
N ASN A 120 -20.20 23.93 56.74
CA ASN A 120 -18.76 23.64 56.60
C ASN A 120 -18.53 22.14 56.66
N PRO A 121 -19.00 21.40 55.66
CA PRO A 121 -18.73 19.95 55.62
C PRO A 121 -17.44 19.62 54.91
N VAL A 122 -17.11 18.33 54.84
CA VAL A 122 -15.96 17.86 54.08
C VAL A 122 -16.51 17.23 52.80
N LEU A 123 -16.36 17.95 51.69
CA LEU A 123 -16.85 17.48 50.40
C LEU A 123 -15.89 16.45 49.81
N PRO A 124 -16.36 15.64 48.87
CA PRO A 124 -15.48 14.65 48.23
C PRO A 124 -14.66 15.26 47.11
N PHE A 125 -13.37 14.93 47.10
CA PHE A 125 -12.46 15.34 46.04
C PHE A 125 -12.28 14.16 45.09
N ASN A 126 -12.76 14.30 43.86
CA ASN A 126 -12.59 13.27 42.85
C ASN A 126 -12.28 13.94 41.51
N ASP A 127 -11.35 13.34 40.78
CA ASP A 127 -10.93 13.79 39.44
C ASP A 127 -10.85 15.31 39.37
N GLY A 128 -10.39 15.94 40.44
CA GLY A 128 -10.29 17.39 40.48
C GLY A 128 -11.59 18.03 40.93
N VAL A 129 -11.46 19.21 41.55
CA VAL A 129 -12.61 19.95 42.04
C VAL A 129 -12.46 21.42 41.67
N TYR A 130 -13.57 21.99 41.21
CA TYR A 130 -13.70 23.40 40.92
C TYR A 130 -14.30 24.11 42.12
N PHE A 131 -13.79 25.31 42.42
CA PHE A 131 -14.33 26.15 43.47
C PHE A 131 -14.52 27.56 42.90
N ALA A 132 -15.55 28.24 43.36
CA ALA A 132 -15.71 29.63 42.95
C ALA A 132 -16.52 30.39 43.99
N SER A 133 -16.26 31.69 44.08
CA SER A 133 -17.01 32.53 45.00
C SER A 133 -16.77 34.00 44.69
N THR A 134 -17.70 34.83 45.12
CA THR A 134 -17.58 36.27 44.99
C THR A 134 -16.70 36.77 46.14
N GLU A 135 -15.41 36.95 45.86
CA GLU A 135 -14.49 37.38 46.91
C GLU A 135 -14.90 38.74 47.44
N LYS A 136 -14.94 38.86 48.77
CA LYS A 136 -15.29 40.10 49.44
C LYS A 136 -14.47 40.21 50.72
N SER A 137 -13.48 41.08 50.71
CA SER A 137 -12.65 41.33 51.89
C SER A 137 -11.95 40.05 52.37
N ASN A 138 -11.53 39.22 51.42
CA ASN A 138 -10.80 37.99 51.72
C ASN A 138 -11.55 37.15 52.75
N ILE A 139 -12.87 37.03 52.58
CA ILE A 139 -13.67 36.29 53.54
C ILE A 139 -13.22 34.83 53.60
N ILE A 140 -12.94 34.23 52.46
CA ILE A 140 -12.35 32.90 52.41
C ILE A 140 -10.85 33.03 52.62
N ARG A 141 -10.27 32.09 53.39
CA ARG A 141 -8.86 32.18 53.76
C ARG A 141 -8.08 30.90 53.52
N GLY A 142 -8.67 29.92 52.84
CA GLY A 142 -7.93 28.74 52.46
C GLY A 142 -8.80 27.50 52.48
N TRP A 143 -8.15 26.35 52.35
CA TRP A 143 -8.82 25.06 52.30
C TRP A 143 -7.92 24.02 52.94
N ILE A 144 -8.49 22.84 53.16
CA ILE A 144 -7.80 21.69 53.71
C ILE A 144 -8.14 20.51 52.82
N PHE A 145 -7.21 20.14 51.94
CA PHE A 145 -7.38 18.99 51.07
C PHE A 145 -6.70 17.77 51.70
N GLY A 146 -7.06 16.60 51.21
CA GLY A 146 -6.40 15.39 51.69
C GLY A 146 -7.24 14.17 51.38
N THR A 147 -7.08 13.15 52.22
CA THR A 147 -7.81 11.90 52.07
C THR A 147 -8.55 11.49 53.32
N THR A 148 -7.99 11.73 54.50
CA THR A 148 -8.56 11.23 55.75
C THR A 148 -8.92 12.32 56.75
N LEU A 149 -8.09 13.37 56.86
CA LEU A 149 -8.27 14.40 57.89
C LEU A 149 -8.27 13.76 59.29
N ASP A 150 -7.09 13.28 59.68
CA ASP A 150 -6.95 12.46 60.86
C ASP A 150 -5.65 12.68 61.63
N SER A 151 -4.70 13.45 61.08
CA SER A 151 -3.51 13.86 61.80
C SER A 151 -2.48 12.73 61.93
N LYS A 152 -2.82 11.53 61.48
CA LYS A 152 -1.82 10.46 61.40
C LYS A 152 -1.27 10.31 59.99
N THR A 153 -1.83 11.04 59.03
CA THR A 153 -1.38 11.06 57.65
C THR A 153 -0.91 12.46 57.28
N GLN A 154 -0.14 12.53 56.20
CA GLN A 154 0.39 13.82 55.74
C GLN A 154 -0.76 14.72 55.31
N SER A 155 -1.05 15.73 56.12
CA SER A 155 -2.19 16.61 55.89
C SER A 155 -1.75 17.92 55.26
N LEU A 156 -2.74 18.63 54.70
CA LEU A 156 -2.52 19.90 54.03
C LEU A 156 -3.15 21.02 54.84
N LEU A 157 -2.49 22.17 54.89
CA LEU A 157 -2.97 23.35 55.59
C LEU A 157 -2.80 24.58 54.70
N ILE A 158 -3.22 24.44 53.45
CA ILE A 158 -3.21 25.57 52.53
C ILE A 158 -4.06 26.68 53.13
N VAL A 159 -3.45 27.81 53.46
CA VAL A 159 -4.20 28.93 54.03
C VAL A 159 -3.58 30.24 53.58
N ASN A 160 -4.33 31.32 53.78
CA ASN A 160 -3.87 32.67 53.49
C ASN A 160 -4.09 33.53 54.71
N ASN A 161 -3.06 34.28 55.11
CA ASN A 161 -3.18 35.18 56.25
C ASN A 161 -2.72 36.58 55.87
N ALA A 162 -2.63 37.48 56.86
CA ALA A 162 -2.27 38.85 56.55
C ALA A 162 -0.89 38.95 55.92
N THR A 163 0.07 38.17 56.43
CA THR A 163 1.43 38.24 55.90
C THR A 163 1.50 37.72 54.47
N ASN A 164 1.17 36.45 54.27
CA ASN A 164 1.26 35.86 52.94
C ASN A 164 0.51 34.53 52.93
N VAL A 165 0.27 34.02 51.73
CA VAL A 165 -0.27 32.68 51.58
C VAL A 165 0.78 31.67 52.02
N VAL A 166 0.37 30.68 52.81
CA VAL A 166 1.27 29.71 53.38
C VAL A 166 0.76 28.31 53.06
N ILE A 167 1.67 27.45 52.60
CA ILE A 167 1.38 26.05 52.28
C ILE A 167 2.14 25.22 53.29
N LYS A 168 1.43 24.68 54.27
CA LYS A 168 2.00 23.79 55.27
C LYS A 168 1.58 22.37 54.93
N VAL A 169 2.55 21.54 54.54
CA VAL A 169 2.28 20.14 54.25
C VAL A 169 2.85 19.32 55.40
N CYS A 170 2.00 19.01 56.39
CA CYS A 170 2.44 18.31 57.58
C CYS A 170 1.28 17.57 58.20
N GLU A 171 1.61 16.68 59.14
CA GLU A 171 0.60 15.97 59.93
C GLU A 171 0.01 16.93 60.94
N PHE A 172 -1.22 17.39 60.66
CA PHE A 172 -1.86 18.43 61.45
C PHE A 172 -2.88 17.80 62.39
N GLN A 173 -2.72 18.05 63.68
CA GLN A 173 -3.78 17.78 64.67
C GLN A 173 -4.82 18.88 64.59
N PHE A 174 -5.44 18.97 63.41
CA PHE A 174 -6.36 20.04 63.11
C PHE A 174 -7.51 20.07 64.12
N CYS A 175 -7.83 21.27 64.58
CA CYS A 175 -8.99 21.44 65.45
C CYS A 175 -10.27 21.26 64.64
N ASN A 176 -11.34 20.88 65.35
CA ASN A 176 -12.58 20.51 64.66
C ASN A 176 -13.20 21.68 63.92
N ASP A 177 -12.92 22.92 64.32
CA ASP A 177 -13.58 24.10 63.77
C ASP A 177 -12.53 25.11 63.32
N PRO A 178 -11.98 24.94 62.11
CA PRO A 178 -10.97 25.88 61.60
C PRO A 178 -11.62 27.16 61.09
N PHE A 179 -11.46 28.24 61.85
CA PHE A 179 -11.99 29.54 61.47
C PHE A 179 -11.41 30.57 62.43
N LEU A 180 -11.85 31.82 62.27
CA LEU A 180 -11.43 32.93 63.11
C LEU A 180 -12.57 33.29 64.04
N GLY A 181 -12.32 33.22 65.34
CA GLY A 181 -13.34 33.56 66.32
C GLY A 181 -13.72 35.02 66.27
N VAL A 182 -14.92 35.31 65.77
CA VAL A 182 -15.43 36.67 65.68
C VAL A 182 -16.86 36.68 66.20
N TYR A 183 -17.13 37.57 67.15
CA TYR A 183 -18.47 37.69 67.74
C TYR A 183 -19.39 38.33 66.69
N TYR A 184 -20.19 37.50 66.04
CA TYR A 184 -21.07 37.99 64.99
C TYR A 184 -22.24 38.75 65.58
N HIS A 185 -21.97 39.95 66.10
CA HIS A 185 -23.02 40.85 66.56
C HIS A 185 -23.63 41.53 65.35
N LYS A 186 -24.45 42.56 65.57
CA LYS A 186 -25.01 43.32 64.46
C LYS A 186 -23.92 43.63 63.44
N ASN A 187 -22.88 44.35 63.86
CA ASN A 187 -21.64 44.42 63.10
C ASN A 187 -20.58 44.97 64.05
N ASN A 188 -19.75 44.09 64.60
CA ASN A 188 -18.70 44.54 65.50
C ASN A 188 -17.59 45.22 64.71
N LYS A 189 -16.85 46.09 65.41
CA LYS A 189 -15.86 46.92 64.74
C LYS A 189 -14.82 46.07 64.02
N SER A 190 -14.33 45.03 64.67
CA SER A 190 -13.29 44.17 64.13
C SER A 190 -13.83 42.76 63.93
N TRP A 191 -13.38 42.11 62.85
CA TRP A 191 -13.69 40.72 62.55
C TRP A 191 -12.42 39.98 62.17
N MET A 192 -11.32 40.28 62.85
CA MET A 192 -10.01 39.77 62.50
C MET A 192 -9.74 38.47 63.27
N GLU A 193 -8.56 37.90 63.04
CA GLU A 193 -8.23 36.60 63.64
C GLU A 193 -8.00 36.74 65.14
N SER A 194 -9.05 36.55 65.93
CA SER A 194 -8.94 36.64 67.38
C SER A 194 -8.65 35.30 68.04
N GLU A 195 -8.96 34.18 67.36
CA GLU A 195 -8.72 32.85 67.89
C GLU A 195 -8.06 31.98 66.83
N PHE A 196 -7.06 31.22 67.26
CA PHE A 196 -6.37 30.27 66.38
C PHE A 196 -6.89 28.87 66.70
N ARG A 197 -8.02 28.54 66.09
CA ARG A 197 -8.67 27.23 66.26
C ARG A 197 -8.44 26.35 65.05
N VAL A 198 -7.24 26.40 64.48
CA VAL A 198 -6.92 25.65 63.28
C VAL A 198 -6.45 24.24 63.65
N TYR A 199 -5.35 24.16 64.40
CA TYR A 199 -4.74 22.88 64.71
C TYR A 199 -3.95 23.02 66.00
N SER A 200 -3.25 21.95 66.37
CA SER A 200 -2.39 21.93 67.55
C SER A 200 -0.92 21.94 67.18
N SER A 201 -0.47 21.00 66.35
CA SER A 201 0.93 20.93 65.97
C SER A 201 1.05 20.35 64.56
N ALA A 202 2.27 20.40 64.03
CA ALA A 202 2.57 19.85 62.71
C ALA A 202 3.45 18.60 62.77
N ASN A 203 4.23 18.44 63.83
CA ASN A 203 5.08 17.26 64.01
C ASN A 203 6.11 17.14 62.90
N ASN A 204 7.09 16.26 63.14
CA ASN A 204 7.82 15.57 62.09
C ASN A 204 6.97 15.33 60.85
N CYS A 205 7.34 16.02 59.78
CA CYS A 205 6.47 16.21 58.63
C CYS A 205 7.32 16.54 57.39
N THR A 206 6.69 17.16 56.39
CA THR A 206 7.25 17.23 55.04
C THR A 206 7.31 18.67 54.53
N PHE A 207 7.47 18.81 53.21
CA PHE A 207 7.73 20.07 52.54
C PHE A 207 6.87 21.21 53.08
N GLU A 208 7.49 22.39 53.17
CA GLU A 208 6.84 23.62 53.62
C GLU A 208 7.11 24.71 52.59
N TYR A 209 6.12 25.58 52.35
CA TYR A 209 6.28 26.70 51.44
C TYR A 209 5.67 27.95 52.06
N VAL A 210 6.44 29.04 52.05
CA VAL A 210 6.02 30.29 52.65
C VAL A 210 6.56 31.42 51.76
N SER A 211 5.69 32.09 51.04
CA SER A 211 6.09 33.16 50.14
C SER A 211 4.83 33.89 49.66
N GLN A 212 5.01 34.81 48.71
CA GLN A 212 3.91 35.52 48.07
C GLN A 212 3.11 36.32 49.09
N PRO A 213 3.69 37.37 49.68
CA PRO A 213 2.93 38.27 50.56
C PRO A 213 2.11 39.29 49.76
N PHE A 214 0.97 38.82 49.24
CA PHE A 214 0.10 39.63 48.39
C PHE A 214 -1.33 39.53 48.92
N LEU A 215 -2.20 40.34 48.32
CA LEU A 215 -3.60 40.40 48.70
C LEU A 215 -4.37 39.25 48.08
N MET A 216 -5.70 39.34 48.08
CA MET A 216 -6.58 38.45 47.31
C MET A 216 -5.86 37.66 46.22
N LYS A 226 -19.18 42.09 43.42
CA LYS A 226 -18.53 43.08 42.58
C LYS A 226 -17.40 42.45 41.77
N ASN A 227 -16.77 41.42 42.35
CA ASN A 227 -15.70 40.70 41.68
C ASN A 227 -15.78 39.23 42.05
N LEU A 228 -15.25 38.40 41.17
CA LEU A 228 -15.33 36.95 41.31
C LEU A 228 -13.93 36.37 41.44
N ARG A 229 -13.84 35.18 42.04
CA ARG A 229 -12.59 34.45 42.10
C ARG A 229 -12.90 32.96 42.01
N GLU A 230 -12.27 32.29 41.05
CA GLU A 230 -12.42 30.86 40.84
C GLU A 230 -11.07 30.19 41.04
N PHE A 231 -11.12 28.91 41.40
CA PHE A 231 -9.92 28.15 41.71
C PHE A 231 -10.15 26.70 41.29
N VAL A 232 -9.08 26.08 40.80
CA VAL A 232 -9.10 24.70 40.35
C VAL A 232 -8.15 23.91 41.22
N PHE A 233 -8.48 22.66 41.51
CA PHE A 233 -7.65 21.83 42.38
C PHE A 233 -7.61 20.42 41.80
N LYS A 234 -6.45 20.02 41.29
CA LYS A 234 -6.29 18.66 40.78
C LYS A 234 -5.00 18.06 41.31
N ASN A 235 -4.97 16.72 41.33
CA ASN A 235 -3.96 15.93 42.04
C ASN A 235 -3.37 14.87 41.11
N ILE A 236 -2.90 15.29 39.95
CA ILE A 236 -2.50 14.35 38.90
C ILE A 236 -1.06 13.90 39.15
N ASP A 237 -0.88 12.58 39.25
CA ASP A 237 0.45 11.96 39.39
C ASP A 237 1.27 12.60 40.50
N GLY A 238 0.61 12.87 41.63
CA GLY A 238 1.28 13.44 42.77
C GLY A 238 1.55 14.93 42.65
N TYR A 239 1.53 15.42 41.41
CA TYR A 239 1.63 16.85 41.15
C TYR A 239 0.26 17.48 41.34
N PHE A 240 0.19 18.46 42.23
CA PHE A 240 -1.05 19.16 42.50
C PHE A 240 -1.06 20.47 41.72
N LYS A 241 -2.05 20.63 40.85
CA LYS A 241 -2.16 21.79 39.99
C LYS A 241 -3.32 22.66 40.41
N ILE A 242 -3.10 23.98 40.30
CA ILE A 242 -4.08 25.01 40.65
C ILE A 242 -4.13 26.03 39.53
N TYR A 243 -5.33 26.35 39.07
CA TYR A 243 -5.56 27.47 38.16
C TYR A 243 -6.50 28.45 38.82
N SER A 244 -6.35 29.73 38.47
CA SER A 244 -7.18 30.77 39.07
C SER A 244 -7.25 31.96 38.13
N LYS A 245 -8.16 32.88 38.45
CA LYS A 245 -8.33 34.10 37.69
C LYS A 245 -9.15 35.08 38.54
N HIS A 246 -9.07 36.35 38.18
CA HIS A 246 -9.84 37.40 38.83
C HIS A 246 -10.51 38.28 37.79
N THR A 247 -11.67 38.81 38.14
CA THR A 247 -12.39 39.72 37.25
C THR A 247 -13.54 40.39 37.99
N PRO A 248 -13.78 41.69 37.75
CA PRO A 248 -14.95 42.33 38.34
C PRO A 248 -16.23 41.80 37.70
N ILE A 249 -17.26 41.63 38.54
CA ILE A 249 -18.54 41.11 38.10
C ILE A 249 -19.66 41.95 38.73
N ASN A 250 -20.89 41.66 38.32
CA ASN A 250 -22.06 42.34 38.86
C ASN A 250 -23.11 41.33 39.33
N LEU A 251 -23.13 40.15 38.70
CA LEU A 251 -24.06 39.12 39.11
C LEU A 251 -23.72 38.60 40.50
N VAL A 252 -24.73 38.12 41.21
CA VAL A 252 -24.54 37.62 42.57
C VAL A 252 -25.09 36.20 42.68
N ARG A 253 -26.37 36.02 42.35
CA ARG A 253 -27.02 34.72 42.54
C ARG A 253 -26.77 33.75 41.40
N ASP A 254 -26.21 34.21 40.29
CA ASP A 254 -25.95 33.34 39.14
C ASP A 254 -24.58 33.65 38.57
N LEU A 255 -24.02 32.67 37.88
CA LEU A 255 -22.69 32.84 37.30
C LEU A 255 -22.72 33.92 36.23
N PRO A 256 -21.66 34.71 36.10
CA PRO A 256 -21.62 35.71 35.03
C PRO A 256 -21.64 35.06 33.65
N GLN A 257 -22.23 35.76 32.70
CA GLN A 257 -22.37 35.25 31.34
C GLN A 257 -21.16 35.67 30.52
N GLY A 258 -20.40 34.70 30.04
CA GLY A 258 -19.21 34.96 29.26
C GLY A 258 -18.19 33.87 29.49
N PHE A 259 -16.96 34.15 29.04
CA PHE A 259 -15.84 33.23 29.16
C PHE A 259 -14.68 33.94 29.84
N SER A 260 -13.93 33.17 30.64
CA SER A 260 -12.78 33.73 31.34
C SER A 260 -11.84 32.58 31.69
N ALA A 261 -10.66 32.58 31.06
CA ALA A 261 -9.70 31.51 31.28
C ALA A 261 -9.10 31.60 32.68
N LEU A 262 -8.67 30.45 33.18
CA LEU A 262 -7.99 30.36 34.47
C LEU A 262 -6.53 29.99 34.21
N GLU A 263 -5.62 30.85 34.65
CA GLU A 263 -4.22 30.60 34.39
C GLU A 263 -3.61 29.78 35.54
N PRO A 264 -2.59 28.98 35.26
CA PRO A 264 -1.93 28.24 36.34
C PRO A 264 -1.29 29.19 37.34
N LEU A 265 -1.32 28.80 38.61
CA LEU A 265 -0.68 29.56 39.67
C LEU A 265 0.27 28.71 40.51
N VAL A 266 -0.08 27.46 40.81
CA VAL A 266 0.76 26.58 41.61
C VAL A 266 0.66 25.17 41.06
N ASP A 267 1.80 24.49 40.99
CA ASP A 267 1.89 23.11 40.52
C ASP A 267 2.76 22.29 41.45
N LEU A 268 2.51 22.42 42.75
CA LEU A 268 3.37 21.79 43.74
C LEU A 268 3.37 20.28 43.57
N PRO A 269 4.54 19.63 43.49
CA PRO A 269 4.58 18.15 43.45
C PRO A 269 4.44 17.54 44.84
N ILE A 270 3.24 17.67 45.41
CA ILE A 270 3.02 17.21 46.78
C ILE A 270 3.24 15.71 46.88
N GLY A 271 2.74 14.95 45.92
CA GLY A 271 2.96 13.52 45.90
C GLY A 271 2.28 12.74 47.01
N ILE A 272 1.01 13.04 47.31
CA ILE A 272 0.20 12.24 48.21
C ILE A 272 -1.23 12.22 47.69
N ASN A 273 -1.99 11.23 48.14
CA ASN A 273 -3.35 11.03 47.65
C ASN A 273 -4.28 12.08 48.23
N ILE A 274 -5.29 12.44 47.45
CA ILE A 274 -6.34 13.36 47.87
C ILE A 274 -7.69 12.74 47.50
N THR A 275 -8.58 12.64 48.47
CA THR A 275 -9.92 12.09 48.25
C THR A 275 -11.02 13.03 48.75
N ARG A 276 -10.79 13.73 49.85
CA ARG A 276 -11.76 14.64 50.43
C ARG A 276 -11.12 16.00 50.65
N PHE A 277 -11.96 16.99 50.92
CA PHE A 277 -11.47 18.36 51.11
C PHE A 277 -12.50 19.14 51.90
N GLN A 278 -12.06 20.29 52.40
CA GLN A 278 -12.93 21.18 53.16
C GLN A 278 -12.45 22.61 52.93
N THR A 279 -13.35 23.57 53.13
CA THR A 279 -13.02 24.97 52.95
C THR A 279 -12.86 25.65 54.29
N LEU A 280 -12.32 26.87 54.25
CA LEU A 280 -12.11 27.68 55.45
C LEU A 280 -12.67 29.07 55.20
N LEU A 281 -13.19 29.68 56.26
CA LEU A 281 -13.93 30.93 56.14
C LEU A 281 -13.48 31.90 57.22
N ALA A 282 -13.64 33.19 56.94
CA ALA A 282 -13.39 34.25 57.90
C ALA A 282 -14.73 34.79 58.40
N LEU A 283 -14.86 34.89 59.72
CA LEU A 283 -16.08 35.38 60.33
C LEU A 283 -15.87 36.77 60.94
N ALA A 301 -23.22 33.66 55.59
CA ALA A 301 -23.15 34.64 54.51
C ALA A 301 -22.35 34.11 53.34
N ALA A 302 -21.86 32.87 53.45
CA ALA A 302 -21.06 32.29 52.38
C ALA A 302 -21.87 32.24 51.09
N ALA A 303 -21.19 32.48 49.97
CA ALA A 303 -21.81 32.39 48.65
C ALA A 303 -20.77 31.80 47.71
N TYR A 304 -20.78 30.48 47.55
CA TYR A 304 -19.79 29.84 46.72
C TYR A 304 -20.38 28.61 46.04
N TYR A 305 -19.58 28.02 45.16
CA TYR A 305 -20.01 26.87 44.38
C TYR A 305 -18.84 25.89 44.25
N VAL A 306 -19.19 24.61 44.33
CA VAL A 306 -18.23 23.51 44.21
C VAL A 306 -18.68 22.64 43.03
N GLY A 307 -17.78 22.45 42.07
CA GLY A 307 -18.04 21.66 40.90
C GLY A 307 -17.02 20.56 40.73
N TYR A 308 -17.27 19.71 39.74
CA TYR A 308 -16.43 18.54 39.51
C TYR A 308 -16.10 18.43 38.03
N LEU A 309 -14.84 18.18 37.73
CA LEU A 309 -14.42 17.93 36.36
C LEU A 309 -14.83 16.52 35.95
N GLN A 310 -14.69 16.24 34.65
CA GLN A 310 -15.03 14.95 34.08
C GLN A 310 -14.14 14.78 32.85
N PRO A 311 -13.69 13.57 32.54
CA PRO A 311 -12.82 13.40 31.38
C PRO A 311 -13.55 13.65 30.08
N ARG A 312 -13.26 14.76 29.42
CA ARG A 312 -13.99 15.17 28.24
C ARG A 312 -13.03 15.77 27.23
N THR A 313 -13.43 15.73 25.96
CA THR A 313 -12.71 16.37 24.88
C THR A 313 -13.29 17.75 24.66
N PHE A 314 -12.44 18.77 24.74
CA PHE A 314 -12.85 20.16 24.60
C PHE A 314 -12.02 20.82 23.53
N LEU A 315 -12.68 21.64 22.71
CA LEU A 315 -12.02 22.49 21.72
C LEU A 315 -11.81 23.87 22.34
N LEU A 316 -10.60 24.39 22.20
CA LEU A 316 -10.20 25.65 22.79
C LEU A 316 -9.71 26.57 21.68
N LYS A 317 -10.24 27.79 21.64
CA LYS A 317 -9.96 28.74 20.57
C LYS A 317 -8.95 29.77 21.07
N TYR A 318 -7.68 29.46 20.91
CA TYR A 318 -6.64 30.46 21.14
C TYR A 318 -6.78 31.57 20.12
N ASN A 319 -7.06 32.79 20.59
CA ASN A 319 -7.07 33.92 19.68
C ASN A 319 -5.67 34.12 19.12
N GLU A 320 -5.52 35.12 18.27
CA GLU A 320 -4.24 35.35 17.60
C GLU A 320 -3.08 35.57 18.58
N ASN A 321 -3.33 35.95 19.84
CA ASN A 321 -2.20 36.34 20.69
C ASN A 321 -1.73 35.23 21.62
N GLY A 322 -2.53 34.21 21.87
CA GLY A 322 -2.16 33.18 22.85
C GLY A 322 -3.08 33.10 24.03
N THR A 323 -4.12 33.92 24.05
CA THR A 323 -5.15 33.85 25.06
C THR A 323 -6.38 33.19 24.46
N ILE A 324 -7.13 32.51 25.30
CA ILE A 324 -8.31 31.78 24.84
C ILE A 324 -9.48 32.75 24.71
N THR A 325 -10.36 32.48 23.76
CA THR A 325 -11.57 33.27 23.55
C THR A 325 -12.86 32.51 23.81
N ASP A 326 -12.85 31.18 23.72
CA ASP A 326 -14.07 30.40 23.92
C ASP A 326 -13.68 28.93 23.86
N ALA A 327 -14.63 28.07 24.23
CA ALA A 327 -14.40 26.64 24.27
C ALA A 327 -15.71 25.93 23.97
N VAL A 328 -15.60 24.64 23.62
CA VAL A 328 -16.75 23.80 23.34
C VAL A 328 -16.49 22.42 23.91
N ASP A 329 -17.58 21.72 24.25
CA ASP A 329 -17.52 20.33 24.68
C ASP A 329 -18.11 19.47 23.59
N CYS A 330 -17.38 18.44 23.18
CA CYS A 330 -17.89 17.54 22.15
C CYS A 330 -19.25 16.99 22.53
N ALA A 331 -19.43 16.60 23.78
CA ALA A 331 -20.57 15.79 24.21
C ALA A 331 -21.76 16.61 24.70
N LEU A 332 -21.70 17.94 24.64
CA LEU A 332 -22.81 18.73 25.15
C LEU A 332 -24.10 18.42 24.39
N ASP A 333 -24.02 18.36 23.07
CA ASP A 333 -25.19 18.11 22.23
C ASP A 333 -24.71 17.72 20.86
N PRO A 334 -25.60 17.24 19.98
CA PRO A 334 -25.18 16.92 18.62
C PRO A 334 -24.51 18.09 17.91
N LEU A 335 -25.00 19.31 18.13
CA LEU A 335 -24.38 20.46 17.51
C LEU A 335 -22.92 20.59 17.91
N SER A 336 -22.64 20.46 19.21
CA SER A 336 -21.27 20.58 19.68
C SER A 336 -20.43 19.40 19.21
N GLU A 337 -21.01 18.20 19.17
CA GLU A 337 -20.30 17.06 18.62
C GLU A 337 -19.83 17.37 17.21
N THR A 338 -20.74 17.85 16.36
CA THR A 338 -20.38 18.18 14.99
C THR A 338 -19.32 19.28 14.95
N LYS A 339 -19.49 20.31 15.77
CA LYS A 339 -18.55 21.42 15.77
C LYS A 339 -17.14 20.93 16.09
N CYS A 340 -17.00 20.15 17.16
CA CYS A 340 -15.68 19.69 17.56
C CYS A 340 -15.12 18.68 16.57
N THR A 341 -15.97 17.84 15.98
CA THR A 341 -15.48 16.91 14.96
C THR A 341 -14.93 17.66 13.76
N LEU A 342 -15.61 18.72 13.33
CA LEU A 342 -15.15 19.49 12.18
C LEU A 342 -14.12 20.55 12.55
N LYS A 343 -13.79 20.68 13.84
CA LYS A 343 -12.73 21.60 14.28
C LYS A 343 -13.03 23.02 13.84
N SER A 344 -14.30 23.41 13.92
CA SER A 344 -14.72 24.76 13.53
C SER A 344 -15.86 25.21 14.42
N PHE A 345 -15.90 26.51 14.71
CA PHE A 345 -16.99 27.07 15.50
C PHE A 345 -18.24 27.29 14.68
N THR A 346 -18.13 27.29 13.36
CA THR A 346 -19.28 27.39 12.46
C THR A 346 -19.25 26.23 11.48
N VAL A 347 -20.42 25.66 11.23
CA VAL A 347 -20.57 24.52 10.33
C VAL A 347 -21.61 24.87 9.28
N GLU A 348 -21.32 24.49 8.04
CA GLU A 348 -22.23 24.75 6.94
C GLU A 348 -23.47 23.85 7.05
N LYS A 349 -24.58 24.34 6.53
CA LYS A 349 -25.79 23.54 6.41
C LYS A 349 -25.49 22.24 5.69
N GLY A 350 -26.03 21.15 6.19
CA GLY A 350 -25.92 19.87 5.53
C GLY A 350 -25.95 18.73 6.52
N ILE A 351 -25.66 17.53 6.00
CA ILE A 351 -25.59 16.32 6.80
C ILE A 351 -24.12 15.96 7.01
N TYR A 352 -23.80 15.47 8.19
CA TYR A 352 -22.41 15.16 8.54
C TYR A 352 -22.37 13.91 9.40
N GLN A 353 -21.51 12.97 9.04
CA GLN A 353 -21.37 11.75 9.80
C GLN A 353 -20.81 12.04 11.19
N THR A 354 -21.31 11.31 12.18
CA THR A 354 -20.85 11.48 13.55
C THR A 354 -20.54 10.13 14.17
N SER A 355 -20.29 10.11 15.48
CA SER A 355 -19.95 8.86 16.15
C SER A 355 -21.05 7.83 15.95
N ASN A 356 -20.64 6.59 15.68
CA ASN A 356 -21.59 5.51 15.49
C ASN A 356 -22.35 5.24 16.80
N PHE A 357 -23.29 4.30 16.73
CA PHE A 357 -24.05 3.86 17.89
C PHE A 357 -24.07 2.34 17.94
N ARG A 358 -24.08 1.81 19.15
CA ARG A 358 -24.11 0.37 19.37
C ARG A 358 -24.97 0.07 20.58
N VAL A 359 -25.81 -0.95 20.46
CA VAL A 359 -26.66 -1.37 21.57
C VAL A 359 -25.79 -2.17 22.53
N GLN A 360 -25.57 -1.61 23.73
CA GLN A 360 -24.77 -2.30 24.72
C GLN A 360 -25.52 -3.52 25.26
N PRO A 361 -24.80 -4.51 25.79
CA PRO A 361 -25.48 -5.71 26.30
C PRO A 361 -26.37 -5.38 27.49
N THR A 362 -27.42 -6.18 27.66
CA THR A 362 -28.40 -5.97 28.72
C THR A 362 -28.06 -6.77 29.98
N GLU A 363 -27.43 -7.93 29.84
CA GLU A 363 -27.10 -8.78 30.97
C GLU A 363 -26.27 -9.95 30.45
N SER A 364 -25.83 -10.79 31.37
CA SER A 364 -25.02 -11.96 31.04
C SER A 364 -25.80 -13.23 31.37
N ILE A 365 -25.61 -14.26 30.54
CA ILE A 365 -26.30 -15.53 30.67
C ILE A 365 -25.30 -16.64 30.44
N VAL A 366 -25.35 -17.66 31.29
CA VAL A 366 -24.44 -18.81 31.22
C VAL A 366 -25.30 -20.06 31.17
N ARG A 367 -25.24 -20.79 30.06
CA ARG A 367 -25.99 -22.03 29.88
C ARG A 367 -25.02 -23.13 29.55
N PHE A 368 -25.06 -24.20 30.34
CA PHE A 368 -24.12 -25.31 30.20
C PHE A 368 -24.84 -26.60 30.56
N PRO A 369 -24.34 -27.74 30.12
CA PRO A 369 -24.85 -29.01 30.63
C PRO A 369 -24.66 -29.13 32.13
N ASN A 370 -25.19 -30.20 32.71
CA ASN A 370 -25.18 -30.41 34.15
C ASN A 370 -23.97 -31.28 34.53
N ILE A 371 -23.87 -31.60 35.82
CA ILE A 371 -22.79 -32.44 36.32
C ILE A 371 -22.68 -33.69 35.45
N THR A 372 -21.53 -33.87 34.84
CA THR A 372 -21.29 -34.96 33.89
C THR A 372 -20.71 -36.15 34.65
N ASN A 373 -20.15 -37.12 33.92
CA ASN A 373 -19.45 -38.23 34.54
C ASN A 373 -18.50 -37.72 35.60
N LEU A 374 -18.21 -38.57 36.58
CA LEU A 374 -17.39 -38.21 37.73
C LEU A 374 -16.15 -39.09 37.78
N CYS A 375 -15.02 -38.47 38.11
CA CYS A 375 -13.82 -39.24 38.37
C CYS A 375 -14.02 -40.06 39.65
N PRO A 376 -13.24 -41.11 39.83
CA PRO A 376 -13.36 -41.90 41.08
C PRO A 376 -12.89 -41.11 42.28
N PHE A 377 -13.62 -40.02 42.58
CA PHE A 377 -13.36 -39.20 43.75
C PHE A 377 -14.42 -39.36 44.84
N GLY A 378 -15.66 -39.61 44.46
CA GLY A 378 -16.68 -39.90 45.45
C GLY A 378 -16.25 -41.00 46.39
N GLU A 379 -15.59 -42.03 45.84
CA GLU A 379 -15.08 -43.12 46.68
C GLU A 379 -13.95 -42.63 47.58
N VAL A 380 -13.04 -41.79 47.08
CA VAL A 380 -11.87 -41.44 47.86
C VAL A 380 -12.26 -40.54 49.03
N PHE A 381 -13.20 -39.61 48.82
CA PHE A 381 -13.60 -38.70 49.88
C PHE A 381 -14.90 -39.12 50.57
N ASN A 382 -15.46 -40.28 50.22
CA ASN A 382 -16.61 -40.83 50.94
C ASN A 382 -16.68 -42.31 50.63
N ALA A 383 -16.43 -43.15 51.63
CA ALA A 383 -16.54 -44.59 51.46
C ALA A 383 -16.76 -45.23 52.82
N THR A 384 -17.27 -46.46 52.79
CA THR A 384 -17.49 -47.20 54.04
C THR A 384 -16.18 -47.65 54.66
N ARG A 385 -15.21 -48.05 53.82
CA ARG A 385 -13.94 -48.57 54.30
C ARG A 385 -12.80 -48.02 53.45
N PHE A 386 -11.70 -47.70 54.10
CA PHE A 386 -10.47 -47.26 53.45
C PHE A 386 -9.40 -48.36 53.57
N ALA A 387 -8.25 -48.10 52.96
CA ALA A 387 -7.15 -49.05 53.01
C ALA A 387 -6.40 -48.92 54.34
N SER A 388 -5.54 -49.90 54.60
CA SER A 388 -4.76 -49.90 55.84
C SER A 388 -3.70 -48.81 55.80
N VAL A 389 -3.30 -48.36 56.99
CA VAL A 389 -2.27 -47.34 57.10
C VAL A 389 -0.96 -47.84 56.50
N TYR A 390 -0.55 -49.05 56.87
CA TYR A 390 0.67 -49.61 56.30
C TYR A 390 0.51 -49.84 54.80
N ALA A 391 -0.65 -50.34 54.37
CA ALA A 391 -0.97 -50.48 52.96
C ALA A 391 -1.71 -49.24 52.44
N TRP A 392 -1.11 -48.07 52.69
CA TRP A 392 -1.72 -46.81 52.25
C TRP A 392 -2.04 -46.86 50.77
N ASN A 393 -3.30 -46.56 50.45
CA ASN A 393 -3.79 -46.72 49.08
C ASN A 393 -3.12 -45.72 48.15
N ARG A 394 -2.95 -46.13 46.90
CA ARG A 394 -2.40 -45.28 45.84
C ARG A 394 -3.16 -45.62 44.57
N LYS A 395 -4.15 -44.79 44.23
CA LYS A 395 -5.01 -45.03 43.08
C LYS A 395 -4.69 -44.01 41.99
N ARG A 396 -4.31 -44.50 40.82
CA ARG A 396 -4.14 -43.64 39.65
C ARG A 396 -5.49 -43.40 39.01
N ILE A 397 -5.76 -42.15 38.65
CA ILE A 397 -7.06 -41.72 38.16
C ILE A 397 -6.86 -40.91 36.89
N SER A 398 -7.56 -41.29 35.83
CA SER A 398 -7.45 -40.61 34.54
C SER A 398 -8.65 -41.01 33.70
N ASN A 399 -8.75 -40.41 32.51
CA ASN A 399 -9.82 -40.73 31.56
C ASN A 399 -11.19 -40.56 32.23
N CYS A 400 -11.35 -39.48 32.96
CA CYS A 400 -12.61 -39.16 33.63
C CYS A 400 -12.69 -37.65 33.81
N VAL A 401 -13.74 -37.19 34.48
CA VAL A 401 -13.97 -35.77 34.72
C VAL A 401 -13.77 -35.50 36.20
N ALA A 402 -12.79 -34.65 36.51
CA ALA A 402 -12.53 -34.24 37.89
C ALA A 402 -13.59 -33.22 38.31
N ASP A 403 -14.82 -33.71 38.39
CA ASP A 403 -15.97 -32.85 38.70
C ASP A 403 -15.86 -32.39 40.14
N TYR A 404 -15.43 -31.13 40.33
CA TYR A 404 -15.36 -30.56 41.66
C TYR A 404 -16.74 -30.18 42.19
N SER A 405 -17.76 -30.08 41.35
CA SER A 405 -19.08 -29.70 41.83
C SER A 405 -19.65 -30.78 42.74
N VAL A 406 -19.67 -32.03 42.27
CA VAL A 406 -20.20 -33.12 43.05
C VAL A 406 -19.36 -33.38 44.29
N LEU A 407 -18.10 -32.94 44.29
CA LEU A 407 -17.20 -33.11 45.43
C LEU A 407 -17.36 -32.01 46.46
N TYR A 408 -17.52 -30.77 46.01
CA TYR A 408 -17.62 -29.60 46.87
C TYR A 408 -19.04 -29.33 47.35
N ASN A 409 -20.04 -30.01 46.79
CA ASN A 409 -21.39 -29.90 47.34
C ASN A 409 -21.43 -30.34 48.80
N SER A 410 -20.47 -31.17 49.22
CA SER A 410 -20.41 -31.59 50.61
C SER A 410 -20.11 -30.41 51.53
N ALA A 411 -20.78 -30.38 52.68
CA ALA A 411 -20.59 -29.33 53.67
C ALA A 411 -19.82 -29.80 54.89
N SER A 412 -19.45 -31.08 54.97
CA SER A 412 -18.73 -31.58 56.14
C SER A 412 -17.34 -30.96 56.26
N PHE A 413 -16.76 -30.50 55.16
CA PHE A 413 -15.42 -29.92 55.21
C PHE A 413 -15.43 -28.65 56.05
N SER A 414 -14.35 -28.44 56.80
CA SER A 414 -14.18 -27.23 57.59
C SER A 414 -13.47 -26.14 56.80
N THR A 415 -12.30 -26.47 56.25
CA THR A 415 -11.54 -25.54 55.40
C THR A 415 -10.96 -26.36 54.24
N PHE A 416 -11.56 -26.19 53.06
CA PHE A 416 -11.16 -26.93 51.86
C PHE A 416 -10.76 -25.91 50.80
N LYS A 417 -9.49 -25.52 50.82
CA LYS A 417 -8.93 -24.64 49.80
C LYS A 417 -7.50 -25.07 49.52
N CYS A 418 -7.06 -24.86 48.29
CA CYS A 418 -5.73 -25.24 47.85
C CYS A 418 -4.81 -24.02 47.87
N TYR A 419 -3.54 -24.25 48.21
CA TYR A 419 -2.59 -23.15 48.34
C TYR A 419 -2.30 -22.47 47.02
N GLY A 420 -2.58 -23.13 45.89
CA GLY A 420 -2.30 -22.56 44.59
C GLY A 420 -3.54 -22.37 43.74
N VAL A 421 -4.59 -23.14 44.02
CA VAL A 421 -5.82 -23.13 43.25
C VAL A 421 -7.01 -23.12 44.19
N SER A 422 -8.20 -23.15 43.63
CA SER A 422 -9.44 -23.24 44.38
C SER A 422 -10.36 -24.22 43.67
N PRO A 423 -11.21 -24.94 44.43
CA PRO A 423 -12.17 -25.84 43.76
C PRO A 423 -13.12 -25.11 42.83
N THR A 424 -13.51 -23.89 43.18
CA THR A 424 -14.52 -23.17 42.41
C THR A 424 -14.08 -22.99 40.97
N LYS A 425 -12.82 -22.62 40.75
CA LYS A 425 -12.29 -22.41 39.41
C LYS A 425 -11.77 -23.69 38.79
N LEU A 426 -12.23 -24.86 39.25
CA LEU A 426 -11.85 -26.13 38.67
C LEU A 426 -12.78 -26.55 37.53
N ASN A 427 -13.76 -25.71 37.18
CA ASN A 427 -14.62 -26.01 36.04
C ASN A 427 -13.81 -26.08 34.75
N ASP A 428 -12.87 -25.16 34.57
CA ASP A 428 -12.11 -25.02 33.34
C ASP A 428 -10.65 -25.41 33.52
N LEU A 429 -10.40 -26.44 34.31
CA LEU A 429 -9.06 -26.98 34.51
C LEU A 429 -9.07 -28.46 34.17
N CYS A 430 -8.12 -28.89 33.34
CA CYS A 430 -8.02 -30.27 32.88
C CYS A 430 -6.76 -30.92 33.44
N PHE A 431 -6.94 -32.04 34.11
CA PHE A 431 -5.83 -32.75 34.76
C PHE A 431 -5.27 -33.82 33.85
N THR A 432 -4.00 -34.16 34.11
CA THR A 432 -3.34 -35.28 33.42
C THR A 432 -3.63 -36.59 34.15
N ASN A 433 -3.28 -36.66 35.43
CA ASN A 433 -3.55 -37.83 36.26
C ASN A 433 -3.66 -37.37 37.71
N VAL A 434 -4.52 -38.04 38.46
CA VAL A 434 -4.78 -37.72 39.86
C VAL A 434 -4.50 -38.95 40.69
N TYR A 435 -3.67 -38.81 41.72
CA TYR A 435 -3.40 -39.88 42.66
C TYR A 435 -4.27 -39.70 43.88
N ALA A 436 -4.91 -40.78 44.30
CA ALA A 436 -5.77 -40.80 45.48
C ALA A 436 -5.11 -41.63 46.56
N ASP A 437 -4.95 -41.02 47.74
CA ASP A 437 -4.37 -41.67 48.91
C ASP A 437 -5.48 -41.89 49.93
N SER A 438 -5.77 -43.16 50.22
CA SER A 438 -6.84 -43.54 51.13
C SER A 438 -6.27 -44.45 52.21
N PHE A 439 -6.29 -43.96 53.45
CA PHE A 439 -5.86 -44.77 54.59
C PHE A 439 -6.47 -44.18 55.85
N VAL A 440 -6.48 -44.97 56.91
CA VAL A 440 -7.02 -44.58 58.20
C VAL A 440 -5.87 -44.49 59.19
N ILE A 441 -5.79 -43.36 59.89
CA ILE A 441 -4.72 -43.08 60.84
C ILE A 441 -5.33 -42.40 62.06
N ARG A 442 -4.49 -42.13 63.05
CA ARG A 442 -4.92 -41.37 64.21
C ARG A 442 -5.38 -39.98 63.78
N GLY A 443 -6.40 -39.47 64.48
CA GLY A 443 -6.91 -38.15 64.12
C GLY A 443 -5.86 -37.08 64.18
N ASP A 444 -5.09 -37.05 65.28
CA ASP A 444 -4.01 -36.09 65.41
C ASP A 444 -3.00 -36.17 64.28
N GLU A 445 -3.01 -37.25 63.49
CA GLU A 445 -2.06 -37.44 62.41
C GLU A 445 -2.58 -36.88 61.07
N VAL A 446 -3.70 -36.18 61.06
CA VAL A 446 -4.19 -35.60 59.80
C VAL A 446 -3.19 -34.60 59.25
N ARG A 447 -2.75 -33.66 60.09
CA ARG A 447 -1.78 -32.66 59.64
C ARG A 447 -0.44 -33.30 59.31
N GLN A 448 -0.07 -34.35 60.04
CA GLN A 448 1.20 -35.02 59.78
C GLN A 448 1.25 -35.63 58.38
N ILE A 449 0.10 -35.84 57.75
CA ILE A 449 0.09 -36.20 56.33
C ILE A 449 0.35 -34.99 55.45
N ALA A 450 0.14 -33.77 55.97
CA ALA A 450 0.40 -32.58 55.19
C ALA A 450 1.91 -32.40 54.97
N PRO A 451 2.30 -31.79 53.86
CA PRO A 451 3.73 -31.52 53.65
C PRO A 451 4.25 -30.49 54.64
N GLY A 452 5.56 -30.56 54.89
CA GLY A 452 6.21 -29.62 55.77
C GLY A 452 5.72 -29.72 57.20
N GLN A 453 5.62 -30.94 57.72
CA GLN A 453 5.16 -31.20 59.07
C GLN A 453 6.32 -31.70 59.92
N THR A 454 6.04 -31.85 61.22
CA THR A 454 7.03 -32.26 62.21
C THR A 454 6.60 -33.55 62.88
N GLY A 455 7.56 -34.44 63.10
CA GLY A 455 7.29 -35.70 63.77
C GLY A 455 7.89 -36.89 63.05
N LYS A 456 8.60 -37.74 63.78
CA LYS A 456 9.19 -38.95 63.21
C LYS A 456 8.16 -40.07 63.03
N ILE A 457 6.97 -39.92 63.62
CA ILE A 457 5.92 -40.94 63.45
C ILE A 457 5.12 -40.75 62.18
N ALA A 458 5.32 -39.64 61.46
CA ALA A 458 4.55 -39.39 60.25
C ALA A 458 5.11 -40.14 59.06
N ASP A 459 6.43 -40.07 58.85
CA ASP A 459 7.07 -40.74 57.72
C ASP A 459 7.18 -42.24 57.92
N TYR A 460 6.89 -42.76 59.11
CA TYR A 460 6.96 -44.19 59.34
C TYR A 460 5.97 -44.94 58.44
N ASN A 461 4.75 -44.41 58.30
CA ASN A 461 3.73 -45.03 57.48
C ASN A 461 3.43 -44.26 56.20
N TYR A 462 3.76 -42.97 56.14
CA TYR A 462 3.52 -42.17 54.94
C TYR A 462 4.62 -41.10 54.87
N LYS A 463 5.62 -41.36 54.04
CA LYS A 463 6.71 -40.40 53.87
C LYS A 463 6.19 -39.10 53.25
N LEU A 464 6.85 -37.99 53.61
CA LEU A 464 6.43 -36.68 53.14
C LEU A 464 7.33 -36.24 52.01
N PRO A 465 6.89 -36.29 50.75
CA PRO A 465 7.71 -35.77 49.65
C PRO A 465 7.82 -34.25 49.70
N ASP A 466 8.92 -33.75 49.11
CA ASP A 466 9.23 -32.33 49.13
C ASP A 466 8.45 -31.53 48.10
N ASP A 467 7.78 -32.19 47.15
CA ASP A 467 7.06 -31.51 46.08
C ASP A 467 5.63 -32.06 45.99
N PHE A 468 4.98 -32.17 47.14
CA PHE A 468 3.61 -32.69 47.21
C PHE A 468 2.64 -31.54 46.98
N THR A 469 1.90 -31.61 45.87
CA THR A 469 0.86 -30.64 45.57
C THR A 469 -0.52 -31.07 46.05
N GLY A 470 -0.64 -32.25 46.65
CA GLY A 470 -1.92 -32.73 47.12
C GLY A 470 -2.45 -31.85 48.24
N CYS A 471 -3.59 -31.20 48.00
CA CYS A 471 -4.16 -30.32 49.01
C CYS A 471 -4.67 -31.13 50.20
N VAL A 472 -4.41 -30.63 51.40
CA VAL A 472 -4.79 -31.31 52.63
C VAL A 472 -6.28 -31.09 52.87
N ILE A 473 -6.97 -32.16 53.27
CA ILE A 473 -8.39 -32.11 53.59
C ILE A 473 -8.61 -32.73 54.95
N ALA A 474 -9.30 -32.01 55.83
CA ALA A 474 -9.66 -32.50 57.16
C ALA A 474 -11.16 -32.64 57.25
N TRP A 475 -11.63 -33.84 57.61
CA TRP A 475 -13.05 -34.12 57.69
C TRP A 475 -13.28 -35.19 58.74
N ASN A 476 -14.53 -35.27 59.21
CA ASN A 476 -14.88 -36.20 60.27
C ASN A 476 -15.18 -37.58 59.69
N SER A 477 -14.50 -38.60 60.21
CA SER A 477 -14.75 -39.99 59.83
C SER A 477 -14.74 -40.89 61.06
N ASN A 478 -15.08 -40.34 62.23
CA ASN A 478 -15.06 -41.13 63.45
C ASN A 478 -16.05 -42.29 63.37
N ASN A 479 -17.26 -42.03 62.87
CA ASN A 479 -18.24 -43.11 62.75
C ASN A 479 -17.76 -44.18 61.78
N LEU A 480 -17.18 -43.78 60.65
CA LEU A 480 -16.74 -44.74 59.65
C LEU A 480 -15.59 -45.59 60.17
N ASP A 481 -14.65 -44.98 60.89
CA ASP A 481 -13.48 -45.69 61.40
C ASP A 481 -13.70 -46.31 62.77
N SER A 482 -14.88 -46.14 63.36
CA SER A 482 -15.12 -46.56 64.72
C SER A 482 -15.55 -48.02 64.79
N LYS A 483 -15.12 -48.70 65.85
CA LYS A 483 -15.56 -50.05 66.15
C LYS A 483 -15.84 -50.14 67.64
N VAL A 484 -16.74 -51.04 68.02
CA VAL A 484 -17.29 -51.04 69.38
C VAL A 484 -16.17 -51.22 70.42
N GLY A 485 -15.32 -52.22 70.22
CA GLY A 485 -14.25 -52.48 71.16
C GLY A 485 -12.97 -51.70 70.89
N GLY A 486 -12.83 -51.17 69.68
CA GLY A 486 -11.62 -50.46 69.29
C GLY A 486 -10.79 -51.24 68.30
N ASN A 487 -10.61 -50.69 67.09
CA ASN A 487 -9.92 -51.39 66.01
C ASN A 487 -8.42 -51.07 66.09
N TYR A 488 -7.62 -52.06 66.46
CA TYR A 488 -6.17 -51.93 66.49
C TYR A 488 -5.50 -52.42 65.22
N ASN A 489 -6.25 -52.98 64.28
CA ASN A 489 -5.65 -53.53 63.07
C ASN A 489 -4.88 -52.47 62.29
N TYR A 490 -5.30 -51.21 62.37
CA TYR A 490 -4.64 -50.12 61.67
C TYR A 490 -3.42 -49.63 62.48
N LEU A 491 -2.50 -50.56 62.71
CA LEU A 491 -1.31 -50.27 63.48
C LEU A 491 -0.23 -49.62 62.61
N TYR A 492 0.74 -49.01 63.27
CA TYR A 492 1.84 -48.31 62.62
C TYR A 492 3.17 -49.00 62.89
N ARG A 493 3.19 -50.32 62.80
CA ARG A 493 4.39 -51.10 63.11
C ARG A 493 5.55 -50.82 62.17
N LEU A 494 5.34 -50.03 61.12
CA LEU A 494 6.39 -49.74 60.15
C LEU A 494 7.45 -48.87 60.82
N PHE A 495 8.55 -49.48 61.23
CA PHE A 495 9.66 -48.80 61.90
C PHE A 495 10.96 -49.09 61.19
N ARG A 496 10.95 -49.10 59.86
CA ARG A 496 12.15 -49.37 59.10
C ARG A 496 13.21 -48.30 59.37
N LYS A 497 14.44 -48.76 59.62
CA LYS A 497 15.51 -47.83 59.95
C LYS A 497 16.02 -47.07 58.73
N SER A 498 15.99 -47.70 57.55
CA SER A 498 16.51 -47.05 56.36
C SER A 498 15.68 -45.83 56.01
N ASN A 499 16.34 -44.81 55.45
CA ASN A 499 15.66 -43.60 55.07
C ASN A 499 14.62 -43.88 53.99
N LEU A 500 13.49 -43.18 54.06
CA LEU A 500 12.38 -43.37 53.14
C LEU A 500 12.46 -42.34 52.03
N LYS A 501 12.38 -42.81 50.79
CA LYS A 501 12.40 -41.95 49.61
C LYS A 501 11.00 -41.48 49.27
N PRO A 502 10.87 -40.45 48.43
CA PRO A 502 9.55 -39.92 48.10
C PRO A 502 8.66 -40.93 47.39
N PHE A 503 7.60 -41.38 48.05
CA PHE A 503 6.64 -42.31 47.49
C PHE A 503 7.34 -43.51 46.85
N GLU A 504 8.05 -44.26 47.69
CA GLU A 504 8.75 -45.46 47.24
C GLU A 504 7.89 -46.72 47.28
N ARG A 505 6.69 -46.65 47.83
CA ARG A 505 5.80 -47.80 47.87
C ARG A 505 4.34 -47.36 47.87
N PRO A 530 1.91 -42.15 68.05
CA PRO A 530 1.37 -43.03 67.01
C PRO A 530 0.27 -43.96 67.53
N LEU A 531 0.68 -45.05 68.18
CA LEU A 531 -0.28 -46.01 68.76
C LEU A 531 -0.59 -45.68 70.21
N GLN A 532 -1.01 -44.43 70.45
CA GLN A 532 -1.37 -44.01 71.80
C GLN A 532 -2.78 -44.43 72.20
N SER A 533 -3.55 -44.99 71.26
CA SER A 533 -4.90 -45.45 71.54
C SER A 533 -4.97 -46.97 71.34
N TYR A 534 -5.69 -47.64 72.24
CA TYR A 534 -5.87 -49.08 72.10
C TYR A 534 -6.55 -49.43 70.79
N GLY A 535 -7.55 -48.64 70.40
CA GLY A 535 -8.25 -48.87 69.15
C GLY A 535 -9.07 -47.66 68.79
N PHE A 536 -9.58 -47.66 67.56
CA PHE A 536 -10.37 -46.55 67.04
C PHE A 536 -11.77 -46.64 67.65
N GLN A 537 -12.03 -45.76 68.62
CA GLN A 537 -13.26 -45.78 69.40
C GLN A 537 -13.89 -44.40 69.38
N PRO A 538 -15.23 -44.32 69.38
CA PRO A 538 -15.88 -43.00 69.48
C PRO A 538 -15.57 -42.27 70.77
N THR A 539 -15.14 -42.98 71.82
CA THR A 539 -14.84 -42.34 73.09
C THR A 539 -13.63 -41.42 73.02
N ASN A 540 -12.85 -41.48 71.94
CA ASN A 540 -11.72 -40.59 71.78
C ASN A 540 -12.18 -39.14 71.80
N GLY A 541 -11.40 -38.29 72.46
CA GLY A 541 -11.79 -36.91 72.66
C GLY A 541 -11.69 -36.08 71.39
N VAL A 542 -12.02 -34.80 71.53
CA VAL A 542 -12.00 -33.89 70.39
C VAL A 542 -10.57 -33.80 69.87
N GLY A 543 -10.39 -34.02 68.57
CA GLY A 543 -9.09 -34.04 67.96
C GLY A 543 -8.37 -35.37 68.06
N TYR A 544 -8.95 -36.34 68.77
CA TYR A 544 -8.35 -37.66 68.92
C TYR A 544 -9.13 -38.76 68.22
N GLN A 545 -10.36 -38.49 67.79
CA GLN A 545 -11.13 -39.49 67.09
C GLN A 545 -10.48 -39.80 65.73
N PRO A 546 -10.64 -41.02 65.23
CA PRO A 546 -10.01 -41.37 63.94
C PRO A 546 -10.51 -40.46 62.83
N TYR A 547 -9.60 -40.09 61.94
CA TYR A 547 -9.91 -39.25 60.78
C TYR A 547 -9.36 -39.92 59.53
N ARG A 548 -10.15 -39.88 58.46
CA ARG A 548 -9.73 -40.42 57.17
C ARG A 548 -9.10 -39.29 56.37
N VAL A 549 -7.79 -39.38 56.15
CA VAL A 549 -7.06 -38.36 55.41
C VAL A 549 -7.27 -38.59 53.92
N VAL A 550 -7.86 -37.61 53.25
CA VAL A 550 -8.14 -37.68 51.82
C VAL A 550 -7.42 -36.51 51.16
N VAL A 551 -6.59 -36.82 50.16
CA VAL A 551 -5.84 -35.80 49.44
C VAL A 551 -5.87 -36.14 47.95
N LEU A 552 -6.22 -35.15 47.12
CA LEU A 552 -6.22 -35.32 45.67
C LEU A 552 -4.86 -34.87 45.15
N SER A 553 -3.88 -35.78 45.23
CA SER A 553 -2.50 -35.44 44.87
C SER A 553 -2.38 -35.55 43.35
N PHE A 554 -2.48 -34.42 42.65
CA PHE A 554 -2.47 -34.43 41.20
C PHE A 554 -1.29 -33.60 40.68
N GLU A 555 -0.75 -34.04 39.56
CA GLU A 555 0.37 -33.39 38.90
C GLU A 555 -0.01 -33.07 37.47
N LEU A 556 0.51 -31.94 36.97
CA LEU A 556 0.28 -31.49 35.61
C LEU A 556 1.59 -31.51 34.84
N LEU A 557 1.47 -31.45 33.51
CA LEU A 557 2.61 -31.42 32.59
C LEU A 557 3.42 -32.71 32.62
N HIS A 558 2.91 -33.76 33.25
CA HIS A 558 3.61 -35.04 33.37
C HIS A 558 3.05 -36.13 32.47
N ALA A 559 1.74 -36.17 32.29
CA ALA A 559 1.07 -37.17 31.48
C ALA A 559 0.13 -36.48 30.50
N PRO A 560 -0.21 -37.13 29.41
CA PRO A 560 -1.12 -36.50 28.43
C PRO A 560 -2.44 -36.11 29.07
N ALA A 561 -2.95 -34.95 28.67
CA ALA A 561 -4.19 -34.43 29.24
C ALA A 561 -5.34 -35.36 28.89
N THR A 562 -5.96 -35.95 29.93
CA THR A 562 -7.09 -36.85 29.74
C THR A 562 -8.21 -36.62 30.74
N VAL A 563 -8.06 -35.69 31.68
CA VAL A 563 -9.07 -35.38 32.68
C VAL A 563 -9.42 -33.90 32.54
N CYS A 564 -10.72 -33.61 32.52
CA CYS A 564 -11.20 -32.23 32.41
C CYS A 564 -12.27 -31.98 33.47
N GLY A 565 -12.55 -30.70 33.71
CA GLY A 565 -13.36 -30.28 34.83
C GLY A 565 -14.83 -30.16 34.50
N PRO A 566 -15.63 -29.83 35.53
CA PRO A 566 -17.07 -29.69 35.34
C PRO A 566 -17.47 -28.32 34.82
N LYS A 567 -18.78 -28.05 34.78
CA LYS A 567 -19.31 -26.79 34.29
C LYS A 567 -20.46 -26.34 35.17
N LYS A 568 -20.93 -25.11 34.93
CA LYS A 568 -22.04 -24.53 35.65
C LYS A 568 -22.95 -23.81 34.67
N SER A 569 -24.23 -23.74 35.02
CA SER A 569 -25.25 -23.17 34.15
C SER A 569 -26.08 -22.14 34.91
N THR A 570 -26.87 -21.38 34.15
CA THR A 570 -27.75 -20.37 34.71
C THR A 570 -29.10 -20.46 34.00
N ASN A 571 -29.96 -19.47 34.25
CA ASN A 571 -31.28 -19.44 33.62
C ASN A 571 -31.18 -18.93 32.19
N LEU A 572 -32.29 -19.03 31.47
CA LEU A 572 -32.36 -18.65 30.07
C LEU A 572 -33.16 -17.35 29.90
N VAL A 573 -32.85 -16.61 28.85
CA VAL A 573 -33.56 -15.40 28.48
C VAL A 573 -33.62 -15.33 26.96
N LYS A 574 -34.47 -14.44 26.45
CA LYS A 574 -34.63 -14.30 25.01
C LYS A 574 -34.93 -12.84 24.68
N ASN A 575 -34.68 -12.48 23.43
CA ASN A 575 -35.00 -11.15 22.90
C ASN A 575 -34.33 -10.05 23.73
N LYS A 576 -33.05 -10.24 24.01
CA LYS A 576 -32.28 -9.25 24.74
C LYS A 576 -30.82 -9.34 24.33
N CYS A 577 -30.16 -8.18 24.22
CA CYS A 577 -28.73 -8.18 23.92
C CYS A 577 -27.97 -8.64 25.15
N VAL A 578 -27.67 -9.93 25.21
CA VAL A 578 -27.07 -10.55 26.38
C VAL A 578 -25.76 -11.23 25.97
N ASN A 579 -24.86 -11.32 26.93
CA ASN A 579 -23.58 -12.03 26.76
C ASN A 579 -23.83 -13.48 27.12
N PHE A 580 -24.04 -14.31 26.10
CA PHE A 580 -24.34 -15.72 26.27
C PHE A 580 -23.06 -16.55 26.24
N ASN A 581 -22.95 -17.48 27.18
CA ASN A 581 -21.89 -18.48 27.18
C ASN A 581 -22.53 -19.85 27.12
N PHE A 582 -22.36 -20.54 25.99
CA PHE A 582 -22.90 -21.87 25.76
C PHE A 582 -21.75 -22.83 25.50
N ASN A 583 -21.51 -23.73 26.43
CA ASN A 583 -20.49 -24.77 26.26
C ASN A 583 -19.11 -24.18 25.99
N GLY A 584 -18.81 -23.04 26.59
CA GLY A 584 -17.55 -22.37 26.39
C GLY A 584 -17.54 -21.37 25.26
N LEU A 585 -18.58 -21.37 24.43
CA LEU A 585 -18.72 -20.38 23.37
C LEU A 585 -19.27 -19.11 23.98
N THR A 586 -18.44 -18.09 24.11
CA THR A 586 -18.83 -16.81 24.68
C THR A 586 -19.07 -15.81 23.55
N GLY A 587 -20.20 -15.13 23.59
CA GLY A 587 -20.51 -14.13 22.58
C GLY A 587 -21.76 -13.38 22.96
N THR A 588 -21.86 -12.16 22.45
CA THR A 588 -22.98 -11.28 22.75
C THR A 588 -23.97 -11.30 21.59
N GLY A 589 -25.26 -11.27 21.95
CA GLY A 589 -26.28 -11.25 20.92
C GLY A 589 -27.66 -11.38 21.53
N VAL A 590 -28.64 -11.49 20.64
CA VAL A 590 -30.04 -11.69 21.00
C VAL A 590 -30.39 -13.13 20.67
N LEU A 591 -31.02 -13.80 21.64
CA LEU A 591 -31.37 -15.22 21.54
C LEU A 591 -32.86 -15.34 21.23
N THR A 592 -33.18 -15.97 20.11
CA THR A 592 -34.57 -16.16 19.69
C THR A 592 -34.76 -17.61 19.26
N GLU A 593 -35.91 -18.17 19.63
CA GLU A 593 -36.23 -19.54 19.23
C GLU A 593 -36.19 -19.64 17.71
N SER A 594 -35.57 -20.72 17.23
CA SER A 594 -35.37 -20.92 15.80
C SER A 594 -35.95 -22.27 15.37
N ASN A 595 -36.49 -22.29 14.16
CA ASN A 595 -37.10 -23.49 13.59
C ASN A 595 -36.11 -24.37 12.85
N LYS A 596 -34.83 -24.02 12.85
CA LYS A 596 -33.84 -24.83 12.15
C LYS A 596 -33.69 -26.19 12.82
N LYS A 597 -33.55 -27.23 12.01
CA LYS A 597 -33.51 -28.61 12.49
C LYS A 597 -32.06 -29.08 12.51
N PHE A 598 -31.42 -28.93 13.66
CA PHE A 598 -30.08 -29.48 13.84
C PHE A 598 -30.12 -31.00 13.82
N LEU A 599 -28.99 -31.59 13.49
CA LEU A 599 -28.84 -33.04 13.58
C LEU A 599 -28.69 -33.45 15.04
N PRO A 600 -28.89 -34.73 15.34
CA PRO A 600 -28.83 -35.16 16.75
C PRO A 600 -27.50 -34.87 17.43
N PHE A 601 -26.41 -34.76 16.66
CA PHE A 601 -25.09 -34.54 17.23
C PHE A 601 -24.52 -33.16 16.95
N GLN A 602 -25.05 -32.45 15.95
CA GLN A 602 -24.56 -31.11 15.65
C GLN A 602 -25.25 -30.10 16.56
N GLN A 603 -24.45 -29.39 17.35
CA GLN A 603 -24.97 -28.46 18.34
C GLN A 603 -24.99 -27.02 17.86
N PHE A 604 -24.38 -26.72 16.73
CA PHE A 604 -24.30 -25.35 16.23
C PHE A 604 -24.18 -25.39 14.71
N GLY A 605 -24.45 -24.25 14.09
CA GLY A 605 -24.29 -24.10 12.66
C GLY A 605 -23.52 -22.83 12.34
N ARG A 606 -22.90 -22.83 11.17
CA ARG A 606 -22.11 -21.71 10.69
C ARG A 606 -22.60 -21.27 9.33
N ASP A 607 -22.52 -19.97 9.08
CA ASP A 607 -22.98 -19.40 7.83
C ASP A 607 -21.91 -19.59 6.74
N ILE A 608 -22.28 -19.22 5.51
CA ILE A 608 -21.32 -19.23 4.41
C ILE A 608 -20.02 -18.57 4.82
N ALA A 609 -20.09 -17.56 5.68
CA ALA A 609 -18.90 -16.93 6.24
C ALA A 609 -18.21 -17.79 7.29
N ASP A 610 -18.64 -19.03 7.49
CA ASP A 610 -18.04 -19.93 8.46
C ASP A 610 -18.07 -19.31 9.86
N THR A 611 -19.17 -18.64 10.18
CA THR A 611 -19.35 -17.99 11.46
C THR A 611 -20.61 -18.51 12.13
N THR A 612 -20.51 -18.77 13.44
CA THR A 612 -21.63 -19.34 14.18
C THR A 612 -22.87 -18.46 14.03
N ASP A 613 -24.00 -19.09 13.74
CA ASP A 613 -25.26 -18.37 13.55
C ASP A 613 -26.36 -18.99 14.39
N ALA A 614 -26.28 -20.30 14.64
CA ALA A 614 -27.28 -21.03 15.39
C ALA A 614 -26.59 -21.87 16.45
N VAL A 615 -27.24 -22.02 17.60
CA VAL A 615 -26.72 -22.79 18.71
C VAL A 615 -27.85 -23.60 19.32
N ARG A 616 -27.59 -24.86 19.62
CA ARG A 616 -28.56 -25.72 20.28
C ARG A 616 -28.30 -25.69 21.78
N ASP A 617 -29.36 -25.55 22.55
CA ASP A 617 -29.21 -25.47 24.00
C ASP A 617 -28.64 -26.80 24.51
N PRO A 618 -27.62 -26.77 25.37
CA PRO A 618 -27.10 -28.05 25.90
C PRO A 618 -28.09 -28.76 26.80
N GLN A 619 -28.82 -28.02 27.64
CA GLN A 619 -29.65 -28.65 28.65
C GLN A 619 -30.96 -29.15 28.07
N THR A 620 -31.79 -28.24 27.58
CA THR A 620 -32.92 -28.64 26.76
C THR A 620 -32.47 -28.89 25.33
N LEU A 621 -33.27 -29.65 24.60
CA LEU A 621 -32.98 -29.99 23.21
C LEU A 621 -33.78 -29.07 22.31
N GLU A 622 -33.13 -28.03 21.81
CA GLU A 622 -33.78 -27.05 20.95
C GLU A 622 -32.72 -26.29 20.18
N ILE A 623 -33.16 -25.48 19.24
CA ILE A 623 -32.28 -24.69 18.38
C ILE A 623 -32.65 -23.22 18.55
N LEU A 624 -31.63 -22.38 18.73
CA LEU A 624 -31.81 -20.95 18.91
C LEU A 624 -30.90 -20.22 17.93
N ASP A 625 -31.35 -19.05 17.50
CA ASP A 625 -30.56 -18.21 16.61
C ASP A 625 -29.65 -17.30 17.43
N ILE A 626 -28.74 -16.62 16.72
CA ILE A 626 -27.95 -15.54 17.29
C ILE A 626 -28.15 -14.31 16.43
N THR A 627 -28.56 -13.21 17.06
CA THR A 627 -28.80 -11.95 16.33
C THR A 627 -28.09 -10.82 17.07
N PRO A 628 -26.93 -10.38 16.60
CA PRO A 628 -26.23 -9.31 17.34
C PRO A 628 -27.12 -8.08 17.42
N CYS A 629 -27.20 -7.50 18.61
CA CYS A 629 -28.14 -6.42 18.83
C CYS A 629 -27.75 -5.20 18.00
N SER A 630 -28.72 -4.32 17.78
CA SER A 630 -28.62 -3.34 16.72
C SER A 630 -27.44 -2.39 16.92
N PHE A 631 -26.96 -1.85 15.81
CA PHE A 631 -25.94 -0.81 15.81
C PHE A 631 -25.93 -0.18 14.43
N GLY A 632 -25.25 0.95 14.32
CA GLY A 632 -25.12 1.62 13.05
C GLY A 632 -24.65 3.04 13.24
N GLY A 633 -24.23 3.64 12.13
CA GLY A 633 -23.76 5.01 12.17
C GLY A 633 -24.80 5.94 12.75
N VAL A 634 -24.34 7.14 13.10
CA VAL A 634 -25.22 8.23 13.52
C VAL A 634 -24.73 9.51 12.86
N SER A 635 -25.66 10.37 12.48
CA SER A 635 -25.30 11.59 11.77
C SER A 635 -26.25 12.71 12.16
N VAL A 636 -25.84 13.94 11.84
CA VAL A 636 -26.58 15.15 12.18
C VAL A 636 -26.89 15.91 10.91
N ILE A 637 -28.10 16.47 10.85
CA ILE A 637 -28.55 17.31 9.75
C ILE A 637 -29.07 18.61 10.34
N THR A 638 -28.61 19.74 9.80
CA THR A 638 -28.99 21.04 10.34
C THR A 638 -28.74 22.09 9.27
N PRO A 639 -29.42 23.24 9.36
CA PRO A 639 -29.03 24.38 8.52
C PRO A 639 -27.79 25.06 9.06
N GLY A 640 -27.41 26.20 8.49
CA GLY A 640 -26.24 26.90 8.97
C GLY A 640 -26.35 27.28 10.43
N THR A 641 -25.20 27.43 11.07
CA THR A 641 -25.18 27.78 12.49
C THR A 641 -26.00 29.04 12.75
N ASN A 642 -25.61 30.14 12.12
CA ASN A 642 -26.39 31.36 12.25
C ASN A 642 -27.81 31.18 11.73
N THR A 643 -28.02 30.21 10.84
CA THR A 643 -29.37 29.97 10.33
C THR A 643 -30.31 29.57 11.45
N SER A 644 -29.85 28.71 12.35
CA SER A 644 -30.68 28.25 13.46
C SER A 644 -29.81 27.39 14.38
N ASN A 645 -30.40 26.94 15.48
CA ASN A 645 -29.74 26.05 16.43
C ASN A 645 -30.60 24.81 16.68
N GLN A 646 -31.32 24.37 15.66
CA GLN A 646 -32.18 23.20 15.74
C GLN A 646 -31.61 22.11 14.84
N VAL A 647 -31.44 20.91 15.40
CA VAL A 647 -30.70 19.85 14.74
C VAL A 647 -31.56 18.61 14.62
N ALA A 648 -31.16 17.72 13.70
CA ALA A 648 -31.80 16.44 13.47
C ALA A 648 -30.75 15.35 13.60
N VAL A 649 -31.12 14.25 14.27
CA VAL A 649 -30.23 13.12 14.49
C VAL A 649 -30.79 11.92 13.75
N LEU A 650 -29.94 11.24 13.00
CA LEU A 650 -30.33 10.06 12.24
C LEU A 650 -29.44 8.88 12.62
N TYR A 651 -30.04 7.69 12.59
CA TYR A 651 -29.40 6.44 13.01
C TYR A 651 -29.48 5.48 11.83
N GLN A 652 -28.42 5.45 11.03
CA GLN A 652 -28.42 4.66 9.80
C GLN A 652 -28.56 3.18 10.13
N GLY A 653 -29.50 2.53 9.44
CA GLY A 653 -29.71 1.10 9.66
C GLY A 653 -30.10 0.75 11.07
N VAL A 654 -30.88 1.62 11.72
CA VAL A 654 -31.32 1.40 13.09
C VAL A 654 -32.81 1.73 13.18
N ASN A 655 -33.46 1.20 14.21
CA ASN A 655 -34.88 1.35 14.41
C ASN A 655 -35.16 2.14 15.67
N CYS A 656 -36.25 2.91 15.65
CA CYS A 656 -36.69 3.63 16.84
C CYS A 656 -37.07 2.71 17.98
N THR A 657 -37.07 1.39 17.77
CA THR A 657 -37.35 0.48 18.87
C THR A 657 -36.39 0.67 20.02
N GLU A 658 -35.16 1.10 19.75
CA GLU A 658 -34.11 1.16 20.74
C GLU A 658 -33.52 2.55 20.93
N VAL A 659 -34.02 3.56 20.23
CA VAL A 659 -33.43 4.90 20.29
C VAL A 659 -33.49 5.47 21.71
N PRO A 660 -34.46 5.11 22.56
CA PRO A 660 -34.42 5.63 23.94
C PRO A 660 -33.26 5.11 24.76
N VAL A 661 -32.38 4.28 24.20
CA VAL A 661 -31.26 3.74 24.96
C VAL A 661 -30.38 4.86 25.49
N ALA A 662 -29.99 5.78 24.63
CA ALA A 662 -29.08 6.87 25.01
C ALA A 662 -29.74 8.22 24.82
N TYR A 675 -31.75 13.27 24.71
CA TYR A 675 -32.64 13.20 23.56
C TYR A 675 -33.40 11.88 23.52
N SER A 676 -33.27 11.08 24.58
CA SER A 676 -33.95 9.80 24.62
C SER A 676 -35.46 9.97 24.49
N THR A 677 -35.99 11.12 24.90
CA THR A 677 -37.43 11.34 24.84
C THR A 677 -37.93 11.31 23.40
N GLY A 678 -37.32 12.11 22.54
CA GLY A 678 -37.72 12.15 21.14
C GLY A 678 -38.86 13.12 20.89
N SER A 679 -40.08 12.59 20.83
CA SER A 679 -41.34 13.28 20.61
C SER A 679 -41.57 13.60 19.14
N ASN A 680 -40.62 13.34 18.26
CA ASN A 680 -40.81 13.52 16.82
C ASN A 680 -39.94 12.49 16.12
N VAL A 681 -40.54 11.34 15.80
CA VAL A 681 -39.82 10.20 15.27
C VAL A 681 -40.55 9.68 14.03
N PHE A 682 -39.78 9.28 13.02
CA PHE A 682 -40.35 8.72 11.81
C PHE A 682 -39.47 7.61 11.27
N GLN A 683 -40.08 6.46 11.00
CA GLN A 683 -39.34 5.34 10.45
C GLN A 683 -39.04 5.58 8.97
N THR A 684 -37.95 4.98 8.50
CA THR A 684 -37.52 5.10 7.13
C THR A 684 -36.70 3.86 6.78
N ARG A 685 -36.69 3.51 5.49
CA ARG A 685 -35.95 2.34 5.06
C ARG A 685 -34.48 2.45 5.44
N ALA A 686 -33.95 3.68 5.56
CA ALA A 686 -32.55 3.92 5.88
C ALA A 686 -32.32 4.22 7.35
N GLY A 687 -33.29 3.92 8.20
CA GLY A 687 -33.20 4.20 9.62
C GLY A 687 -34.38 5.01 10.10
N CYS A 688 -34.37 5.29 11.41
CA CYS A 688 -35.47 6.02 12.03
C CYS A 688 -34.96 7.39 12.48
N LEU A 689 -35.60 8.45 11.98
CA LEU A 689 -35.18 9.80 12.27
C LEU A 689 -35.86 10.31 13.53
N ILE A 690 -35.14 11.17 14.25
CA ILE A 690 -35.59 11.77 15.50
C ILE A 690 -35.39 13.27 15.42
N GLY A 691 -36.25 14.01 16.12
CA GLY A 691 -36.09 15.43 16.25
C GLY A 691 -36.45 16.24 15.02
N ALA A 692 -37.03 15.61 14.00
CA ALA A 692 -37.43 16.29 12.78
C ALA A 692 -38.91 16.05 12.53
N GLU A 693 -39.50 16.92 11.71
CA GLU A 693 -40.93 16.88 11.41
C GLU A 693 -41.13 16.36 10.00
N HIS A 694 -42.02 15.38 9.86
CA HIS A 694 -42.32 14.80 8.55
C HIS A 694 -43.27 15.67 7.77
N VAL A 695 -43.09 15.70 6.46
CA VAL A 695 -43.96 16.43 5.55
C VAL A 695 -44.32 15.52 4.39
N ASN A 696 -45.58 15.52 3.99
CA ASN A 696 -46.09 14.70 2.91
C ASN A 696 -46.20 15.48 1.61
N ASN A 697 -45.29 16.42 1.39
CA ASN A 697 -45.28 17.26 0.20
C ASN A 697 -44.00 16.98 -0.61
N SER A 698 -43.90 17.64 -1.76
CA SER A 698 -42.81 17.39 -2.70
C SER A 698 -42.00 18.67 -2.88
N TYR A 699 -40.68 18.56 -2.73
CA TYR A 699 -39.77 19.65 -3.00
C TYR A 699 -38.45 19.08 -3.50
N GLU A 700 -37.65 19.93 -4.12
CA GLU A 700 -36.33 19.52 -4.57
C GLU A 700 -35.46 19.17 -3.37
N CYS A 701 -34.67 18.11 -3.53
CA CYS A 701 -33.83 17.67 -2.42
C CYS A 701 -32.90 18.79 -1.99
N ASP A 702 -32.86 19.05 -0.67
CA ASP A 702 -31.98 20.05 -0.10
C ASP A 702 -30.86 19.40 0.70
N ILE A 703 -31.19 18.55 1.66
CA ILE A 703 -30.21 17.68 2.30
C ILE A 703 -30.67 16.24 2.09
N PRO A 704 -29.99 15.44 1.27
CA PRO A 704 -30.43 14.06 1.07
C PRO A 704 -30.32 13.26 2.36
N ILE A 705 -31.23 12.29 2.50
CA ILE A 705 -31.25 11.40 3.66
C ILE A 705 -31.08 9.94 3.25
N GLY A 706 -31.73 9.55 2.15
CA GLY A 706 -31.70 8.19 1.68
C GLY A 706 -33.08 7.69 1.30
N ALA A 707 -33.15 6.72 0.39
CA ALA A 707 -34.42 6.14 -0.02
C ALA A 707 -35.40 7.23 -0.47
N GLY A 708 -34.88 8.17 -1.27
CA GLY A 708 -35.72 9.23 -1.78
C GLY A 708 -36.32 10.12 -0.71
N ILE A 709 -35.61 10.32 0.39
CA ILE A 709 -36.04 11.19 1.47
C ILE A 709 -35.09 12.37 1.54
N CYS A 710 -35.63 13.57 1.74
CA CYS A 710 -34.79 14.76 1.78
C CYS A 710 -35.33 15.76 2.79
N ALA A 711 -34.42 16.51 3.39
CA ALA A 711 -34.75 17.45 4.45
C ALA A 711 -34.50 18.88 4.01
N SER A 712 -35.28 19.79 4.58
CA SER A 712 -35.11 21.23 4.37
C SER A 712 -35.59 21.96 5.62
N TYR A 713 -35.08 23.18 5.80
CA TYR A 713 -35.44 24.02 6.93
C TYR A 713 -36.43 25.07 6.48
N GLN A 714 -37.57 25.15 7.15
CA GLN A 714 -38.64 26.03 6.71
C GLN A 714 -39.37 26.55 7.94
N THR A 715 -40.58 27.07 7.76
CA THR A 715 -41.37 27.56 8.88
C THR A 715 -41.73 26.42 9.82
N SER A 728 -41.27 29.65 14.89
CA SER A 728 -42.01 28.96 13.85
C SER A 728 -41.08 28.05 13.04
N GLN A 729 -39.91 28.58 12.69
CA GLN A 729 -39.00 27.84 11.84
C GLN A 729 -38.60 26.52 12.47
N SER A 730 -38.60 25.47 11.66
CA SER A 730 -38.21 24.14 12.10
C SER A 730 -37.66 23.35 10.93
N ILE A 731 -36.96 22.27 11.26
CA ILE A 731 -36.44 21.34 10.27
C ILE A 731 -37.55 20.37 9.87
N ILE A 732 -37.63 20.05 8.59
CA ILE A 732 -38.68 19.20 8.06
C ILE A 732 -38.07 18.21 7.07
N ALA A 733 -38.78 17.10 6.89
CA ALA A 733 -38.39 16.06 5.94
C ALA A 733 -39.55 15.77 5.01
N TYR A 734 -39.24 15.22 3.84
CA TYR A 734 -40.25 15.05 2.81
C TYR A 734 -39.72 14.09 1.75
N THR A 735 -40.60 13.77 0.80
CA THR A 735 -40.23 13.03 -0.39
C THR A 735 -39.74 14.00 -1.44
N MET A 736 -38.54 13.75 -1.97
CA MET A 736 -37.95 14.67 -2.93
C MET A 736 -38.82 14.75 -4.19
N SER A 737 -38.89 15.96 -4.75
CA SER A 737 -39.62 16.19 -6.00
C SER A 737 -38.63 16.03 -7.15
N LEU A 738 -38.73 14.90 -7.85
CA LEU A 738 -37.80 14.64 -8.95
C LEU A 738 -37.83 15.75 -9.98
N GLY A 739 -38.98 16.39 -10.16
CA GLY A 739 -39.11 17.47 -11.11
C GLY A 739 -40.55 17.77 -11.42
N ALA A 740 -40.79 19.01 -11.84
CA ALA A 740 -42.14 19.42 -12.20
C ALA A 740 -42.67 18.56 -13.36
N GLU A 741 -43.89 18.07 -13.20
CA GLU A 741 -44.49 17.25 -14.24
C GLU A 741 -44.85 18.09 -15.45
N ASN A 742 -44.60 17.53 -16.63
CA ASN A 742 -45.00 18.15 -17.89
C ASN A 742 -45.50 17.07 -18.83
N SER A 743 -46.32 17.48 -19.79
CA SER A 743 -46.88 16.55 -20.77
C SER A 743 -47.03 17.30 -22.08
N VAL A 744 -46.14 17.00 -23.04
CA VAL A 744 -46.21 17.64 -24.34
C VAL A 744 -47.53 17.28 -25.01
N ALA A 745 -48.10 18.25 -25.71
CA ALA A 745 -49.33 18.03 -26.47
C ALA A 745 -48.97 17.31 -27.77
N TYR A 746 -48.65 16.03 -27.64
CA TYR A 746 -48.26 15.25 -28.80
C TYR A 746 -49.46 15.06 -29.72
N SER A 747 -49.30 15.44 -30.98
CA SER A 747 -50.32 15.19 -31.99
C SER A 747 -49.76 14.72 -33.31
N ASN A 748 -48.43 14.68 -33.47
CA ASN A 748 -47.78 14.29 -34.72
C ASN A 748 -48.43 14.98 -35.91
N ASN A 749 -49.07 16.12 -35.65
CA ASN A 749 -49.60 16.99 -36.70
C ASN A 749 -49.33 18.46 -36.43
N SER A 750 -48.96 18.83 -35.21
CA SER A 750 -48.53 20.18 -34.88
C SER A 750 -47.02 20.21 -34.71
N ILE A 751 -46.44 21.37 -35.00
CA ILE A 751 -45.00 21.58 -34.88
C ILE A 751 -44.76 22.88 -34.15
N ALA A 752 -43.94 22.82 -33.09
CA ALA A 752 -43.59 24.01 -32.30
C ALA A 752 -42.27 24.56 -32.84
N ILE A 753 -42.35 25.67 -33.56
CA ILE A 753 -41.19 26.33 -34.13
C ILE A 753 -40.88 27.55 -33.28
N PRO A 754 -39.64 27.76 -32.86
CA PRO A 754 -39.33 28.93 -32.04
C PRO A 754 -39.51 30.23 -32.82
N THR A 755 -39.89 31.28 -32.10
CA THR A 755 -40.01 32.61 -32.67
C THR A 755 -38.70 33.39 -32.55
N ASN A 756 -37.96 33.19 -31.47
CA ASN A 756 -36.70 33.88 -31.25
C ASN A 756 -35.90 33.06 -30.23
N PHE A 757 -34.78 33.62 -29.78
CA PHE A 757 -33.80 32.86 -29.01
C PHE A 757 -33.20 33.75 -27.92
N THR A 758 -32.25 33.18 -27.20
CA THR A 758 -31.44 33.92 -26.23
C THR A 758 -30.07 33.28 -26.17
N ILE A 759 -29.04 34.07 -26.42
CA ILE A 759 -27.67 33.58 -26.29
C ILE A 759 -27.32 33.53 -24.81
N SER A 760 -26.59 32.50 -24.41
CA SER A 760 -26.21 32.31 -23.02
C SER A 760 -24.72 32.10 -22.92
N VAL A 761 -24.18 32.42 -21.74
CA VAL A 761 -22.79 32.19 -21.42
C VAL A 761 -22.74 31.40 -20.12
N THR A 762 -21.96 30.33 -20.10
CA THR A 762 -21.85 29.47 -18.94
C THR A 762 -20.39 29.21 -18.62
N THR A 763 -20.10 29.01 -17.34
CA THR A 763 -18.75 28.74 -16.90
C THR A 763 -18.55 27.24 -16.70
N GLU A 764 -17.35 26.78 -17.04
CA GLU A 764 -16.92 25.42 -16.77
C GLU A 764 -15.53 25.48 -16.15
N ILE A 765 -15.29 24.65 -15.14
CA ILE A 765 -14.05 24.70 -14.38
C ILE A 765 -13.45 23.31 -14.34
N LEU A 766 -12.16 23.21 -14.64
CA LEU A 766 -11.50 21.90 -14.63
C LEU A 766 -10.10 22.00 -14.05
N PRO A 767 -9.77 21.21 -13.03
CA PRO A 767 -8.38 21.14 -12.58
C PRO A 767 -7.49 20.62 -13.71
N VAL A 768 -6.28 21.15 -13.78
CA VAL A 768 -5.31 20.73 -14.78
C VAL A 768 -4.00 20.25 -14.16
N SER A 769 -3.80 20.44 -12.87
CA SER A 769 -2.54 20.12 -12.22
C SER A 769 -2.69 20.40 -10.73
N MET A 770 -1.73 19.91 -9.95
CA MET A 770 -1.56 20.36 -8.57
C MET A 770 -0.08 20.60 -8.33
N THR A 771 0.21 21.16 -7.16
CA THR A 771 1.58 21.49 -6.80
C THR A 771 2.44 20.22 -6.76
N LYS A 772 3.66 20.33 -7.26
CA LYS A 772 4.60 19.22 -7.20
C LYS A 772 4.98 18.94 -5.75
N THR A 773 5.79 17.91 -5.56
CA THR A 773 6.22 17.54 -4.22
C THR A 773 7.38 16.56 -4.31
N SER A 774 8.28 16.65 -3.35
CA SER A 774 9.38 15.69 -3.23
C SER A 774 9.80 15.64 -1.77
N VAL A 775 10.56 14.59 -1.44
CA VAL A 775 10.92 14.33 -0.05
C VAL A 775 12.23 13.59 0.01
N ASP A 776 12.97 13.82 1.09
CA ASP A 776 14.12 12.99 1.44
C ASP A 776 13.62 11.90 2.38
N CYS A 777 13.69 10.65 1.91
CA CYS A 777 13.27 9.53 2.73
C CYS A 777 13.95 9.55 4.09
N THR A 778 15.28 9.72 4.09
CA THR A 778 16.03 9.70 5.33
C THR A 778 15.59 10.82 6.26
N MET A 779 15.50 12.05 5.74
CA MET A 779 15.07 13.15 6.58
C MET A 779 13.71 12.87 7.19
N TYR A 780 12.72 12.53 6.36
CA TYR A 780 11.37 12.34 6.87
C TYR A 780 11.34 11.26 7.94
N ILE A 781 12.02 10.13 7.70
CA ILE A 781 11.91 9.02 8.64
C ILE A 781 12.73 9.27 9.89
N CYS A 782 14.03 9.47 9.74
CA CYS A 782 14.94 9.55 10.88
C CYS A 782 15.99 10.65 10.66
N GLY A 783 15.53 11.84 10.26
CA GLY A 783 16.45 12.95 10.09
C GLY A 783 17.47 13.04 11.19
N ASP A 784 18.75 13.00 10.82
CA ASP A 784 19.86 13.07 11.78
C ASP A 784 19.84 11.87 12.74
N SER A 785 19.95 10.67 12.17
CA SER A 785 20.07 9.45 12.96
C SER A 785 20.88 8.44 12.16
N THR A 786 22.18 8.37 12.45
CA THR A 786 23.04 7.39 11.78
C THR A 786 22.54 5.97 12.04
N GLU A 787 22.10 5.71 13.27
CA GLU A 787 21.66 4.36 13.63
C GLU A 787 20.43 3.97 12.82
N CYS A 788 19.46 4.88 12.72
CA CYS A 788 18.28 4.58 11.92
C CYS A 788 18.62 4.45 10.44
N SER A 789 19.56 5.26 9.96
CA SER A 789 20.01 5.09 8.57
C SER A 789 20.56 3.69 8.36
N ASN A 790 21.41 3.23 9.27
CA ASN A 790 22.00 1.90 9.15
C ASN A 790 20.92 0.84 9.16
N LEU A 791 19.97 0.95 10.09
CA LEU A 791 18.89 -0.03 10.15
C LEU A 791 18.05 -0.01 8.88
N LEU A 792 17.75 1.18 8.37
CA LEU A 792 16.97 1.29 7.13
C LEU A 792 17.68 0.64 5.97
N LEU A 793 19.02 0.74 5.93
CA LEU A 793 19.76 0.16 4.83
C LEU A 793 19.40 -1.30 4.62
N GLN A 794 19.11 -2.03 5.70
CA GLN A 794 18.69 -3.41 5.57
C GLN A 794 17.39 -3.54 4.78
N TYR A 795 16.55 -2.49 4.81
CA TYR A 795 15.25 -2.59 4.16
C TYR A 795 15.37 -2.57 2.64
N GLY A 796 16.32 -1.81 2.10
CA GLY A 796 16.56 -1.77 0.68
C GLY A 796 16.44 -0.36 0.13
N SER A 797 15.95 -0.27 -1.11
CA SER A 797 15.90 0.99 -1.85
C SER A 797 14.47 1.48 -2.04
N PHE A 798 13.59 1.20 -1.08
CA PHE A 798 12.24 1.74 -1.15
C PHE A 798 12.25 3.25 -1.23
N CYS A 799 13.23 3.89 -0.58
CA CYS A 799 13.37 5.35 -0.70
C CYS A 799 13.61 5.74 -2.15
N THR A 800 14.51 5.03 -2.84
CA THR A 800 14.73 5.29 -4.25
C THR A 800 13.47 5.06 -5.06
N GLN A 801 12.73 3.99 -4.74
CA GLN A 801 11.51 3.70 -5.47
C GLN A 801 10.51 4.85 -5.36
N LEU A 802 10.25 5.29 -4.13
CA LEU A 802 9.27 6.36 -3.94
C LEU A 802 9.77 7.68 -4.54
N ASN A 803 11.07 7.94 -4.47
CA ASN A 803 11.60 9.14 -5.09
C ASN A 803 11.38 9.12 -6.60
N ARG A 804 11.66 7.97 -7.23
CA ARG A 804 11.42 7.85 -8.67
C ARG A 804 9.94 8.03 -8.98
N ALA A 805 9.08 7.44 -8.15
CA ALA A 805 7.64 7.54 -8.39
C ALA A 805 7.19 8.99 -8.36
N LEU A 806 7.52 9.71 -7.28
CA LEU A 806 7.09 11.09 -7.18
C LEU A 806 7.74 11.96 -8.25
N THR A 807 8.96 11.63 -8.66
CA THR A 807 9.57 12.35 -9.77
C THR A 807 8.76 12.17 -11.04
N GLY A 808 8.33 10.93 -11.31
CA GLY A 808 7.46 10.71 -12.44
C GLY A 808 6.16 11.47 -12.32
N ILE A 809 5.63 11.57 -11.09
CA ILE A 809 4.40 12.33 -10.89
C ILE A 809 4.61 13.80 -11.26
N ALA A 810 5.72 14.38 -10.79
CA ALA A 810 5.98 15.78 -11.10
C ALA A 810 6.20 15.98 -12.59
N VAL A 811 6.91 15.06 -13.23
CA VAL A 811 7.13 15.17 -14.66
C VAL A 811 5.80 15.10 -15.40
N GLU A 812 4.92 14.18 -14.97
CA GLU A 812 3.61 14.07 -15.60
C GLU A 812 2.80 15.35 -15.41
N GLN A 813 2.91 15.97 -14.24
CA GLN A 813 2.23 17.23 -14.01
C GLN A 813 2.71 18.29 -14.98
N ASP A 814 4.04 18.43 -15.11
CA ASP A 814 4.59 19.39 -16.05
C ASP A 814 4.12 19.10 -17.47
N LYS A 815 4.15 17.84 -17.87
CA LYS A 815 3.61 17.46 -19.16
C LYS A 815 2.18 17.95 -19.30
N ASN A 816 1.28 17.40 -18.48
CA ASN A 816 -0.13 17.77 -18.52
C ASN A 816 -0.28 19.26 -18.77
N THR A 817 0.41 20.08 -17.98
CA THR A 817 0.33 21.53 -18.19
C THR A 817 0.76 21.88 -19.61
N GLN A 818 1.86 21.29 -20.07
CA GLN A 818 2.37 21.62 -21.39
C GLN A 818 1.32 21.33 -22.46
N GLU A 819 0.77 20.11 -22.47
CA GLU A 819 -0.20 19.77 -23.50
C GLU A 819 -1.43 20.66 -23.40
N VAL A 820 -1.94 20.88 -22.18
CA VAL A 820 -3.21 21.59 -22.06
C VAL A 820 -3.06 23.02 -22.54
N PHE A 821 -1.95 23.68 -22.22
CA PHE A 821 -1.83 25.12 -22.48
C PHE A 821 -1.05 25.43 -23.76
N ALA A 822 0.17 24.91 -23.89
CA ALA A 822 1.00 25.31 -25.03
C ALA A 822 0.63 24.51 -26.27
N GLN A 823 -0.66 24.51 -26.63
CA GLN A 823 -1.09 23.88 -27.87
C GLN A 823 -0.84 24.76 -29.09
N VAL A 824 -0.41 25.99 -28.89
CA VAL A 824 -0.15 26.90 -29.98
C VAL A 824 1.33 26.83 -30.35
N LYS A 825 1.64 27.30 -31.55
CA LYS A 825 2.99 27.24 -32.10
C LYS A 825 3.66 28.60 -32.21
N GLN A 826 2.99 29.68 -31.79
CA GLN A 826 3.56 31.01 -31.93
C GLN A 826 2.83 31.96 -31.00
N ILE A 827 3.43 33.13 -30.80
CA ILE A 827 2.88 34.16 -29.92
C ILE A 827 2.25 35.24 -30.77
N TYR A 828 0.99 35.57 -30.47
CA TYR A 828 0.22 36.55 -31.21
C TYR A 828 -0.08 37.76 -30.33
N LYS A 829 -0.24 38.91 -30.97
CA LYS A 829 -0.48 40.18 -30.28
C LYS A 829 -1.78 40.79 -30.78
N THR A 830 -2.64 41.21 -29.84
CA THR A 830 -3.91 41.79 -30.20
C THR A 830 -3.72 43.22 -30.72
N PRO A 831 -4.47 43.63 -31.74
CA PRO A 831 -4.32 44.99 -32.25
C PRO A 831 -4.81 46.00 -31.23
N PRO A 832 -4.26 47.23 -31.24
CA PRO A 832 -4.67 48.21 -30.24
C PRO A 832 -6.13 48.62 -30.32
N ILE A 833 -6.72 48.68 -31.51
CA ILE A 833 -8.06 49.20 -31.69
C ILE A 833 -9.06 48.06 -31.53
N LYS A 834 -10.06 48.25 -30.67
CA LYS A 834 -11.05 47.23 -30.40
C LYS A 834 -12.33 47.51 -31.19
N ASP A 835 -12.21 47.39 -32.51
CA ASP A 835 -13.35 47.51 -33.41
C ASP A 835 -13.89 46.11 -33.65
N PHE A 836 -14.84 45.69 -32.81
CA PHE A 836 -15.38 44.34 -32.83
C PHE A 836 -16.90 44.36 -32.91
N GLY A 837 -17.44 45.22 -33.78
CA GLY A 837 -18.88 45.25 -34.00
C GLY A 837 -19.67 45.43 -32.73
N GLY A 838 -19.10 46.14 -31.76
CA GLY A 838 -19.75 46.37 -30.49
C GLY A 838 -19.52 45.29 -29.45
N PHE A 839 -19.04 44.12 -29.86
CA PHE A 839 -18.69 43.07 -28.90
C PHE A 839 -17.39 43.45 -28.22
N ASN A 840 -17.46 43.92 -26.99
CA ASN A 840 -16.27 44.25 -26.23
C ASN A 840 -15.77 43.07 -25.43
N PHE A 841 -14.50 43.15 -25.01
CA PHE A 841 -13.85 42.04 -24.34
C PHE A 841 -12.92 42.48 -23.21
N SER A 842 -12.95 43.76 -22.81
CA SER A 842 -11.94 44.28 -21.90
C SER A 842 -11.78 43.38 -20.68
N GLN A 843 -12.89 43.03 -20.05
CA GLN A 843 -12.83 42.27 -18.80
C GLN A 843 -12.02 40.99 -18.98
N ILE A 844 -12.20 40.30 -20.11
CA ILE A 844 -11.46 39.08 -20.35
C ILE A 844 -10.07 39.36 -20.93
N LEU A 845 -9.88 40.51 -21.57
CA LEU A 845 -8.59 40.83 -22.14
C LEU A 845 -7.57 41.11 -21.04
N PRO A 846 -6.29 40.92 -21.32
CA PRO A 846 -5.25 41.23 -20.33
C PRO A 846 -5.20 42.71 -20.04
N ASP A 847 -4.78 43.05 -18.83
CA ASP A 847 -4.68 44.44 -18.40
C ASP A 847 -3.22 44.85 -18.31
N PRO A 848 -2.74 45.78 -19.13
CA PRO A 848 -1.36 46.26 -18.96
C PRO A 848 -1.12 46.91 -17.60
N SER A 849 -2.15 47.52 -17.01
CA SER A 849 -1.97 48.21 -15.74
C SER A 849 -1.53 47.24 -14.65
N LYS A 850 -2.13 46.05 -14.59
CA LYS A 850 -1.77 45.10 -13.56
C LYS A 850 -0.32 44.65 -13.74
N PRO A 851 0.38 44.34 -12.64
CA PRO A 851 1.75 43.83 -12.80
C PRO A 851 1.81 42.59 -13.65
N SER A 852 0.83 41.70 -13.50
CA SER A 852 0.66 40.55 -14.39
C SER A 852 -0.47 40.89 -15.35
N LYS A 853 -0.18 40.80 -16.65
CA LYS A 853 -1.15 41.18 -17.67
C LYS A 853 -2.24 40.12 -17.70
N ARG A 854 -3.13 40.20 -16.72
CA ARG A 854 -4.20 39.24 -16.55
C ARG A 854 -5.55 39.90 -16.84
N SER A 855 -6.53 39.05 -17.16
CA SER A 855 -7.89 39.53 -17.35
C SER A 855 -8.48 39.99 -16.04
N PHE A 856 -9.47 40.88 -16.14
CA PHE A 856 -10.21 41.28 -14.96
C PHE A 856 -10.73 40.04 -14.24
N ILE A 857 -11.39 39.15 -15.00
CA ILE A 857 -12.02 37.98 -14.41
C ILE A 857 -10.97 37.09 -13.74
N GLU A 858 -9.86 36.83 -14.43
CA GLU A 858 -8.86 35.94 -13.87
C GLU A 858 -8.22 36.54 -12.63
N ASP A 859 -8.08 37.87 -12.58
CA ASP A 859 -7.63 38.51 -11.36
C ASP A 859 -8.62 38.26 -10.22
N LEU A 860 -9.92 38.38 -10.50
CA LEU A 860 -10.92 38.05 -9.50
C LEU A 860 -10.77 36.60 -9.04
N LEU A 861 -10.54 35.68 -9.97
CA LEU A 861 -10.37 34.28 -9.59
C LEU A 861 -9.19 34.12 -8.64
N PHE A 862 -8.04 34.66 -9.01
CA PHE A 862 -6.86 34.52 -8.18
C PHE A 862 -7.08 35.14 -6.80
N ASN A 863 -7.77 36.28 -6.76
CA ASN A 863 -8.08 36.90 -5.48
C ASN A 863 -8.99 36.00 -4.65
N LYS A 864 -9.99 35.39 -5.30
CA LYS A 864 -10.95 34.56 -4.58
C LYS A 864 -10.29 33.34 -3.98
N VAL A 865 -9.39 32.69 -4.73
CA VAL A 865 -8.78 31.47 -4.23
C VAL A 865 -7.91 31.77 -3.01
N THR A 866 -8.15 31.04 -1.93
CA THR A 866 -7.30 31.13 -0.73
C THR A 866 -6.14 30.16 -0.88
N LEU A 867 -5.25 30.50 -1.83
CA LEU A 867 -4.19 29.59 -2.23
C LEU A 867 -3.27 29.27 -1.06
N ALA A 868 -2.80 28.03 -1.03
CA ALA A 868 -1.77 27.57 -0.12
C ALA A 868 -0.60 27.02 -0.93
N ASP A 869 0.50 26.77 -0.24
CA ASP A 869 1.75 26.35 -0.89
C ASP A 869 2.11 27.30 -2.03
N ALA A 870 2.35 28.56 -1.66
CA ALA A 870 2.61 29.59 -2.66
C ALA A 870 3.86 29.31 -3.48
N GLY A 871 4.78 28.49 -2.98
CA GLY A 871 5.97 28.16 -3.73
C GLY A 871 6.89 29.33 -3.98
N PHE A 872 7.08 30.19 -2.98
CA PHE A 872 7.99 31.31 -3.08
C PHE A 872 9.38 30.91 -2.60
N ILE A 873 10.36 31.76 -2.92
CA ILE A 873 11.75 31.46 -2.56
C ILE A 873 11.90 31.33 -1.06
N LYS A 874 11.08 32.05 -0.29
CA LYS A 874 11.16 32.03 1.17
C LYS A 874 12.56 32.48 1.55
N GLN A 875 13.30 31.74 2.38
CA GLN A 875 14.65 32.12 2.77
C GLN A 875 15.49 30.88 3.05
N ASP A 887 2.70 29.71 9.52
CA ASP A 887 2.22 29.50 8.16
C ASP A 887 2.18 28.02 7.81
N LEU A 888 1.05 27.57 7.26
CA LEU A 888 0.93 26.18 6.85
C LEU A 888 2.00 25.81 5.82
N ILE A 889 2.39 26.76 4.97
CA ILE A 889 3.36 26.46 3.92
C ILE A 889 4.70 26.06 4.53
N CYS A 890 5.25 26.94 5.37
CA CYS A 890 6.55 26.66 5.98
C CYS A 890 6.49 25.41 6.85
N ALA A 891 5.42 25.26 7.63
CA ALA A 891 5.29 24.09 8.49
C ALA A 891 5.32 22.81 7.66
N GLN A 892 4.51 22.74 6.60
CA GLN A 892 4.46 21.55 5.77
C GLN A 892 5.74 21.35 4.96
N LYS A 893 6.52 22.40 4.73
CA LYS A 893 7.69 22.30 3.89
C LYS A 893 8.98 22.05 4.67
N PHE A 894 9.01 22.31 5.98
CA PHE A 894 10.25 22.34 6.74
C PHE A 894 10.51 21.03 7.47
N ASN A 895 10.15 19.89 6.87
CA ASN A 895 10.48 18.58 7.41
C ASN A 895 10.96 17.67 6.29
N GLY A 896 11.76 18.22 5.38
CA GLY A 896 12.23 17.48 4.23
C GLY A 896 11.24 17.39 3.09
N LEU A 897 10.05 17.99 3.24
CA LEU A 897 9.01 17.94 2.22
C LEU A 897 9.16 19.17 1.33
N THR A 898 9.97 19.04 0.29
CA THR A 898 10.22 20.15 -0.60
C THR A 898 9.12 20.26 -1.65
N VAL A 899 8.87 21.49 -2.08
CA VAL A 899 7.89 21.80 -3.11
C VAL A 899 8.63 22.30 -4.34
N LEU A 900 8.38 21.66 -5.48
CA LEU A 900 9.06 22.02 -6.71
C LEU A 900 8.23 23.02 -7.49
N PRO A 901 8.73 24.23 -7.75
CA PRO A 901 7.91 25.24 -8.42
C PRO A 901 7.56 24.78 -9.83
N PRO A 902 6.40 25.18 -10.35
CA PRO A 902 6.06 24.83 -11.72
C PRO A 902 7.07 25.43 -12.69
N LEU A 903 7.37 24.68 -13.75
CA LEU A 903 8.31 25.17 -14.75
C LEU A 903 7.81 26.47 -15.36
N LEU A 904 6.53 26.52 -15.69
CA LEU A 904 5.89 27.72 -16.20
C LEU A 904 5.21 28.45 -15.06
N THR A 905 5.33 29.78 -15.04
CA THR A 905 4.71 30.59 -14.02
C THR A 905 3.51 31.34 -14.59
N ASP A 906 2.74 31.91 -13.67
CA ASP A 906 1.57 32.70 -14.01
C ASP A 906 1.82 33.65 -15.17
N GLU A 907 3.04 34.18 -15.26
CA GLU A 907 3.34 35.17 -16.29
C GLU A 907 3.17 34.60 -17.69
N MET A 908 3.99 33.61 -18.04
CA MET A 908 3.86 33.00 -19.36
C MET A 908 2.52 32.28 -19.50
N ILE A 909 1.92 31.85 -18.40
CA ILE A 909 0.58 31.26 -18.49
C ILE A 909 -0.40 32.27 -19.05
N ALA A 910 -0.41 33.47 -18.47
CA ALA A 910 -1.28 34.53 -18.97
C ALA A 910 -0.90 34.90 -20.39
N GLN A 911 0.40 34.88 -20.70
CA GLN A 911 0.83 35.18 -22.06
C GLN A 911 0.22 34.19 -23.05
N TYR A 912 0.28 32.90 -22.71
CA TYR A 912 -0.30 31.87 -23.57
C TYR A 912 -1.79 32.08 -23.76
N THR A 913 -2.53 32.26 -22.66
CA THR A 913 -3.97 32.40 -22.80
C THR A 913 -4.32 33.64 -23.60
N SER A 914 -3.58 34.73 -23.40
CA SER A 914 -3.81 35.94 -24.17
C SER A 914 -3.57 35.69 -25.66
N ALA A 915 -2.46 35.03 -25.98
CA ALA A 915 -2.19 34.74 -27.39
C ALA A 915 -3.28 33.86 -27.97
N LEU A 916 -3.75 32.88 -27.21
CA LEU A 916 -4.77 31.98 -27.70
C LEU A 916 -6.06 32.73 -28.01
N LEU A 917 -6.55 33.52 -27.06
CA LEU A 917 -7.80 34.23 -27.29
C LEU A 917 -7.64 35.25 -28.41
N ALA A 918 -6.47 35.89 -28.51
CA ALA A 918 -6.22 36.81 -29.60
C ALA A 918 -6.31 36.09 -30.95
N GLY A 919 -5.62 34.96 -31.06
CA GLY A 919 -5.67 34.21 -32.30
C GLY A 919 -7.08 33.80 -32.66
N THR A 920 -7.84 33.32 -31.68
CA THR A 920 -9.23 32.96 -31.93
C THR A 920 -10.01 34.15 -32.47
N ILE A 921 -10.08 35.23 -31.68
CA ILE A 921 -10.91 36.36 -32.07
C ILE A 921 -10.44 36.99 -33.36
N THR A 922 -9.18 36.78 -33.76
CA THR A 922 -8.63 37.44 -34.93
C THR A 922 -8.68 36.58 -36.19
N SER A 923 -8.62 35.26 -36.07
CA SER A 923 -8.52 34.40 -37.24
C SER A 923 -9.46 33.20 -37.16
N GLY A 924 -10.53 33.30 -36.37
CA GLY A 924 -11.47 32.19 -36.31
C GLY A 924 -10.77 30.91 -35.94
N TRP A 925 -11.04 29.87 -36.73
CA TRP A 925 -10.46 28.55 -36.49
C TRP A 925 -9.28 28.25 -37.41
N THR A 926 -8.91 29.17 -38.29
CA THR A 926 -7.85 28.89 -39.25
C THR A 926 -6.50 28.74 -38.55
N PHE A 927 -6.19 29.65 -37.62
CA PHE A 927 -4.87 29.64 -37.00
C PHE A 927 -4.59 28.30 -36.32
N GLY A 928 -5.62 27.68 -35.75
CA GLY A 928 -5.41 26.40 -35.10
C GLY A 928 -4.85 25.37 -36.05
N ALA A 929 -5.44 25.28 -37.26
CA ALA A 929 -4.93 24.35 -38.25
C ALA A 929 -3.57 24.78 -38.77
N GLY A 930 -3.41 26.07 -39.06
CA GLY A 930 -2.16 26.56 -39.62
C GLY A 930 -1.98 28.05 -39.46
N ALA A 931 -1.46 28.70 -40.51
CA ALA A 931 -1.24 30.13 -40.45
C ALA A 931 -2.55 30.87 -40.20
N ALA A 932 -2.52 31.81 -39.26
CA ALA A 932 -3.71 32.59 -38.95
C ALA A 932 -4.08 33.48 -40.12
N LEU A 933 -5.37 33.66 -40.34
CA LEU A 933 -5.89 34.53 -41.38
C LEU A 933 -6.88 35.50 -40.75
N GLN A 934 -6.62 36.80 -40.92
CA GLN A 934 -7.50 37.80 -40.35
C GLN A 934 -8.92 37.64 -40.91
N ILE A 935 -9.91 37.81 -40.04
CA ILE A 935 -11.31 37.70 -40.44
C ILE A 935 -12.16 38.69 -39.65
N PRO A 936 -13.25 39.20 -40.20
CA PRO A 936 -14.17 39.99 -39.39
C PRO A 936 -14.94 39.13 -38.41
N PHE A 937 -15.16 39.67 -37.22
CA PHE A 937 -15.89 38.95 -36.19
C PHE A 937 -17.31 38.65 -36.65
N ALA A 938 -17.94 39.60 -37.35
CA ALA A 938 -19.27 39.35 -37.88
C ALA A 938 -19.27 38.20 -38.87
N MET A 939 -18.26 38.15 -39.74
CA MET A 939 -18.15 37.01 -40.65
C MET A 939 -18.02 35.71 -39.88
N GLN A 940 -17.18 35.70 -38.85
CA GLN A 940 -16.99 34.48 -38.07
C GLN A 940 -18.30 34.03 -37.43
N MET A 941 -19.05 34.97 -36.86
CA MET A 941 -20.31 34.61 -36.22
C MET A 941 -21.33 34.10 -37.24
N ALA A 942 -21.40 34.74 -38.41
CA ALA A 942 -22.23 34.21 -39.48
C ALA A 942 -21.84 32.78 -39.79
N TYR A 943 -20.54 32.51 -39.79
CA TYR A 943 -20.05 31.19 -40.15
C TYR A 943 -20.48 30.18 -39.10
N ARG A 944 -20.41 30.58 -37.83
CA ARG A 944 -20.83 29.71 -36.74
C ARG A 944 -22.32 29.39 -36.82
N PHE A 945 -23.14 30.42 -37.09
CA PHE A 945 -24.57 30.19 -37.23
C PHE A 945 -24.85 29.24 -38.38
N ASN A 946 -24.16 29.43 -39.52
CA ASN A 946 -24.24 28.45 -40.59
C ASN A 946 -23.92 27.06 -40.07
N GLY A 947 -22.89 26.95 -39.23
CA GLY A 947 -22.53 25.66 -38.67
C GLY A 947 -23.63 25.06 -37.83
N ILE A 948 -24.42 25.89 -37.16
CA ILE A 948 -25.57 25.39 -36.40
C ILE A 948 -26.82 25.51 -37.28
N GLY A 949 -26.62 25.61 -38.58
CA GLY A 949 -27.74 25.60 -39.52
C GLY A 949 -28.66 26.78 -39.38
N VAL A 950 -28.10 27.99 -39.30
CA VAL A 950 -28.88 29.22 -39.22
C VAL A 950 -28.34 30.20 -40.23
N THR A 951 -29.24 30.89 -40.93
CA THR A 951 -28.86 31.76 -42.03
C THR A 951 -28.30 33.08 -41.51
N GLN A 952 -27.18 33.50 -42.08
CA GLN A 952 -26.47 34.70 -41.62
C GLN A 952 -27.32 35.96 -41.74
N ASN A 953 -28.37 35.94 -42.55
CA ASN A 953 -29.22 37.12 -42.70
C ASN A 953 -29.73 37.58 -41.34
N VAL A 954 -30.21 36.65 -40.52
CA VAL A 954 -30.76 37.02 -39.22
C VAL A 954 -29.67 37.60 -38.32
N LEU A 955 -28.49 36.97 -38.32
CA LEU A 955 -27.38 37.51 -37.55
C LEU A 955 -27.14 38.97 -37.91
N TYR A 956 -27.00 39.24 -39.21
CA TYR A 956 -26.71 40.60 -39.64
C TYR A 956 -27.85 41.53 -39.28
N GLU A 957 -29.09 41.05 -39.35
CA GLU A 957 -30.23 41.88 -38.99
C GLU A 957 -30.18 42.26 -37.52
N ASN A 958 -29.82 41.32 -36.65
CA ASN A 958 -29.93 41.50 -35.20
C ASN A 958 -28.57 41.58 -34.53
N GLN A 959 -27.60 42.17 -35.22
CA GLN A 959 -26.26 42.36 -34.65
C GLN A 959 -26.34 43.08 -33.31
N LYS A 960 -27.10 44.17 -33.26
CA LYS A 960 -27.19 44.94 -32.03
C LYS A 960 -27.82 44.13 -30.91
N LEU A 961 -28.88 43.37 -31.23
CA LEU A 961 -29.54 42.57 -30.21
C LEU A 961 -28.59 41.54 -29.64
N ILE A 962 -27.87 40.83 -30.50
CA ILE A 962 -26.96 39.80 -30.03
C ILE A 962 -25.84 40.42 -29.21
N ALA A 963 -25.32 41.57 -29.66
CA ALA A 963 -24.24 42.22 -28.91
C ALA A 963 -24.72 42.64 -27.53
N ASN A 964 -25.93 43.20 -27.45
CA ASN A 964 -26.46 43.61 -26.16
C ASN A 964 -26.65 42.41 -25.24
N GLN A 965 -27.20 41.31 -25.78
CA GLN A 965 -27.36 40.11 -24.98
C GLN A 965 -26.02 39.61 -24.47
N PHE A 966 -25.01 39.61 -25.34
CA PHE A 966 -23.69 39.10 -24.96
C PHE A 966 -23.09 39.98 -23.87
N ASN A 967 -23.19 41.30 -24.02
CA ASN A 967 -22.66 42.19 -23.00
C ASN A 967 -23.36 41.99 -21.67
N SER A 968 -24.68 41.85 -21.70
CA SER A 968 -25.42 41.60 -20.46
C SER A 968 -24.99 40.28 -19.84
N ALA A 969 -24.79 39.25 -20.65
CA ALA A 969 -24.39 37.94 -20.12
C ALA A 969 -23.01 38.02 -19.48
N ILE A 970 -22.06 38.69 -20.14
CA ILE A 970 -20.72 38.77 -19.55
C ILE A 970 -20.77 39.54 -18.23
N GLY A 971 -21.54 40.63 -18.19
CA GLY A 971 -21.70 41.35 -16.94
C GLY A 971 -22.32 40.48 -15.85
N LYS A 972 -23.34 39.69 -16.22
CA LYS A 972 -24.00 38.85 -15.24
C LYS A 972 -23.07 37.78 -14.69
N ILE A 973 -22.28 37.15 -15.57
CA ILE A 973 -21.35 36.13 -15.08
C ILE A 973 -20.28 36.77 -14.20
N GLN A 974 -19.81 37.96 -14.58
CA GLN A 974 -18.90 38.71 -13.71
C GLN A 974 -19.50 38.89 -12.33
N ASP A 975 -20.74 39.36 -12.27
CA ASP A 975 -21.38 39.64 -10.98
C ASP A 975 -21.55 38.36 -10.17
N SER A 976 -22.00 37.29 -10.82
CA SER A 976 -22.22 36.04 -10.12
C SER A 976 -20.92 35.48 -9.57
N LEU A 977 -19.83 35.54 -10.35
CA LEU A 977 -18.54 35.09 -9.85
C LEU A 977 -18.09 35.95 -8.68
N SER A 978 -18.25 37.27 -8.79
CA SER A 978 -17.84 38.15 -7.70
C SER A 978 -18.64 37.86 -6.44
N SER A 979 -19.90 37.46 -6.57
CA SER A 979 -20.74 37.25 -5.41
C SER A 979 -20.51 35.88 -4.78
N THR A 980 -20.77 34.82 -5.54
CA THR A 980 -20.68 33.47 -4.98
C THR A 980 -19.23 33.05 -4.80
N ALA A 981 -19.01 32.13 -3.87
CA ALA A 981 -17.70 31.54 -3.62
C ALA A 981 -17.68 30.05 -3.95
N SER A 982 -18.77 29.51 -4.50
CA SER A 982 -18.85 28.10 -4.85
C SER A 982 -18.37 27.81 -6.26
N ALA A 983 -18.05 28.84 -7.05
CA ALA A 983 -17.61 28.60 -8.43
C ALA A 983 -16.34 27.78 -8.47
N LEU A 984 -15.39 28.05 -7.56
CA LEU A 984 -14.12 27.35 -7.49
C LEU A 984 -14.15 26.16 -6.55
N GLY A 985 -15.32 25.53 -6.39
CA GLY A 985 -15.43 24.45 -5.44
C GLY A 985 -14.46 23.32 -5.72
N LYS A 986 -14.37 22.91 -6.99
CA LYS A 986 -13.52 21.77 -7.34
C LYS A 986 -12.05 22.06 -7.04
N LEU A 987 -11.55 23.21 -7.49
CA LEU A 987 -10.16 23.55 -7.26
C LEU A 987 -9.88 23.69 -5.78
N GLN A 988 -10.80 24.31 -5.05
CA GLN A 988 -10.64 24.44 -3.60
C GLN A 988 -10.57 23.07 -2.95
N ASP A 989 -11.41 22.13 -3.40
CA ASP A 989 -11.36 20.78 -2.87
C ASP A 989 -10.02 20.14 -3.14
N VAL A 990 -9.49 20.31 -4.35
CA VAL A 990 -8.19 19.73 -4.68
C VAL A 990 -7.13 20.27 -3.75
N VAL A 991 -7.09 21.61 -3.59
CA VAL A 991 -6.06 22.22 -2.77
C VAL A 991 -6.19 21.77 -1.33
N ASN A 992 -7.42 21.74 -0.81
CA ASN A 992 -7.63 21.32 0.58
C ASN A 992 -7.23 19.87 0.77
N GLN A 993 -7.53 19.01 -0.20
CA GLN A 993 -7.14 17.61 -0.11
C GLN A 993 -5.63 17.48 -0.04
N ASN A 994 -4.92 18.21 -0.90
CA ASN A 994 -3.46 18.18 -0.84
C ASN A 994 -2.96 18.64 0.52
N ALA A 995 -3.51 19.76 1.00
CA ALA A 995 -3.03 20.32 2.26
C ALA A 995 -3.28 19.36 3.42
N GLN A 996 -4.47 18.77 3.48
CA GLN A 996 -4.77 17.85 4.56
C GLN A 996 -3.94 16.58 4.47
N ALA A 997 -3.65 16.11 3.26
CA ALA A 997 -2.76 14.96 3.11
C ALA A 997 -1.39 15.28 3.69
N LEU A 998 -0.86 16.45 3.34
CA LEU A 998 0.43 16.86 3.88
C LEU A 998 0.38 16.96 5.40
N ASN A 999 -0.69 17.56 5.92
CA ASN A 999 -0.81 17.72 7.37
C ASN A 999 -0.87 16.37 8.08
N THR A 1000 -1.63 15.43 7.53
CA THR A 1000 -1.71 14.10 8.11
C THR A 1000 -0.34 13.44 8.09
N LEU A 1001 0.36 13.52 6.95
CA LEU A 1001 1.67 12.92 6.85
C LEU A 1001 2.61 13.49 7.91
N VAL A 1002 2.57 14.80 8.11
CA VAL A 1002 3.41 15.42 9.13
C VAL A 1002 3.01 14.95 10.52
N LYS A 1003 1.71 15.01 10.83
CA LYS A 1003 1.25 14.72 12.19
C LYS A 1003 1.55 13.27 12.58
N GLN A 1004 1.50 12.35 11.62
CA GLN A 1004 1.72 10.96 11.96
C GLN A 1004 3.11 10.73 12.54
N LEU A 1005 4.03 11.67 12.35
CA LEU A 1005 5.36 11.52 12.92
C LEU A 1005 5.34 11.41 14.44
N SER A 1006 4.26 11.89 15.08
CA SER A 1006 4.14 11.83 16.53
C SER A 1006 3.54 10.52 17.02
N SER A 1007 3.06 9.67 16.12
CA SER A 1007 2.45 8.41 16.54
C SER A 1007 3.50 7.45 17.07
N ASN A 1008 3.23 6.86 18.24
CA ASN A 1008 4.17 5.93 18.84
C ASN A 1008 4.12 4.55 18.18
N PHE A 1009 2.97 4.17 17.62
CA PHE A 1009 2.81 2.85 17.02
C PHE A 1009 3.19 1.75 18.01
N GLY A 1010 2.79 1.94 19.27
CA GLY A 1010 3.17 1.02 20.32
C GLY A 1010 4.56 1.21 20.87
N ALA A 1011 5.32 2.17 20.33
CA ALA A 1011 6.64 2.44 20.87
C ALA A 1011 6.54 3.13 22.21
N ILE A 1012 7.58 2.95 23.04
CA ILE A 1012 7.57 3.55 24.37
C ILE A 1012 7.46 5.06 24.28
N SER A 1013 7.95 5.64 23.18
CA SER A 1013 7.83 7.08 22.96
C SER A 1013 7.83 7.34 21.47
N SER A 1014 7.41 8.55 21.11
CA SER A 1014 7.36 8.98 19.71
C SER A 1014 8.47 9.99 19.39
N VAL A 1015 9.54 10.00 20.19
CA VAL A 1015 10.67 10.89 19.97
C VAL A 1015 11.92 10.02 19.87
N LEU A 1016 12.54 10.02 18.69
CA LEU A 1016 13.72 9.19 18.47
C LEU A 1016 14.84 9.57 19.43
N ASN A 1017 15.04 10.88 19.65
CA ASN A 1017 16.08 11.31 20.58
C ASN A 1017 15.77 10.83 21.99
N ASP A 1018 14.50 10.86 22.38
CA ASP A 1018 14.11 10.34 23.69
C ASP A 1018 14.43 8.86 23.80
N ILE A 1019 14.11 8.09 22.77
CA ILE A 1019 14.44 6.66 22.78
C ILE A 1019 15.94 6.47 22.96
N LEU A 1020 16.73 7.20 22.16
CA LEU A 1020 18.18 7.04 22.20
C LEU A 1020 18.72 7.38 23.59
N SER A 1021 18.23 8.46 24.19
CA SER A 1021 18.76 8.93 25.46
C SER A 1021 18.19 8.17 26.66
N ARG A 1022 17.11 7.40 26.48
CA ARG A 1022 16.49 6.69 27.58
C ARG A 1022 16.79 5.20 27.60
N LEU A 1023 16.97 4.56 26.44
CA LEU A 1023 17.17 3.14 26.37
C LEU A 1023 18.53 2.82 25.76
N ASP A 1024 19.14 1.75 26.26
CA ASP A 1024 20.39 1.28 25.69
C ASP A 1024 20.15 0.84 24.24
N PRO A 1025 21.12 1.03 23.35
CA PRO A 1025 20.92 0.72 21.93
C PRO A 1025 20.30 -0.66 21.72
N PRO A 1026 20.77 -1.71 22.42
CA PRO A 1026 20.22 -3.04 22.12
C PRO A 1026 18.70 -3.11 22.19
N GLU A 1027 18.10 -2.76 23.33
CA GLU A 1027 16.65 -2.80 23.43
C GLU A 1027 16.00 -1.66 22.64
N ALA A 1028 16.66 -0.51 22.58
CA ALA A 1028 16.11 0.63 21.85
C ALA A 1028 15.92 0.28 20.37
N GLU A 1029 16.68 -0.71 19.87
CA GLU A 1029 16.52 -1.13 18.49
C GLU A 1029 15.09 -1.54 18.21
N VAL A 1030 14.42 -2.14 19.19
CA VAL A 1030 13.04 -2.60 18.98
C VAL A 1030 12.13 -1.41 18.70
N GLN A 1031 12.19 -0.40 19.55
CA GLN A 1031 11.35 0.78 19.35
C GLN A 1031 11.74 1.52 18.08
N ILE A 1032 13.04 1.55 17.78
CA ILE A 1032 13.49 2.20 16.54
C ILE A 1032 12.89 1.50 15.34
N ASP A 1033 12.90 0.17 15.34
CA ASP A 1033 12.30 -0.59 14.25
C ASP A 1033 10.80 -0.34 14.17
N ARG A 1034 10.13 -0.28 15.33
CA ARG A 1034 8.70 0.00 15.33
C ARG A 1034 8.41 1.33 14.64
N LEU A 1035 9.11 2.38 15.06
CA LEU A 1035 8.88 3.70 14.48
C LEU A 1035 9.25 3.70 13.00
N ILE A 1036 10.34 3.02 12.64
CA ILE A 1036 10.74 2.94 11.24
C ILE A 1036 9.62 2.34 10.40
N THR A 1037 9.10 1.20 10.85
CA THR A 1037 8.04 0.53 10.12
C THR A 1037 6.83 1.44 9.98
N GLY A 1038 6.42 2.07 11.08
CA GLY A 1038 5.26 2.95 11.02
C GLY A 1038 5.45 4.08 10.04
N ARG A 1039 6.59 4.77 10.13
CA ARG A 1039 6.82 5.91 9.27
C ARG A 1039 6.90 5.50 7.81
N LEU A 1040 7.58 4.39 7.51
CA LEU A 1040 7.73 3.99 6.12
C LEU A 1040 6.39 3.52 5.54
N GLN A 1041 5.60 2.79 6.31
CA GLN A 1041 4.31 2.35 5.80
C GLN A 1041 3.39 3.54 5.58
N SER A 1042 3.41 4.52 6.49
CA SER A 1042 2.63 5.73 6.29
C SER A 1042 3.08 6.46 5.03
N LEU A 1043 4.39 6.54 4.82
CA LEU A 1043 4.91 7.23 3.65
C LEU A 1043 4.46 6.55 2.37
N GLN A 1044 4.52 5.22 2.32
CA GLN A 1044 4.11 4.54 1.10
C GLN A 1044 2.60 4.62 0.89
N THR A 1045 1.81 4.62 1.97
CA THR A 1045 0.38 4.88 1.82
C THR A 1045 0.16 6.25 1.19
N TYR A 1046 0.88 7.26 1.69
CA TYR A 1046 0.79 8.59 1.12
C TYR A 1046 1.16 8.57 -0.36
N VAL A 1047 2.20 7.80 -0.71
CA VAL A 1047 2.64 7.72 -2.10
C VAL A 1047 1.55 7.13 -2.97
N THR A 1048 0.92 6.04 -2.50
CA THR A 1048 -0.14 5.42 -3.28
C THR A 1048 -1.30 6.38 -3.49
N GLN A 1049 -1.70 7.08 -2.43
CA GLN A 1049 -2.78 8.05 -2.57
C GLN A 1049 -2.37 9.15 -3.56
N GLN A 1050 -1.13 9.61 -3.47
CA GLN A 1050 -0.66 10.66 -4.37
C GLN A 1050 -0.74 10.21 -5.81
N LEU A 1051 -0.28 8.99 -6.09
CA LEU A 1051 -0.24 8.54 -7.47
C LEU A 1051 -1.63 8.27 -8.02
N ILE A 1052 -2.57 7.82 -7.20
CA ILE A 1052 -3.93 7.66 -7.70
C ILE A 1052 -4.56 9.02 -7.97
N ARG A 1053 -4.33 9.98 -7.07
CA ARG A 1053 -4.77 11.34 -7.32
C ARG A 1053 -4.21 11.84 -8.65
N ALA A 1054 -2.93 11.55 -8.91
CA ALA A 1054 -2.31 11.93 -10.17
C ALA A 1054 -3.00 11.24 -11.34
N ALA A 1055 -3.35 9.97 -11.18
CA ALA A 1055 -4.03 9.27 -12.26
C ALA A 1055 -5.30 10.00 -12.67
N GLU A 1056 -6.18 10.29 -11.71
CA GLU A 1056 -7.44 10.89 -12.11
C GLU A 1056 -7.25 12.34 -12.54
N ILE A 1057 -6.31 13.08 -11.94
CA ILE A 1057 -6.08 14.45 -12.37
C ILE A 1057 -5.58 14.46 -13.80
N ARG A 1058 -4.72 13.50 -14.16
CA ARG A 1058 -4.23 13.42 -15.53
C ARG A 1058 -5.34 13.09 -16.50
N ALA A 1059 -6.24 12.18 -16.11
CA ALA A 1059 -7.40 11.91 -16.96
C ALA A 1059 -8.21 13.18 -17.18
N SER A 1060 -8.44 13.93 -16.11
CA SER A 1060 -9.16 15.19 -16.23
C SER A 1060 -8.42 16.16 -17.13
N ALA A 1061 -7.09 16.20 -17.03
CA ALA A 1061 -6.31 17.10 -17.86
C ALA A 1061 -6.42 16.73 -19.33
N ASN A 1062 -6.40 15.44 -19.63
CA ASN A 1062 -6.57 15.01 -21.01
C ASN A 1062 -7.95 15.43 -21.53
N LEU A 1063 -8.98 15.22 -20.71
CA LEU A 1063 -10.31 15.69 -21.09
C LEU A 1063 -10.32 17.18 -21.34
N ALA A 1064 -9.64 17.94 -20.48
CA ALA A 1064 -9.62 19.39 -20.62
C ALA A 1064 -8.92 19.81 -21.91
N ALA A 1065 -7.81 19.14 -22.24
CA ALA A 1065 -7.12 19.45 -23.48
C ALA A 1065 -8.00 19.15 -24.69
N THR A 1066 -8.71 18.02 -24.65
CA THR A 1066 -9.62 17.69 -25.73
C THR A 1066 -10.70 18.77 -25.87
N LYS A 1067 -11.29 19.18 -24.75
CA LYS A 1067 -12.30 20.23 -24.80
C LYS A 1067 -11.72 21.52 -25.33
N MET A 1068 -10.52 21.89 -24.89
CA MET A 1068 -9.86 23.08 -25.38
C MET A 1068 -9.76 23.04 -26.90
N SER A 1069 -9.21 21.96 -27.43
CA SER A 1069 -9.01 21.87 -28.87
C SER A 1069 -10.32 21.89 -29.62
N GLU A 1070 -11.34 21.20 -29.11
CA GLU A 1070 -12.55 20.99 -29.90
C GLU A 1070 -13.58 22.10 -29.76
N CYS A 1071 -13.54 22.87 -28.67
CA CYS A 1071 -14.44 24.01 -28.50
C CYS A 1071 -13.77 25.34 -28.81
N VAL A 1072 -12.55 25.56 -28.32
CA VAL A 1072 -11.87 26.82 -28.57
C VAL A 1072 -11.43 26.90 -30.03
N LEU A 1073 -10.57 25.98 -30.45
CA LEU A 1073 -10.04 26.01 -31.81
C LEU A 1073 -11.09 25.68 -32.85
N GLY A 1074 -12.25 25.15 -32.46
CA GLY A 1074 -13.26 24.78 -33.42
C GLY A 1074 -14.62 24.65 -32.78
N GLN A 1075 -15.63 24.53 -33.64
CA GLN A 1075 -17.02 24.42 -33.22
C GLN A 1075 -17.45 22.97 -33.35
N SER A 1076 -17.64 22.30 -32.23
CA SER A 1076 -17.99 20.89 -32.21
C SER A 1076 -19.49 20.68 -32.37
N LYS A 1077 -19.85 19.53 -32.92
CA LYS A 1077 -21.24 19.12 -33.06
C LYS A 1077 -21.70 18.21 -31.93
N ARG A 1078 -20.81 17.81 -31.04
CA ARG A 1078 -21.20 16.91 -29.95
C ARG A 1078 -22.25 17.56 -29.07
N VAL A 1079 -23.25 16.77 -28.68
CA VAL A 1079 -24.34 17.28 -27.87
C VAL A 1079 -23.81 17.67 -26.50
N ASP A 1080 -24.02 18.93 -26.12
CA ASP A 1080 -23.72 19.44 -24.79
C ASP A 1080 -22.27 19.22 -24.37
N PHE A 1081 -21.38 18.92 -25.32
CA PHE A 1081 -19.98 18.72 -24.97
C PHE A 1081 -19.35 20.04 -24.52
N CYS A 1082 -19.55 21.11 -25.28
CA CYS A 1082 -19.08 22.44 -24.90
C CYS A 1082 -20.17 23.23 -24.20
N GLY A 1083 -20.76 22.63 -23.16
CA GLY A 1083 -21.79 23.29 -22.37
C GLY A 1083 -23.18 23.09 -22.94
N LYS A 1084 -24.17 23.51 -22.14
CA LYS A 1084 -25.57 23.30 -22.49
C LYS A 1084 -25.96 24.18 -23.67
N GLY A 1085 -26.89 23.67 -24.48
CA GLY A 1085 -27.36 24.38 -25.65
C GLY A 1085 -26.39 24.25 -26.81
N TYR A 1086 -26.77 24.83 -27.94
CA TYR A 1086 -25.91 24.75 -29.12
C TYR A 1086 -24.64 25.53 -28.88
N HIS A 1087 -23.49 24.95 -29.20
CA HIS A 1087 -22.21 25.60 -28.94
C HIS A 1087 -21.83 26.49 -30.10
N LEU A 1088 -21.43 27.73 -29.80
CA LEU A 1088 -20.89 28.63 -30.79
C LEU A 1088 -19.38 28.70 -30.75
N MET A 1089 -18.82 28.98 -29.57
CA MET A 1089 -17.39 29.10 -29.36
C MET A 1089 -17.19 29.38 -27.87
N SER A 1090 -15.98 29.14 -27.40
CA SER A 1090 -15.67 29.31 -25.99
C SER A 1090 -14.33 30.01 -25.85
N PHE A 1091 -14.08 30.52 -24.64
CA PHE A 1091 -12.85 31.22 -24.32
C PHE A 1091 -12.18 30.58 -23.11
N PRO A 1092 -10.86 30.57 -23.07
CA PRO A 1092 -10.15 30.04 -21.90
C PRO A 1092 -9.79 31.12 -20.91
N GLN A 1093 -9.56 30.68 -19.67
CA GLN A 1093 -9.12 31.59 -18.61
C GLN A 1093 -8.28 30.80 -17.62
N SER A 1094 -7.01 31.16 -17.50
CA SER A 1094 -6.12 30.46 -16.59
C SER A 1094 -6.61 30.57 -15.15
N ALA A 1095 -6.49 29.48 -14.41
CA ALA A 1095 -6.83 29.42 -13.00
C ALA A 1095 -5.71 28.74 -12.25
N PRO A 1096 -5.57 29.01 -10.96
CA PRO A 1096 -4.46 28.41 -10.21
C PRO A 1096 -4.51 26.90 -10.25
N HIS A 1097 -3.54 26.28 -10.92
CA HIS A 1097 -3.47 24.83 -11.10
C HIS A 1097 -4.67 24.29 -11.86
N GLY A 1098 -5.50 25.16 -12.45
CA GLY A 1098 -6.69 24.73 -13.14
C GLY A 1098 -6.99 25.62 -14.34
N VAL A 1099 -8.17 25.45 -14.93
CA VAL A 1099 -8.56 26.24 -16.11
C VAL A 1099 -10.07 26.45 -16.07
N VAL A 1100 -10.50 27.51 -16.74
CA VAL A 1100 -11.91 27.88 -16.85
C VAL A 1100 -12.24 28.12 -18.32
N PHE A 1101 -13.43 27.68 -18.72
CA PHE A 1101 -13.92 27.87 -20.08
C PHE A 1101 -15.25 28.61 -20.03
N LEU A 1102 -15.42 29.58 -20.92
CA LEU A 1102 -16.65 30.34 -21.06
C LEU A 1102 -17.34 29.84 -22.32
N HIS A 1103 -18.37 29.02 -22.14
CA HIS A 1103 -19.12 28.46 -23.25
C HIS A 1103 -20.22 29.42 -23.66
N VAL A 1104 -20.18 29.85 -24.91
CA VAL A 1104 -21.23 30.70 -25.50
C VAL A 1104 -22.13 29.79 -26.32
N THR A 1105 -23.44 29.87 -26.06
CA THR A 1105 -24.36 28.91 -26.64
C THR A 1105 -25.64 29.59 -27.09
N TYR A 1106 -26.19 29.05 -28.17
CA TYR A 1106 -27.49 29.43 -28.69
C TYR A 1106 -28.57 28.56 -28.06
N VAL A 1107 -29.72 29.18 -27.80
CA VAL A 1107 -30.86 28.52 -27.17
C VAL A 1107 -32.15 29.19 -27.62
N PRO A 1108 -33.09 28.49 -28.24
CA PRO A 1108 -34.40 29.09 -28.53
C PRO A 1108 -35.09 29.49 -27.24
N ALA A 1109 -35.91 30.54 -27.33
CA ALA A 1109 -36.49 31.16 -26.14
C ALA A 1109 -38.01 30.99 -26.07
N GLN A 1110 -38.74 31.44 -27.08
CA GLN A 1110 -40.18 31.32 -27.12
C GLN A 1110 -40.58 30.50 -28.34
N GLU A 1111 -41.63 29.70 -28.19
CA GLU A 1111 -42.06 28.78 -29.22
C GLU A 1111 -43.54 29.00 -29.54
N LYS A 1112 -43.85 28.99 -30.84
CA LYS A 1112 -45.23 29.03 -31.30
C LYS A 1112 -45.41 28.03 -32.43
N ASN A 1113 -46.42 27.19 -32.29
CA ASN A 1113 -46.64 25.99 -33.10
C ASN A 1113 -47.75 26.17 -34.13
N PHE A 1114 -47.71 25.29 -35.12
CA PHE A 1114 -48.50 25.39 -36.34
C PHE A 1114 -48.92 23.98 -36.75
N THR A 1115 -49.47 23.85 -37.95
CA THR A 1115 -49.91 22.57 -38.49
C THR A 1115 -48.99 22.16 -39.64
N THR A 1116 -48.47 20.94 -39.58
CA THR A 1116 -47.51 20.44 -40.53
C THR A 1116 -48.11 19.31 -41.37
N ALA A 1117 -47.43 19.01 -42.48
CA ALA A 1117 -47.82 17.93 -43.38
C ALA A 1117 -46.57 17.23 -43.87
N PRO A 1118 -46.66 15.92 -44.13
CA PRO A 1118 -45.45 15.18 -44.54
C PRO A 1118 -44.85 15.66 -45.83
N ALA A 1119 -45.69 16.08 -46.78
CA ALA A 1119 -45.25 16.50 -48.10
C ALA A 1119 -46.43 17.20 -48.77
N ILE A 1120 -46.26 17.58 -50.03
CA ILE A 1120 -47.27 18.38 -50.72
C ILE A 1120 -47.57 17.78 -52.09
N CYS A 1121 -48.81 17.99 -52.54
CA CYS A 1121 -49.27 17.57 -53.86
C CYS A 1121 -49.84 18.78 -54.60
N HIS A 1122 -49.23 19.09 -55.74
CA HIS A 1122 -49.70 20.07 -56.71
C HIS A 1122 -50.14 19.49 -58.03
N ASP A 1123 -49.41 18.52 -58.57
CA ASP A 1123 -49.69 18.03 -59.91
C ASP A 1123 -49.70 16.50 -59.91
N GLY A 1124 -50.34 15.92 -58.91
CA GLY A 1124 -50.32 14.48 -58.74
C GLY A 1124 -48.99 13.92 -58.33
N LYS A 1125 -48.09 14.76 -57.84
CA LYS A 1125 -46.73 14.35 -57.49
C LYS A 1125 -46.43 14.80 -56.07
N ALA A 1126 -45.52 14.08 -55.43
CA ALA A 1126 -45.13 14.36 -54.06
C ALA A 1126 -43.94 15.31 -54.05
N HIS A 1127 -44.01 16.35 -53.22
CA HIS A 1127 -42.96 17.34 -53.09
C HIS A 1127 -42.56 17.45 -51.64
N PHE A 1128 -41.25 17.59 -51.41
CA PHE A 1128 -40.67 17.58 -50.08
C PHE A 1128 -39.70 18.73 -49.93
N PRO A 1129 -39.50 19.23 -48.71
CA PRO A 1129 -38.60 20.38 -48.53
C PRO A 1129 -37.15 19.99 -48.79
N ARG A 1130 -36.45 20.80 -49.57
CA ARG A 1130 -35.01 20.63 -49.71
C ARG A 1130 -34.32 20.83 -48.37
N GLU A 1131 -34.74 21.85 -47.61
CA GLU A 1131 -34.31 22.03 -46.24
C GLU A 1131 -35.38 22.82 -45.50
N GLY A 1132 -35.60 22.49 -44.24
CA GLY A 1132 -36.62 23.13 -43.45
C GLY A 1132 -37.77 22.20 -43.13
N VAL A 1133 -38.99 22.74 -43.08
CA VAL A 1133 -40.17 21.94 -42.79
C VAL A 1133 -41.41 22.75 -43.15
N PHE A 1134 -42.48 22.05 -43.55
CA PHE A 1134 -43.75 22.67 -43.85
C PHE A 1134 -44.53 22.97 -42.59
N VAL A 1135 -45.40 23.98 -42.68
CA VAL A 1135 -46.18 24.46 -41.53
C VAL A 1135 -47.36 25.24 -42.06
N SER A 1136 -48.39 25.41 -41.23
CA SER A 1136 -49.57 26.18 -41.59
C SER A 1136 -50.15 26.83 -40.36
N ASN A 1137 -50.54 28.10 -40.46
CA ASN A 1137 -51.28 28.65 -39.33
C ASN A 1137 -52.77 28.34 -39.42
N GLY A 1138 -53.22 27.81 -40.55
CA GLY A 1138 -54.63 27.52 -40.74
C GLY A 1138 -55.15 27.97 -42.09
N THR A 1139 -54.58 29.05 -42.62
CA THR A 1139 -55.01 29.60 -43.91
C THR A 1139 -54.10 29.21 -45.05
N HIS A 1140 -52.78 29.22 -44.85
CA HIS A 1140 -51.82 28.97 -45.92
C HIS A 1140 -50.70 28.09 -45.39
N TRP A 1141 -49.90 27.58 -46.32
CA TRP A 1141 -48.77 26.73 -46.01
C TRP A 1141 -47.47 27.44 -46.33
N PHE A 1142 -46.45 27.16 -45.53
CA PHE A 1142 -45.14 27.77 -45.69
C PHE A 1142 -44.09 26.77 -45.26
N VAL A 1143 -42.84 27.08 -45.57
CA VAL A 1143 -41.71 26.24 -45.18
C VAL A 1143 -40.70 27.14 -44.49
N THR A 1144 -40.01 26.59 -43.49
CA THR A 1144 -39.01 27.38 -42.78
C THR A 1144 -37.95 26.47 -42.19
N GLN A 1145 -36.80 27.08 -41.89
CA GLN A 1145 -35.70 26.36 -41.28
C GLN A 1145 -36.15 25.79 -39.94
N ARG A 1146 -35.61 24.62 -39.60
CA ARG A 1146 -36.08 23.84 -38.47
C ARG A 1146 -35.53 24.32 -37.13
N ASN A 1147 -35.00 25.55 -37.07
CA ASN A 1147 -34.54 26.08 -35.79
C ASN A 1147 -34.93 27.54 -35.60
N PHE A 1148 -35.84 28.07 -36.42
CA PHE A 1148 -36.33 29.43 -36.24
C PHE A 1148 -37.55 29.62 -37.13
N TYR A 1149 -38.54 30.35 -36.62
CA TYR A 1149 -39.76 30.61 -37.37
C TYR A 1149 -39.47 31.69 -38.41
N GLU A 1150 -39.10 31.25 -39.61
CA GLU A 1150 -38.89 32.15 -40.74
C GLU A 1150 -39.70 31.59 -41.90
N PRO A 1151 -41.01 31.85 -41.92
CA PRO A 1151 -41.85 31.29 -43.00
C PRO A 1151 -41.44 31.83 -44.35
N GLN A 1152 -41.59 30.99 -45.37
CA GLN A 1152 -41.40 31.40 -46.75
C GLN A 1152 -42.45 30.74 -47.62
N ILE A 1153 -42.71 31.36 -48.78
CA ILE A 1153 -43.55 30.72 -49.78
C ILE A 1153 -42.86 29.44 -50.25
N ILE A 1154 -43.66 28.42 -50.53
CA ILE A 1154 -43.16 27.15 -51.02
C ILE A 1154 -43.26 27.16 -52.54
N THR A 1155 -42.14 26.91 -53.20
CA THR A 1155 -42.04 26.96 -54.65
C THR A 1155 -41.13 25.85 -55.13
N THR A 1156 -40.88 25.83 -56.44
CA THR A 1156 -39.99 24.80 -56.99
C THR A 1156 -38.63 24.84 -56.33
N ASP A 1157 -38.02 26.02 -56.28
CA ASP A 1157 -36.68 26.14 -55.69
C ASP A 1157 -36.68 25.75 -54.21
N ASN A 1158 -37.83 25.82 -53.55
CA ASN A 1158 -37.88 25.44 -52.13
C ASN A 1158 -37.89 23.93 -51.94
N THR A 1159 -38.49 23.18 -52.86
CA THR A 1159 -38.77 21.77 -52.67
C THR A 1159 -38.25 20.95 -53.84
N PHE A 1160 -38.36 19.63 -53.69
CA PHE A 1160 -38.01 18.70 -54.75
C PHE A 1160 -39.07 17.62 -54.84
N VAL A 1161 -39.25 17.08 -56.04
CA VAL A 1161 -40.33 16.15 -56.34
C VAL A 1161 -39.78 14.73 -56.34
N SER A 1162 -40.60 13.80 -55.85
CA SER A 1162 -40.21 12.38 -55.83
C SER A 1162 -41.49 11.55 -55.82
N GLY A 1163 -41.85 11.01 -56.97
CA GLY A 1163 -42.97 10.08 -57.07
C GLY A 1163 -44.32 10.77 -57.20
N ASN A 1164 -45.34 9.94 -57.37
CA ASN A 1164 -46.71 10.41 -57.51
C ASN A 1164 -47.33 10.54 -56.10
N CYS A 1165 -48.64 10.82 -56.05
CA CYS A 1165 -49.31 11.19 -54.81
C CYS A 1165 -50.12 10.04 -54.21
N ASP A 1166 -49.77 8.78 -54.51
CA ASP A 1166 -50.57 7.64 -54.10
C ASP A 1166 -49.83 6.70 -53.15
N VAL A 1167 -48.78 7.19 -52.47
CA VAL A 1167 -47.99 6.34 -51.58
C VAL A 1167 -47.97 6.93 -50.18
N VAL A 1168 -47.45 8.15 -50.05
CA VAL A 1168 -47.26 8.74 -48.74
C VAL A 1168 -48.59 8.85 -47.99
N ILE A 1169 -48.49 8.95 -46.66
CA ILE A 1169 -49.64 9.00 -45.77
C ILE A 1169 -49.72 10.39 -45.17
N GLY A 1170 -50.92 10.96 -45.17
CA GLY A 1170 -51.14 12.26 -44.58
C GLY A 1170 -50.72 13.44 -45.43
N ILE A 1171 -50.22 13.19 -46.64
CA ILE A 1171 -49.85 14.29 -47.51
C ILE A 1171 -51.05 15.22 -47.75
N VAL A 1172 -50.74 16.49 -48.01
CA VAL A 1172 -51.77 17.49 -48.29
C VAL A 1172 -51.48 18.24 -49.58
N ASN A 1173 -52.16 19.36 -49.79
CA ASN A 1173 -52.85 19.56 -51.05
C ASN A 1173 -52.94 21.05 -51.32
N ASN A 1174 -52.06 21.55 -52.18
CA ASN A 1174 -51.79 22.97 -52.24
C ASN A 1174 -51.11 23.26 -53.57
N THR A 1175 -51.23 24.51 -54.03
CA THR A 1175 -50.51 24.88 -55.24
C THR A 1175 -49.06 25.18 -54.94
N VAL A 1176 -48.17 24.64 -55.78
CA VAL A 1176 -46.75 24.95 -55.73
C VAL A 1176 -46.46 25.92 -56.87
N TYR A 1177 -46.02 27.12 -56.51
CA TYR A 1177 -45.74 28.16 -57.48
C TYR A 1177 -44.33 28.01 -58.05
N ASP A 1178 -44.16 28.43 -59.30
CA ASP A 1178 -42.87 28.36 -59.98
C ASP A 1178 -42.32 29.75 -60.19
N PRO A 1179 -41.10 30.06 -59.74
CA PRO A 1179 -40.58 31.42 -59.94
C PRO A 1179 -40.49 31.82 -61.41
N LEU A 1180 -40.16 30.87 -62.28
CA LEU A 1180 -40.01 31.17 -63.70
C LEU A 1180 -41.36 31.46 -64.36
N GLN A 1181 -42.41 30.76 -63.92
CA GLN A 1181 -43.69 30.80 -64.62
C GLN A 1181 -44.26 32.20 -64.75
N PRO A 1182 -44.30 33.04 -63.71
CA PRO A 1182 -44.90 34.37 -63.89
C PRO A 1182 -44.12 35.24 -64.86
N GLU A 1183 -42.80 35.20 -64.81
CA GLU A 1183 -42.00 35.97 -65.75
C GLU A 1183 -42.28 35.51 -67.17
N LEU A 1184 -42.32 34.20 -67.38
CA LEU A 1184 -42.57 33.70 -68.74
C LEU A 1184 -43.99 34.00 -69.19
N ASP A 1185 -44.96 33.98 -68.28
CA ASP A 1185 -46.33 34.32 -68.65
C ASP A 1185 -46.44 35.80 -69.03
N SER A 1186 -45.78 36.68 -68.27
CA SER A 1186 -45.77 38.09 -68.63
C SER A 1186 -45.12 38.29 -69.99
N PHE A 1187 -44.00 37.60 -70.24
CA PHE A 1187 -43.34 37.68 -71.53
C PHE A 1187 -44.29 37.24 -72.65
N LYS A 1188 -44.96 36.11 -72.46
CA LYS A 1188 -45.88 35.60 -73.46
C LYS A 1188 -47.00 36.59 -73.73
N GLU A 1189 -47.59 37.13 -72.67
CA GLU A 1189 -48.72 38.03 -72.83
C GLU A 1189 -48.30 39.31 -73.54
N GLU A 1190 -47.16 39.88 -73.17
CA GLU A 1190 -46.72 41.11 -73.83
C GLU A 1190 -46.35 40.85 -75.29
N LEU A 1191 -45.71 39.72 -75.57
CA LEU A 1191 -45.40 39.38 -76.96
C LEU A 1191 -46.67 39.24 -77.78
N ASP A 1192 -47.67 38.55 -77.25
CA ASP A 1192 -48.93 38.38 -77.97
C ASP A 1192 -49.61 39.74 -78.16
N LYS A 1193 -49.59 40.59 -77.14
CA LYS A 1193 -50.19 41.91 -77.26
C LYS A 1193 -49.55 42.70 -78.39
N TYR A 1194 -48.21 42.70 -78.44
CA TYR A 1194 -47.53 43.41 -79.52
C TYR A 1194 -47.87 42.81 -80.88
N PHE A 1195 -47.85 41.48 -80.97
CA PHE A 1195 -48.18 40.82 -82.24
C PHE A 1195 -49.57 41.21 -82.71
N LYS A 1196 -50.53 41.30 -81.78
CA LYS A 1196 -51.91 41.60 -82.15
C LYS A 1196 -52.10 43.07 -82.49
N ASN A 1197 -51.39 43.97 -81.81
CA ASN A 1197 -51.65 45.39 -81.99
C ASN A 1197 -50.80 46.02 -83.10
N HIS A 1198 -49.48 45.87 -83.04
CA HIS A 1198 -48.63 46.60 -83.98
C HIS A 1198 -48.89 46.15 -85.42
N THR A 1199 -49.01 44.84 -85.63
CA THR A 1199 -49.24 44.29 -86.97
C THR A 1199 -50.30 43.19 -86.83
N SER A 1200 -51.56 43.58 -86.98
CA SER A 1200 -52.64 42.62 -86.88
C SER A 1200 -52.52 41.58 -87.99
N PRO A 1201 -52.84 40.31 -87.74
CA PRO A 1201 -52.72 39.30 -88.78
C PRO A 1201 -53.80 39.42 -89.85
N ALA B 66 -8.02 -60.49 -2.82
CA ALA B 66 -8.39 -59.73 -4.01
C ALA B 66 -8.13 -58.25 -3.80
N TYR B 67 -7.38 -57.65 -4.72
CA TYR B 67 -7.02 -56.23 -4.64
C TYR B 67 -8.17 -55.40 -5.23
N THR B 68 -9.28 -55.39 -4.50
CA THR B 68 -10.48 -54.74 -5.01
C THR B 68 -10.26 -53.24 -5.03
N ASN B 69 -11.25 -52.49 -5.53
CA ASN B 69 -11.19 -51.04 -5.49
C ASN B 69 -12.52 -50.50 -4.99
N SER B 70 -12.46 -49.60 -4.01
CA SER B 70 -13.64 -48.93 -3.53
C SER B 70 -14.22 -48.06 -4.65
N PHE B 71 -15.40 -47.51 -4.40
CA PHE B 71 -15.99 -46.53 -5.32
C PHE B 71 -16.25 -45.19 -4.65
N THR B 72 -17.01 -45.17 -3.55
CA THR B 72 -17.28 -43.92 -2.85
C THR B 72 -17.35 -44.07 -1.33
N ARG B 73 -16.95 -45.20 -0.78
CA ARG B 73 -17.11 -45.46 0.64
C ARG B 73 -15.90 -44.96 1.42
N GLY B 74 -16.06 -44.89 2.74
CA GLY B 74 -15.03 -44.37 3.62
C GLY B 74 -15.17 -42.91 3.95
N VAL B 75 -16.36 -42.35 3.86
CA VAL B 75 -16.61 -40.93 4.13
C VAL B 75 -17.38 -40.83 5.44
N TYR B 76 -16.78 -40.19 6.43
CA TYR B 76 -17.36 -40.04 7.76
C TYR B 76 -17.45 -38.56 8.10
N TYR B 77 -18.47 -38.22 8.90
CA TYR B 77 -18.62 -36.84 9.33
C TYR B 77 -17.43 -36.45 10.17
N PRO B 78 -16.68 -35.40 9.81
CA PRO B 78 -15.47 -35.06 10.57
C PRO B 78 -15.77 -34.29 11.84
N ASP B 79 -16.80 -33.44 11.78
CA ASP B 79 -17.07 -32.49 12.85
C ASP B 79 -18.52 -32.56 13.30
N LYS B 80 -18.92 -31.65 14.19
CA LYS B 80 -20.31 -31.48 14.59
C LYS B 80 -20.93 -30.23 13.99
N VAL B 81 -20.25 -29.60 13.04
CA VAL B 81 -20.76 -28.36 12.45
C VAL B 81 -21.98 -28.67 11.60
N PHE B 82 -23.06 -27.90 11.82
CA PHE B 82 -24.26 -28.03 11.02
C PHE B 82 -24.18 -27.03 9.88
N ARG B 83 -23.92 -27.51 8.67
CA ARG B 83 -23.82 -26.68 7.48
C ARG B 83 -24.99 -26.99 6.56
N SER B 84 -25.74 -25.97 6.18
CA SER B 84 -26.94 -26.13 5.35
C SER B 84 -26.60 -25.70 3.93
N SER B 85 -26.59 -26.67 3.01
CA SER B 85 -26.36 -26.39 1.59
C SER B 85 -25.04 -25.66 1.38
N VAL B 86 -24.02 -26.07 2.13
CA VAL B 86 -22.70 -25.46 2.08
C VAL B 86 -21.71 -26.50 1.56
N LEU B 87 -20.93 -26.12 0.55
CA LEU B 87 -19.89 -26.98 0.00
C LEU B 87 -18.58 -26.65 0.71
N HIS B 88 -18.14 -27.52 1.61
CA HIS B 88 -17.01 -27.24 2.47
C HIS B 88 -15.85 -28.17 2.14
N SER B 89 -14.64 -27.62 2.13
CA SER B 89 -13.43 -28.38 1.86
C SER B 89 -12.76 -28.74 3.18
N THR B 90 -12.20 -29.95 3.24
CA THR B 90 -11.55 -30.43 4.45
C THR B 90 -10.34 -31.27 4.06
N GLN B 91 -9.19 -30.94 4.65
CA GLN B 91 -7.95 -31.69 4.45
C GLN B 91 -7.74 -32.57 5.67
N ASP B 92 -7.90 -33.87 5.50
CA ASP B 92 -7.79 -34.78 6.64
C ASP B 92 -7.53 -36.19 6.13
N LEU B 93 -7.32 -37.09 7.08
CA LEU B 93 -7.19 -38.52 6.80
C LEU B 93 -8.47 -39.04 6.14
N PHE B 94 -8.35 -39.46 4.87
CA PHE B 94 -9.48 -39.94 4.08
C PHE B 94 -9.06 -41.17 3.29
N LEU B 95 -10.01 -42.07 3.08
CA LEU B 95 -9.75 -43.22 2.22
C LEU B 95 -9.89 -42.78 0.76
N PRO B 96 -8.84 -42.88 -0.05
CA PRO B 96 -8.92 -42.31 -1.40
C PRO B 96 -10.02 -42.96 -2.22
N PHE B 97 -10.67 -42.16 -3.06
CA PHE B 97 -11.68 -42.68 -3.96
C PHE B 97 -11.05 -43.72 -4.88
N PHE B 98 -11.71 -44.85 -5.03
CA PHE B 98 -11.25 -45.96 -5.85
C PHE B 98 -9.90 -46.50 -5.39
N SER B 99 -9.46 -46.14 -4.19
CA SER B 99 -8.23 -46.70 -3.66
C SER B 99 -8.33 -48.21 -3.62
N ASN B 100 -7.27 -48.88 -4.05
CA ASN B 100 -7.26 -50.33 -4.02
C ASN B 100 -7.23 -50.80 -2.56
N VAL B 101 -8.13 -51.73 -2.24
CA VAL B 101 -8.38 -52.17 -0.88
C VAL B 101 -8.25 -53.69 -0.82
N THR B 102 -7.85 -54.18 0.36
CA THR B 102 -7.58 -55.59 0.53
C THR B 102 -8.87 -56.33 0.88
N TRP B 103 -9.15 -57.38 0.13
CA TRP B 103 -10.32 -58.23 0.35
C TRP B 103 -9.92 -59.44 1.17
N PHE B 104 -10.79 -59.85 2.10
CA PHE B 104 -10.53 -60.99 2.96
C PHE B 104 -11.78 -61.84 3.03
N HIS B 105 -11.62 -63.14 2.83
CA HIS B 105 -12.70 -64.11 2.96
C HIS B 105 -12.43 -64.92 4.21
N ALA B 106 -13.27 -64.77 5.22
CA ALA B 106 -13.12 -65.50 6.48
C ALA B 106 -13.38 -66.98 6.20
N ILE B 107 -12.30 -67.76 6.15
CA ILE B 107 -12.39 -69.20 5.90
C ILE B 107 -12.57 -69.91 7.23
N HIS B 108 -13.62 -70.73 7.32
CA HIS B 108 -13.91 -71.46 8.54
C HIS B 108 -13.16 -72.79 8.58
N LYS B 116 -9.08 -75.53 9.22
CA LYS B 116 -7.65 -75.39 9.01
C LYS B 116 -7.29 -74.00 8.53
N ARG B 117 -7.92 -73.58 7.43
CA ARG B 117 -7.69 -72.26 6.87
C ARG B 117 -8.51 -71.23 7.64
N PHE B 118 -7.84 -70.23 8.21
CA PHE B 118 -8.51 -69.20 8.99
C PHE B 118 -7.89 -67.85 8.63
N ASP B 119 -8.72 -66.95 8.10
CA ASP B 119 -8.26 -65.62 7.71
C ASP B 119 -8.41 -64.68 8.91
N ASN B 120 -7.47 -64.81 9.84
CA ASN B 120 -7.43 -63.99 11.05
C ASN B 120 -6.02 -63.45 11.23
N PRO B 121 -5.59 -62.54 10.36
CA PRO B 121 -4.23 -61.99 10.48
C PRO B 121 -4.19 -60.69 11.27
N VAL B 122 -3.03 -60.45 11.88
CA VAL B 122 -2.76 -59.21 12.58
C VAL B 122 -2.20 -58.23 11.55
N LEU B 123 -2.96 -57.18 11.24
CA LEU B 123 -2.56 -56.25 10.20
C LEU B 123 -2.14 -54.91 10.79
N PRO B 124 -1.28 -54.17 10.10
CA PRO B 124 -0.83 -52.89 10.64
C PRO B 124 -1.97 -51.89 10.76
N PHE B 125 -1.97 -51.14 11.87
CA PHE B 125 -2.88 -50.02 12.05
C PHE B 125 -2.17 -48.74 11.63
N ASN B 126 -2.00 -48.60 10.32
CA ASN B 126 -1.22 -47.50 9.75
C ASN B 126 -2.02 -46.20 9.84
N ASP B 127 -2.25 -45.76 11.07
CA ASP B 127 -2.82 -44.45 11.35
C ASP B 127 -4.15 -44.25 10.61
N GLY B 128 -5.13 -45.05 10.99
CA GLY B 128 -6.46 -44.95 10.41
C GLY B 128 -6.83 -46.17 9.61
N VAL B 129 -7.81 -46.95 10.09
CA VAL B 129 -8.18 -48.20 9.47
C VAL B 129 -9.66 -48.15 9.10
N TYR B 130 -9.96 -48.48 7.84
CA TYR B 130 -11.32 -48.58 7.34
C TYR B 130 -11.67 -50.05 7.20
N PHE B 131 -12.60 -50.53 8.02
CA PHE B 131 -13.12 -51.88 7.94
C PHE B 131 -14.49 -51.85 7.28
N ALA B 132 -14.81 -52.87 6.49
CA ALA B 132 -16.13 -52.98 5.90
C ALA B 132 -16.53 -54.45 5.83
N SER B 133 -17.82 -54.70 6.03
CA SER B 133 -18.33 -56.06 5.93
C SER B 133 -19.86 -56.04 5.94
N THR B 134 -20.44 -57.05 5.29
CA THR B 134 -21.88 -57.26 5.29
C THR B 134 -22.29 -58.46 6.13
N GLU B 135 -21.38 -59.01 6.93
CA GLU B 135 -21.66 -60.24 7.64
C GLU B 135 -22.88 -60.09 8.54
N LYS B 136 -23.39 -61.23 9.00
CA LYS B 136 -24.57 -61.28 9.84
C LYS B 136 -24.32 -62.24 10.99
N SER B 137 -25.12 -62.09 12.05
CA SER B 137 -25.01 -62.88 13.27
C SER B 137 -23.78 -62.50 14.09
N ASN B 138 -23.15 -61.37 13.78
CA ASN B 138 -21.97 -60.91 14.52
C ASN B 138 -20.87 -61.97 14.53
N ILE B 139 -20.56 -62.49 13.33
CA ILE B 139 -19.50 -63.49 13.21
C ILE B 139 -18.18 -62.91 13.70
N ILE B 140 -17.88 -61.68 13.32
CA ILE B 140 -16.69 -60.97 13.79
C ILE B 140 -17.13 -60.11 14.97
N ARG B 141 -16.79 -60.58 16.18
CA ARG B 141 -17.35 -59.96 17.38
C ARG B 141 -16.71 -58.62 17.70
N GLY B 142 -15.39 -58.51 17.56
CA GLY B 142 -14.74 -57.29 17.95
C GLY B 142 -13.33 -57.18 17.40
N TRP B 143 -12.58 -56.24 17.97
CA TRP B 143 -11.25 -55.90 17.50
C TRP B 143 -10.26 -55.95 18.66
N ILE B 144 -9.00 -56.21 18.32
CA ILE B 144 -7.88 -56.12 19.25
C ILE B 144 -6.96 -55.05 18.72
N PHE B 145 -6.66 -54.04 19.54
CA PHE B 145 -5.78 -52.95 19.13
C PHE B 145 -4.61 -52.87 20.10
N GLY B 146 -3.40 -52.74 19.56
CA GLY B 146 -2.26 -52.56 20.45
C GLY B 146 -0.96 -52.51 19.68
N THR B 147 0.08 -52.09 20.39
CA THR B 147 1.42 -52.04 19.86
C THR B 147 2.27 -53.24 20.26
N THR B 148 1.88 -53.96 21.30
CA THR B 148 2.53 -55.20 21.71
C THR B 148 1.60 -56.40 21.67
N LEU B 149 0.36 -56.24 22.14
CA LEU B 149 -0.62 -57.32 22.15
C LEU B 149 -0.14 -58.51 22.97
N ASP B 150 0.70 -58.25 23.98
CA ASP B 150 1.23 -59.32 24.83
C ASP B 150 1.31 -58.88 26.29
N SER B 151 0.43 -57.98 26.71
CA SER B 151 0.34 -57.47 28.08
C SER B 151 1.50 -56.56 28.45
N LYS B 152 2.50 -56.38 27.57
CA LYS B 152 3.57 -55.44 27.86
C LYS B 152 3.05 -54.01 27.83
N THR B 153 2.22 -53.69 26.84
CA THR B 153 1.59 -52.39 26.72
C THR B 153 0.07 -52.57 26.73
N GLN B 154 -0.62 -51.64 27.37
CA GLN B 154 -2.07 -51.74 27.46
C GLN B 154 -2.68 -51.87 26.07
N SER B 155 -3.53 -52.86 25.90
CA SER B 155 -4.19 -53.16 24.63
C SER B 155 -5.69 -53.02 24.80
N LEU B 156 -6.36 -52.71 23.69
CA LEU B 156 -7.80 -52.44 23.68
C LEU B 156 -8.53 -53.65 23.15
N LEU B 157 -9.47 -54.16 23.96
CA LEU B 157 -10.40 -55.21 23.57
C LEU B 157 -11.77 -54.56 23.34
N ILE B 158 -12.37 -54.87 22.18
CA ILE B 158 -13.60 -54.24 21.74
C ILE B 158 -14.63 -55.31 21.39
N VAL B 159 -14.53 -56.47 22.04
CA VAL B 159 -15.50 -57.53 21.78
C VAL B 159 -16.89 -57.03 22.14
N ASN B 160 -17.82 -57.17 21.19
CA ASN B 160 -19.16 -56.61 21.32
C ASN B 160 -20.19 -57.64 20.92
N ASN B 161 -21.39 -57.50 21.49
CA ASN B 161 -22.53 -58.33 21.14
C ASN B 161 -23.78 -57.44 21.17
N ALA B 162 -24.95 -58.07 21.19
CA ALA B 162 -26.20 -57.35 20.97
C ALA B 162 -26.37 -56.21 21.98
N THR B 163 -26.13 -56.48 23.26
CA THR B 163 -26.49 -55.51 24.29
C THR B 163 -25.50 -54.36 24.35
N ASN B 164 -24.23 -54.65 24.68
CA ASN B 164 -23.25 -53.58 24.88
C ASN B 164 -21.85 -54.15 24.72
N VAL B 165 -20.89 -53.24 24.64
CA VAL B 165 -19.48 -53.60 24.52
C VAL B 165 -18.88 -53.73 25.92
N VAL B 166 -17.71 -54.36 25.98
CA VAL B 166 -16.98 -54.56 27.22
C VAL B 166 -15.62 -53.91 27.08
N ILE B 167 -15.58 -52.76 26.40
CA ILE B 167 -14.34 -52.08 26.05
C ILE B 167 -13.36 -52.18 27.21
N LYS B 168 -12.13 -52.64 26.91
CA LYS B 168 -11.17 -52.98 27.96
C LYS B 168 -9.78 -52.55 27.51
N VAL B 169 -9.28 -51.44 28.04
CA VAL B 169 -7.94 -50.96 27.76
C VAL B 169 -7.07 -51.43 28.93
N CYS B 170 -6.36 -52.53 28.74
CA CYS B 170 -5.66 -53.19 29.83
C CYS B 170 -4.44 -53.90 29.27
N GLU B 171 -3.40 -54.00 30.10
CA GLU B 171 -2.21 -54.75 29.70
C GLU B 171 -2.54 -56.23 29.71
N PHE B 172 -3.40 -56.64 28.78
CA PHE B 172 -3.90 -58.01 28.74
C PHE B 172 -2.91 -58.91 28.02
N GLN B 173 -2.81 -60.15 28.50
CA GLN B 173 -1.96 -61.17 27.88
C GLN B 173 -2.86 -62.04 27.01
N PHE B 174 -2.77 -61.86 25.69
CA PHE B 174 -3.66 -62.49 24.75
C PHE B 174 -3.19 -63.91 24.43
N CYS B 175 -4.10 -64.69 23.86
CA CYS B 175 -3.80 -66.05 23.40
C CYS B 175 -3.64 -66.08 21.89
N ASN B 176 -3.27 -67.26 21.38
CA ASN B 176 -3.17 -67.44 19.94
C ASN B 176 -4.52 -67.29 19.26
N ASP B 177 -5.59 -67.76 19.92
CA ASP B 177 -6.95 -67.67 19.41
C ASP B 177 -7.84 -67.06 20.49
N PRO B 178 -7.68 -65.76 20.77
CA PRO B 178 -8.41 -65.12 21.88
C PRO B 178 -9.81 -64.63 21.50
N PHE B 179 -10.74 -65.57 21.44
CA PHE B 179 -12.13 -65.21 21.16
C PHE B 179 -13.05 -66.32 21.66
N LEU B 180 -14.33 -65.98 21.77
CA LEU B 180 -15.30 -66.94 22.30
C LEU B 180 -15.37 -68.20 21.44
N GLY B 181 -15.40 -68.02 20.13
CA GLY B 181 -15.39 -69.15 19.21
C GLY B 181 -16.63 -70.01 19.28
N VAL B 182 -17.76 -69.46 18.87
CA VAL B 182 -19.00 -70.22 18.75
C VAL B 182 -19.02 -70.82 17.34
N TYR B 183 -18.59 -72.08 17.24
CA TYR B 183 -18.47 -72.75 15.94
C TYR B 183 -19.75 -73.55 15.70
N TYR B 184 -20.80 -72.84 15.32
CA TYR B 184 -22.08 -73.48 15.03
C TYR B 184 -22.17 -73.82 13.55
N HIS B 185 -22.99 -74.81 13.24
CA HIS B 185 -23.18 -75.31 11.87
C HIS B 185 -21.86 -75.76 11.25
N LYS B 186 -20.84 -76.00 12.07
CA LYS B 186 -19.50 -76.32 11.59
C LYS B 186 -19.12 -77.77 11.85
N ASN B 187 -19.15 -78.23 13.10
CA ASN B 187 -18.68 -79.58 13.37
C ASN B 187 -19.77 -80.61 13.06
N ASN B 188 -20.85 -80.64 13.87
CA ASN B 188 -22.06 -81.32 13.42
C ASN B 188 -23.34 -80.66 13.94
N LYS B 189 -23.29 -79.36 14.25
CA LYS B 189 -24.46 -78.48 14.16
C LYS B 189 -25.62 -78.95 15.05
N SER B 190 -25.44 -78.84 16.36
CA SER B 190 -26.59 -78.84 17.27
C SER B 190 -26.74 -77.48 17.95
N TRP B 191 -25.87 -77.15 18.91
CA TRP B 191 -25.57 -75.78 19.32
C TRP B 191 -24.62 -75.83 20.51
N MET B 192 -23.70 -74.87 20.63
CA MET B 192 -22.96 -74.65 21.87
C MET B 192 -22.01 -73.48 21.74
N GLU B 193 -21.34 -73.15 22.84
CA GLU B 193 -20.22 -72.21 22.84
C GLU B 193 -18.95 -73.00 23.08
N SER B 194 -18.00 -72.92 22.14
CA SER B 194 -16.83 -73.79 22.19
C SER B 194 -15.90 -73.41 23.33
N GLU B 195 -15.36 -72.19 23.29
CA GLU B 195 -14.36 -71.75 24.25
C GLU B 195 -14.73 -70.39 24.82
N PHE B 196 -13.89 -69.91 25.73
CA PHE B 196 -14.02 -68.57 26.31
C PHE B 196 -12.66 -67.89 26.34
N ARG B 197 -11.89 -68.03 25.26
CA ARG B 197 -10.59 -67.40 25.18
C ARG B 197 -10.68 -65.88 25.08
N VAL B 198 -11.88 -65.31 25.12
CA VAL B 198 -12.01 -63.86 25.16
C VAL B 198 -11.22 -63.28 26.32
N TYR B 199 -11.15 -64.00 27.44
CA TYR B 199 -10.33 -63.62 28.59
C TYR B 199 -9.18 -64.61 28.66
N SER B 200 -8.12 -64.32 27.92
CA SER B 200 -6.96 -65.21 27.90
C SER B 200 -6.16 -65.12 29.20
N SER B 201 -5.61 -63.94 29.48
CA SER B 201 -4.79 -63.72 30.66
C SER B 201 -4.41 -62.25 30.69
N ALA B 202 -4.04 -61.76 31.87
CA ALA B 202 -3.84 -60.32 32.08
C ALA B 202 -2.69 -60.09 33.04
N ASN B 203 -1.72 -59.29 32.60
CA ASN B 203 -0.66 -58.82 33.50
C ASN B 203 -1.20 -57.85 34.55
N ASN B 204 -2.00 -56.87 34.12
CA ASN B 204 -2.72 -55.99 35.05
C ASN B 204 -4.03 -55.74 34.30
N CYS B 205 -4.71 -54.68 34.70
CA CYS B 205 -5.43 -53.81 33.80
C CYS B 205 -5.14 -52.34 34.13
N THR B 206 -5.59 -51.44 33.26
CA THR B 206 -5.59 -50.02 33.60
C THR B 206 -6.96 -49.37 33.50
N PHE B 207 -7.86 -49.86 32.66
CA PHE B 207 -9.20 -49.31 32.63
C PHE B 207 -10.10 -50.20 31.78
N GLU B 208 -11.39 -50.17 32.07
CA GLU B 208 -12.38 -50.90 31.31
C GLU B 208 -13.64 -50.06 31.22
N TYR B 209 -14.29 -50.11 30.05
CA TYR B 209 -15.53 -49.39 29.83
C TYR B 209 -16.57 -50.34 29.26
N VAL B 210 -17.80 -50.22 29.75
CA VAL B 210 -18.94 -50.98 29.25
C VAL B 210 -19.96 -49.97 28.76
N SER B 211 -20.35 -50.09 27.49
CA SER B 211 -21.26 -49.14 26.88
C SER B 211 -22.71 -49.47 27.24
N GLN B 212 -23.62 -48.63 26.76
CA GLN B 212 -25.03 -48.79 27.07
C GLN B 212 -25.55 -50.10 26.48
N PRO B 213 -26.51 -50.76 27.15
CA PRO B 213 -27.06 -52.01 26.61
C PRO B 213 -27.90 -51.77 25.38
N PHE B 214 -27.26 -51.31 24.32
CA PHE B 214 -27.95 -50.98 23.08
C PHE B 214 -28.41 -52.26 22.38
N LEU B 215 -29.04 -52.08 21.22
CA LEU B 215 -29.41 -53.20 20.36
C LEU B 215 -29.34 -52.70 18.92
N MET B 216 -28.19 -52.92 18.30
CA MET B 216 -27.98 -52.49 16.92
C MET B 216 -28.32 -53.62 15.96
N ASP B 217 -28.60 -53.24 14.71
CA ASP B 217 -28.95 -54.22 13.68
C ASP B 217 -27.70 -54.92 13.16
N LEU B 218 -27.02 -55.60 14.10
CA LEU B 218 -25.83 -56.36 13.81
C LEU B 218 -26.03 -57.86 13.96
N GLU B 219 -27.22 -58.29 14.38
CA GLU B 219 -27.49 -59.70 14.60
C GLU B 219 -27.73 -60.39 13.26
N GLY B 220 -28.14 -61.65 13.30
CA GLY B 220 -28.34 -62.43 12.09
C GLY B 220 -29.74 -62.31 11.52
N LYS B 221 -29.92 -61.42 10.54
CA LYS B 221 -31.16 -61.31 9.77
C LYS B 221 -30.74 -60.96 8.34
N GLN B 222 -30.60 -61.98 7.50
CA GLN B 222 -30.01 -61.78 6.18
C GLN B 222 -30.97 -61.04 5.24
N GLY B 223 -32.11 -61.66 4.95
CA GLY B 223 -33.01 -61.12 3.95
C GLY B 223 -32.25 -60.74 2.70
N ASN B 224 -32.20 -59.44 2.40
CA ASN B 224 -31.25 -58.89 1.45
C ASN B 224 -30.22 -58.08 2.24
N PHE B 225 -28.95 -58.32 1.97
CA PHE B 225 -27.90 -57.77 2.82
C PHE B 225 -28.02 -56.25 2.92
N LYS B 226 -28.36 -55.78 4.12
CA LYS B 226 -28.50 -54.35 4.39
C LYS B 226 -27.65 -53.90 5.56
N ASN B 227 -26.97 -54.81 6.25
CA ASN B 227 -26.13 -54.47 7.40
C ASN B 227 -24.70 -54.24 6.91
N LEU B 228 -24.48 -53.05 6.36
CA LEU B 228 -23.16 -52.62 5.91
C LEU B 228 -22.45 -51.99 7.10
N ARG B 229 -21.63 -52.77 7.78
CA ARG B 229 -20.99 -52.33 9.02
C ARG B 229 -19.61 -51.76 8.72
N GLU B 230 -19.61 -50.67 7.97
CA GLU B 230 -18.39 -49.92 7.75
C GLU B 230 -17.98 -49.22 9.03
N PHE B 231 -16.69 -49.27 9.33
CA PHE B 231 -16.15 -48.70 10.56
C PHE B 231 -14.86 -47.97 10.24
N VAL B 232 -14.75 -46.74 10.76
CA VAL B 232 -13.54 -45.94 10.63
C VAL B 232 -12.92 -45.85 12.02
N PHE B 233 -11.69 -46.32 12.14
CA PHE B 233 -10.94 -46.30 13.39
C PHE B 233 -9.81 -45.30 13.26
N LYS B 234 -9.78 -44.31 14.16
CA LYS B 234 -8.75 -43.29 14.18
C LYS B 234 -8.22 -43.16 15.60
N ASN B 235 -6.94 -42.83 15.72
CA ASN B 235 -6.34 -42.54 17.03
C ASN B 235 -5.40 -41.35 16.84
N ILE B 236 -5.92 -40.15 17.10
CA ILE B 236 -5.20 -38.91 16.88
C ILE B 236 -4.95 -38.26 18.23
N ASP B 237 -3.68 -37.94 18.51
CA ASP B 237 -3.26 -37.31 19.75
C ASP B 237 -4.01 -37.87 20.95
N GLY B 238 -4.03 -39.19 21.04
CA GLY B 238 -4.59 -39.90 22.16
C GLY B 238 -6.09 -40.18 22.08
N TYR B 239 -6.84 -39.31 21.43
CA TYR B 239 -8.27 -39.52 21.27
C TYR B 239 -8.50 -40.55 20.18
N PHE B 240 -9.16 -41.65 20.53
CA PHE B 240 -9.52 -42.69 19.57
C PHE B 240 -10.98 -42.54 19.21
N LYS B 241 -11.27 -42.42 17.92
CA LYS B 241 -12.61 -42.20 17.42
C LYS B 241 -13.03 -43.35 16.52
N ILE B 242 -14.32 -43.70 16.61
CA ILE B 242 -14.94 -44.76 15.82
C ILE B 242 -16.15 -44.17 15.15
N TYR B 243 -16.13 -44.12 13.82
CA TYR B 243 -17.29 -43.75 13.02
C TYR B 243 -17.90 -45.01 12.42
N SER B 244 -19.23 -44.99 12.27
CA SER B 244 -19.94 -46.13 11.72
C SER B 244 -21.27 -45.68 11.15
N LYS B 245 -21.88 -46.56 10.37
CA LYS B 245 -23.17 -46.28 9.74
C LYS B 245 -23.76 -47.57 9.19
N HIS B 246 -25.04 -47.82 9.46
CA HIS B 246 -25.75 -48.96 8.87
C HIS B 246 -26.34 -48.50 7.54
N THR B 247 -25.84 -49.04 6.44
CA THR B 247 -26.31 -48.69 5.11
C THR B 247 -27.07 -49.85 4.50
N PRO B 248 -28.37 -49.72 4.24
CA PRO B 248 -29.09 -50.82 3.58
C PRO B 248 -28.95 -50.77 2.07
N ILE B 249 -28.73 -51.93 1.48
CA ILE B 249 -28.63 -52.12 0.04
C ILE B 249 -29.35 -53.41 -0.34
N ASN B 250 -29.34 -53.72 -1.63
CA ASN B 250 -29.97 -54.93 -2.14
C ASN B 250 -29.03 -55.85 -2.89
N LEU B 251 -28.05 -55.31 -3.61
CA LEU B 251 -27.13 -56.14 -4.38
C LEU B 251 -26.27 -56.97 -3.44
N VAL B 252 -26.43 -58.30 -3.49
CA VAL B 252 -25.65 -59.19 -2.64
C VAL B 252 -24.25 -59.43 -3.18
N ARG B 253 -23.90 -58.84 -4.32
CA ARG B 253 -22.57 -58.98 -4.90
C ARG B 253 -21.61 -58.06 -4.14
N ASP B 254 -20.40 -57.89 -4.66
CA ASP B 254 -19.40 -57.05 -4.01
C ASP B 254 -19.95 -55.65 -3.76
N LEU B 255 -19.20 -54.85 -3.01
CA LEU B 255 -19.64 -53.53 -2.57
C LEU B 255 -20.29 -52.76 -3.72
N PRO B 256 -21.59 -52.49 -3.67
CA PRO B 256 -22.23 -51.71 -4.74
C PRO B 256 -21.89 -50.23 -4.64
N GLN B 257 -22.08 -49.54 -5.76
CA GLN B 257 -21.81 -48.12 -5.82
C GLN B 257 -22.88 -47.34 -5.07
N GLY B 258 -22.46 -46.38 -4.27
CA GLY B 258 -23.40 -45.56 -3.54
C GLY B 258 -22.66 -44.59 -2.63
N PHE B 259 -23.43 -43.67 -2.06
CA PHE B 259 -22.92 -42.66 -1.15
C PHE B 259 -23.66 -42.76 0.18
N SER B 260 -22.90 -42.87 1.27
CA SER B 260 -23.51 -42.96 2.60
C SER B 260 -22.47 -42.54 3.62
N ALA B 261 -22.70 -41.41 4.28
CA ALA B 261 -21.74 -40.91 5.26
C ALA B 261 -21.73 -41.79 6.51
N LEU B 262 -20.56 -41.89 7.13
CA LEU B 262 -20.37 -42.68 8.34
C LEU B 262 -20.30 -41.74 9.53
N GLU B 263 -21.35 -41.74 10.35
CA GLU B 263 -21.40 -40.83 11.48
C GLU B 263 -20.47 -41.31 12.59
N PRO B 264 -19.96 -40.39 13.41
CA PRO B 264 -19.18 -40.82 14.58
C PRO B 264 -20.04 -41.69 15.48
N LEU B 265 -19.44 -42.75 16.01
CA LEU B 265 -20.14 -43.67 16.89
C LEU B 265 -19.64 -43.60 18.33
N VAL B 266 -18.33 -43.55 18.54
CA VAL B 266 -17.79 -43.51 19.90
C VAL B 266 -16.45 -42.80 19.90
N ASP B 267 -16.30 -41.83 20.79
CA ASP B 267 -15.02 -41.18 21.05
C ASP B 267 -14.49 -41.64 22.40
N LEU B 268 -13.16 -41.72 22.51
CA LEU B 268 -12.53 -42.27 23.70
C LEU B 268 -11.19 -41.59 23.95
N PRO B 269 -11.06 -40.78 24.99
CA PRO B 269 -9.75 -40.16 25.29
C PRO B 269 -8.77 -41.14 25.94
N ILE B 270 -8.53 -42.25 25.25
CA ILE B 270 -7.72 -43.32 25.84
C ILE B 270 -6.28 -42.86 26.03
N GLY B 271 -5.68 -42.28 25.01
CA GLY B 271 -4.32 -41.78 25.10
C GLY B 271 -3.23 -42.80 24.81
N ILE B 272 -3.56 -43.90 24.14
CA ILE B 272 -2.58 -44.92 23.81
C ILE B 272 -2.36 -44.93 22.30
N ASN B 273 -1.35 -45.68 21.88
CA ASN B 273 -0.97 -45.79 20.47
C ASN B 273 -1.16 -47.21 19.98
N ILE B 274 -1.69 -47.35 18.77
CA ILE B 274 -1.97 -48.64 18.16
C ILE B 274 -1.10 -48.79 16.92
N THR B 275 -0.27 -49.82 16.90
CA THR B 275 0.53 -50.15 15.72
C THR B 275 0.00 -51.36 14.96
N ARG B 276 -0.62 -52.31 15.67
CA ARG B 276 -1.14 -53.52 15.07
C ARG B 276 -2.56 -53.79 15.57
N PHE B 277 -3.43 -54.18 14.65
CA PHE B 277 -4.82 -54.49 14.96
C PHE B 277 -5.16 -55.87 14.42
N GLN B 278 -5.95 -56.62 15.19
CA GLN B 278 -6.33 -57.98 14.85
C GLN B 278 -7.84 -58.13 14.98
N THR B 279 -8.40 -59.01 14.17
CA THR B 279 -9.83 -59.26 14.21
C THR B 279 -10.16 -60.25 15.33
N LEU B 280 -11.43 -60.29 15.71
CA LEU B 280 -11.94 -61.28 16.67
C LEU B 280 -13.09 -62.02 16.02
N LEU B 281 -12.97 -63.34 15.93
CA LEU B 281 -13.95 -64.17 15.25
C LEU B 281 -14.94 -64.75 16.24
N ALA B 282 -16.01 -65.33 15.71
CA ALA B 282 -17.01 -66.00 16.53
C ALA B 282 -17.10 -67.48 16.14
N SER B 293 -8.50 -75.82 13.66
CA SER B 293 -8.20 -76.83 12.66
C SER B 293 -9.48 -77.52 12.18
N SER B 294 -10.37 -76.74 11.59
CA SER B 294 -11.64 -77.24 11.07
C SER B 294 -11.50 -77.80 9.67
N SER B 295 -10.57 -78.72 9.49
CA SER B 295 -10.35 -79.33 8.19
C SER B 295 -11.57 -80.15 7.77
N GLY B 296 -11.82 -80.17 6.46
CA GLY B 296 -12.95 -80.87 5.91
C GLY B 296 -14.23 -80.06 5.87
N TRP B 297 -14.40 -79.13 6.81
CA TRP B 297 -15.57 -78.27 6.81
C TRP B 297 -15.52 -77.32 5.62
N THR B 298 -16.70 -77.01 5.08
CA THR B 298 -16.79 -76.14 3.92
C THR B 298 -16.11 -74.81 4.19
N ALA B 299 -15.62 -74.17 3.12
CA ALA B 299 -14.97 -72.89 3.26
C ALA B 299 -15.95 -71.85 3.78
N GLY B 300 -15.44 -70.94 4.63
CA GLY B 300 -16.30 -69.93 5.21
C GLY B 300 -16.84 -68.99 4.15
N ALA B 301 -18.07 -68.52 4.39
CA ALA B 301 -18.75 -67.59 3.49
C ALA B 301 -18.93 -66.28 4.24
N ALA B 302 -17.91 -65.43 4.16
CA ALA B 302 -17.95 -64.11 4.78
C ALA B 302 -16.82 -63.25 4.24
N ALA B 303 -17.18 -62.08 3.70
CA ALA B 303 -16.21 -61.19 3.06
C ALA B 303 -16.14 -59.88 3.81
N TYR B 304 -14.92 -59.37 3.98
CA TYR B 304 -14.72 -58.06 4.59
C TYR B 304 -13.49 -57.42 3.97
N TYR B 305 -13.50 -56.09 3.94
CA TYR B 305 -12.47 -55.32 3.27
C TYR B 305 -11.74 -54.43 4.27
N VAL B 306 -10.42 -54.33 4.08
CA VAL B 306 -9.57 -53.45 4.86
C VAL B 306 -8.97 -52.41 3.93
N GLY B 307 -9.08 -51.14 4.33
CA GLY B 307 -8.44 -50.06 3.62
C GLY B 307 -7.75 -49.14 4.60
N TYR B 308 -6.86 -48.30 4.06
CA TYR B 308 -6.05 -47.41 4.87
C TYR B 308 -6.24 -45.99 4.39
N LEU B 309 -6.66 -45.11 5.29
CA LEU B 309 -6.82 -43.71 4.95
C LEU B 309 -5.44 -43.06 4.81
N GLN B 310 -5.43 -41.92 4.11
CA GLN B 310 -4.22 -41.17 3.87
C GLN B 310 -4.58 -39.70 3.89
N PRO B 311 -3.63 -38.81 4.20
CA PRO B 311 -3.98 -37.38 4.24
C PRO B 311 -4.35 -36.84 2.87
N ARG B 312 -5.61 -36.46 2.69
CA ARG B 312 -6.09 -35.97 1.40
C ARG B 312 -7.11 -34.87 1.64
N THR B 313 -7.33 -34.06 0.62
CA THR B 313 -8.29 -32.98 0.65
C THR B 313 -9.57 -33.41 -0.06
N PHE B 314 -10.70 -33.21 0.59
CA PHE B 314 -11.99 -33.62 0.06
C PHE B 314 -12.95 -32.44 0.09
N LEU B 315 -13.64 -32.25 -1.03
CA LEU B 315 -14.75 -31.30 -1.12
C LEU B 315 -16.03 -32.04 -0.78
N LEU B 316 -16.63 -31.71 0.36
CA LEU B 316 -17.82 -32.38 0.87
C LEU B 316 -19.03 -31.46 0.68
N LYS B 317 -20.11 -32.02 0.16
CA LYS B 317 -21.33 -31.28 -0.09
C LYS B 317 -22.31 -31.54 1.05
N TYR B 318 -22.52 -30.53 1.88
CA TYR B 318 -23.51 -30.60 2.96
C TYR B 318 -24.86 -30.18 2.39
N ASN B 319 -25.82 -31.10 2.42
CA ASN B 319 -27.15 -30.79 1.95
C ASN B 319 -27.77 -29.70 2.82
N GLU B 320 -28.97 -29.27 2.41
CA GLU B 320 -29.73 -28.33 3.22
C GLU B 320 -29.77 -28.76 4.68
N ASN B 321 -29.96 -30.05 4.93
CA ASN B 321 -30.08 -30.57 6.28
C ASN B 321 -28.75 -31.09 6.82
N GLY B 322 -27.63 -30.57 6.35
CA GLY B 322 -26.35 -30.88 6.96
C GLY B 322 -25.95 -32.34 6.93
N THR B 323 -26.54 -33.14 6.05
CA THR B 323 -26.09 -34.51 5.83
C THR B 323 -25.28 -34.55 4.54
N ILE B 324 -24.05 -35.06 4.62
CA ILE B 324 -23.18 -35.10 3.46
C ILE B 324 -23.80 -36.00 2.41
N THR B 325 -23.97 -35.45 1.20
CA THR B 325 -24.59 -36.17 0.10
C THR B 325 -23.62 -36.52 -1.01
N ASP B 326 -22.49 -35.82 -1.13
CA ASP B 326 -21.53 -36.10 -2.17
C ASP B 326 -20.16 -35.61 -1.73
N ALA B 327 -19.12 -36.15 -2.36
CA ALA B 327 -17.75 -35.78 -2.03
C ALA B 327 -16.87 -35.93 -3.26
N VAL B 328 -15.80 -35.15 -3.27
CA VAL B 328 -14.80 -35.17 -4.35
C VAL B 328 -13.42 -35.14 -3.73
N ASP B 329 -12.45 -35.73 -4.43
CA ASP B 329 -11.06 -35.75 -3.99
C ASP B 329 -10.18 -35.17 -5.08
N CYS B 330 -9.42 -34.12 -4.73
CA CYS B 330 -8.56 -33.47 -5.71
C CYS B 330 -7.56 -34.45 -6.31
N ALA B 331 -6.88 -35.20 -5.47
CA ALA B 331 -5.75 -36.02 -5.91
C ALA B 331 -6.18 -37.18 -6.81
N LEU B 332 -7.47 -37.47 -6.92
CA LEU B 332 -7.91 -38.55 -7.79
C LEU B 332 -7.44 -38.32 -9.22
N ASP B 333 -7.90 -37.23 -9.83
CA ASP B 333 -7.63 -36.99 -11.24
C ASP B 333 -7.66 -35.48 -11.47
N PRO B 334 -7.17 -35.03 -12.64
CA PRO B 334 -7.20 -33.59 -12.91
C PRO B 334 -8.60 -33.01 -12.86
N LEU B 335 -9.61 -33.77 -13.28
CA LEU B 335 -10.98 -33.28 -13.25
C LEU B 335 -11.41 -32.97 -11.82
N SER B 336 -11.17 -33.91 -10.90
CA SER B 336 -11.53 -33.66 -9.50
C SER B 336 -10.69 -32.54 -8.92
N GLU B 337 -9.41 -32.46 -9.31
CA GLU B 337 -8.56 -31.38 -8.83
C GLU B 337 -9.14 -30.03 -9.21
N THR B 338 -9.49 -29.85 -10.48
CA THR B 338 -10.07 -28.58 -10.91
C THR B 338 -11.42 -28.35 -10.24
N LYS B 339 -12.21 -29.41 -10.07
CA LYS B 339 -13.49 -29.27 -9.38
C LYS B 339 -13.30 -28.67 -7.99
N CYS B 340 -12.41 -29.27 -7.20
CA CYS B 340 -12.24 -28.80 -5.83
C CYS B 340 -11.60 -27.42 -5.79
N THR B 341 -10.65 -27.15 -6.68
CA THR B 341 -10.06 -25.82 -6.70
C THR B 341 -11.11 -24.76 -7.02
N LEU B 342 -11.99 -25.03 -7.99
CA LEU B 342 -13.06 -24.11 -8.34
C LEU B 342 -14.18 -24.10 -7.31
N LYS B 343 -14.20 -25.07 -6.39
CA LYS B 343 -15.18 -25.09 -5.31
C LYS B 343 -16.60 -25.32 -5.84
N SER B 344 -16.74 -26.24 -6.79
CA SER B 344 -18.05 -26.56 -7.32
C SER B 344 -18.00 -27.94 -7.97
N PHE B 345 -19.18 -28.53 -8.13
CA PHE B 345 -19.32 -29.82 -8.79
C PHE B 345 -19.57 -29.69 -10.29
N THR B 346 -19.67 -28.47 -10.81
CA THR B 346 -19.85 -28.24 -12.24
C THR B 346 -18.75 -27.29 -12.72
N VAL B 347 -18.12 -27.65 -13.84
CA VAL B 347 -17.07 -26.86 -14.44
C VAL B 347 -17.44 -26.60 -15.88
N GLU B 348 -17.36 -25.34 -16.31
CA GLU B 348 -17.71 -24.95 -17.67
C GLU B 348 -16.52 -25.13 -18.59
N LYS B 349 -16.82 -25.26 -19.88
CA LYS B 349 -15.77 -25.42 -20.88
C LYS B 349 -14.78 -24.27 -20.81
N GLY B 350 -13.50 -24.61 -20.75
CA GLY B 350 -12.47 -23.59 -20.71
C GLY B 350 -11.21 -24.11 -20.04
N ILE B 351 -10.32 -23.16 -19.75
CA ILE B 351 -9.04 -23.45 -19.10
C ILE B 351 -9.12 -23.00 -17.65
N TYR B 352 -8.31 -23.64 -16.81
CA TYR B 352 -8.22 -23.25 -15.40
C TYR B 352 -6.79 -23.49 -14.93
N GLN B 353 -6.20 -22.46 -14.33
CA GLN B 353 -4.88 -22.62 -13.75
C GLN B 353 -4.92 -23.64 -12.62
N THR B 354 -3.89 -24.47 -12.54
CA THR B 354 -3.84 -25.50 -11.51
C THR B 354 -2.48 -25.50 -10.82
N SER B 355 -2.24 -26.50 -9.98
CA SER B 355 -0.94 -26.61 -9.32
C SER B 355 0.17 -26.70 -10.35
N ASN B 356 1.26 -25.98 -10.10
CA ASN B 356 2.41 -26.05 -10.97
C ASN B 356 3.04 -27.44 -10.88
N PHE B 357 4.10 -27.66 -11.66
CA PHE B 357 4.84 -28.91 -11.66
C PHE B 357 6.29 -28.64 -11.30
N ARG B 358 6.86 -29.56 -10.52
CA ARG B 358 8.23 -29.50 -10.07
C ARG B 358 8.90 -30.84 -10.31
N VAL B 359 10.21 -30.82 -10.47
CA VAL B 359 11.00 -32.04 -10.66
C VAL B 359 11.68 -32.35 -9.33
N GLN B 360 11.17 -33.36 -8.63
CA GLN B 360 11.75 -33.74 -7.35
C GLN B 360 13.18 -34.24 -7.57
N PRO B 361 14.06 -34.04 -6.60
CA PRO B 361 15.46 -34.47 -6.78
C PRO B 361 15.57 -35.99 -6.87
N THR B 362 16.49 -36.44 -7.71
CA THR B 362 16.71 -37.88 -7.85
C THR B 362 17.46 -38.44 -6.64
N GLU B 363 18.48 -37.73 -6.18
CA GLU B 363 19.27 -38.14 -5.02
C GLU B 363 20.11 -36.95 -4.59
N SER B 364 21.06 -37.19 -3.68
CA SER B 364 22.00 -36.17 -3.25
C SER B 364 23.41 -36.56 -3.71
N ILE B 365 24.08 -35.64 -4.40
CA ILE B 365 25.44 -35.84 -4.87
C ILE B 365 26.32 -34.78 -4.22
N VAL B 366 27.38 -35.21 -3.55
CA VAL B 366 28.34 -34.31 -2.93
C VAL B 366 29.74 -34.79 -3.31
N ARG B 367 30.65 -33.83 -3.47
CA ARG B 367 31.98 -34.13 -3.98
C ARG B 367 32.74 -34.97 -2.95
N PHE B 368 34.00 -35.27 -3.26
CA PHE B 368 34.83 -35.97 -2.30
C PHE B 368 35.31 -35.02 -1.19
N PRO B 369 35.62 -35.55 -0.01
CA PRO B 369 36.13 -34.70 1.07
C PRO B 369 37.61 -34.40 0.88
N ASN B 370 38.13 -33.54 1.75
CA ASN B 370 39.52 -33.14 1.66
C ASN B 370 40.00 -32.60 3.00
N ILE B 371 41.31 -32.68 3.22
CA ILE B 371 41.94 -32.17 4.43
C ILE B 371 41.44 -32.95 5.64
N THR B 372 41.89 -34.19 5.78
CA THR B 372 41.44 -35.07 6.85
C THR B 372 42.15 -34.79 8.19
N ASN B 373 42.97 -33.76 8.26
CA ASN B 373 43.70 -33.49 9.50
C ASN B 373 42.73 -33.25 10.65
N LEU B 374 43.10 -33.76 11.82
CA LEU B 374 42.30 -33.59 13.03
C LEU B 374 42.62 -32.26 13.70
N CYS B 375 41.58 -31.59 14.21
CA CYS B 375 41.79 -30.30 14.84
C CYS B 375 42.36 -30.48 16.25
N PRO B 376 43.14 -29.50 16.73
CA PRO B 376 43.75 -29.62 18.06
C PRO B 376 42.87 -29.05 19.17
N PHE B 377 41.65 -29.58 19.29
CA PHE B 377 40.76 -29.15 20.36
C PHE B 377 41.25 -29.67 21.71
N GLY B 378 41.84 -30.85 21.74
CA GLY B 378 42.27 -31.44 23.00
C GLY B 378 43.30 -30.58 23.69
N GLU B 379 44.33 -30.14 22.96
CA GLU B 379 45.40 -29.37 23.59
C GLU B 379 44.85 -28.11 24.25
N VAL B 380 43.95 -27.40 23.57
CA VAL B 380 43.42 -26.16 24.12
C VAL B 380 42.49 -26.45 25.28
N PHE B 381 41.61 -27.45 25.16
CA PHE B 381 40.64 -27.70 26.21
C PHE B 381 41.32 -28.22 27.47
N ASN B 382 42.20 -29.21 27.32
CA ASN B 382 42.97 -29.72 28.44
C ASN B 382 44.07 -28.75 28.87
N ALA B 383 44.30 -27.68 28.10
CA ALA B 383 45.39 -26.74 28.37
C ALA B 383 45.48 -26.42 29.86
N THR B 384 46.67 -26.65 30.42
CA THR B 384 46.84 -26.54 31.87
C THR B 384 46.58 -25.12 32.35
N ARG B 385 47.07 -24.11 31.62
CA ARG B 385 46.99 -22.73 32.04
C ARG B 385 46.14 -21.92 31.09
N PHE B 386 45.34 -21.01 31.65
CA PHE B 386 44.53 -20.07 30.89
C PHE B 386 44.91 -18.66 31.30
N ALA B 387 44.95 -17.76 30.31
CA ALA B 387 45.35 -16.39 30.56
C ALA B 387 44.26 -15.65 31.34
N SER B 388 44.65 -14.55 31.97
CA SER B 388 43.70 -13.73 32.71
C SER B 388 42.64 -13.17 31.77
N VAL B 389 41.49 -12.84 32.35
CA VAL B 389 40.37 -12.36 31.54
C VAL B 389 40.76 -11.08 30.81
N TYR B 390 41.39 -10.14 31.53
CA TYR B 390 41.85 -8.91 30.90
C TYR B 390 42.92 -9.20 29.85
N ALA B 391 43.80 -10.17 30.14
CA ALA B 391 44.82 -10.62 29.20
C ALA B 391 44.39 -11.88 28.46
N TRP B 392 43.09 -12.01 28.21
CA TRP B 392 42.51 -13.19 27.58
C TRP B 392 43.37 -13.67 26.41
N ASN B 393 43.70 -14.96 26.42
CA ASN B 393 44.48 -15.54 25.34
C ASN B 393 43.62 -15.72 24.10
N ARG B 394 44.28 -15.74 22.94
CA ARG B 394 43.63 -15.98 21.66
C ARG B 394 44.38 -17.06 20.92
N LYS B 395 43.64 -17.92 20.22
CA LYS B 395 44.21 -19.04 19.48
C LYS B 395 43.48 -19.17 18.15
N ARG B 396 44.23 -19.59 17.13
CA ARG B 396 43.71 -19.80 15.79
C ARG B 396 43.88 -21.27 15.41
N ILE B 397 42.85 -21.82 14.77
CA ILE B 397 42.88 -23.21 14.30
C ILE B 397 42.47 -23.22 12.84
N SER B 398 43.11 -24.08 12.05
CA SER B 398 42.81 -24.17 10.63
C SER B 398 43.35 -25.48 10.07
N ASN B 399 42.88 -25.82 8.88
CA ASN B 399 43.39 -26.96 8.11
C ASN B 399 43.20 -28.27 8.88
N CYS B 400 41.94 -28.56 9.19
CA CYS B 400 41.59 -29.78 9.91
C CYS B 400 40.08 -29.99 9.79
N VAL B 401 39.60 -31.03 10.44
CA VAL B 401 38.17 -31.33 10.52
C VAL B 401 37.77 -31.37 11.98
N ALA B 402 36.63 -30.75 12.28
CA ALA B 402 36.15 -30.63 13.66
C ALA B 402 35.00 -31.60 13.90
N ASP B 403 35.12 -32.37 14.96
CA ASP B 403 34.07 -33.28 15.41
C ASP B 403 33.44 -32.68 16.66
N TYR B 404 32.42 -31.84 16.44
CA TYR B 404 31.77 -31.16 17.56
C TYR B 404 30.90 -32.11 18.37
N SER B 405 30.58 -33.29 17.83
CA SER B 405 29.69 -34.19 18.54
C SER B 405 30.28 -34.64 19.87
N VAL B 406 31.57 -34.99 19.87
CA VAL B 406 32.20 -35.47 21.10
C VAL B 406 32.22 -34.37 22.15
N LEU B 407 32.59 -33.14 21.74
CA LEU B 407 32.63 -32.04 22.68
C LEU B 407 31.23 -31.75 23.23
N TYR B 408 30.22 -31.78 22.36
CA TYR B 408 28.86 -31.53 22.82
C TYR B 408 28.41 -32.61 23.81
N ASN B 409 28.74 -33.87 23.52
CA ASN B 409 28.39 -34.95 24.42
C ASN B 409 29.19 -34.90 25.72
N SER B 410 30.30 -34.18 25.74
CA SER B 410 31.06 -34.01 26.97
C SER B 410 30.26 -33.11 27.91
N ALA B 411 29.57 -33.73 28.86
CA ALA B 411 28.70 -33.00 29.78
C ALA B 411 29.47 -32.19 30.82
N SER B 412 30.79 -32.33 30.87
CA SER B 412 31.58 -31.60 31.85
C SER B 412 31.41 -30.10 31.72
N PHE B 413 31.00 -29.62 30.55
CA PHE B 413 30.82 -28.18 30.35
C PHE B 413 29.57 -27.70 31.08
N SER B 414 29.75 -26.83 32.07
CA SER B 414 28.62 -26.32 32.83
C SER B 414 27.65 -25.56 31.92
N THR B 415 28.18 -24.71 31.05
CA THR B 415 27.39 -23.99 30.07
C THR B 415 27.89 -24.35 28.68
N PHE B 416 26.98 -24.79 27.82
CA PHE B 416 27.27 -25.10 26.43
C PHE B 416 26.21 -24.39 25.60
N LYS B 417 26.48 -23.13 25.23
CA LYS B 417 25.44 -22.34 24.59
C LYS B 417 25.96 -21.92 23.21
N CYS B 418 25.02 -21.65 22.29
CA CYS B 418 25.39 -21.17 20.97
C CYS B 418 24.43 -20.07 20.54
N TYR B 419 24.98 -19.04 19.88
CA TYR B 419 24.22 -17.88 19.43
C TYR B 419 23.81 -17.99 17.97
N GLY B 420 24.76 -18.07 17.07
CA GLY B 420 24.46 -18.08 15.66
C GLY B 420 24.17 -19.44 15.09
N VAL B 421 24.16 -20.48 15.92
CA VAL B 421 24.03 -21.85 15.42
C VAL B 421 23.35 -22.69 16.49
N SER B 422 22.55 -23.66 16.05
CA SER B 422 22.03 -24.67 16.96
C SER B 422 23.12 -25.67 17.27
N PRO B 423 23.32 -26.05 18.54
CA PRO B 423 24.49 -26.88 18.88
C PRO B 423 24.60 -28.16 18.07
N THR B 424 23.48 -28.70 17.58
CA THR B 424 23.54 -29.97 16.87
C THR B 424 24.18 -29.82 15.49
N LYS B 425 23.82 -28.76 14.76
CA LYS B 425 24.21 -28.65 13.36
C LYS B 425 25.71 -28.48 13.16
N LEU B 426 26.47 -28.19 14.22
CA LEU B 426 27.86 -27.80 14.05
C LEU B 426 28.65 -28.84 13.26
N ASN B 427 28.25 -30.11 13.34
CA ASN B 427 28.98 -31.20 12.70
C ASN B 427 28.64 -31.35 11.22
N ASP B 428 28.09 -30.33 10.57
CA ASP B 428 27.72 -30.47 9.16
C ASP B 428 28.03 -29.23 8.33
N LEU B 429 28.98 -28.40 8.73
CA LEU B 429 29.29 -27.17 8.01
C LEU B 429 30.79 -27.04 7.80
N CYS B 430 31.16 -26.30 6.75
CA CYS B 430 32.55 -26.02 6.42
C CYS B 430 32.83 -24.54 6.64
N PHE B 431 34.02 -24.22 7.15
CA PHE B 431 34.28 -22.88 7.66
C PHE B 431 35.64 -22.37 7.19
N THR B 432 35.73 -21.05 7.04
CA THR B 432 36.98 -20.41 6.65
C THR B 432 38.05 -20.59 7.73
N ASN B 433 37.68 -20.35 8.98
CA ASN B 433 38.60 -20.50 10.11
C ASN B 433 37.83 -20.18 11.38
N VAL B 434 38.50 -20.41 12.51
CA VAL B 434 37.89 -20.25 13.84
C VAL B 434 38.88 -19.56 14.76
N TYR B 435 38.33 -18.90 15.78
CA TYR B 435 39.09 -18.28 16.85
C TYR B 435 38.60 -18.82 18.17
N ALA B 436 39.52 -19.21 19.04
CA ALA B 436 39.20 -19.73 20.36
C ALA B 436 39.89 -18.87 21.41
N ASP B 437 39.13 -18.37 22.36
CA ASP B 437 39.67 -17.54 23.44
C ASP B 437 39.36 -18.20 24.78
N SER B 438 40.39 -18.45 25.56
CA SER B 438 40.28 -19.16 26.83
C SER B 438 40.70 -18.25 27.97
N PHE B 439 40.06 -18.42 29.12
CA PHE B 439 40.40 -17.64 30.30
C PHE B 439 39.69 -18.24 31.51
N VAL B 440 39.93 -17.63 32.67
CA VAL B 440 39.31 -18.03 33.93
C VAL B 440 38.53 -16.82 34.44
N ILE B 441 37.29 -17.08 34.88
CA ILE B 441 36.40 -16.02 35.33
C ILE B 441 35.78 -16.45 36.65
N ARG B 442 35.25 -15.48 37.38
CA ARG B 442 34.45 -15.78 38.57
C ARG B 442 33.18 -16.50 38.14
N GLY B 443 32.81 -17.53 38.90
CA GLY B 443 31.66 -18.34 38.52
C GLY B 443 30.39 -17.52 38.38
N ASP B 444 30.28 -16.40 39.08
CA ASP B 444 29.07 -15.59 39.05
C ASP B 444 29.03 -14.63 37.86
N GLU B 445 30.14 -14.47 37.13
CA GLU B 445 30.21 -13.55 36.01
C GLU B 445 29.97 -14.21 34.67
N VAL B 446 29.65 -15.50 34.64
CA VAL B 446 29.47 -16.20 33.37
C VAL B 446 28.44 -15.48 32.51
N ARG B 447 27.30 -15.12 33.12
CA ARG B 447 26.25 -14.43 32.38
C ARG B 447 26.79 -13.17 31.72
N GLN B 448 27.67 -12.44 32.42
CA GLN B 448 28.19 -11.19 31.87
C GLN B 448 28.75 -11.37 30.48
N ILE B 449 29.19 -12.59 30.14
CA ILE B 449 29.88 -12.80 28.87
C ILE B 449 28.94 -12.61 27.68
N ALA B 450 27.63 -12.60 27.88
CA ALA B 450 26.72 -12.60 26.75
C ALA B 450 26.91 -11.33 25.92
N PRO B 451 26.90 -11.43 24.59
CA PRO B 451 26.99 -10.24 23.74
C PRO B 451 25.77 -9.36 23.92
N GLY B 452 25.98 -8.06 23.73
CA GLY B 452 24.89 -7.12 23.93
C GLY B 452 24.46 -6.97 25.37
N GLN B 453 25.18 -7.61 26.31
CA GLN B 453 24.87 -7.53 27.73
C GLN B 453 25.97 -6.76 28.44
N THR B 454 25.58 -5.92 29.39
CA THR B 454 26.54 -5.15 30.17
C THR B 454 27.11 -6.04 31.28
N GLY B 455 27.81 -5.42 32.22
CA GLY B 455 28.50 -6.14 33.29
C GLY B 455 29.98 -5.82 33.17
N LYS B 456 30.59 -5.50 34.32
CA LYS B 456 31.95 -4.98 34.36
C LYS B 456 32.87 -5.63 33.32
N ILE B 457 32.82 -6.96 33.22
CA ILE B 457 33.66 -7.67 32.27
C ILE B 457 33.39 -7.17 30.86
N ALA B 458 32.13 -7.23 30.42
CA ALA B 458 31.80 -6.74 29.09
C ALA B 458 32.07 -5.25 28.96
N ASP B 459 32.02 -4.51 30.08
CA ASP B 459 32.13 -3.06 30.03
C ASP B 459 33.54 -2.62 29.70
N TYR B 460 34.53 -3.15 30.41
CA TYR B 460 35.90 -2.67 30.18
C TYR B 460 36.95 -3.77 30.28
N ASN B 461 36.60 -5.01 29.99
CA ASN B 461 37.58 -6.10 29.91
C ASN B 461 37.57 -6.78 28.56
N TYR B 462 36.39 -7.18 28.07
CA TYR B 462 36.28 -7.79 26.75
C TYR B 462 34.80 -7.86 26.34
N LYS B 463 34.49 -7.42 25.13
CA LYS B 463 33.11 -7.37 24.66
C LYS B 463 32.94 -8.26 23.43
N LEU B 464 31.84 -9.00 23.41
CA LEU B 464 31.43 -9.69 22.20
C LEU B 464 30.61 -8.75 21.31
N PRO B 465 30.74 -8.85 19.99
CA PRO B 465 29.95 -7.98 19.12
C PRO B 465 28.46 -8.27 19.23
N ASP B 466 27.66 -7.25 18.92
CA ASP B 466 26.21 -7.41 18.98
C ASP B 466 25.74 -8.58 18.13
N ASP B 467 26.43 -8.89 17.05
CA ASP B 467 26.08 -9.97 16.14
C ASP B 467 27.10 -11.11 16.22
N PHE B 468 27.55 -11.42 17.43
CA PHE B 468 28.56 -12.47 17.59
C PHE B 468 28.04 -13.78 17.03
N THR B 469 28.91 -14.50 16.32
CA THR B 469 28.61 -15.82 15.78
C THR B 469 29.57 -16.82 16.38
N GLY B 470 29.03 -17.85 17.02
CA GLY B 470 29.85 -18.87 17.63
C GLY B 470 29.14 -19.47 18.83
N CYS B 471 29.95 -20.01 19.74
CA CYS B 471 29.43 -20.70 20.91
C CYS B 471 30.28 -20.35 22.13
N VAL B 472 29.68 -20.57 23.30
CA VAL B 472 30.30 -20.29 24.59
C VAL B 472 30.30 -21.58 25.40
N ILE B 473 31.48 -21.95 25.91
CA ILE B 473 31.65 -23.13 26.75
C ILE B 473 32.22 -22.66 28.07
N ALA B 474 31.61 -23.09 29.16
CA ALA B 474 32.08 -22.78 30.50
C ALA B 474 31.99 -24.03 31.36
N TRP B 475 32.95 -24.19 32.25
CA TRP B 475 32.90 -25.30 33.19
C TRP B 475 33.63 -24.92 34.46
N ASN B 476 33.05 -25.28 35.60
CA ASN B 476 33.66 -24.95 36.88
C ASN B 476 35.10 -25.48 36.92
N SER B 477 36.02 -24.61 37.29
CA SER B 477 37.43 -24.97 37.43
C SER B 477 37.88 -24.76 38.87
N ASN B 478 36.97 -24.98 39.82
CA ASN B 478 37.33 -24.79 41.23
C ASN B 478 38.44 -25.74 41.63
N ASN B 479 38.32 -27.01 41.26
CA ASN B 479 39.33 -28.00 41.65
C ASN B 479 40.70 -27.62 41.11
N LEU B 480 40.75 -27.09 39.88
CA LEU B 480 42.02 -26.84 39.21
C LEU B 480 42.55 -25.43 39.42
N ASP B 481 41.76 -24.52 40.00
CA ASP B 481 42.18 -23.13 40.12
C ASP B 481 41.81 -22.49 41.46
N SER B 482 41.43 -23.27 42.46
CA SER B 482 41.07 -22.74 43.78
C SER B 482 42.19 -23.13 44.75
N LYS B 483 43.11 -22.20 44.99
CA LYS B 483 44.23 -22.43 45.87
C LYS B 483 43.85 -22.09 47.30
N VAL B 484 44.25 -22.96 48.24
CA VAL B 484 43.94 -22.73 49.65
C VAL B 484 44.43 -21.36 50.08
N GLY B 485 45.65 -21.00 49.69
CA GLY B 485 46.13 -19.65 49.94
C GLY B 485 45.48 -18.62 49.03
N GLY B 486 44.94 -19.04 47.90
CA GLY B 486 44.25 -18.15 46.98
C GLY B 486 44.95 -18.02 45.65
N ASN B 487 44.25 -18.38 44.58
CA ASN B 487 44.81 -18.32 43.23
C ASN B 487 44.65 -16.90 42.70
N TYR B 488 45.60 -16.05 43.08
CA TYR B 488 45.60 -14.65 42.68
C TYR B 488 46.35 -14.42 41.37
N ASN B 489 46.77 -15.49 40.68
CA ASN B 489 47.44 -15.34 39.40
C ASN B 489 46.52 -14.78 38.32
N TYR B 490 45.20 -14.74 38.56
CA TYR B 490 44.24 -14.22 37.60
C TYR B 490 43.92 -12.78 37.97
N LEU B 491 44.12 -11.87 37.02
CA LEU B 491 43.96 -10.45 37.24
C LEU B 491 42.84 -9.90 36.38
N TYR B 492 42.22 -8.82 36.85
CA TYR B 492 41.13 -8.19 36.12
C TYR B 492 41.13 -6.70 36.42
N ARG B 493 40.76 -5.91 35.42
CA ARG B 493 40.83 -4.46 35.54
C ARG B 493 39.77 -3.93 36.51
N LEU B 494 40.04 -2.73 37.01
CA LEU B 494 39.09 -2.03 37.88
C LEU B 494 38.24 -1.02 37.13
N PHE B 495 38.78 -0.40 36.07
CA PHE B 495 38.01 0.49 35.21
C PHE B 495 38.88 0.91 34.04
N ARG B 496 38.21 1.26 32.94
CA ARG B 496 38.86 1.77 31.75
C ARG B 496 38.23 3.11 31.40
N LYS B 497 39.07 4.12 31.17
CA LYS B 497 38.55 5.44 30.86
C LYS B 497 37.62 5.39 29.66
N SER B 498 38.05 4.73 28.58
CA SER B 498 37.16 4.41 27.49
C SER B 498 36.28 3.24 27.87
N ASN B 499 35.27 2.97 27.05
CA ASN B 499 34.39 1.85 27.28
C ASN B 499 34.93 0.62 26.56
N LEU B 500 34.12 -0.43 26.49
CA LEU B 500 34.55 -1.67 25.86
C LEU B 500 34.93 -1.45 24.40
N LYS B 501 35.55 -2.47 23.82
CA LYS B 501 35.81 -2.52 22.39
C LYS B 501 35.90 -3.99 21.99
N PRO B 502 35.03 -4.49 21.12
CA PRO B 502 35.06 -5.93 20.82
C PRO B 502 36.39 -6.35 20.22
N PHE B 503 36.84 -7.54 20.61
CA PHE B 503 38.01 -8.20 20.02
C PHE B 503 39.24 -7.29 20.09
N GLU B 504 39.67 -7.01 21.32
CA GLU B 504 40.91 -6.30 21.53
C GLU B 504 41.36 -6.50 22.97
N ARG B 505 42.68 -6.56 23.16
CA ARG B 505 43.29 -6.81 24.46
C ARG B 505 44.10 -5.59 24.87
N ASP B 506 43.89 -5.13 26.11
CA ASP B 506 44.60 -3.99 26.66
C ASP B 506 45.50 -4.44 27.79
N ILE B 507 46.76 -3.99 27.76
CA ILE B 507 47.75 -4.32 28.78
C ILE B 507 48.25 -3.08 29.50
N SER B 508 47.58 -1.94 29.32
CA SER B 508 47.97 -0.73 30.03
C SER B 508 47.84 -0.93 31.54
N THR B 509 48.77 -0.36 32.29
CA THR B 509 48.83 -0.54 33.74
C THR B 509 48.81 0.77 34.52
N GLU B 510 48.78 1.92 33.84
CA GLU B 510 48.75 3.19 34.53
C GLU B 510 47.41 3.39 35.22
N ILE B 511 47.25 4.53 35.90
CA ILE B 511 46.02 4.84 36.62
C ILE B 511 45.63 6.28 36.34
N TYR B 512 44.35 6.56 36.52
CA TYR B 512 43.76 7.87 36.28
C TYR B 512 43.56 8.62 37.59
N GLN B 513 43.48 9.94 37.48
CA GLN B 513 43.22 10.82 38.63
C GLN B 513 41.73 10.76 38.95
N ALA B 514 41.34 9.84 39.82
CA ALA B 514 39.93 9.66 40.16
C ALA B 514 39.53 10.49 41.38
N GLY B 515 40.17 10.24 42.52
CA GLY B 515 39.81 10.96 43.73
C GLY B 515 40.57 10.43 44.92
N SER B 516 40.23 10.96 46.09
CA SER B 516 40.92 10.60 47.33
C SER B 516 42.41 10.77 47.14
N THR B 517 43.11 9.67 46.85
CA THR B 517 44.50 9.73 46.42
C THR B 517 44.56 9.34 44.95
N PRO B 518 44.27 10.27 44.04
CA PRO B 518 44.13 9.88 42.62
C PRO B 518 45.35 9.15 42.09
N CYS B 519 46.51 9.79 42.17
CA CYS B 519 47.79 9.16 41.86
C CYS B 519 48.87 10.20 42.12
N ASN B 520 50.12 9.73 42.23
CA ASN B 520 51.26 10.60 42.41
C ASN B 520 51.86 10.91 41.04
N GLY B 521 51.97 12.19 40.71
CA GLY B 521 52.46 12.57 39.41
C GLY B 521 51.63 11.93 38.31
N VAL B 522 52.21 10.93 37.65
CA VAL B 522 51.48 10.11 36.69
C VAL B 522 51.30 8.69 37.20
N GLU B 523 52.33 8.12 37.81
CA GLU B 523 52.25 6.77 38.36
C GLU B 523 53.19 6.67 39.55
N GLY B 524 52.92 5.69 40.40
CA GLY B 524 53.74 5.46 41.58
C GLY B 524 52.92 5.13 42.82
N PHE B 525 53.29 5.74 43.95
CA PHE B 525 52.61 5.46 45.21
C PHE B 525 51.23 6.13 45.22
N ASN B 526 50.42 5.72 46.20
CA ASN B 526 49.06 6.21 46.37
C ASN B 526 48.26 6.11 45.07
N CYS B 527 48.64 5.17 44.21
CA CYS B 527 48.02 4.98 42.90
C CYS B 527 47.35 3.61 42.88
N TYR B 528 46.09 3.57 43.30
CA TYR B 528 45.28 2.37 43.22
C TYR B 528 45.47 1.67 41.88
N PHE B 529 45.92 0.44 41.91
CA PHE B 529 46.26 -0.27 40.68
C PHE B 529 44.99 -0.54 39.88
N PRO B 530 45.02 -0.39 38.55
CA PRO B 530 43.83 -0.69 37.75
C PRO B 530 43.44 -2.15 37.78
N LEU B 531 44.34 -3.05 38.15
CA LEU B 531 44.10 -4.48 38.16
C LEU B 531 44.07 -5.02 39.58
N GLN B 532 43.16 -5.97 39.83
CA GLN B 532 43.10 -6.70 41.07
C GLN B 532 42.99 -8.19 40.76
N SER B 533 43.55 -9.01 41.64
CA SER B 533 43.60 -10.44 41.42
C SER B 533 42.34 -11.10 41.98
N TYR B 534 42.30 -12.43 41.92
CA TYR B 534 41.18 -13.22 42.41
C TYR B 534 41.61 -14.08 43.58
N GLY B 535 40.85 -13.99 44.67
CA GLY B 535 41.09 -14.85 45.82
C GLY B 535 40.35 -16.17 45.67
N PHE B 536 40.83 -17.02 44.78
CA PHE B 536 40.20 -18.32 44.52
C PHE B 536 40.67 -19.32 45.56
N GLN B 537 39.78 -19.69 46.47
CA GLN B 537 40.06 -20.68 47.50
C GLN B 537 39.03 -21.81 47.40
N PRO B 538 39.38 -23.01 47.84
CA PRO B 538 38.39 -24.09 47.84
C PRO B 538 37.16 -23.76 48.68
N THR B 539 37.33 -22.94 49.71
CA THR B 539 36.20 -22.51 50.52
C THR B 539 35.29 -21.54 49.79
N ASN B 540 35.74 -20.97 48.67
CA ASN B 540 34.90 -20.02 47.94
C ASN B 540 33.63 -20.70 47.46
N GLY B 541 32.49 -20.04 47.70
CA GLY B 541 31.22 -20.60 47.33
C GLY B 541 30.96 -20.49 45.84
N VAL B 542 29.86 -21.11 45.41
CA VAL B 542 29.48 -21.06 44.01
C VAL B 542 29.37 -19.60 43.57
N GLY B 543 29.64 -19.37 42.30
CA GLY B 543 29.71 -18.03 41.74
C GLY B 543 31.08 -17.41 41.95
N TYR B 544 31.65 -17.60 43.13
CA TYR B 544 33.01 -17.12 43.41
C TYR B 544 34.08 -18.07 42.92
N GLN B 545 33.75 -19.34 42.70
CA GLN B 545 34.76 -20.31 42.34
C GLN B 545 35.25 -20.06 40.91
N PRO B 546 36.51 -20.39 40.61
CA PRO B 546 37.05 -20.13 39.28
C PRO B 546 36.44 -21.07 38.24
N TYR B 547 35.79 -20.49 37.23
CA TYR B 547 35.21 -21.24 36.13
C TYR B 547 36.03 -20.96 34.89
N ARG B 548 36.45 -22.02 34.20
CA ARG B 548 37.21 -21.88 32.97
C ARG B 548 36.25 -21.72 31.80
N VAL B 549 36.50 -20.69 30.99
CA VAL B 549 35.62 -20.30 29.90
C VAL B 549 36.40 -20.33 28.60
N VAL B 550 35.87 -21.02 27.61
CA VAL B 550 36.41 -21.07 26.26
C VAL B 550 35.30 -20.61 25.31
N VAL B 551 35.59 -19.59 24.52
CA VAL B 551 34.61 -19.02 23.59
C VAL B 551 35.11 -19.26 22.18
N LEU B 552 34.26 -19.84 21.34
CA LEU B 552 34.56 -20.09 19.94
C LEU B 552 33.81 -19.09 19.09
N SER B 553 34.54 -18.38 18.23
CA SER B 553 33.95 -17.48 17.25
C SER B 553 34.50 -17.85 15.89
N PHE B 554 33.84 -17.37 14.84
CA PHE B 554 34.23 -17.70 13.48
C PHE B 554 33.37 -16.90 12.51
N GLU B 555 33.63 -17.09 11.22
CA GLU B 555 33.00 -16.34 10.15
C GLU B 555 32.65 -17.27 9.01
N LEU B 556 31.64 -16.91 8.24
CA LEU B 556 31.05 -17.79 7.23
C LEU B 556 31.17 -17.16 5.85
N LEU B 557 31.61 -17.98 4.88
CA LEU B 557 31.52 -17.65 3.46
C LEU B 557 32.28 -16.35 3.14
N HIS B 558 33.60 -16.42 3.34
CA HIS B 558 34.49 -15.34 2.96
C HIS B 558 35.71 -15.81 2.19
N ALA B 559 35.93 -17.12 2.06
CA ALA B 559 37.09 -17.67 1.37
C ALA B 559 36.95 -19.19 1.32
N PRO B 560 37.75 -19.90 0.52
CA PRO B 560 37.71 -21.36 0.56
C PRO B 560 37.84 -21.90 1.97
N ALA B 561 36.80 -22.57 2.45
CA ALA B 561 36.80 -23.07 3.82
C ALA B 561 37.93 -24.06 4.05
N THR B 562 38.58 -23.95 5.19
CA THR B 562 39.65 -24.86 5.58
C THR B 562 39.22 -25.87 6.63
N VAL B 563 38.08 -25.65 7.29
CA VAL B 563 37.55 -26.55 8.30
C VAL B 563 36.22 -27.07 7.79
N CYS B 564 36.02 -28.39 7.89
CA CYS B 564 34.81 -29.03 7.40
C CYS B 564 34.32 -30.03 8.44
N GLY B 565 33.05 -30.42 8.29
CA GLY B 565 32.44 -31.38 9.17
C GLY B 565 33.16 -32.71 9.12
N PRO B 566 32.97 -33.53 10.17
CA PRO B 566 33.74 -34.79 10.23
C PRO B 566 33.44 -35.72 9.07
N LYS B 567 32.17 -36.06 8.85
CA LYS B 567 31.77 -36.99 7.81
C LYS B 567 31.29 -36.21 6.60
N LYS B 568 32.04 -36.30 5.50
CA LYS B 568 31.64 -35.67 4.25
C LYS B 568 31.92 -36.54 3.04
N SER B 569 32.27 -37.81 3.24
CA SER B 569 32.61 -38.67 2.11
C SER B 569 31.42 -38.85 1.20
N THR B 570 31.60 -38.54 -0.09
CA THR B 570 30.54 -38.63 -1.07
C THR B 570 31.17 -38.73 -2.46
N ASN B 571 30.32 -38.84 -3.47
CA ASN B 571 30.76 -38.99 -4.86
C ASN B 571 29.99 -38.03 -5.75
N LEU B 572 30.51 -37.84 -6.96
CA LEU B 572 29.94 -36.89 -7.91
C LEU B 572 29.07 -37.60 -8.94
N VAL B 573 27.96 -36.95 -9.30
CA VAL B 573 27.11 -37.36 -10.41
C VAL B 573 26.83 -36.13 -11.24
N LYS B 574 26.43 -36.35 -12.50
CA LYS B 574 26.22 -35.26 -13.44
C LYS B 574 24.93 -35.46 -14.21
N ASN B 575 24.36 -34.34 -14.65
CA ASN B 575 23.22 -34.35 -15.57
C ASN B 575 22.00 -35.01 -14.96
N LYS B 576 21.68 -34.62 -13.73
CA LYS B 576 20.48 -35.12 -13.05
C LYS B 576 20.04 -34.10 -12.01
N CYS B 577 18.77 -34.18 -11.64
CA CYS B 577 18.19 -33.30 -10.63
C CYS B 577 18.56 -33.88 -9.26
N VAL B 578 19.58 -33.30 -8.63
CA VAL B 578 20.10 -33.80 -7.36
C VAL B 578 20.36 -32.64 -6.41
N ASN B 579 20.53 -33.00 -5.15
CA ASN B 579 20.86 -32.06 -4.08
C ASN B 579 22.36 -32.05 -3.87
N PHE B 580 22.94 -30.86 -3.89
CA PHE B 580 24.38 -30.67 -3.82
C PHE B 580 24.73 -29.81 -2.61
N ASN B 581 25.80 -30.20 -1.92
CA ASN B 581 26.32 -29.44 -0.79
C ASN B 581 27.80 -29.16 -1.07
N PHE B 582 28.12 -27.91 -1.34
CA PHE B 582 29.50 -27.47 -1.57
C PHE B 582 29.91 -26.58 -0.40
N ASN B 583 30.48 -27.21 0.63
CA ASN B 583 31.05 -26.51 1.77
C ASN B 583 29.97 -25.74 2.52
N GLY B 584 28.87 -26.43 2.82
CA GLY B 584 27.72 -25.78 3.39
C GLY B 584 26.83 -25.10 2.37
N LEU B 585 27.27 -25.02 1.12
CA LEU B 585 26.48 -24.42 0.05
C LEU B 585 25.48 -25.46 -0.43
N THR B 586 24.32 -25.48 0.20
CA THR B 586 23.29 -26.45 -0.13
C THR B 586 22.37 -25.92 -1.22
N GLY B 587 21.94 -26.83 -2.08
CA GLY B 587 21.01 -26.48 -3.13
C GLY B 587 20.55 -27.71 -3.86
N THR B 588 19.68 -27.52 -4.83
CA THR B 588 19.19 -28.61 -5.67
C THR B 588 19.11 -28.13 -7.10
N GLY B 589 19.49 -28.99 -8.03
CA GLY B 589 19.49 -28.63 -9.44
C GLY B 589 20.19 -29.67 -10.27
N VAL B 590 20.58 -29.24 -11.47
CA VAL B 590 21.27 -30.08 -12.44
C VAL B 590 22.68 -29.52 -12.59
N LEU B 591 23.67 -30.35 -12.32
CA LEU B 591 25.07 -29.97 -12.41
C LEU B 591 25.64 -30.45 -13.73
N THR B 592 26.30 -29.55 -14.45
CA THR B 592 26.84 -29.89 -15.77
C THR B 592 28.24 -29.32 -15.89
N GLU B 593 29.01 -29.89 -16.83
CA GLU B 593 30.34 -29.37 -17.11
C GLU B 593 30.23 -27.94 -17.64
N SER B 594 31.06 -27.07 -17.10
CA SER B 594 31.03 -25.64 -17.42
C SER B 594 32.33 -25.27 -18.14
N ASN B 595 32.20 -24.58 -19.26
CA ASN B 595 33.35 -24.11 -20.01
C ASN B 595 33.89 -22.78 -19.50
N LYS B 596 33.25 -22.18 -18.50
CA LYS B 596 33.65 -20.87 -18.04
C LYS B 596 35.06 -20.91 -17.44
N LYS B 597 35.75 -19.79 -17.54
CA LYS B 597 37.16 -19.69 -17.16
C LYS B 597 37.26 -18.91 -15.86
N PHE B 598 37.15 -19.61 -14.74
CA PHE B 598 37.45 -19.02 -13.45
C PHE B 598 38.94 -18.80 -13.31
N LEU B 599 39.32 -17.73 -12.63
CA LEU B 599 40.71 -17.50 -12.33
C LEU B 599 41.18 -18.48 -11.25
N PRO B 600 42.49 -18.68 -11.12
CA PRO B 600 42.97 -19.71 -10.19
C PRO B 600 42.47 -19.53 -8.78
N PHE B 601 42.29 -18.29 -8.34
CA PHE B 601 41.83 -18.00 -6.98
C PHE B 601 40.32 -17.96 -6.84
N GLN B 602 39.58 -18.12 -7.94
CA GLN B 602 38.13 -17.96 -7.92
C GLN B 602 37.45 -19.29 -7.64
N GLN B 603 36.39 -19.24 -6.83
CA GLN B 603 35.62 -20.42 -6.46
C GLN B 603 34.17 -20.32 -6.90
N PHE B 604 33.52 -19.19 -6.66
CA PHE B 604 32.10 -19.02 -6.93
C PHE B 604 31.86 -18.18 -8.17
N GLY B 605 30.65 -18.32 -8.72
CA GLY B 605 30.20 -17.48 -9.80
C GLY B 605 28.75 -17.07 -9.59
N ARG B 606 28.43 -15.81 -9.85
CA ARG B 606 27.10 -15.27 -9.58
C ARG B 606 26.51 -14.68 -10.84
N ASP B 607 25.18 -14.76 -10.94
CA ASP B 607 24.45 -14.18 -12.05
C ASP B 607 24.13 -12.71 -11.73
N ILE B 608 23.54 -12.02 -12.70
CA ILE B 608 23.18 -10.62 -12.49
C ILE B 608 22.27 -10.47 -11.28
N ALA B 609 21.48 -11.51 -10.99
CA ALA B 609 20.69 -11.56 -9.77
C ALA B 609 21.53 -11.88 -8.54
N ASP B 610 22.86 -11.89 -8.67
CA ASP B 610 23.74 -12.23 -7.56
C ASP B 610 23.40 -13.62 -7.01
N THR B 611 23.06 -14.54 -7.91
CA THR B 611 22.66 -15.88 -7.56
C THR B 611 23.74 -16.86 -7.97
N THR B 612 24.09 -17.77 -7.06
CA THR B 612 25.18 -18.72 -7.32
C THR B 612 24.83 -19.64 -8.48
N ASP B 613 25.51 -19.45 -9.61
CA ASP B 613 25.26 -20.22 -10.82
C ASP B 613 26.44 -21.08 -11.26
N ALA B 614 27.66 -20.70 -10.93
CA ALA B 614 28.85 -21.44 -11.29
C ALA B 614 29.66 -21.72 -10.04
N VAL B 615 30.18 -22.94 -9.92
CA VAL B 615 30.95 -23.38 -8.77
C VAL B 615 32.20 -24.07 -9.27
N ARG B 616 33.16 -24.25 -8.36
CA ARG B 616 34.37 -25.01 -8.64
C ARG B 616 34.46 -26.13 -7.62
N ASP B 617 34.46 -27.37 -8.10
CA ASP B 617 34.51 -28.51 -7.22
C ASP B 617 35.79 -28.47 -6.39
N PRO B 618 35.71 -28.56 -5.05
CA PRO B 618 36.94 -28.56 -4.25
C PRO B 618 37.65 -29.90 -4.29
N GLN B 619 36.89 -30.98 -4.40
CA GLN B 619 37.50 -32.30 -4.55
C GLN B 619 38.42 -32.31 -5.77
N THR B 620 37.92 -31.89 -6.92
CA THR B 620 38.71 -31.72 -8.12
C THR B 620 38.48 -30.31 -8.65
N LEU B 621 39.58 -29.57 -8.86
CA LEU B 621 39.46 -28.15 -9.17
C LEU B 621 38.93 -27.93 -10.58
N GLU B 622 37.69 -28.33 -10.82
CA GLU B 622 37.03 -28.18 -12.11
C GLU B 622 35.77 -27.36 -11.94
N ILE B 623 35.47 -26.53 -12.92
CA ILE B 623 34.31 -25.65 -12.86
C ILE B 623 33.08 -26.42 -13.33
N LEU B 624 31.97 -26.20 -12.64
CA LEU B 624 30.69 -26.80 -12.97
C LEU B 624 29.62 -25.74 -12.89
N ASP B 625 28.55 -25.93 -13.66
CA ASP B 625 27.45 -24.98 -13.71
C ASP B 625 26.18 -25.64 -13.15
N ILE B 626 25.35 -24.82 -12.52
CA ILE B 626 24.14 -25.27 -11.85
C ILE B 626 22.95 -24.70 -12.61
N THR B 627 21.99 -25.56 -12.94
CA THR B 627 20.78 -25.14 -13.66
C THR B 627 19.59 -25.67 -12.87
N PRO B 628 18.64 -24.82 -12.46
CA PRO B 628 17.53 -25.31 -11.65
C PRO B 628 16.74 -26.39 -12.39
N CYS B 629 16.31 -27.40 -11.63
CA CYS B 629 15.53 -28.48 -12.22
C CYS B 629 14.28 -27.92 -12.90
N SER B 630 13.79 -28.66 -13.88
CA SER B 630 12.66 -28.17 -14.67
C SER B 630 11.43 -27.97 -13.78
N PHE B 631 10.66 -26.94 -14.11
CA PHE B 631 9.46 -26.60 -13.37
C PHE B 631 8.55 -25.81 -14.30
N GLY B 632 7.29 -25.67 -13.89
CA GLY B 632 6.40 -24.82 -14.67
C GLY B 632 4.93 -25.00 -14.37
N GLY B 633 4.14 -23.95 -14.54
CA GLY B 633 2.72 -24.04 -14.28
C GLY B 633 2.08 -25.17 -15.05
N VAL B 634 0.96 -25.64 -14.53
CA VAL B 634 0.18 -26.69 -15.18
C VAL B 634 -1.29 -26.31 -15.13
N SER B 635 -1.99 -26.48 -16.24
CA SER B 635 -3.39 -26.11 -16.34
C SER B 635 -4.17 -27.24 -17.01
N VAL B 636 -5.49 -27.25 -16.77
CA VAL B 636 -6.38 -28.26 -17.32
C VAL B 636 -7.22 -27.64 -18.43
N ILE B 637 -7.39 -28.37 -19.52
CA ILE B 637 -8.25 -27.99 -20.62
C ILE B 637 -9.35 -29.04 -20.73
N THR B 638 -10.60 -28.58 -20.77
CA THR B 638 -11.74 -29.48 -20.78
C THR B 638 -12.95 -28.76 -21.35
N PRO B 639 -13.90 -29.48 -21.94
CA PRO B 639 -15.22 -28.90 -22.20
C PRO B 639 -16.02 -28.80 -20.92
N GLY B 640 -17.29 -28.41 -21.02
CA GLY B 640 -18.12 -28.31 -19.84
C GLY B 640 -18.28 -29.65 -19.16
N THR B 641 -18.43 -29.61 -17.82
CA THR B 641 -18.59 -30.84 -17.06
C THR B 641 -19.73 -31.68 -17.60
N ASN B 642 -20.80 -31.02 -18.05
CA ASN B 642 -21.92 -31.75 -18.64
C ASN B 642 -21.48 -32.52 -19.88
N THR B 643 -20.62 -31.92 -20.69
CA THR B 643 -20.27 -32.51 -21.98
C THR B 643 -19.74 -33.92 -21.81
N SER B 644 -18.71 -34.09 -20.98
CA SER B 644 -18.05 -35.37 -20.79
C SER B 644 -17.13 -35.25 -19.58
N ASN B 645 -16.32 -36.28 -19.36
CA ASN B 645 -15.27 -36.26 -18.36
C ASN B 645 -13.90 -36.51 -18.97
N GLN B 646 -13.76 -36.30 -20.27
CA GLN B 646 -12.50 -36.47 -20.97
C GLN B 646 -11.80 -35.12 -21.03
N VAL B 647 -10.56 -35.07 -20.52
CA VAL B 647 -9.85 -33.82 -20.32
C VAL B 647 -8.44 -33.96 -20.86
N ALA B 648 -7.72 -32.84 -20.87
CA ALA B 648 -6.30 -32.84 -21.19
C ALA B 648 -5.61 -31.81 -20.31
N VAL B 649 -4.27 -31.83 -20.34
CA VAL B 649 -3.47 -30.97 -19.47
C VAL B 649 -2.37 -30.31 -20.27
N LEU B 650 -1.91 -29.18 -19.75
CA LEU B 650 -0.88 -28.35 -20.37
C LEU B 650 0.17 -28.01 -19.33
N TYR B 651 1.43 -27.99 -19.77
CA TYR B 651 2.58 -27.73 -18.93
C TYR B 651 3.35 -26.57 -19.55
N GLN B 652 3.36 -25.43 -18.86
CA GLN B 652 4.10 -24.27 -19.33
C GLN B 652 5.59 -24.46 -19.08
N GLY B 653 6.41 -24.01 -20.03
CA GLY B 653 7.85 -24.15 -19.89
C GLY B 653 8.33 -25.57 -19.85
N VAL B 654 7.52 -26.51 -20.34
CA VAL B 654 7.89 -27.92 -20.43
C VAL B 654 7.69 -28.36 -21.86
N ASN B 655 8.42 -29.40 -22.27
CA ASN B 655 8.58 -29.69 -23.69
C ASN B 655 8.31 -31.16 -24.03
N CYS B 656 7.42 -31.81 -23.28
CA CYS B 656 6.93 -33.17 -23.55
C CYS B 656 7.99 -34.23 -23.36
N THR B 657 9.22 -33.87 -22.98
CA THR B 657 10.25 -34.86 -22.71
C THR B 657 10.74 -34.84 -21.28
N GLU B 658 10.47 -33.77 -20.52
CA GLU B 658 10.69 -33.81 -19.08
C GLU B 658 9.49 -34.41 -18.36
N VAL B 659 8.29 -34.19 -18.87
CA VAL B 659 7.09 -34.73 -18.21
C VAL B 659 7.16 -36.24 -18.04
N PRO B 660 7.60 -37.02 -19.03
CA PRO B 660 7.63 -38.48 -18.81
C PRO B 660 8.52 -38.87 -17.64
N VAL B 661 9.44 -37.99 -17.24
CA VAL B 661 10.30 -38.28 -16.11
C VAL B 661 9.47 -38.56 -14.87
N ALA B 662 8.40 -37.79 -14.66
CA ALA B 662 7.57 -37.97 -13.49
C ALA B 662 6.63 -39.16 -13.60
N ILE B 663 6.79 -40.01 -14.62
CA ILE B 663 5.98 -41.21 -14.75
C ILE B 663 6.23 -42.15 -13.57
N THR B 671 1.72 -37.30 -6.90
CA THR B 671 1.18 -36.58 -8.04
C THR B 671 0.54 -37.54 -9.03
N TRP B 672 -0.71 -37.26 -9.39
CA TRP B 672 -1.40 -38.08 -10.37
C TRP B 672 -0.60 -38.12 -11.67
N ARG B 673 -0.51 -39.31 -12.27
CA ARG B 673 0.25 -39.47 -13.51
C ARG B 673 -0.44 -40.39 -14.51
N VAL B 674 -1.71 -40.77 -14.28
CA VAL B 674 -2.36 -41.72 -15.15
C VAL B 674 -2.40 -41.20 -16.58
N TYR B 675 -2.71 -39.91 -16.75
CA TYR B 675 -2.78 -39.32 -18.08
C TYR B 675 -1.40 -39.11 -18.71
N SER B 676 -0.32 -39.24 -17.94
CA SER B 676 1.01 -38.99 -18.44
C SER B 676 1.61 -40.20 -19.15
N THR B 677 0.79 -41.16 -19.55
CA THR B 677 1.31 -42.32 -20.28
C THR B 677 1.89 -41.90 -21.63
N GLY B 678 1.14 -41.10 -22.39
CA GLY B 678 1.61 -40.55 -23.65
C GLY B 678 0.60 -40.79 -24.75
N SER B 679 1.10 -40.82 -25.98
CA SER B 679 0.37 -41.02 -27.23
C SER B 679 -0.42 -39.78 -27.65
N ASN B 680 -0.43 -38.73 -26.85
CA ASN B 680 -1.17 -37.50 -27.16
C ASN B 680 -0.32 -36.28 -26.83
N VAL B 681 0.95 -36.33 -27.24
CA VAL B 681 1.92 -35.27 -26.95
C VAL B 681 2.21 -34.51 -28.23
N PHE B 682 2.09 -33.18 -28.18
CA PHE B 682 2.38 -32.32 -29.31
C PHE B 682 3.06 -31.07 -28.77
N GLN B 683 4.36 -30.94 -29.04
CA GLN B 683 5.11 -29.81 -28.50
C GLN B 683 4.61 -28.51 -29.11
N THR B 684 4.58 -27.46 -28.30
CA THR B 684 4.09 -26.16 -28.74
C THR B 684 4.97 -25.07 -28.14
N ARG B 685 4.78 -23.85 -28.61
CA ARG B 685 5.53 -22.71 -28.08
C ARG B 685 5.24 -22.52 -26.60
N ALA B 686 3.97 -22.61 -26.21
CA ALA B 686 3.60 -22.37 -24.82
C ALA B 686 4.12 -23.46 -23.89
N GLY B 687 4.44 -24.63 -24.42
CA GLY B 687 4.92 -25.73 -23.59
C GLY B 687 4.54 -27.09 -24.16
N CYS B 688 3.99 -27.95 -23.32
CA CYS B 688 3.64 -29.31 -23.73
C CYS B 688 2.23 -29.67 -23.32
N LEU B 689 1.48 -30.26 -24.24
CA LEU B 689 0.12 -30.70 -23.97
C LEU B 689 0.06 -32.22 -23.98
N ILE B 690 -0.87 -32.76 -23.19
CA ILE B 690 -1.10 -34.20 -23.13
C ILE B 690 -2.60 -34.44 -23.02
N GLY B 691 -3.07 -35.46 -23.75
CA GLY B 691 -4.46 -35.87 -23.70
C GLY B 691 -5.31 -35.43 -24.88
N ALA B 692 -4.82 -34.49 -25.68
CA ALA B 692 -5.55 -34.00 -26.84
C ALA B 692 -4.93 -34.58 -28.12
N GLU B 693 -5.48 -34.16 -29.26
CA GLU B 693 -5.01 -34.62 -30.57
C GLU B 693 -4.87 -33.43 -31.49
N HIS B 694 -3.75 -33.40 -32.21
CA HIS B 694 -3.49 -32.32 -33.16
C HIS B 694 -4.13 -32.60 -34.50
N VAL B 695 -4.59 -31.55 -35.17
CA VAL B 695 -5.22 -31.66 -36.48
C VAL B 695 -4.66 -30.56 -37.38
N ASN B 696 -4.81 -30.77 -38.69
CA ASN B 696 -4.37 -29.80 -39.67
C ASN B 696 -5.42 -28.75 -39.97
N ASN B 697 -6.70 -29.13 -39.93
CA ASN B 697 -7.75 -28.17 -40.21
C ASN B 697 -7.78 -27.08 -39.15
N SER B 698 -8.14 -25.86 -39.57
CA SER B 698 -8.15 -24.70 -38.70
C SER B 698 -9.55 -24.11 -38.64
N TYR B 699 -9.93 -23.67 -37.43
CA TYR B 699 -11.23 -23.09 -37.17
C TYR B 699 -11.09 -21.82 -36.35
N GLU B 700 -12.21 -21.25 -35.92
CA GLU B 700 -12.16 -20.14 -34.96
C GLU B 700 -11.86 -20.70 -33.58
N CYS B 701 -10.96 -20.02 -32.86
CA CYS B 701 -10.55 -20.52 -31.56
C CYS B 701 -11.72 -20.55 -30.59
N ASP B 702 -11.77 -21.61 -29.78
CA ASP B 702 -12.77 -21.74 -28.72
C ASP B 702 -12.17 -21.52 -27.35
N ILE B 703 -11.13 -22.27 -27.00
CA ILE B 703 -10.44 -22.13 -25.72
C ILE B 703 -8.96 -21.84 -26.03
N PRO B 704 -8.58 -20.57 -26.06
CA PRO B 704 -7.19 -20.24 -26.45
C PRO B 704 -6.17 -20.92 -25.56
N ILE B 705 -5.42 -21.85 -26.15
CA ILE B 705 -4.26 -22.41 -25.46
C ILE B 705 -3.12 -21.38 -25.44
N GLY B 706 -2.95 -20.66 -26.54
CA GLY B 706 -1.92 -19.65 -26.63
C GLY B 706 -0.96 -19.90 -27.78
N ALA B 707 -0.22 -18.86 -28.18
CA ALA B 707 0.80 -18.98 -29.22
C ALA B 707 0.22 -19.63 -30.47
N GLY B 708 -0.94 -19.13 -30.90
CA GLY B 708 -1.56 -19.64 -32.10
C GLY B 708 -2.10 -21.05 -31.98
N ILE B 709 -2.40 -21.50 -30.77
CA ILE B 709 -2.92 -22.84 -30.51
C ILE B 709 -4.21 -22.71 -29.73
N CYS B 710 -5.24 -23.46 -30.14
CA CYS B 710 -6.53 -23.42 -29.47
C CYS B 710 -7.08 -24.84 -29.39
N ALA B 711 -7.95 -25.05 -28.39
CA ALA B 711 -8.54 -26.34 -28.09
C ALA B 711 -10.03 -26.34 -28.43
N SER B 712 -10.52 -27.51 -28.85
CA SER B 712 -11.94 -27.65 -29.14
C SER B 712 -12.32 -29.12 -29.03
N TYR B 713 -13.57 -29.37 -28.62
CA TYR B 713 -14.07 -30.72 -28.43
C TYR B 713 -14.98 -31.06 -29.60
N GLN B 714 -14.59 -32.06 -30.40
CA GLN B 714 -15.34 -32.40 -31.60
C GLN B 714 -15.13 -33.87 -31.92
N THR B 715 -16.05 -34.40 -32.74
CA THR B 715 -15.99 -35.79 -33.18
C THR B 715 -14.60 -36.16 -33.66
N SER B 728 -15.87 -41.07 -31.23
CA SER B 728 -15.67 -39.95 -32.15
C SER B 728 -15.32 -38.67 -31.39
N GLN B 729 -16.24 -38.23 -30.53
CA GLN B 729 -16.03 -37.00 -29.79
C GLN B 729 -14.78 -37.09 -28.94
N SER B 730 -13.92 -36.08 -29.07
CA SER B 730 -12.66 -36.04 -28.35
C SER B 730 -12.13 -34.62 -28.39
N ILE B 731 -11.16 -34.33 -27.53
CA ILE B 731 -10.57 -33.01 -27.42
C ILE B 731 -9.38 -32.92 -28.37
N ILE B 732 -9.34 -31.84 -29.15
CA ILE B 732 -8.38 -31.68 -30.23
C ILE B 732 -7.81 -30.27 -30.16
N ALA B 733 -6.64 -30.10 -30.78
CA ALA B 733 -5.94 -28.82 -30.81
C ALA B 733 -5.64 -28.44 -32.24
N TYR B 734 -5.73 -27.14 -32.53
CA TYR B 734 -5.47 -26.66 -33.88
C TYR B 734 -5.04 -25.21 -33.83
N THR B 735 -4.45 -24.75 -34.93
CA THR B 735 -4.14 -23.33 -35.10
C THR B 735 -5.41 -22.62 -35.56
N MET B 736 -5.84 -21.62 -34.79
CA MET B 736 -7.09 -20.96 -35.11
C MET B 736 -7.01 -20.24 -36.45
N SER B 737 -8.09 -20.32 -37.21
CA SER B 737 -8.21 -19.57 -38.45
C SER B 737 -8.68 -18.15 -38.13
N LEU B 738 -7.93 -17.16 -38.61
CA LEU B 738 -8.26 -15.78 -38.30
C LEU B 738 -9.61 -15.39 -38.88
N GLY B 739 -9.92 -15.86 -40.08
CA GLY B 739 -11.19 -15.56 -40.70
C GLY B 739 -11.23 -16.10 -42.11
N ALA B 740 -12.40 -15.95 -42.72
CA ALA B 740 -12.60 -16.43 -44.08
C ALA B 740 -11.90 -15.50 -45.07
N GLU B 741 -11.08 -16.08 -45.95
CA GLU B 741 -10.41 -15.30 -46.97
C GLU B 741 -11.43 -14.77 -47.96
N ASN B 742 -11.38 -13.46 -48.22
CA ASN B 742 -12.28 -12.82 -49.19
C ASN B 742 -11.46 -11.82 -49.98
N SER B 743 -10.93 -12.27 -51.11
CA SER B 743 -10.29 -11.36 -52.04
C SER B 743 -11.34 -10.43 -52.63
N VAL B 744 -11.00 -9.15 -52.75
CA VAL B 744 -11.92 -8.18 -53.31
C VAL B 744 -11.89 -8.26 -54.83
N ALA B 745 -12.90 -7.67 -55.46
CA ALA B 745 -12.99 -7.56 -56.92
C ALA B 745 -12.47 -6.22 -57.39
N TYR B 746 -11.43 -5.73 -56.73
CA TYR B 746 -10.99 -4.35 -56.94
C TYR B 746 -10.66 -4.08 -58.39
N SER B 747 -11.06 -2.89 -58.86
CA SER B 747 -10.66 -2.39 -60.16
C SER B 747 -10.78 -0.88 -60.13
N ASN B 748 -10.35 -0.25 -61.22
CA ASN B 748 -10.34 1.21 -61.32
C ASN B 748 -11.54 1.75 -62.09
N ASN B 749 -12.50 0.91 -62.45
CA ASN B 749 -13.67 1.36 -63.17
C ASN B 749 -14.97 0.72 -62.69
N SER B 750 -14.94 -0.12 -61.68
CA SER B 750 -16.10 -0.85 -61.21
C SER B 750 -16.56 -0.30 -59.87
N ILE B 751 -17.87 -0.25 -59.68
CA ILE B 751 -18.45 0.24 -58.43
C ILE B 751 -19.59 -0.67 -58.03
N ALA B 752 -19.64 -1.01 -56.75
CA ALA B 752 -20.74 -1.74 -56.16
C ALA B 752 -21.57 -0.78 -55.32
N ILE B 753 -22.89 -0.80 -55.52
CA ILE B 753 -23.82 0.07 -54.82
C ILE B 753 -24.87 -0.80 -54.17
N PRO B 754 -25.15 -0.65 -52.87
CA PRO B 754 -26.17 -1.50 -52.24
C PRO B 754 -27.55 -1.25 -52.81
N THR B 755 -28.37 -2.30 -52.79
CA THR B 755 -29.71 -2.28 -53.37
C THR B 755 -30.80 -2.45 -52.32
N ASN B 756 -30.64 -3.41 -51.41
CA ASN B 756 -31.58 -3.71 -50.34
C ASN B 756 -30.89 -3.36 -49.03
N PHE B 757 -31.63 -3.33 -47.92
CA PHE B 757 -30.99 -3.00 -46.66
C PHE B 757 -31.75 -3.66 -45.51
N THR B 758 -31.30 -3.38 -44.30
CA THR B 758 -31.93 -3.91 -43.10
C THR B 758 -31.72 -2.95 -41.94
N ILE B 759 -32.75 -2.83 -41.12
CA ILE B 759 -32.61 -2.22 -39.81
C ILE B 759 -32.04 -3.26 -38.86
N SER B 760 -31.32 -2.79 -37.84
CA SER B 760 -30.72 -3.69 -36.86
C SER B 760 -30.82 -3.07 -35.49
N VAL B 761 -31.22 -3.86 -34.51
CA VAL B 761 -31.25 -3.45 -33.11
C VAL B 761 -30.23 -4.30 -32.37
N THR B 762 -29.28 -3.64 -31.72
CA THR B 762 -28.18 -4.31 -31.07
C THR B 762 -28.12 -3.90 -29.60
N THR B 763 -27.90 -4.88 -28.73
CA THR B 763 -27.81 -4.62 -27.31
C THR B 763 -26.41 -4.13 -26.95
N GLU B 764 -26.36 -3.29 -25.92
CA GLU B 764 -25.09 -2.91 -25.31
C GLU B 764 -25.35 -2.69 -23.83
N ILE B 765 -24.39 -3.09 -23.00
CA ILE B 765 -24.52 -2.99 -21.55
C ILE B 765 -23.33 -2.24 -21.00
N LEU B 766 -23.57 -1.29 -20.10
CA LEU B 766 -22.51 -0.53 -19.48
C LEU B 766 -22.72 -0.47 -17.97
N PRO B 767 -21.71 -0.80 -17.18
CA PRO B 767 -21.84 -0.60 -15.73
C PRO B 767 -22.10 0.86 -15.41
N VAL B 768 -22.93 1.08 -14.39
CA VAL B 768 -23.30 2.42 -13.96
C VAL B 768 -22.66 2.78 -12.63
N SER B 769 -22.64 1.85 -11.69
CA SER B 769 -22.11 2.08 -10.36
C SER B 769 -22.06 0.73 -9.64
N MET B 770 -21.73 0.75 -8.36
CA MET B 770 -21.71 -0.46 -7.55
C MET B 770 -22.23 -0.12 -6.16
N THR B 771 -22.69 -1.15 -5.46
CA THR B 771 -23.32 -0.97 -4.16
C THR B 771 -22.40 -0.19 -3.22
N LYS B 772 -22.97 0.83 -2.57
CA LYS B 772 -22.22 1.58 -1.58
C LYS B 772 -21.88 0.67 -0.40
N THR B 773 -20.80 1.01 0.30
CA THR B 773 -20.32 0.18 1.41
C THR B 773 -19.70 1.07 2.47
N SER B 774 -19.88 0.68 3.73
CA SER B 774 -19.27 1.36 4.86
C SER B 774 -18.87 0.32 5.90
N VAL B 775 -17.82 0.66 6.67
CA VAL B 775 -17.25 -0.26 7.65
C VAL B 775 -16.66 0.55 8.79
N ASP B 776 -16.56 -0.09 9.96
CA ASP B 776 -15.86 0.47 11.10
C ASP B 776 -14.63 -0.39 11.38
N CYS B 777 -13.46 0.23 11.32
CA CYS B 777 -12.22 -0.48 11.60
C CYS B 777 -12.25 -1.06 13.00
N THR B 778 -12.69 -0.26 13.98
CA THR B 778 -12.71 -0.71 15.36
C THR B 778 -13.40 -2.07 15.47
N MET B 779 -14.68 -2.13 15.09
CA MET B 779 -15.41 -3.38 15.19
C MET B 779 -14.74 -4.47 14.36
N TYR B 780 -14.53 -4.20 13.06
CA TYR B 780 -14.05 -5.25 12.18
C TYR B 780 -12.77 -5.88 12.71
N ILE B 781 -11.81 -5.03 13.11
CA ILE B 781 -10.51 -5.52 13.54
C ILE B 781 -10.64 -6.19 14.90
N CYS B 782 -10.99 -5.42 15.93
CA CYS B 782 -10.89 -5.91 17.30
C CYS B 782 -12.05 -5.40 18.15
N GLY B 783 -13.25 -5.35 17.57
CA GLY B 783 -14.39 -4.79 18.26
C GLY B 783 -14.58 -5.27 19.68
N ASP B 784 -15.20 -4.43 20.51
CA ASP B 784 -15.62 -4.79 21.86
C ASP B 784 -14.42 -5.16 22.74
N SER B 785 -13.51 -4.20 22.90
CA SER B 785 -12.39 -4.37 23.81
C SER B 785 -11.75 -3.02 24.08
N THR B 786 -11.62 -2.67 25.37
CA THR B 786 -10.85 -1.49 25.73
C THR B 786 -9.40 -1.62 25.30
N GLU B 787 -8.88 -2.84 25.36
CA GLU B 787 -7.55 -3.10 24.82
C GLU B 787 -7.51 -2.78 23.34
N CYS B 788 -8.52 -3.24 22.59
CA CYS B 788 -8.60 -2.87 21.18
C CYS B 788 -8.55 -1.37 21.01
N SER B 789 -9.38 -0.66 21.77
CA SER B 789 -9.48 0.79 21.60
C SER B 789 -8.12 1.45 21.84
N ASN B 790 -7.49 1.16 22.98
CA ASN B 790 -6.26 1.86 23.33
C ASN B 790 -5.11 1.47 22.38
N LEU B 791 -5.00 0.18 22.06
CA LEU B 791 -3.92 -0.25 21.18
C LEU B 791 -4.10 0.35 19.78
N LEU B 792 -5.33 0.43 19.28
CA LEU B 792 -5.55 1.09 18.00
C LEU B 792 -5.22 2.57 18.10
N LEU B 793 -5.56 3.19 19.23
CA LEU B 793 -5.17 4.58 19.46
C LEU B 793 -3.67 4.75 19.36
N GLN B 794 -2.91 3.74 19.80
CA GLN B 794 -1.45 3.82 19.70
C GLN B 794 -1.00 4.17 18.28
N TYR B 795 -1.63 3.55 17.28
CA TYR B 795 -1.12 3.67 15.92
C TYR B 795 -1.42 5.04 15.32
N GLY B 796 -2.63 5.56 15.51
CA GLY B 796 -2.96 6.88 15.03
C GLY B 796 -4.31 7.02 14.37
N SER B 797 -4.31 7.48 13.12
CA SER B 797 -5.52 7.96 12.45
C SER B 797 -5.82 7.18 11.17
N PHE B 798 -5.38 5.92 11.09
CA PHE B 798 -5.60 5.14 9.88
C PHE B 798 -7.09 4.98 9.61
N CYS B 799 -7.86 4.61 10.63
CA CYS B 799 -9.30 4.59 10.50
C CYS B 799 -9.83 5.94 10.09
N THR B 800 -9.27 7.00 10.67
CA THR B 800 -9.70 8.35 10.34
C THR B 800 -9.63 8.57 8.84
N GLN B 801 -8.48 8.29 8.24
CA GLN B 801 -8.34 8.46 6.80
C GLN B 801 -9.29 7.55 6.03
N LEU B 802 -9.32 6.27 6.41
CA LEU B 802 -10.09 5.30 5.64
C LEU B 802 -11.57 5.63 5.63
N ASN B 803 -12.05 6.32 6.67
CA ASN B 803 -13.43 6.79 6.67
C ASN B 803 -13.72 7.59 5.41
N ARG B 804 -13.00 8.70 5.21
CA ARG B 804 -13.16 9.46 3.97
C ARG B 804 -12.82 8.61 2.76
N ALA B 805 -11.85 7.72 2.89
CA ALA B 805 -11.47 6.88 1.75
C ALA B 805 -12.70 6.21 1.16
N LEU B 806 -13.50 5.58 2.00
CA LEU B 806 -14.70 4.89 1.50
C LEU B 806 -15.86 5.86 1.28
N THR B 807 -15.92 6.94 2.08
CA THR B 807 -17.03 7.87 1.94
C THR B 807 -17.00 8.57 0.59
N GLY B 808 -15.81 8.96 0.14
CA GLY B 808 -15.68 9.51 -1.19
C GLY B 808 -16.15 8.55 -2.25
N ILE B 809 -15.88 7.26 -2.05
CA ILE B 809 -16.33 6.25 -3.01
C ILE B 809 -17.85 6.21 -3.05
N ALA B 810 -18.48 6.19 -1.88
CA ALA B 810 -19.94 6.15 -1.84
C ALA B 810 -20.53 7.40 -2.49
N VAL B 811 -19.99 8.56 -2.15
CA VAL B 811 -20.46 9.81 -2.75
C VAL B 811 -20.27 9.78 -4.25
N GLU B 812 -19.16 9.20 -4.71
CA GLU B 812 -18.89 9.12 -6.13
C GLU B 812 -19.90 8.21 -6.82
N GLN B 813 -20.25 7.10 -6.18
CA GLN B 813 -21.29 6.24 -6.73
C GLN B 813 -22.60 7.01 -6.91
N ASP B 814 -23.03 7.67 -5.83
CA ASP B 814 -24.27 8.43 -5.90
C ASP B 814 -24.19 9.49 -6.99
N LYS B 815 -23.07 10.21 -7.05
CA LYS B 815 -22.92 11.26 -8.05
C LYS B 815 -22.99 10.67 -9.45
N ASN B 816 -22.21 9.61 -9.72
CA ASN B 816 -22.23 8.98 -11.04
C ASN B 816 -23.65 8.64 -11.46
N THR B 817 -24.42 8.06 -10.54
CA THR B 817 -25.82 7.80 -10.85
C THR B 817 -26.52 9.10 -11.22
N GLN B 818 -26.25 10.17 -10.47
CA GLN B 818 -26.88 11.46 -10.74
C GLN B 818 -26.61 11.92 -12.17
N GLU B 819 -25.33 11.96 -12.57
CA GLU B 819 -25.06 12.41 -13.94
C GLU B 819 -25.69 11.48 -14.96
N VAL B 820 -25.50 10.18 -14.82
CA VAL B 820 -25.93 9.27 -15.88
C VAL B 820 -27.43 9.36 -16.09
N PHE B 821 -28.20 9.47 -15.02
CA PHE B 821 -29.66 9.42 -15.15
C PHE B 821 -30.31 10.80 -15.12
N ALA B 822 -30.11 11.56 -14.05
CA ALA B 822 -30.78 12.84 -13.87
C ALA B 822 -30.11 13.88 -14.76
N GLN B 823 -30.49 13.88 -16.04
CA GLN B 823 -30.01 14.85 -17.00
C GLN B 823 -31.16 15.67 -17.58
N VAL B 824 -32.31 15.67 -16.92
CA VAL B 824 -33.51 16.32 -17.42
C VAL B 824 -34.06 17.23 -16.34
N LYS B 825 -34.47 18.44 -16.74
CA LYS B 825 -34.99 19.41 -15.79
C LYS B 825 -36.40 19.05 -15.34
N GLN B 826 -37.25 18.62 -16.27
CA GLN B 826 -38.65 18.36 -16.00
C GLN B 826 -38.96 16.88 -16.14
N ILE B 827 -40.22 16.54 -15.89
CA ILE B 827 -40.70 15.16 -15.94
C ILE B 827 -41.80 15.08 -16.99
N TYR B 828 -41.67 14.13 -17.92
CA TYR B 828 -42.63 13.95 -19.00
C TYR B 828 -43.34 12.61 -18.83
N LYS B 829 -44.51 12.51 -19.47
CA LYS B 829 -45.32 11.30 -19.41
C LYS B 829 -45.91 11.02 -20.79
N THR B 830 -45.93 9.75 -21.16
CA THR B 830 -46.44 9.37 -22.47
C THR B 830 -47.94 9.66 -22.55
N PRO B 831 -48.43 10.11 -23.69
CA PRO B 831 -49.88 10.25 -23.88
C PRO B 831 -50.53 8.89 -24.05
N PRO B 832 -51.83 8.78 -23.76
CA PRO B 832 -52.50 7.47 -23.90
C PRO B 832 -52.46 6.92 -25.31
N ILE B 833 -52.51 7.77 -26.33
CA ILE B 833 -52.61 7.32 -27.72
C ILE B 833 -51.23 6.91 -28.19
N LYS B 834 -51.04 5.62 -28.46
CA LYS B 834 -49.77 5.09 -28.95
C LYS B 834 -49.79 4.97 -30.48
N ASP B 835 -50.06 6.11 -31.13
CA ASP B 835 -50.19 6.14 -32.58
C ASP B 835 -48.87 6.61 -33.21
N PHE B 836 -47.88 5.73 -33.09
CA PHE B 836 -46.52 6.01 -33.55
C PHE B 836 -46.29 5.42 -34.95
N GLY B 837 -47.13 5.84 -35.88
CA GLY B 837 -46.96 5.43 -37.27
C GLY B 837 -46.82 3.93 -37.43
N GLY B 838 -47.47 3.17 -36.54
CA GLY B 838 -47.37 1.73 -36.56
C GLY B 838 -46.13 1.17 -35.89
N PHE B 839 -45.27 2.01 -35.32
CA PHE B 839 -44.10 1.54 -34.61
C PHE B 839 -44.48 1.20 -33.18
N ASN B 840 -44.08 0.01 -32.73
CA ASN B 840 -44.57 -0.48 -31.44
C ASN B 840 -43.56 -0.14 -30.34
N PHE B 841 -44.03 0.65 -29.37
CA PHE B 841 -43.19 1.19 -28.30
C PHE B 841 -43.40 0.46 -26.98
N SER B 842 -44.24 -0.56 -26.95
CA SER B 842 -44.87 -0.99 -25.69
C SER B 842 -43.91 -1.74 -24.77
N GLN B 843 -43.33 -2.84 -25.26
CA GLN B 843 -42.57 -3.72 -24.36
C GLN B 843 -41.53 -2.92 -23.57
N ILE B 844 -40.85 -1.98 -24.23
CA ILE B 844 -39.95 -1.09 -23.50
C ILE B 844 -40.74 -0.13 -22.63
N LEU B 845 -41.91 0.30 -23.09
CA LEU B 845 -42.68 1.31 -22.39
C LEU B 845 -43.17 0.77 -21.05
N PRO B 846 -43.46 1.66 -20.10
CA PRO B 846 -44.01 1.21 -18.83
C PRO B 846 -45.44 0.70 -18.98
N ASP B 847 -45.80 -0.24 -18.12
CA ASP B 847 -47.16 -0.75 -18.04
C ASP B 847 -47.74 -0.37 -16.68
N PRO B 848 -48.86 0.36 -16.62
CA PRO B 848 -49.40 0.76 -15.31
C PRO B 848 -49.76 -0.42 -14.42
N SER B 849 -50.02 -1.60 -15.00
CA SER B 849 -50.51 -2.72 -14.20
C SER B 849 -49.52 -3.11 -13.12
N LYS B 850 -48.26 -3.33 -13.49
CA LYS B 850 -47.28 -3.83 -12.54
C LYS B 850 -47.02 -2.80 -11.44
N PRO B 851 -46.79 -3.25 -10.20
CA PRO B 851 -46.47 -2.28 -9.14
C PRO B 851 -45.22 -1.48 -9.45
N SER B 852 -44.18 -2.14 -9.96
CA SER B 852 -42.98 -1.46 -10.45
C SER B 852 -43.20 -1.14 -11.92
N LYS B 853 -43.20 0.15 -12.25
CA LYS B 853 -43.55 0.57 -13.60
C LYS B 853 -42.35 0.42 -14.52
N ARG B 854 -41.74 -0.76 -14.52
CA ARG B 854 -40.59 -1.05 -15.35
C ARG B 854 -41.04 -1.57 -16.71
N SER B 855 -40.11 -1.56 -17.66
CA SER B 855 -40.39 -2.19 -18.94
C SER B 855 -40.51 -3.69 -18.78
N PHE B 856 -41.21 -4.31 -19.71
CA PHE B 856 -41.21 -5.76 -19.79
C PHE B 856 -39.78 -6.29 -19.82
N ILE B 857 -38.96 -5.70 -20.68
CA ILE B 857 -37.57 -6.14 -20.81
C ILE B 857 -36.81 -5.88 -19.53
N GLU B 858 -37.04 -4.74 -18.90
CA GLU B 858 -36.31 -4.42 -17.68
C GLU B 858 -36.65 -5.39 -16.56
N ASP B 859 -37.93 -5.75 -16.44
CA ASP B 859 -38.32 -6.77 -15.47
C ASP B 859 -37.66 -8.10 -15.80
N LEU B 860 -37.62 -8.45 -17.09
CA LEU B 860 -36.94 -9.67 -17.48
C LEU B 860 -35.48 -9.65 -17.05
N LEU B 861 -34.81 -8.52 -17.25
CA LEU B 861 -33.42 -8.39 -16.84
C LEU B 861 -33.28 -8.52 -15.33
N PHE B 862 -34.19 -7.88 -14.59
CA PHE B 862 -34.16 -8.00 -13.14
C PHE B 862 -34.25 -9.45 -12.71
N ASN B 863 -35.15 -10.21 -13.33
CA ASN B 863 -35.26 -11.63 -13.03
C ASN B 863 -33.98 -12.36 -13.39
N LYS B 864 -33.40 -12.04 -14.55
CA LYS B 864 -32.21 -12.75 -15.01
C LYS B 864 -31.05 -12.56 -14.03
N VAL B 865 -30.78 -11.31 -13.64
CA VAL B 865 -29.69 -11.05 -12.73
C VAL B 865 -30.03 -11.60 -11.35
N THR B 866 -29.07 -12.27 -10.73
CA THR B 866 -29.28 -12.90 -9.42
C THR B 866 -27.95 -13.00 -8.70
N LEU B 867 -28.03 -13.24 -7.39
CA LEU B 867 -26.84 -13.40 -6.56
C LEU B 867 -26.28 -14.82 -6.67
N CYS B 890 -26.48 -11.65 2.97
CA CYS B 890 -26.62 -10.50 3.86
C CYS B 890 -26.23 -10.87 5.29
N ALA B 891 -25.33 -11.83 5.42
CA ALA B 891 -24.88 -12.32 6.71
C ALA B 891 -23.59 -11.66 7.19
N GLN B 892 -23.07 -10.68 6.45
CA GLN B 892 -21.77 -10.11 6.73
C GLN B 892 -21.81 -8.92 7.69
N LYS B 893 -23.00 -8.55 8.18
CA LYS B 893 -23.10 -7.42 9.09
C LYS B 893 -22.28 -7.63 10.35
N PHE B 894 -22.00 -8.88 10.71
CA PHE B 894 -21.53 -9.21 12.06
C PHE B 894 -20.28 -8.43 12.47
N ASN B 895 -19.56 -7.84 11.53
CA ASN B 895 -18.31 -7.14 11.83
C ASN B 895 -18.37 -5.71 11.30
N GLY B 896 -19.48 -5.03 11.55
CA GLY B 896 -19.60 -3.64 11.15
C GLY B 896 -19.67 -3.41 9.66
N LEU B 897 -19.76 -4.47 8.86
CA LEU B 897 -19.88 -4.32 7.42
C LEU B 897 -21.28 -3.79 7.11
N THR B 898 -21.36 -2.56 6.62
CA THR B 898 -22.63 -1.88 6.40
C THR B 898 -22.76 -1.49 4.94
N VAL B 899 -23.95 -1.72 4.40
CA VAL B 899 -24.27 -1.37 3.02
C VAL B 899 -25.27 -0.22 3.06
N LEU B 900 -24.90 0.90 2.43
CA LEU B 900 -25.77 2.06 2.39
C LEU B 900 -26.64 1.99 1.15
N PRO B 901 -27.97 2.03 1.28
CA PRO B 901 -28.82 1.93 0.09
C PRO B 901 -28.61 3.13 -0.81
N PRO B 902 -28.79 2.97 -2.12
CA PRO B 902 -28.64 4.12 -3.02
C PRO B 902 -29.62 5.22 -2.66
N LEU B 903 -29.15 6.46 -2.76
CA LEU B 903 -30.03 7.59 -2.44
C LEU B 903 -31.31 7.52 -3.25
N LEU B 904 -31.20 7.23 -4.54
CA LEU B 904 -32.36 7.08 -5.39
C LEU B 904 -32.96 5.69 -5.19
N THR B 905 -34.11 5.47 -5.83
CA THR B 905 -34.76 4.18 -5.82
C THR B 905 -34.97 3.71 -7.26
N ASP B 906 -34.82 2.40 -7.45
CA ASP B 906 -35.10 1.78 -8.74
C ASP B 906 -36.35 2.40 -9.35
N GLU B 907 -37.34 2.70 -8.52
CA GLU B 907 -38.53 3.38 -9.00
C GLU B 907 -38.19 4.76 -9.58
N MET B 908 -37.34 5.52 -8.89
CA MET B 908 -36.95 6.83 -9.40
C MET B 908 -36.22 6.70 -10.72
N ILE B 909 -35.29 5.74 -10.81
CA ILE B 909 -34.56 5.54 -12.05
C ILE B 909 -35.52 5.14 -13.17
N ALA B 910 -36.51 4.30 -12.84
CA ALA B 910 -37.49 3.91 -13.84
C ALA B 910 -38.27 5.12 -14.34
N GLN B 911 -38.68 6.00 -13.43
CA GLN B 911 -39.38 7.20 -13.86
C GLN B 911 -38.50 8.06 -14.75
N TYR B 912 -37.22 8.20 -14.38
CA TYR B 912 -36.31 9.00 -15.19
C TYR B 912 -36.21 8.44 -16.61
N THR B 913 -35.98 7.13 -16.73
CA THR B 913 -35.86 6.55 -18.07
C THR B 913 -37.17 6.66 -18.82
N SER B 914 -38.29 6.49 -18.14
CA SER B 914 -39.59 6.65 -18.79
C SER B 914 -39.72 8.05 -19.39
N ALA B 915 -39.39 9.08 -18.60
CA ALA B 915 -39.46 10.44 -19.10
C ALA B 915 -38.50 10.65 -20.25
N LEU B 916 -37.29 10.08 -20.16
CA LEU B 916 -36.32 10.22 -21.24
C LEU B 916 -36.88 9.66 -22.53
N LEU B 917 -37.36 8.42 -22.50
CA LEU B 917 -37.88 7.80 -23.70
C LEU B 917 -39.08 8.57 -24.24
N ALA B 918 -39.97 9.00 -23.34
CA ALA B 918 -41.13 9.76 -23.78
C ALA B 918 -40.72 11.03 -24.51
N GLY B 919 -39.84 11.81 -23.89
CA GLY B 919 -39.40 13.04 -24.52
C GLY B 919 -38.72 12.79 -25.86
N THR B 920 -37.87 11.77 -25.92
CA THR B 920 -37.24 11.43 -27.19
C THR B 920 -38.30 11.19 -28.26
N ILE B 921 -39.18 10.23 -28.01
CA ILE B 921 -40.14 9.84 -29.04
C ILE B 921 -41.04 11.01 -29.41
N THR B 922 -41.30 11.92 -28.46
CA THR B 922 -42.29 12.96 -28.68
C THR B 922 -41.70 14.18 -29.38
N SER B 923 -40.48 14.58 -29.03
CA SER B 923 -39.91 15.83 -29.50
C SER B 923 -38.56 15.63 -30.18
N GLY B 924 -38.27 14.43 -30.67
CA GLY B 924 -37.00 14.23 -31.36
C GLY B 924 -35.85 14.58 -30.45
N TRP B 925 -34.94 15.42 -30.96
CA TRP B 925 -33.72 15.77 -30.27
C TRP B 925 -33.77 17.16 -29.64
N THR B 926 -34.92 17.83 -29.68
CA THR B 926 -34.98 19.21 -29.22
C THR B 926 -34.99 19.32 -27.71
N PHE B 927 -35.64 18.36 -27.02
CA PHE B 927 -35.78 18.47 -25.57
C PHE B 927 -34.43 18.64 -24.91
N GLY B 928 -33.41 17.97 -25.43
CA GLY B 928 -32.07 18.13 -24.87
C GLY B 928 -31.59 19.56 -24.94
N ALA B 929 -31.77 20.19 -26.10
CA ALA B 929 -31.39 21.60 -26.25
C ALA B 929 -32.25 22.51 -25.40
N GLY B 930 -33.48 22.10 -25.06
CA GLY B 930 -34.34 22.92 -24.24
C GLY B 930 -35.74 22.37 -24.13
N ALA B 931 -36.73 23.26 -24.12
CA ALA B 931 -38.12 22.82 -24.03
C ALA B 931 -38.43 21.88 -25.18
N ALA B 932 -38.98 20.71 -24.86
CA ALA B 932 -39.30 19.72 -25.87
C ALA B 932 -40.34 20.29 -26.84
N LEU B 933 -40.17 19.99 -28.12
CA LEU B 933 -41.06 20.46 -29.17
C LEU B 933 -41.65 19.25 -29.88
N GLN B 934 -42.98 19.17 -29.90
CA GLN B 934 -43.66 18.01 -30.47
C GLN B 934 -43.32 17.86 -31.94
N ILE B 935 -43.21 16.62 -32.39
CA ILE B 935 -42.90 16.32 -33.79
C ILE B 935 -43.53 14.98 -34.18
N PRO B 936 -43.79 14.74 -35.46
CA PRO B 936 -44.16 13.38 -35.89
C PRO B 936 -42.94 12.47 -35.95
N PHE B 937 -43.13 11.25 -35.45
CA PHE B 937 -42.04 10.29 -35.46
C PHE B 937 -41.55 10.04 -36.88
N ALA B 938 -42.46 10.05 -37.86
CA ALA B 938 -42.05 9.91 -39.25
C ALA B 938 -41.14 11.06 -39.66
N MET B 939 -41.48 12.29 -39.25
CA MET B 939 -40.62 13.42 -39.55
C MET B 939 -39.24 13.22 -38.92
N GLN B 940 -39.21 12.74 -37.69
CA GLN B 940 -37.93 12.49 -37.03
C GLN B 940 -37.11 11.47 -37.80
N MET B 941 -37.75 10.38 -38.25
CA MET B 941 -37.02 9.37 -38.99
C MET B 941 -36.52 9.91 -40.31
N ALA B 942 -37.30 10.78 -40.96
CA ALA B 942 -36.82 11.42 -42.17
C ALA B 942 -35.58 12.26 -41.89
N TYR B 943 -35.59 12.98 -40.77
CA TYR B 943 -34.43 13.79 -40.42
C TYR B 943 -33.22 12.91 -40.16
N ARG B 944 -33.42 11.76 -39.51
CA ARG B 944 -32.31 10.83 -39.30
C ARG B 944 -31.77 10.32 -40.63
N PHE B 945 -32.67 9.97 -41.55
CA PHE B 945 -32.24 9.53 -42.88
C PHE B 945 -31.39 10.60 -43.54
N ASN B 946 -31.81 11.86 -43.42
CA ASN B 946 -30.97 12.95 -43.89
C ASN B 946 -29.62 12.94 -43.19
N GLY B 947 -29.64 12.70 -41.87
CA GLY B 947 -28.40 12.71 -41.10
C GLY B 947 -27.40 11.68 -41.59
N ILE B 948 -27.88 10.53 -42.05
CA ILE B 948 -26.99 9.53 -42.61
C ILE B 948 -26.92 9.73 -44.12
N GLY B 949 -27.33 10.91 -44.58
CA GLY B 949 -27.27 11.22 -45.99
C GLY B 949 -28.16 10.34 -46.83
N VAL B 950 -29.40 10.14 -46.40
CA VAL B 950 -30.37 9.31 -47.09
C VAL B 950 -31.58 10.16 -47.42
N THR B 951 -32.03 10.10 -48.67
CA THR B 951 -33.18 10.87 -49.09
C THR B 951 -34.43 10.41 -48.34
N GLN B 952 -35.22 11.38 -47.87
CA GLN B 952 -36.38 11.07 -47.05
C GLN B 952 -37.38 10.18 -47.79
N ASN B 953 -37.47 10.32 -49.10
CA ASN B 953 -38.56 9.71 -49.85
C ASN B 953 -38.64 8.21 -49.57
N VAL B 954 -37.49 7.55 -49.49
CA VAL B 954 -37.47 6.10 -49.27
C VAL B 954 -38.18 5.75 -47.97
N LEU B 955 -37.98 6.57 -46.94
CA LEU B 955 -38.58 6.28 -45.64
C LEU B 955 -40.07 6.07 -45.76
N TYR B 956 -40.77 7.03 -46.39
CA TYR B 956 -42.20 6.89 -46.59
C TYR B 956 -42.51 5.78 -47.57
N GLU B 957 -41.69 5.66 -48.63
CA GLU B 957 -41.94 4.64 -49.63
C GLU B 957 -41.89 3.24 -49.06
N ASN B 958 -41.26 3.06 -47.90
CA ASN B 958 -41.16 1.75 -47.26
C ASN B 958 -41.45 1.88 -45.77
N GLN B 959 -42.38 2.76 -45.42
CA GLN B 959 -42.74 2.95 -44.02
C GLN B 959 -43.17 1.64 -43.38
N LYS B 960 -44.08 0.92 -44.04
CA LYS B 960 -44.61 -0.31 -43.47
C LYS B 960 -43.52 -1.37 -43.29
N LEU B 961 -42.69 -1.54 -44.33
CA LEU B 961 -41.63 -2.54 -44.24
C LEU B 961 -40.64 -2.18 -43.14
N ILE B 962 -40.30 -0.90 -43.02
CA ILE B 962 -39.40 -0.47 -41.96
C ILE B 962 -39.99 -0.79 -40.61
N ALA B 963 -41.28 -0.47 -40.42
CA ALA B 963 -41.93 -0.75 -39.15
C ALA B 963 -41.92 -2.24 -38.84
N ASN B 964 -42.23 -3.06 -39.84
CA ASN B 964 -42.24 -4.51 -39.62
C ASN B 964 -40.87 -5.03 -39.25
N GLN B 965 -39.83 -4.55 -39.95
CA GLN B 965 -38.47 -4.97 -39.64
C GLN B 965 -38.10 -4.58 -38.22
N PHE B 966 -38.44 -3.35 -37.83
CA PHE B 966 -38.14 -2.91 -36.47
C PHE B 966 -38.85 -3.78 -35.44
N ASN B 967 -40.12 -4.08 -35.70
CA ASN B 967 -40.88 -4.92 -34.77
C ASN B 967 -40.26 -6.30 -34.64
N SER B 968 -39.88 -6.89 -35.78
CA SER B 968 -39.26 -8.20 -35.74
C SER B 968 -37.95 -8.16 -34.97
N ALA B 969 -37.15 -7.11 -35.18
CA ALA B 969 -35.87 -7.02 -34.51
C ALA B 969 -36.05 -6.88 -33.00
N ILE B 970 -36.99 -6.02 -32.57
CA ILE B 970 -37.19 -5.84 -31.13
C ILE B 970 -37.68 -7.14 -30.51
N GLY B 971 -38.61 -7.83 -31.18
CA GLY B 971 -39.05 -9.12 -30.67
C GLY B 971 -37.92 -10.13 -30.59
N LYS B 972 -37.04 -10.13 -31.61
CA LYS B 972 -35.94 -11.08 -31.63
C LYS B 972 -34.97 -10.82 -30.48
N ILE B 973 -34.66 -9.55 -30.21
CA ILE B 973 -33.77 -9.26 -29.09
C ILE B 973 -34.44 -9.63 -27.79
N GLN B 974 -35.74 -9.39 -27.67
CA GLN B 974 -36.49 -9.84 -26.49
C GLN B 974 -36.29 -11.33 -26.28
N ASP B 975 -36.51 -12.12 -27.34
CA ASP B 975 -36.40 -13.57 -27.21
C ASP B 975 -34.97 -13.99 -26.89
N SER B 976 -33.99 -13.35 -27.52
CA SER B 976 -32.60 -13.72 -27.29
C SER B 976 -32.21 -13.48 -25.83
N LEU B 977 -32.50 -12.28 -25.32
CA LEU B 977 -32.17 -12.00 -23.93
C LEU B 977 -32.97 -12.88 -22.98
N SER B 978 -34.20 -13.23 -23.36
CA SER B 978 -35.00 -14.13 -22.53
C SER B 978 -34.36 -15.51 -22.44
N SER B 979 -33.84 -16.01 -23.57
CA SER B 979 -33.27 -17.34 -23.61
C SER B 979 -31.90 -17.38 -22.93
N THR B 980 -30.94 -16.62 -23.46
CA THR B 980 -29.58 -16.67 -22.94
C THR B 980 -29.40 -15.67 -21.80
N ALA B 981 -28.33 -15.88 -21.03
CA ALA B 981 -27.96 -15.01 -19.93
C ALA B 981 -26.55 -14.47 -20.02
N SER B 982 -25.72 -14.98 -20.94
CA SER B 982 -24.33 -14.58 -21.01
C SER B 982 -24.16 -13.10 -21.29
N ALA B 983 -25.19 -12.43 -21.81
CA ALA B 983 -25.06 -11.01 -22.13
C ALA B 983 -24.77 -10.18 -20.89
N LEU B 984 -25.37 -10.56 -19.75
CA LEU B 984 -25.23 -9.81 -18.50
C LEU B 984 -23.96 -10.16 -17.74
N GLY B 985 -22.98 -10.75 -18.44
CA GLY B 985 -21.76 -11.20 -17.78
C GLY B 985 -21.04 -10.07 -17.08
N LYS B 986 -21.02 -8.89 -17.69
CA LYS B 986 -20.30 -7.77 -17.09
C LYS B 986 -20.85 -7.43 -15.72
N LEU B 987 -22.16 -7.23 -15.62
CA LEU B 987 -22.77 -6.88 -14.35
C LEU B 987 -22.64 -8.02 -13.35
N GLN B 988 -22.85 -9.26 -13.82
CA GLN B 988 -22.70 -10.41 -12.93
C GLN B 988 -21.30 -10.46 -12.35
N ASP B 989 -20.30 -10.21 -13.19
CA ASP B 989 -18.91 -10.22 -12.74
C ASP B 989 -18.64 -9.10 -11.75
N VAL B 990 -19.20 -7.91 -11.99
CA VAL B 990 -19.01 -6.82 -11.04
C VAL B 990 -19.55 -7.22 -9.67
N VAL B 991 -20.78 -7.74 -9.65
CA VAL B 991 -21.39 -8.15 -8.39
C VAL B 991 -20.56 -9.24 -7.73
N ASN B 992 -20.11 -10.21 -8.51
CA ASN B 992 -19.33 -11.32 -7.96
C ASN B 992 -18.01 -10.83 -7.41
N GLN B 993 -17.37 -9.89 -8.09
CA GLN B 993 -16.12 -9.32 -7.59
C GLN B 993 -16.34 -8.67 -6.24
N ASN B 994 -17.37 -7.84 -6.13
CA ASN B 994 -17.65 -7.19 -4.85
C ASN B 994 -17.89 -8.23 -3.77
N ALA B 995 -18.75 -9.21 -4.06
CA ALA B 995 -19.09 -10.21 -3.06
C ALA B 995 -17.88 -11.01 -2.63
N GLN B 996 -17.05 -11.42 -3.59
CA GLN B 996 -15.86 -12.20 -3.25
C GLN B 996 -14.87 -11.38 -2.45
N ALA B 997 -14.69 -10.10 -2.80
CA ALA B 997 -13.80 -9.26 -2.02
C ALA B 997 -14.26 -9.19 -0.57
N LEU B 998 -15.55 -8.91 -0.35
CA LEU B 998 -16.06 -8.85 1.00
C LEU B 998 -15.91 -10.19 1.71
N ASN B 999 -16.21 -11.28 1.00
CA ASN B 999 -16.15 -12.61 1.61
C ASN B 999 -14.74 -12.92 2.07
N THR B 1000 -13.75 -12.69 1.20
CA THR B 1000 -12.36 -12.93 1.57
C THR B 1000 -11.94 -12.05 2.74
N LEU B 1001 -12.32 -10.77 2.69
CA LEU B 1001 -12.04 -9.88 3.80
C LEU B 1001 -12.53 -10.49 5.11
N VAL B 1002 -13.74 -11.04 5.09
CA VAL B 1002 -14.25 -11.73 6.28
C VAL B 1002 -13.35 -12.92 6.62
N LYS B 1003 -12.99 -13.72 5.60
CA LYS B 1003 -12.20 -14.92 5.85
C LYS B 1003 -10.93 -14.59 6.61
N GLN B 1004 -10.30 -13.45 6.28
CA GLN B 1004 -9.02 -13.13 6.88
C GLN B 1004 -9.09 -13.06 8.40
N LEU B 1005 -10.29 -12.85 8.96
CA LEU B 1005 -10.43 -12.74 10.40
C LEU B 1005 -9.96 -13.98 11.14
N SER B 1006 -9.92 -15.13 10.48
CA SER B 1006 -9.60 -16.39 11.14
C SER B 1006 -8.11 -16.67 11.23
N SER B 1007 -7.27 -15.84 10.63
CA SER B 1007 -5.83 -16.11 10.59
C SER B 1007 -5.16 -15.63 11.86
N ASN B 1008 -4.27 -16.47 12.41
CA ASN B 1008 -3.50 -16.06 13.57
C ASN B 1008 -2.41 -15.06 13.20
N PHE B 1009 -1.97 -15.03 11.95
CA PHE B 1009 -0.92 -14.13 11.51
C PHE B 1009 0.34 -14.33 12.36
N GLY B 1010 0.64 -15.57 12.68
CA GLY B 1010 1.73 -15.89 13.57
C GLY B 1010 1.39 -15.82 15.04
N ALA B 1011 0.16 -15.46 15.39
CA ALA B 1011 -0.27 -15.45 16.77
C ALA B 1011 -0.62 -16.86 17.22
N ILE B 1012 -0.76 -17.03 18.54
CA ILE B 1012 -1.10 -18.34 19.08
C ILE B 1012 -2.52 -18.74 18.67
N SER B 1013 -3.40 -17.76 18.47
CA SER B 1013 -4.78 -18.03 18.05
C SER B 1013 -5.35 -16.78 17.41
N SER B 1014 -6.48 -16.94 16.73
CA SER B 1014 -7.17 -15.85 16.07
C SER B 1014 -8.46 -15.49 16.79
N VAL B 1015 -8.51 -15.68 18.10
CA VAL B 1015 -9.67 -15.32 18.92
C VAL B 1015 -9.17 -14.37 20.00
N LEU B 1016 -9.42 -13.07 19.82
CA LEU B 1016 -8.95 -12.08 20.77
C LEU B 1016 -9.47 -12.38 22.17
N ASN B 1017 -10.71 -12.87 22.27
CA ASN B 1017 -11.26 -13.20 23.57
C ASN B 1017 -10.48 -14.33 24.22
N ASP B 1018 -10.12 -15.35 23.45
CA ASP B 1018 -9.30 -16.44 23.99
C ASP B 1018 -7.94 -15.93 24.42
N ILE B 1019 -7.33 -15.05 23.62
CA ILE B 1019 -6.04 -14.49 24.00
C ILE B 1019 -6.16 -13.75 25.32
N LEU B 1020 -7.20 -12.92 25.45
CA LEU B 1020 -7.38 -12.16 26.67
C LEU B 1020 -7.59 -13.08 27.86
N SER B 1021 -8.42 -14.10 27.70
CA SER B 1021 -8.70 -15.01 28.81
C SER B 1021 -7.46 -15.78 29.24
N ARG B 1022 -6.70 -16.31 28.27
CA ARG B 1022 -5.57 -17.16 28.60
C ARG B 1022 -4.35 -16.37 29.08
N LEU B 1023 -4.15 -15.17 28.56
CA LEU B 1023 -2.90 -14.45 28.76
C LEU B 1023 -3.14 -13.15 29.53
N ASP B 1024 -2.06 -12.66 30.13
CA ASP B 1024 -2.05 -11.43 30.90
C ASP B 1024 -1.45 -10.30 30.08
N PRO B 1025 -1.58 -9.05 30.53
CA PRO B 1025 -1.34 -7.90 29.67
C PRO B 1025 -0.11 -8.06 28.78
N PRO B 1026 1.07 -8.39 29.33
CA PRO B 1026 2.28 -8.36 28.47
C PRO B 1026 2.22 -9.24 27.24
N GLU B 1027 2.09 -10.56 27.41
CA GLU B 1027 2.09 -11.42 26.23
C GLU B 1027 0.76 -11.37 25.50
N ALA B 1028 -0.33 -11.04 26.21
CA ALA B 1028 -1.58 -10.75 25.52
C ALA B 1028 -1.36 -9.64 24.49
N GLU B 1029 -0.64 -8.58 24.88
CA GLU B 1029 -0.26 -7.54 23.94
C GLU B 1029 0.65 -8.09 22.85
N VAL B 1030 1.61 -8.91 23.24
CA VAL B 1030 2.56 -9.44 22.25
C VAL B 1030 1.82 -10.14 21.12
N GLN B 1031 0.72 -10.83 21.45
CA GLN B 1031 -0.09 -11.48 20.42
C GLN B 1031 -1.06 -10.52 19.75
N ILE B 1032 -1.65 -9.62 20.54
CA ILE B 1032 -2.72 -8.77 20.03
C ILE B 1032 -2.18 -7.77 19.03
N ASP B 1033 -1.00 -7.21 19.29
CA ASP B 1033 -0.41 -6.28 18.33
C ASP B 1033 -0.16 -6.97 16.99
N ARG B 1034 0.31 -8.21 17.04
CA ARG B 1034 0.53 -8.98 15.81
C ARG B 1034 -0.78 -9.18 15.05
N LEU B 1035 -1.83 -9.59 15.78
CA LEU B 1035 -3.13 -9.78 15.13
C LEU B 1035 -3.63 -8.47 14.53
N ILE B 1036 -3.49 -7.37 15.28
CA ILE B 1036 -3.90 -6.06 14.80
C ILE B 1036 -3.15 -5.73 13.52
N THR B 1037 -1.84 -5.98 13.52
CA THR B 1037 -1.01 -5.73 12.35
C THR B 1037 -1.58 -6.46 11.13
N GLY B 1038 -1.80 -7.76 11.28
CA GLY B 1038 -2.25 -8.54 10.13
C GLY B 1038 -3.60 -8.08 9.62
N ARG B 1039 -4.56 -7.90 10.53
CA ARG B 1039 -5.88 -7.45 10.11
C ARG B 1039 -5.80 -6.07 9.47
N LEU B 1040 -4.94 -5.22 10.01
CA LEU B 1040 -4.74 -3.89 9.45
C LEU B 1040 -4.31 -3.98 7.99
N GLN B 1041 -3.28 -4.78 7.72
CA GLN B 1041 -2.79 -4.91 6.35
C GLN B 1041 -3.88 -5.45 5.43
N SER B 1042 -4.61 -6.47 5.89
CA SER B 1042 -5.70 -7.00 5.08
C SER B 1042 -6.67 -5.88 4.72
N LEU B 1043 -7.00 -5.04 5.70
CA LEU B 1043 -7.99 -3.99 5.47
C LEU B 1043 -7.47 -2.96 4.47
N GLN B 1044 -6.21 -2.54 4.59
CA GLN B 1044 -5.69 -1.59 3.60
C GLN B 1044 -5.67 -2.20 2.21
N THR B 1045 -5.30 -3.48 2.11
CA THR B 1045 -5.36 -4.12 0.80
C THR B 1045 -6.76 -3.96 0.21
N TYR B 1046 -7.77 -4.36 0.99
CA TYR B 1046 -9.14 -4.30 0.52
C TYR B 1046 -9.49 -2.89 0.06
N VAL B 1047 -9.20 -1.91 0.92
CA VAL B 1047 -9.52 -0.53 0.58
C VAL B 1047 -8.86 -0.16 -0.74
N THR B 1048 -7.63 -0.58 -0.94
CA THR B 1048 -6.91 -0.27 -2.17
C THR B 1048 -7.66 -0.78 -3.39
N GLN B 1049 -7.83 -2.11 -3.51
CA GLN B 1049 -8.46 -2.56 -4.74
C GLN B 1049 -9.86 -2.00 -4.87
N GLN B 1050 -10.50 -1.63 -3.75
CA GLN B 1050 -11.75 -0.90 -3.86
C GLN B 1050 -11.53 0.44 -4.55
N LEU B 1051 -10.47 1.16 -4.17
CA LEU B 1051 -10.17 2.43 -4.83
C LEU B 1051 -10.00 2.24 -6.33
N ILE B 1052 -9.20 1.26 -6.72
CA ILE B 1052 -8.91 1.08 -8.15
C ILE B 1052 -10.18 0.69 -8.91
N ARG B 1053 -10.96 -0.24 -8.35
CA ARG B 1053 -12.20 -0.63 -9.00
C ARG B 1053 -13.14 0.56 -9.13
N ALA B 1054 -13.20 1.40 -8.10
CA ALA B 1054 -14.05 2.58 -8.17
C ALA B 1054 -13.56 3.53 -9.26
N ALA B 1055 -12.25 3.69 -9.39
CA ALA B 1055 -11.72 4.58 -10.42
C ALA B 1055 -12.13 4.10 -11.80
N GLU B 1056 -11.92 2.82 -12.10
CA GLU B 1056 -12.31 2.32 -13.41
C GLU B 1056 -13.82 2.38 -13.60
N ILE B 1057 -14.59 2.17 -12.52
CA ILE B 1057 -16.04 2.29 -12.61
C ILE B 1057 -16.42 3.71 -12.97
N ARG B 1058 -15.76 4.70 -12.38
CA ARG B 1058 -16.05 6.09 -12.69
C ARG B 1058 -15.73 6.39 -14.15
N ALA B 1059 -14.61 5.86 -14.65
CA ALA B 1059 -14.30 6.05 -16.06
C ALA B 1059 -15.42 5.47 -16.93
N SER B 1060 -15.86 4.26 -16.61
CA SER B 1060 -16.94 3.65 -17.37
C SER B 1060 -18.21 4.49 -17.28
N ALA B 1061 -18.50 5.04 -16.11
CA ALA B 1061 -19.69 5.84 -15.93
C ALA B 1061 -19.64 7.12 -16.76
N ASN B 1062 -18.48 7.76 -16.81
CA ASN B 1062 -18.32 8.93 -17.66
C ASN B 1062 -18.54 8.57 -19.12
N LEU B 1063 -17.97 7.45 -19.55
CA LEU B 1063 -18.20 6.99 -20.92
C LEU B 1063 -19.69 6.77 -21.18
N ALA B 1064 -20.37 6.14 -20.23
CA ALA B 1064 -21.80 5.88 -20.40
C ALA B 1064 -22.59 7.17 -20.46
N ALA B 1065 -22.24 8.14 -19.63
CA ALA B 1065 -22.94 9.43 -19.67
C ALA B 1065 -22.75 10.11 -21.01
N THR B 1066 -21.53 10.07 -21.55
CA THR B 1066 -21.29 10.64 -22.87
C THR B 1066 -22.12 9.91 -23.92
N LYS B 1067 -22.15 8.57 -23.85
CA LYS B 1067 -22.94 7.81 -24.80
C LYS B 1067 -24.41 8.20 -24.72
N MET B 1068 -24.94 8.29 -23.50
CA MET B 1068 -26.30 8.78 -23.31
C MET B 1068 -26.50 10.09 -24.04
N SER B 1069 -25.74 11.11 -23.61
CA SER B 1069 -25.96 12.46 -24.10
C SER B 1069 -25.76 12.59 -25.60
N GLU B 1070 -25.02 11.67 -26.22
CA GLU B 1070 -24.73 11.79 -27.65
C GLU B 1070 -25.63 10.90 -28.51
N CYS B 1071 -25.61 9.58 -28.28
CA CYS B 1071 -26.49 8.71 -29.06
C CYS B 1071 -27.95 9.03 -28.82
N VAL B 1072 -28.35 9.26 -27.57
CA VAL B 1072 -29.77 9.38 -27.26
C VAL B 1072 -30.28 10.77 -27.59
N LEU B 1073 -29.70 11.79 -26.99
CA LEU B 1073 -30.18 13.15 -27.18
C LEU B 1073 -29.93 13.67 -28.57
N GLY B 1074 -29.12 12.98 -29.38
CA GLY B 1074 -28.85 13.41 -30.73
C GLY B 1074 -28.35 12.25 -31.57
N GLN B 1075 -28.14 12.53 -32.86
CA GLN B 1075 -27.63 11.55 -33.81
C GLN B 1075 -26.18 11.91 -34.12
N SER B 1076 -25.26 11.16 -33.53
CA SER B 1076 -23.84 11.44 -33.67
C SER B 1076 -23.34 10.95 -35.03
N LYS B 1077 -22.02 11.05 -35.23
CA LYS B 1077 -21.37 10.58 -36.45
C LYS B 1077 -20.14 9.72 -36.17
N ARG B 1078 -19.71 9.59 -34.93
CA ARG B 1078 -18.56 8.75 -34.63
C ARG B 1078 -18.86 7.30 -35.01
N VAL B 1079 -17.99 6.71 -35.84
CA VAL B 1079 -18.26 5.39 -36.38
C VAL B 1079 -18.16 4.36 -35.26
N ASP B 1080 -19.15 3.48 -35.19
CA ASP B 1080 -19.22 2.35 -34.27
C ASP B 1080 -19.41 2.78 -32.82
N PHE B 1081 -19.39 4.08 -32.52
CA PHE B 1081 -19.60 4.52 -31.14
C PHE B 1081 -20.97 4.09 -30.64
N CYS B 1082 -22.00 4.34 -31.44
CA CYS B 1082 -23.38 3.99 -31.06
C CYS B 1082 -23.75 2.63 -31.63
N GLY B 1083 -22.86 1.65 -31.48
CA GLY B 1083 -23.04 0.34 -32.06
C GLY B 1083 -22.58 0.26 -33.51
N LYS B 1084 -22.50 -0.97 -34.01
CA LYS B 1084 -22.07 -1.21 -35.38
C LYS B 1084 -23.16 -0.81 -36.36
N GLY B 1085 -22.75 -0.35 -37.54
CA GLY B 1085 -23.66 0.11 -38.56
C GLY B 1085 -23.99 1.58 -38.41
N TYR B 1086 -24.74 2.09 -39.39
CA TYR B 1086 -25.03 3.52 -39.40
C TYR B 1086 -26.02 3.87 -38.30
N HIS B 1087 -25.60 4.72 -37.37
CA HIS B 1087 -26.38 4.99 -36.17
C HIS B 1087 -27.60 5.84 -36.47
N LEU B 1088 -28.72 5.48 -35.84
CA LEU B 1088 -29.97 6.22 -35.97
C LEU B 1088 -30.38 6.87 -34.66
N MET B 1089 -30.51 6.08 -33.60
CA MET B 1089 -30.86 6.56 -32.26
C MET B 1089 -30.60 5.41 -31.31
N SER B 1090 -31.02 5.58 -30.05
CA SER B 1090 -30.89 4.52 -29.07
C SER B 1090 -31.93 4.71 -27.98
N PHE B 1091 -32.12 3.65 -27.20
CA PHE B 1091 -33.14 3.64 -26.16
C PHE B 1091 -32.57 3.03 -24.88
N PRO B 1092 -32.43 3.81 -23.81
CA PRO B 1092 -31.85 3.27 -22.58
C PRO B 1092 -32.86 2.51 -21.74
N GLN B 1093 -32.32 1.62 -20.93
CA GLN B 1093 -33.11 0.84 -19.98
C GLN B 1093 -32.27 0.59 -18.74
N SER B 1094 -32.82 0.92 -17.58
CA SER B 1094 -32.10 0.75 -16.34
C SER B 1094 -31.94 -0.73 -16.01
N ALA B 1095 -30.86 -1.04 -15.31
CA ALA B 1095 -30.60 -2.36 -14.78
C ALA B 1095 -29.92 -2.16 -13.44
N PRO B 1096 -29.98 -3.15 -12.56
CA PRO B 1096 -29.35 -2.97 -11.23
C PRO B 1096 -27.89 -2.59 -11.38
N HIS B 1097 -27.56 -1.36 -11.02
CA HIS B 1097 -26.20 -0.83 -11.04
C HIS B 1097 -25.65 -0.65 -12.45
N GLY B 1098 -26.47 -0.79 -13.48
CA GLY B 1098 -26.00 -0.68 -14.84
C GLY B 1098 -27.06 -0.13 -15.77
N VAL B 1099 -26.69 0.04 -17.03
CA VAL B 1099 -27.61 0.56 -18.04
C VAL B 1099 -27.47 -0.28 -19.31
N VAL B 1100 -28.54 -0.31 -20.10
CA VAL B 1100 -28.55 -1.02 -21.36
C VAL B 1100 -29.03 -0.07 -22.46
N PHE B 1101 -28.35 -0.12 -23.60
CA PHE B 1101 -28.70 0.69 -24.76
C PHE B 1101 -29.10 -0.23 -25.91
N LEU B 1102 -30.13 0.18 -26.64
CA LEU B 1102 -30.62 -0.53 -27.82
C LEU B 1102 -30.24 0.31 -29.04
N HIS B 1103 -29.04 0.07 -29.55
CA HIS B 1103 -28.58 0.84 -30.70
C HIS B 1103 -29.33 0.39 -31.95
N VAL B 1104 -29.94 1.36 -32.64
CA VAL B 1104 -30.66 1.11 -33.87
C VAL B 1104 -29.81 1.62 -35.02
N THR B 1105 -29.59 0.76 -36.02
CA THR B 1105 -28.65 1.09 -37.08
C THR B 1105 -29.18 0.62 -38.42
N TYR B 1106 -28.79 1.35 -39.45
CA TYR B 1106 -29.05 0.97 -40.83
C TYR B 1106 -27.86 0.17 -41.34
N VAL B 1107 -28.14 -0.83 -42.17
CA VAL B 1107 -27.08 -1.67 -42.75
C VAL B 1107 -27.45 -2.08 -44.17
N PRO B 1108 -26.66 -1.73 -45.18
CA PRO B 1108 -26.95 -2.24 -46.53
C PRO B 1108 -26.83 -3.76 -46.56
N ALA B 1109 -27.67 -4.40 -47.38
CA ALA B 1109 -27.73 -5.85 -47.43
C ALA B 1109 -27.37 -6.41 -48.80
N GLN B 1110 -28.03 -5.95 -49.86
CA GLN B 1110 -27.84 -6.48 -51.20
C GLN B 1110 -27.09 -5.48 -52.07
N GLU B 1111 -26.30 -6.01 -53.00
CA GLU B 1111 -25.44 -5.20 -53.85
C GLU B 1111 -25.66 -5.56 -55.31
N LYS B 1112 -25.39 -4.58 -56.18
CA LYS B 1112 -25.51 -4.77 -57.63
C LYS B 1112 -24.53 -3.79 -58.25
N ASN B 1113 -23.36 -4.29 -58.65
CA ASN B 1113 -22.28 -3.40 -59.04
C ASN B 1113 -22.39 -3.00 -60.50
N PHE B 1114 -21.58 -2.01 -60.86
CA PHE B 1114 -21.72 -1.34 -62.14
C PHE B 1114 -20.34 -0.88 -62.59
N THR B 1115 -20.30 -0.01 -63.60
CA THR B 1115 -19.06 0.60 -64.06
C THR B 1115 -19.18 2.11 -63.94
N THR B 1116 -18.10 2.75 -63.49
CA THR B 1116 -18.11 4.16 -63.13
C THR B 1116 -17.11 4.95 -63.97
N ALA B 1117 -17.32 6.26 -64.01
CA ALA B 1117 -16.41 7.19 -64.65
C ALA B 1117 -16.20 8.38 -63.71
N PRO B 1118 -15.00 8.98 -63.71
CA PRO B 1118 -14.73 10.06 -62.75
C PRO B 1118 -15.61 11.28 -62.94
N ALA B 1119 -15.92 11.62 -64.19
CA ALA B 1119 -16.76 12.75 -64.52
C ALA B 1119 -17.28 12.52 -65.94
N ILE B 1120 -17.92 13.52 -66.53
CA ILE B 1120 -18.47 13.34 -67.87
C ILE B 1120 -18.16 14.57 -68.72
N CYS B 1121 -18.11 14.36 -70.04
CA CYS B 1121 -17.96 15.42 -71.02
C CYS B 1121 -19.19 15.44 -71.92
N HIS B 1122 -19.79 16.63 -72.05
CA HIS B 1122 -20.96 16.81 -72.90
C HIS B 1122 -20.67 17.70 -74.10
N ASP B 1123 -20.03 18.84 -73.86
CA ASP B 1123 -19.74 19.81 -74.92
C ASP B 1123 -18.29 20.28 -74.79
N GLY B 1124 -17.38 19.34 -74.57
CA GLY B 1124 -16.00 19.68 -74.31
C GLY B 1124 -15.73 20.21 -72.92
N LYS B 1125 -16.72 20.17 -72.05
CA LYS B 1125 -16.61 20.67 -70.68
C LYS B 1125 -16.81 19.53 -69.70
N ALA B 1126 -16.15 19.63 -68.55
CA ALA B 1126 -16.24 18.60 -67.53
C ALA B 1126 -17.41 18.89 -66.60
N HIS B 1127 -18.31 17.91 -66.47
CA HIS B 1127 -19.41 17.95 -65.54
C HIS B 1127 -19.16 16.92 -64.44
N PHE B 1128 -19.42 17.32 -63.21
CA PHE B 1128 -19.21 16.47 -62.04
C PHE B 1128 -20.47 16.42 -61.20
N PRO B 1129 -20.70 15.30 -60.49
CA PRO B 1129 -21.90 15.21 -59.66
C PRO B 1129 -21.83 16.14 -58.47
N ARG B 1130 -22.92 16.86 -58.22
CA ARG B 1130 -23.02 17.62 -56.97
C ARG B 1130 -22.88 16.70 -55.78
N GLU B 1131 -23.66 15.62 -55.76
CA GLU B 1131 -23.55 14.58 -54.76
C GLU B 1131 -23.83 13.24 -55.41
N GLY B 1132 -23.53 12.17 -54.68
CA GLY B 1132 -23.76 10.85 -55.22
C GLY B 1132 -22.58 10.36 -56.01
N VAL B 1133 -22.86 9.68 -57.13
CA VAL B 1133 -21.81 9.17 -58.01
C VAL B 1133 -22.43 8.77 -59.33
N PHE B 1134 -21.64 8.87 -60.40
CA PHE B 1134 -22.05 8.33 -61.68
C PHE B 1134 -21.98 6.81 -61.66
N VAL B 1135 -22.73 6.19 -62.57
CA VAL B 1135 -22.86 4.74 -62.59
C VAL B 1135 -23.30 4.33 -63.99
N SER B 1136 -22.64 3.30 -64.52
CA SER B 1136 -23.16 2.68 -65.73
C SER B 1136 -22.73 1.22 -65.89
N ASN B 1137 -23.75 0.37 -65.86
CA ASN B 1137 -23.78 -0.98 -66.39
C ASN B 1137 -24.06 -0.98 -67.90
N GLY B 1138 -23.18 -0.28 -68.62
CA GLY B 1138 -23.18 -0.35 -70.07
C GLY B 1138 -24.19 0.58 -70.70
N THR B 1139 -25.33 0.00 -71.05
CA THR B 1139 -26.41 0.61 -71.81
C THR B 1139 -26.57 2.12 -71.58
N HIS B 1140 -26.55 2.58 -70.33
CA HIS B 1140 -26.83 3.98 -70.05
C HIS B 1140 -26.02 4.44 -68.84
N TRP B 1141 -25.94 5.76 -68.67
CA TRP B 1141 -25.24 6.40 -67.57
C TRP B 1141 -26.24 7.13 -66.68
N PHE B 1142 -26.03 7.07 -65.37
CA PHE B 1142 -26.90 7.72 -64.42
C PHE B 1142 -26.07 8.22 -63.24
N VAL B 1143 -26.73 8.92 -62.31
CA VAL B 1143 -26.13 9.35 -61.06
C VAL B 1143 -27.08 9.00 -59.93
N THR B 1144 -26.51 8.63 -58.79
CA THR B 1144 -27.34 8.24 -57.65
C THR B 1144 -26.63 8.52 -56.34
N GLN B 1145 -27.43 8.61 -55.28
CA GLN B 1145 -26.88 8.74 -53.94
C GLN B 1145 -25.96 7.55 -53.65
N ARG B 1146 -24.84 7.84 -52.99
CA ARG B 1146 -23.83 6.82 -52.79
C ARG B 1146 -24.36 5.65 -51.99
N ASN B 1147 -25.13 5.92 -50.95
CA ASN B 1147 -25.52 4.89 -49.99
C ASN B 1147 -26.79 4.14 -50.37
N PHE B 1148 -27.37 4.42 -51.54
CA PHE B 1148 -28.50 3.64 -52.02
C PHE B 1148 -28.52 3.66 -53.53
N TYR B 1149 -28.86 2.51 -54.12
CA TYR B 1149 -28.95 2.41 -55.58
C TYR B 1149 -30.22 3.07 -56.07
N GLU B 1150 -30.14 4.36 -56.40
CA GLU B 1150 -31.27 5.14 -56.89
C GLU B 1150 -30.86 5.81 -58.18
N PRO B 1151 -30.83 5.08 -59.30
CA PRO B 1151 -30.36 5.67 -60.56
C PRO B 1151 -31.24 6.85 -60.96
N GLN B 1152 -30.61 7.87 -61.54
CA GLN B 1152 -31.31 9.07 -61.95
C GLN B 1152 -30.69 9.61 -63.23
N ILE B 1153 -31.53 10.26 -64.04
CA ILE B 1153 -31.06 10.86 -65.28
C ILE B 1153 -30.12 12.02 -64.95
N ILE B 1154 -28.96 12.04 -65.58
CA ILE B 1154 -28.00 13.12 -65.37
C ILE B 1154 -28.43 14.32 -66.21
N THR B 1155 -28.56 15.48 -65.56
CA THR B 1155 -29.01 16.69 -66.22
C THR B 1155 -28.24 17.87 -65.65
N THR B 1156 -28.60 19.07 -66.10
CA THR B 1156 -27.89 20.27 -65.67
C THR B 1156 -27.93 20.41 -64.16
N ASP B 1157 -29.12 20.34 -63.57
CA ASP B 1157 -29.25 20.59 -62.14
C ASP B 1157 -28.53 19.55 -61.31
N ASN B 1158 -28.45 18.31 -61.79
CA ASN B 1158 -27.80 17.26 -61.02
C ASN B 1158 -26.32 17.57 -60.81
N THR B 1159 -25.64 18.03 -61.85
CA THR B 1159 -24.20 18.17 -61.86
C THR B 1159 -23.81 19.64 -61.94
N PHE B 1160 -22.51 19.88 -61.99
CA PHE B 1160 -21.97 21.22 -62.14
C PHE B 1160 -20.70 21.18 -62.99
N VAL B 1161 -20.41 22.30 -63.63
CA VAL B 1161 -19.34 22.42 -64.60
C VAL B 1161 -18.06 22.82 -63.90
N SER B 1162 -16.93 22.38 -64.45
CA SER B 1162 -15.63 22.88 -64.01
C SER B 1162 -14.60 22.55 -65.09
N GLY B 1163 -14.07 23.57 -65.75
CA GLY B 1163 -12.99 23.35 -66.70
C GLY B 1163 -13.41 22.60 -67.94
N ASN B 1164 -12.41 22.08 -68.65
CA ASN B 1164 -12.58 21.36 -69.89
C ASN B 1164 -12.19 19.89 -69.69
N CYS B 1165 -12.17 19.14 -70.80
CA CYS B 1165 -12.08 17.69 -70.73
C CYS B 1165 -10.64 17.20 -70.55
N ASP B 1166 -9.68 17.82 -71.25
CA ASP B 1166 -8.36 17.21 -71.40
C ASP B 1166 -7.69 16.96 -70.05
N VAL B 1167 -7.87 17.86 -69.10
CA VAL B 1167 -7.06 17.83 -67.89
C VAL B 1167 -7.26 16.52 -67.12
N VAL B 1168 -8.52 16.14 -66.93
CA VAL B 1168 -8.86 15.01 -66.06
C VAL B 1168 -8.42 13.71 -66.72
N ILE B 1169 -8.41 12.62 -65.95
CA ILE B 1169 -8.06 11.29 -66.42
C ILE B 1169 -9.28 10.39 -66.34
N GLY B 1170 -9.48 9.57 -67.37
CA GLY B 1170 -10.52 8.57 -67.34
C GLY B 1170 -11.91 9.05 -67.62
N ILE B 1171 -12.10 10.33 -67.95
CA ILE B 1171 -13.42 10.83 -68.24
C ILE B 1171 -13.99 10.16 -69.49
N VAL B 1172 -15.31 10.18 -69.61
CA VAL B 1172 -16.02 9.61 -70.74
C VAL B 1172 -17.04 10.62 -71.22
N ASN B 1173 -17.85 10.22 -72.21
CA ASN B 1173 -18.73 11.12 -72.91
C ASN B 1173 -20.19 10.71 -72.74
N ASN B 1174 -21.07 11.71 -72.75
CA ASN B 1174 -22.50 11.48 -72.75
C ASN B 1174 -23.24 12.81 -72.87
N THR B 1175 -24.45 12.80 -73.40
CA THR B 1175 -25.25 14.01 -73.45
C THR B 1175 -25.78 14.34 -72.06
N VAL B 1176 -25.87 15.64 -71.77
CA VAL B 1176 -26.47 16.13 -70.52
C VAL B 1176 -27.73 16.89 -70.90
N TYR B 1177 -28.87 16.40 -70.43
CA TYR B 1177 -30.15 17.00 -70.77
C TYR B 1177 -30.40 18.26 -69.95
N ASP B 1178 -31.05 19.24 -70.58
CA ASP B 1178 -31.39 20.49 -69.92
C ASP B 1178 -32.88 20.58 -69.71
N PRO B 1179 -33.38 20.70 -68.47
CA PRO B 1179 -34.83 20.83 -68.29
C PRO B 1179 -35.43 22.07 -68.94
N LEU B 1180 -34.68 23.17 -68.99
CA LEU B 1180 -35.22 24.43 -69.51
C LEU B 1180 -35.45 24.37 -71.01
N GLN B 1181 -34.62 23.61 -71.72
CA GLN B 1181 -34.68 23.60 -73.18
C GLN B 1181 -36.02 23.12 -73.70
N PRO B 1182 -36.55 21.96 -73.26
CA PRO B 1182 -37.87 21.54 -73.78
C PRO B 1182 -38.99 22.52 -73.47
N GLU B 1183 -38.94 23.18 -72.32
CA GLU B 1183 -39.96 24.18 -72.00
C GLU B 1183 -39.91 25.34 -73.00
N LEU B 1184 -38.71 25.92 -73.19
CA LEU B 1184 -38.63 27.00 -74.14
C LEU B 1184 -38.91 26.51 -75.56
N ASP B 1185 -38.71 25.21 -75.81
CA ASP B 1185 -39.07 24.67 -77.12
C ASP B 1185 -40.57 24.59 -77.29
N SER B 1186 -41.31 24.27 -76.23
CA SER B 1186 -42.76 24.31 -76.30
C SER B 1186 -43.24 25.73 -76.59
N PHE B 1187 -42.68 26.71 -75.89
CA PHE B 1187 -43.04 28.09 -76.18
C PHE B 1187 -42.63 28.48 -77.61
N LYS B 1188 -41.54 27.89 -78.11
CA LYS B 1188 -41.14 28.10 -79.49
C LYS B 1188 -42.18 27.52 -80.45
N GLU B 1189 -42.67 26.31 -80.18
CA GLU B 1189 -43.73 25.75 -81.00
C GLU B 1189 -44.94 26.68 -81.02
N GLU B 1190 -45.22 27.33 -79.89
CA GLU B 1190 -46.37 28.23 -79.84
C GLU B 1190 -46.14 29.50 -80.66
N LEU B 1191 -44.96 30.12 -80.54
CA LEU B 1191 -44.76 31.45 -81.11
C LEU B 1191 -44.04 31.45 -82.45
N ASP B 1192 -42.97 30.68 -82.61
CA ASP B 1192 -42.14 30.74 -83.81
C ASP B 1192 -42.92 30.34 -85.06
N LYS B 1193 -43.74 29.29 -84.98
CA LYS B 1193 -44.36 28.72 -86.16
C LYS B 1193 -45.87 28.95 -86.20
N TYR B 1194 -46.37 29.95 -85.47
CA TYR B 1194 -47.75 30.41 -85.63
C TYR B 1194 -47.84 31.77 -86.29
N PHE B 1195 -46.91 32.68 -85.97
CA PHE B 1195 -46.84 33.98 -86.63
C PHE B 1195 -45.90 33.87 -87.82
N LYS B 1196 -46.39 33.18 -88.85
CA LYS B 1196 -45.58 32.84 -90.02
C LYS B 1196 -45.99 33.61 -91.27
N ASN B 1197 -47.25 33.51 -91.68
CA ASN B 1197 -47.69 34.00 -92.97
C ASN B 1197 -48.69 35.15 -92.89
N HIS B 1198 -49.14 35.51 -91.68
CA HIS B 1198 -50.11 36.60 -91.57
C HIS B 1198 -49.52 37.92 -92.09
N THR B 1199 -48.25 38.16 -91.81
CA THR B 1199 -47.58 39.37 -92.29
C THR B 1199 -47.50 39.37 -93.81
N ALA C 66 59.27 16.37 -6.33
CA ALA C 66 59.15 15.03 -6.86
C ALA C 66 57.73 14.50 -6.67
N TYR C 67 56.81 14.93 -7.54
CA TYR C 67 55.43 14.48 -7.50
C TYR C 67 54.91 14.33 -8.92
N THR C 68 53.80 13.61 -9.05
CA THR C 68 53.16 13.42 -10.35
C THR C 68 51.69 13.14 -10.09
N ASN C 69 50.94 12.95 -11.17
CA ASN C 69 49.50 12.77 -11.09
C ASN C 69 49.15 11.32 -11.37
N SER C 70 48.68 10.60 -10.35
CA SER C 70 48.14 9.25 -10.50
C SER C 70 46.78 9.38 -11.15
N PHE C 71 46.72 9.15 -12.46
CA PHE C 71 45.48 9.26 -13.20
C PHE C 71 44.57 8.06 -12.93
N THR C 72 45.04 6.86 -13.25
CA THR C 72 44.26 5.65 -13.06
C THR C 72 45.22 4.50 -12.80
N ARG C 73 45.45 4.20 -11.52
CA ARG C 73 46.29 3.07 -11.12
C ARG C 73 45.84 2.60 -9.74
N GLY C 74 46.25 1.38 -9.41
CA GLY C 74 45.91 0.78 -8.13
C GLY C 74 44.64 -0.04 -8.13
N VAL C 75 43.88 -0.05 -9.23
CA VAL C 75 42.64 -0.82 -9.26
C VAL C 75 42.96 -2.29 -9.06
N TYR C 76 42.26 -2.92 -8.11
CA TYR C 76 42.50 -4.32 -7.78
C TYR C 76 41.17 -5.03 -7.57
N TYR C 77 41.20 -6.35 -7.75
CA TYR C 77 40.00 -7.15 -7.53
C TYR C 77 39.63 -7.13 -6.05
N PRO C 78 38.35 -6.94 -5.71
CA PRO C 78 37.98 -6.84 -4.30
C PRO C 78 37.86 -8.19 -3.60
N ASP C 79 37.39 -9.20 -4.33
CA ASP C 79 37.12 -10.50 -3.72
C ASP C 79 37.24 -11.58 -4.80
N LYS C 80 37.16 -12.84 -4.36
CA LYS C 80 37.38 -13.97 -5.25
C LYS C 80 36.14 -14.36 -6.06
N VAL C 81 34.98 -13.77 -5.77
CA VAL C 81 33.79 -14.09 -6.56
C VAL C 81 34.05 -13.74 -8.02
N PHE C 82 33.53 -14.58 -8.91
CA PHE C 82 33.67 -14.36 -10.34
C PHE C 82 32.44 -13.63 -10.86
N ARG C 83 32.67 -12.58 -11.64
CA ARG C 83 31.62 -11.83 -12.30
C ARG C 83 32.02 -11.63 -13.76
N SER C 84 31.03 -11.33 -14.60
CA SER C 84 31.32 -11.18 -16.02
C SER C 84 30.24 -10.33 -16.68
N SER C 85 30.66 -9.43 -17.54
CA SER C 85 29.75 -8.59 -18.34
C SER C 85 28.76 -7.85 -17.44
N VAL C 86 29.27 -7.32 -16.32
CA VAL C 86 28.42 -6.63 -15.36
C VAL C 86 29.07 -5.31 -14.98
N LEU C 87 28.24 -4.39 -14.50
CA LEU C 87 28.68 -3.12 -13.95
C LEU C 87 28.32 -3.14 -12.47
N HIS C 88 29.27 -3.57 -11.65
CA HIS C 88 29.02 -3.80 -10.23
C HIS C 88 29.54 -2.63 -9.41
N SER C 89 28.71 -2.16 -8.48
CA SER C 89 29.14 -1.12 -7.55
C SER C 89 29.86 -1.76 -6.37
N THR C 90 30.83 -1.01 -5.84
CA THR C 90 31.64 -1.50 -4.73
C THR C 90 32.06 -0.30 -3.89
N GLN C 91 32.45 -0.57 -2.65
CA GLN C 91 33.00 0.47 -1.79
C GLN C 91 34.08 -0.13 -0.92
N ASP C 92 35.24 0.50 -0.89
CA ASP C 92 36.38 0.00 -0.13
C ASP C 92 37.48 1.05 -0.21
N LEU C 93 38.61 0.76 0.44
CA LEU C 93 39.76 1.65 0.36
C LEU C 93 40.36 1.58 -1.03
N PHE C 94 40.36 2.72 -1.73
CA PHE C 94 40.88 2.84 -3.08
C PHE C 94 41.78 4.05 -3.20
N LEU C 95 42.80 3.94 -4.04
CA LEU C 95 43.63 5.09 -4.34
C LEU C 95 42.82 6.06 -5.19
N PRO C 96 42.59 7.30 -4.74
CA PRO C 96 41.79 8.23 -5.56
C PRO C 96 42.46 8.48 -6.91
N PHE C 97 41.63 8.57 -7.95
CA PHE C 97 42.14 8.82 -9.28
C PHE C 97 42.63 10.26 -9.40
N PHE C 98 43.58 10.46 -10.31
CA PHE C 98 44.20 11.78 -10.50
C PHE C 98 44.76 12.32 -9.20
N SER C 99 45.01 11.45 -8.23
CA SER C 99 45.58 11.89 -6.96
C SER C 99 47.05 12.21 -7.13
N ASN C 100 47.49 13.32 -6.58
CA ASN C 100 48.89 13.69 -6.75
C ASN C 100 49.74 12.74 -5.93
N VAL C 101 50.31 11.75 -6.60
CA VAL C 101 51.16 10.77 -5.95
C VAL C 101 52.59 11.30 -5.92
N THR C 102 53.20 11.26 -4.75
CA THR C 102 54.58 11.72 -4.61
C THR C 102 55.53 10.77 -5.35
N TRP C 103 56.64 11.34 -5.80
CA TRP C 103 57.73 10.57 -6.40
C TRP C 103 58.89 10.52 -5.41
N PHE C 104 59.36 9.31 -5.11
CA PHE C 104 60.50 9.10 -4.24
C PHE C 104 61.66 8.55 -5.06
N HIS C 105 62.84 9.09 -4.79
CA HIS C 105 64.04 8.71 -5.53
C HIS C 105 65.26 9.06 -4.70
N ALA C 106 66.30 8.24 -4.83
CA ALA C 106 67.56 8.46 -4.14
C ALA C 106 68.50 9.20 -5.09
N ILE C 107 68.73 10.48 -4.83
CA ILE C 107 69.58 11.33 -5.65
C ILE C 107 70.78 11.74 -4.80
N HIS C 108 71.96 11.72 -5.41
CA HIS C 108 73.20 12.07 -4.72
C HIS C 108 73.46 11.13 -3.55
N LYS C 116 75.40 8.22 2.41
CA LYS C 116 74.76 9.22 3.25
C LYS C 116 73.37 9.56 2.72
N ARG C 117 73.30 9.89 1.43
CA ARG C 117 72.04 10.24 0.79
C ARG C 117 71.36 8.97 0.30
N PHE C 118 70.70 8.29 1.24
CA PHE C 118 69.93 7.08 0.99
C PHE C 118 68.51 7.27 1.49
N ASP C 119 67.87 8.36 1.06
CA ASP C 119 66.64 8.82 1.69
C ASP C 119 65.53 7.81 1.39
N ASN C 120 65.27 6.94 2.37
CA ASN C 120 64.17 5.98 2.31
C ASN C 120 63.40 6.07 3.63
N PRO C 121 62.80 7.22 3.91
CA PRO C 121 62.17 7.41 5.22
C PRO C 121 61.00 6.47 5.44
N VAL C 122 60.84 6.03 6.69
CA VAL C 122 59.65 5.30 7.08
C VAL C 122 58.45 6.23 6.97
N LEU C 123 57.39 5.76 6.32
CA LEU C 123 56.22 6.57 6.06
C LEU C 123 54.99 5.95 6.71
N PRO C 124 53.96 6.75 6.98
CA PRO C 124 52.76 6.21 7.61
C PRO C 124 52.03 5.24 6.71
N PHE C 125 51.39 4.25 7.33
CA PHE C 125 50.49 3.33 6.63
C PHE C 125 49.10 3.55 7.22
N ASN C 126 48.38 4.49 6.64
CA ASN C 126 47.01 4.80 7.02
C ASN C 126 46.12 4.59 5.81
N ASP C 127 44.93 4.05 6.06
CA ASP C 127 43.96 3.74 5.01
C ASP C 127 44.65 3.20 3.76
N GLY C 128 45.48 2.19 3.96
CA GLY C 128 46.14 1.50 2.87
C GLY C 128 47.23 2.33 2.21
N VAL C 129 48.22 1.66 1.63
CA VAL C 129 49.30 2.32 0.90
C VAL C 129 49.45 1.64 -0.45
N TYR C 130 49.53 2.45 -1.51
CA TYR C 130 49.66 1.96 -2.88
C TYR C 130 51.10 2.17 -3.31
N PHE C 131 51.84 1.08 -3.48
CA PHE C 131 53.24 1.15 -3.92
C PHE C 131 53.32 0.81 -5.39
N ALA C 132 54.21 1.50 -6.10
CA ALA C 132 54.44 1.18 -7.50
C ALA C 132 55.87 1.57 -7.86
N SER C 133 56.42 0.87 -8.85
CA SER C 133 57.73 1.25 -9.37
C SER C 133 58.12 0.42 -10.59
N THR C 134 58.94 0.99 -11.45
CA THR C 134 59.60 0.22 -12.51
C THR C 134 60.85 -0.40 -11.90
N GLU C 135 60.85 -1.72 -11.76
CA GLU C 135 61.96 -2.44 -11.15
C GLU C 135 62.41 -3.55 -12.08
N LYS C 136 63.71 -3.85 -12.04
CA LYS C 136 64.28 -4.94 -12.82
C LYS C 136 65.45 -5.51 -12.06
N SER C 137 65.47 -6.83 -11.89
CA SER C 137 66.55 -7.54 -11.21
C SER C 137 66.53 -7.32 -9.71
N ASN C 138 65.35 -7.10 -9.14
CA ASN C 138 65.17 -7.00 -7.69
C ASN C 138 66.08 -5.91 -7.10
N ILE C 139 65.94 -4.70 -7.64
CA ILE C 139 66.67 -3.56 -7.08
C ILE C 139 66.17 -3.27 -5.66
N ILE C 140 64.87 -3.27 -5.47
CA ILE C 140 64.27 -3.09 -4.15
C ILE C 140 64.18 -4.48 -3.52
N ARG C 141 64.93 -4.68 -2.43
CA ARG C 141 64.96 -5.99 -1.79
C ARG C 141 63.57 -6.38 -1.27
N GLY C 142 62.85 -5.43 -0.69
CA GLY C 142 61.53 -5.70 -0.15
C GLY C 142 61.01 -4.56 0.69
N TRP C 143 60.45 -4.88 1.86
CA TRP C 143 59.98 -3.83 2.77
C TRP C 143 59.98 -4.37 4.19
N ILE C 144 59.92 -3.44 5.14
CA ILE C 144 59.72 -3.75 6.56
C ILE C 144 58.57 -2.89 7.05
N PHE C 145 57.50 -3.53 7.51
CA PHE C 145 56.31 -2.84 7.99
C PHE C 145 56.30 -2.85 9.52
N GLY C 146 55.23 -2.29 10.07
CA GLY C 146 54.99 -2.24 11.50
C GLY C 146 54.66 -0.84 11.95
N THR C 147 54.70 -0.66 13.26
CA THR C 147 54.41 0.63 13.89
C THR C 147 55.58 1.19 14.67
N THR C 148 56.44 0.34 15.23
CA THR C 148 57.66 0.78 15.91
C THR C 148 58.92 0.20 15.32
N LEU C 149 58.87 -1.03 14.79
CA LEU C 149 60.02 -1.67 14.12
C LEU C 149 61.30 -1.48 14.92
N ASP C 150 61.20 -1.74 16.24
CA ASP C 150 62.34 -1.58 17.14
C ASP C 150 62.42 -2.70 18.18
N SER C 151 61.78 -3.84 17.93
CA SER C 151 61.66 -4.99 18.82
C SER C 151 60.65 -4.75 19.93
N LYS C 152 60.08 -3.54 20.06
CA LYS C 152 59.00 -3.35 21.02
C LYS C 152 57.68 -3.89 20.50
N THR C 153 57.58 -4.14 19.20
CA THR C 153 56.44 -4.81 18.59
C THR C 153 56.94 -5.72 17.49
N GLN C 154 56.22 -6.81 17.26
CA GLN C 154 56.59 -7.75 16.21
C GLN C 154 56.47 -7.06 14.86
N SER C 155 57.58 -7.00 14.12
CA SER C 155 57.65 -6.29 12.85
C SER C 155 57.61 -7.29 11.70
N LEU C 156 57.78 -6.78 10.47
CA LEU C 156 57.65 -7.61 9.28
C LEU C 156 58.98 -7.62 8.53
N LEU C 157 59.19 -8.69 7.76
CA LEU C 157 60.29 -8.75 6.81
C LEU C 157 59.80 -9.54 5.61
N ILE C 158 59.55 -8.84 4.51
CA ILE C 158 58.99 -9.46 3.31
C ILE C 158 60.12 -9.53 2.29
N VAL C 159 61.36 -9.60 2.78
CA VAL C 159 62.51 -9.61 1.88
C VAL C 159 62.42 -10.80 0.94
N ASN C 160 62.50 -10.52 -0.35
CA ASN C 160 62.57 -11.55 -1.38
C ASN C 160 64.02 -11.57 -1.88
N ASN C 161 64.80 -12.51 -1.35
CA ASN C 161 66.22 -12.61 -1.63
C ASN C 161 66.49 -13.92 -2.37
N ALA C 162 67.77 -14.20 -2.59
CA ALA C 162 68.15 -15.36 -3.40
C ALA C 162 67.59 -16.65 -2.80
N THR C 163 67.73 -16.83 -1.49
CA THR C 163 67.31 -18.08 -0.86
C THR C 163 65.85 -18.38 -1.19
N ASN C 164 64.97 -17.43 -0.93
CA ASN C 164 63.54 -17.59 -1.20
C ASN C 164 62.87 -16.25 -0.93
N VAL C 165 61.55 -16.24 -1.05
CA VAL C 165 60.75 -15.13 -0.55
C VAL C 165 60.57 -15.36 0.95
N VAL C 166 61.25 -14.54 1.76
CA VAL C 166 61.30 -14.75 3.20
C VAL C 166 60.20 -13.90 3.81
N ILE C 167 59.02 -14.50 4.00
CA ILE C 167 57.91 -13.84 4.67
C ILE C 167 58.08 -14.15 6.16
N LYS C 168 58.89 -13.33 6.82
CA LYS C 168 59.15 -13.49 8.25
C LYS C 168 58.41 -12.40 9.01
N VAL C 169 57.27 -12.77 9.60
CA VAL C 169 56.54 -11.87 10.49
C VAL C 169 57.09 -12.13 11.88
N CYS C 170 58.05 -11.32 12.30
CA CYS C 170 58.73 -11.57 13.55
C CYS C 170 59.22 -10.27 14.15
N GLU C 171 59.52 -10.32 15.44
CA GLU C 171 60.09 -9.20 16.16
C GLU C 171 61.56 -9.10 15.78
N PHE C 172 61.89 -8.08 15.01
CA PHE C 172 63.25 -7.89 14.50
C PHE C 172 63.91 -6.77 15.30
N GLN C 173 64.93 -7.12 16.07
CA GLN C 173 65.63 -6.15 16.91
C GLN C 173 66.64 -5.40 16.04
N PHE C 174 66.31 -4.15 15.74
CA PHE C 174 67.15 -3.35 14.87
C PHE C 174 68.47 -3.01 15.56
N CYS C 175 69.46 -2.66 14.74
CA CYS C 175 70.77 -2.28 15.25
C CYS C 175 70.69 -0.86 15.79
N ASN C 176 71.85 -0.23 16.03
CA ASN C 176 71.87 1.09 16.62
C ASN C 176 71.04 2.08 15.81
N ASP C 177 71.28 2.14 14.50
CA ASP C 177 70.45 2.95 13.63
C ASP C 177 69.40 2.07 12.97
N PRO C 178 68.11 2.21 13.30
CA PRO C 178 67.11 1.26 12.78
C PRO C 178 66.83 1.42 11.30
N PHE C 179 67.84 1.20 10.47
CA PHE C 179 67.67 1.16 9.02
C PHE C 179 68.82 0.35 8.45
N LEU C 180 69.04 0.46 7.14
CA LEU C 180 70.17 -0.22 6.52
C LEU C 180 71.46 0.45 6.96
N GLY C 181 71.84 0.24 8.22
CA GLY C 181 72.97 0.89 8.82
C GLY C 181 74.32 0.35 8.38
N VAL C 182 74.33 -0.62 7.48
CA VAL C 182 75.58 -1.16 6.93
C VAL C 182 76.40 0.02 6.44
N TYR C 183 77.73 -0.09 6.53
CA TYR C 183 78.60 1.02 6.17
C TYR C 183 78.40 1.40 4.71
N TYR C 184 78.49 2.70 4.44
CA TYR C 184 78.17 3.24 3.13
C TYR C 184 79.19 2.75 2.10
N HIS C 185 78.99 3.18 0.85
CA HIS C 185 79.77 2.72 -0.29
C HIS C 185 81.27 2.74 0.00
N LYS C 186 81.89 1.56 0.03
CA LYS C 186 83.33 1.42 0.14
C LYS C 186 83.93 0.70 -1.06
N ASN C 187 83.33 -0.43 -1.45
CA ASN C 187 83.81 -1.22 -2.58
C ASN C 187 83.13 -0.75 -3.86
N ASN C 188 83.26 -1.55 -4.92
CA ASN C 188 82.58 -1.27 -6.19
C ASN C 188 81.18 -0.72 -5.98
N LYS C 189 80.37 -1.49 -5.24
CA LYS C 189 78.94 -1.27 -5.07
C LYS C 189 78.27 -2.63 -4.96
N SER C 190 78.87 -3.53 -4.19
CA SER C 190 78.36 -4.88 -4.05
C SER C 190 77.09 -4.86 -3.22
N TRP C 191 75.97 -5.23 -3.84
CA TRP C 191 74.67 -5.17 -3.20
C TRP C 191 74.33 -6.43 -2.42
N MET C 192 75.23 -7.41 -2.38
CA MET C 192 75.00 -8.60 -1.58
C MET C 192 74.90 -8.22 -0.10
N GLU C 193 73.93 -8.82 0.59
CA GLU C 193 73.72 -8.55 2.00
C GLU C 193 74.86 -9.17 2.81
N SER C 194 75.90 -8.40 3.09
CA SER C 194 77.05 -8.93 3.82
C SER C 194 76.72 -9.11 5.29
N GLU C 195 76.38 -8.02 5.97
CA GLU C 195 75.99 -8.05 7.39
C GLU C 195 74.78 -7.12 7.52
N PHE C 196 73.58 -7.69 7.42
CA PHE C 196 72.37 -6.90 7.55
C PHE C 196 72.36 -6.15 8.88
N ARG C 197 72.11 -4.85 8.81
CA ARG C 197 71.91 -4.04 10.00
C ARG C 197 70.44 -3.79 10.29
N VAL C 198 69.54 -4.35 9.47
CA VAL C 198 68.12 -4.16 9.69
C VAL C 198 67.72 -4.70 11.06
N TYR C 199 68.30 -5.84 11.46
CA TYR C 199 67.97 -6.43 12.75
C TYR C 199 69.20 -7.15 13.29
N SER C 200 69.15 -7.47 14.58
CA SER C 200 70.20 -8.24 15.24
C SER C 200 69.86 -9.73 15.28
N SER C 201 68.74 -10.08 15.90
CA SER C 201 68.27 -11.46 15.95
C SER C 201 66.76 -11.47 15.77
N ALA C 202 66.26 -12.57 15.20
CA ALA C 202 64.83 -12.76 15.02
C ALA C 202 64.24 -13.28 16.32
N ASN C 203 63.64 -12.39 17.10
CA ASN C 203 63.12 -12.77 18.39
C ASN C 203 61.88 -13.65 18.21
N ASN C 204 61.50 -14.31 19.31
CA ASN C 204 60.25 -15.04 19.39
C ASN C 204 59.11 -14.38 18.63
N CYS C 205 58.44 -15.18 17.81
CA CYS C 205 57.40 -14.68 16.91
C CYS C 205 56.47 -15.84 16.57
N THR C 206 55.54 -15.60 15.65
CA THR C 206 54.53 -16.59 15.30
C THR C 206 54.59 -17.02 13.84
N PHE C 207 54.53 -16.08 12.90
CA PHE C 207 54.35 -16.38 11.49
C PHE C 207 55.67 -16.18 10.76
N GLU C 208 56.15 -17.24 10.10
CA GLU C 208 57.41 -17.21 9.37
C GLU C 208 57.26 -17.92 8.03
N TYR C 209 56.16 -17.65 7.34
CA TYR C 209 55.86 -18.37 6.10
C TYR C 209 56.94 -18.11 5.06
N VAL C 210 57.08 -19.06 4.13
CA VAL C 210 57.96 -18.94 2.98
C VAL C 210 57.17 -19.30 1.74
N SER C 211 57.14 -18.40 0.76
CA SER C 211 56.43 -18.64 -0.48
C SER C 211 57.35 -19.38 -1.45
N GLN C 212 56.93 -19.46 -2.71
CA GLN C 212 57.75 -20.09 -3.74
C GLN C 212 59.11 -19.40 -3.81
N PRO C 213 60.22 -20.10 -3.66
CA PRO C 213 61.52 -19.43 -3.64
C PRO C 213 61.80 -18.69 -4.94
N PHE C 214 62.37 -17.49 -4.79
CA PHE C 214 62.81 -16.67 -5.90
C PHE C 214 64.30 -16.41 -5.74
N LEU C 215 65.07 -16.65 -6.81
CA LEU C 215 66.52 -16.68 -6.74
C LEU C 215 67.11 -15.57 -7.62
N MET C 216 67.90 -14.69 -7.01
CA MET C 216 68.67 -13.70 -7.74
C MET C 216 69.79 -13.20 -6.83
N ASP C 217 70.95 -12.94 -7.42
CA ASP C 217 72.09 -12.42 -6.69
C ASP C 217 72.10 -10.90 -6.70
N LEU C 218 72.79 -10.32 -5.72
CA LEU C 218 72.88 -8.87 -5.56
C LEU C 218 74.37 -8.49 -5.51
N GLU C 219 74.88 -7.99 -6.63
CA GLU C 219 76.28 -7.56 -6.72
C GLU C 219 76.42 -6.73 -7.98
N GLY C 220 77.63 -6.21 -8.19
CA GLY C 220 77.87 -5.39 -9.37
C GLY C 220 77.14 -4.05 -9.30
N LYS C 221 76.74 -3.56 -10.46
CA LYS C 221 76.02 -2.30 -10.60
C LYS C 221 74.71 -2.54 -11.33
N GLN C 222 73.61 -2.05 -10.76
CA GLN C 222 72.28 -2.21 -11.34
C GLN C 222 71.59 -0.86 -11.33
N GLY C 223 71.14 -0.41 -12.49
CA GLY C 223 70.45 0.86 -12.61
C GLY C 223 69.35 0.90 -13.65
N ASN C 224 68.84 -0.27 -14.05
CA ASN C 224 67.91 -0.37 -15.17
C ASN C 224 66.52 -0.73 -14.69
N PHE C 225 65.52 -0.09 -15.29
CA PHE C 225 64.12 -0.43 -15.09
C PHE C 225 63.43 -0.43 -16.45
N LYS C 226 62.69 -1.50 -16.74
CA LYS C 226 62.06 -1.65 -18.05
C LYS C 226 60.56 -1.92 -17.91
N ASN C 227 60.18 -2.66 -16.87
CA ASN C 227 58.80 -3.07 -16.67
C ASN C 227 58.27 -2.51 -15.36
N LEU C 228 56.99 -2.17 -15.35
CA LEU C 228 56.33 -1.65 -14.17
C LEU C 228 55.86 -2.81 -13.29
N ARG C 229 55.89 -2.58 -11.98
CA ARG C 229 55.32 -3.51 -11.02
C ARG C 229 54.59 -2.69 -9.97
N GLU C 230 53.33 -3.03 -9.75
CA GLU C 230 52.49 -2.36 -8.77
C GLU C 230 52.12 -3.34 -7.67
N PHE C 231 52.05 -2.82 -6.44
CA PHE C 231 51.86 -3.62 -5.25
C PHE C 231 50.89 -2.90 -4.32
N VAL C 232 49.89 -3.63 -3.84
CA VAL C 232 48.90 -3.11 -2.91
C VAL C 232 49.03 -3.89 -1.62
N PHE C 233 49.20 -3.15 -0.52
CA PHE C 233 49.37 -3.71 0.82
C PHE C 233 48.22 -3.20 1.69
N LYS C 234 47.30 -4.09 2.03
CA LYS C 234 46.16 -3.74 2.87
C LYS C 234 46.26 -4.48 4.19
N ASN C 235 45.88 -3.81 5.28
CA ASN C 235 45.84 -4.43 6.61
C ASN C 235 44.48 -4.14 7.23
N ILE C 236 43.61 -5.14 7.27
CA ILE C 236 42.28 -4.98 7.83
C ILE C 236 41.83 -6.31 8.44
N ASP C 237 41.04 -6.21 9.51
CA ASP C 237 40.38 -7.37 10.13
C ASP C 237 41.35 -8.53 10.33
N GLY C 238 42.51 -8.23 10.90
CA GLY C 238 43.47 -9.25 11.27
C GLY C 238 44.18 -9.89 10.11
N TYR C 239 43.95 -9.44 8.89
CA TYR C 239 44.54 -10.00 7.69
C TYR C 239 45.31 -8.92 6.94
N PHE C 240 46.25 -9.37 6.12
CA PHE C 240 47.04 -8.51 5.26
C PHE C 240 46.90 -9.02 3.84
N LYS C 241 46.37 -8.18 2.95
CA LYS C 241 46.12 -8.56 1.57
C LYS C 241 47.20 -7.95 0.69
N ILE C 242 47.74 -8.76 -0.23
CA ILE C 242 48.72 -8.31 -1.21
C ILE C 242 48.11 -8.46 -2.59
N TYR C 243 48.08 -7.37 -3.35
CA TYR C 243 47.80 -7.42 -4.78
C TYR C 243 49.06 -7.02 -5.52
N SER C 244 49.24 -7.55 -6.72
CA SER C 244 50.43 -7.22 -7.50
C SER C 244 50.11 -7.30 -8.98
N LYS C 245 50.93 -6.63 -9.77
CA LYS C 245 50.89 -6.78 -11.22
C LYS C 245 52.27 -6.46 -11.78
N HIS C 246 52.74 -7.34 -12.66
CA HIS C 246 54.06 -7.29 -13.30
C HIS C 246 53.84 -7.12 -14.80
N THR C 247 53.91 -5.87 -15.27
CA THR C 247 53.55 -5.57 -16.65
C THR C 247 54.67 -4.83 -17.35
N PRO C 248 55.11 -5.26 -18.53
CA PRO C 248 56.08 -4.47 -19.29
C PRO C 248 55.49 -3.15 -19.73
N ILE C 249 56.34 -2.13 -19.81
CA ILE C 249 55.90 -0.80 -20.21
C ILE C 249 57.09 -0.01 -20.74
N ASN C 250 56.93 0.62 -21.90
CA ASN C 250 57.99 1.43 -22.46
C ASN C 250 58.32 2.62 -21.57
N LEU C 251 57.29 3.28 -21.02
CA LEU C 251 57.51 4.43 -20.16
C LEU C 251 58.33 4.01 -18.93
N VAL C 252 59.35 4.81 -18.62
CA VAL C 252 60.22 4.54 -17.48
C VAL C 252 60.41 5.80 -16.65
N ARG C 253 59.69 6.87 -16.99
CA ARG C 253 59.87 8.17 -16.34
C ARG C 253 58.69 8.63 -15.51
N ASP C 254 57.46 8.31 -15.91
CA ASP C 254 56.29 8.77 -15.20
C ASP C 254 55.16 7.75 -15.36
N LEU C 255 54.06 8.00 -14.67
CA LEU C 255 52.93 7.08 -14.71
C LEU C 255 52.39 7.00 -16.14
N PRO C 256 52.09 5.80 -16.64
CA PRO C 256 51.52 5.70 -17.99
C PRO C 256 50.01 5.81 -17.99
N GLN C 257 49.50 6.38 -19.08
CA GLN C 257 48.07 6.56 -19.25
C GLN C 257 47.46 5.27 -19.80
N GLY C 258 46.77 4.53 -18.95
CA GLY C 258 46.15 3.29 -19.37
C GLY C 258 45.43 2.64 -18.21
N PHE C 259 44.71 1.58 -18.53
CA PHE C 259 43.94 0.81 -17.55
C PHE C 259 44.54 -0.59 -17.44
N SER C 260 44.78 -1.03 -16.22
CA SER C 260 45.34 -2.36 -15.97
C SER C 260 44.91 -2.81 -14.58
N ALA C 261 44.29 -3.98 -14.50
CA ALA C 261 43.79 -4.49 -13.23
C ALA C 261 44.94 -5.04 -12.39
N LEU C 262 44.69 -5.10 -11.08
CA LEU C 262 45.61 -5.68 -10.13
C LEU C 262 44.93 -6.85 -9.42
N GLU C 263 45.69 -7.89 -9.14
CA GLU C 263 45.12 -9.13 -8.64
C GLU C 263 45.79 -9.55 -7.33
N PRO C 264 45.07 -10.24 -6.45
CA PRO C 264 45.66 -10.64 -5.17
C PRO C 264 46.67 -11.76 -5.34
N LEU C 265 47.55 -11.89 -4.36
CA LEU C 265 48.48 -13.02 -4.32
C LEU C 265 48.62 -13.65 -2.94
N VAL C 266 48.19 -13.00 -1.87
CA VAL C 266 48.19 -13.65 -0.56
C VAL C 266 47.30 -12.86 0.38
N ASP C 267 46.66 -13.57 1.30
CA ASP C 267 45.87 -13.02 2.40
C ASP C 267 46.43 -13.62 3.69
N LEU C 268 47.39 -12.93 4.29
CA LEU C 268 48.13 -13.44 5.44
C LEU C 268 47.40 -13.10 6.74
N PRO C 269 47.10 -14.09 7.59
CA PRO C 269 46.38 -13.79 8.84
C PRO C 269 47.30 -13.27 9.93
N ILE C 270 47.57 -11.96 9.97
CA ILE C 270 48.60 -11.38 10.83
C ILE C 270 47.97 -10.55 11.96
N GLY C 271 47.28 -9.46 11.63
CA GLY C 271 46.63 -8.63 12.61
C GLY C 271 47.54 -7.97 13.64
N ILE C 272 48.51 -7.20 13.15
CA ILE C 272 49.60 -6.67 13.96
C ILE C 272 49.73 -5.16 13.78
N ASN C 273 48.62 -4.42 13.87
CA ASN C 273 48.40 -3.17 13.14
C ASN C 273 49.66 -2.39 12.77
N ILE C 274 49.75 -2.02 11.50
CA ILE C 274 50.91 -1.36 10.91
C ILE C 274 50.60 0.12 10.73
N THR C 275 51.57 0.97 11.09
CA THR C 275 51.47 2.40 10.80
C THR C 275 52.78 3.03 10.36
N ARG C 276 53.85 2.25 10.19
CA ARG C 276 55.15 2.77 9.82
C ARG C 276 55.84 1.74 8.93
N PHE C 277 56.04 2.08 7.65
CA PHE C 277 56.63 1.17 6.69
C PHE C 277 57.83 1.80 6.01
N GLN C 278 58.89 1.00 5.83
CA GLN C 278 60.13 1.46 5.23
C GLN C 278 60.60 0.44 4.21
N THR C 279 60.92 0.90 3.00
CA THR C 279 61.29 -0.01 1.91
C THR C 279 62.75 -0.45 2.03
N LEU C 280 62.99 -1.72 1.69
CA LEU C 280 64.32 -2.31 1.70
C LEU C 280 64.88 -2.27 0.29
N LEU C 281 65.94 -1.48 0.10
CA LEU C 281 66.61 -1.35 -1.19
C LEU C 281 67.84 -2.26 -1.23
N ALA C 282 68.36 -2.45 -2.44
CA ALA C 282 69.58 -3.23 -2.60
C ALA C 282 70.71 -2.60 -1.81
N LEU C 283 71.48 -3.44 -1.12
CA LEU C 283 72.56 -2.96 -0.28
C LEU C 283 73.71 -2.40 -1.11
N SER C 293 78.55 10.30 4.87
CA SER C 293 79.39 10.09 3.70
C SER C 293 79.26 11.23 2.71
N SER C 294 79.96 12.33 2.98
CA SER C 294 79.94 13.47 2.07
C SER C 294 80.50 13.10 0.71
N SER C 295 81.59 12.33 0.68
CA SER C 295 82.27 11.95 -0.54
C SER C 295 82.36 10.43 -0.61
N GLY C 296 82.68 9.93 -1.80
CA GLY C 296 82.76 8.49 -2.01
C GLY C 296 81.45 7.79 -1.80
N TRP C 297 80.33 8.43 -2.15
CA TRP C 297 79.00 7.88 -1.94
C TRP C 297 78.27 7.90 -3.28
N THR C 298 77.77 6.73 -3.70
CA THR C 298 77.08 6.60 -4.97
C THR C 298 75.57 6.59 -4.73
N ALA C 299 74.86 7.45 -5.44
CA ALA C 299 73.42 7.54 -5.30
C ALA C 299 72.75 6.29 -5.88
N GLY C 300 71.88 5.68 -5.11
CA GLY C 300 71.11 4.54 -5.60
C GLY C 300 69.90 4.99 -6.38
N ALA C 301 70.13 5.58 -7.55
CA ALA C 301 69.05 6.16 -8.34
C ALA C 301 67.97 5.13 -8.63
N ALA C 302 66.80 5.33 -8.04
CA ALA C 302 65.66 4.44 -8.26
C ALA C 302 64.38 5.22 -8.00
N ALA C 303 63.44 5.12 -8.94
CA ALA C 303 62.19 5.87 -8.86
C ALA C 303 61.07 4.96 -8.37
N TYR C 304 60.29 5.44 -7.41
CA TYR C 304 59.12 4.69 -6.96
C TYR C 304 58.07 5.67 -6.46
N TYR C 305 56.84 5.17 -6.36
CA TYR C 305 55.68 5.98 -5.99
C TYR C 305 54.95 5.32 -4.84
N VAL C 306 54.54 6.15 -3.87
CA VAL C 306 53.78 5.71 -2.71
C VAL C 306 52.44 6.44 -2.72
N GLY C 307 51.36 5.68 -2.60
CA GLY C 307 50.03 6.25 -2.56
C GLY C 307 49.32 5.97 -1.26
N TYR C 308 48.03 6.32 -1.18
CA TYR C 308 47.23 6.07 0.01
C TYR C 308 45.78 5.92 -0.40
N LEU C 309 45.16 4.83 0.04
CA LEU C 309 43.77 4.57 -0.29
C LEU C 309 42.86 5.40 0.62
N GLN C 310 41.56 5.36 0.31
CA GLN C 310 40.56 6.10 1.06
C GLN C 310 39.23 5.36 0.89
N PRO C 311 38.32 5.46 1.85
CA PRO C 311 37.08 4.70 1.74
C PRO C 311 36.17 5.25 0.65
N ARG C 312 36.47 4.89 -0.59
CA ARG C 312 35.77 5.41 -1.75
C ARG C 312 34.88 4.33 -2.37
N THR C 313 33.87 4.79 -3.09
CA THR C 313 32.94 3.92 -3.80
C THR C 313 33.24 3.97 -5.29
N PHE C 314 33.43 2.81 -5.88
CA PHE C 314 33.80 2.66 -7.27
C PHE C 314 32.75 1.85 -8.03
N LEU C 315 32.80 1.98 -9.35
CA LEU C 315 32.01 1.16 -10.26
C LEU C 315 32.97 0.38 -11.14
N LEU C 316 32.79 -0.95 -11.19
CA LEU C 316 33.72 -1.83 -11.88
C LEU C 316 32.99 -2.52 -13.03
N LYS C 317 33.67 -2.61 -14.18
CA LYS C 317 33.10 -3.19 -15.39
C LYS C 317 33.78 -4.53 -15.66
N TYR C 318 33.12 -5.61 -15.23
CA TYR C 318 33.65 -6.96 -15.43
C TYR C 318 33.28 -7.44 -16.82
N ASN C 319 34.29 -7.69 -17.65
CA ASN C 319 34.05 -8.15 -19.00
C ASN C 319 33.50 -9.58 -18.98
N GLU C 320 33.09 -10.04 -20.17
CA GLU C 320 32.52 -11.37 -20.27
C GLU C 320 33.46 -12.46 -19.80
N ASN C 321 34.77 -12.21 -19.79
CA ASN C 321 35.77 -13.20 -19.42
C ASN C 321 36.52 -12.79 -18.16
N GLY C 322 35.80 -12.19 -17.22
CA GLY C 322 36.27 -12.07 -15.86
C GLY C 322 37.41 -11.11 -15.63
N THR C 323 37.57 -10.09 -16.47
CA THR C 323 38.60 -9.08 -16.28
C THR C 323 37.94 -7.71 -16.27
N ILE C 324 38.32 -6.87 -15.30
CA ILE C 324 37.77 -5.52 -15.21
C ILE C 324 38.40 -4.68 -16.31
N THR C 325 37.64 -4.46 -17.39
CA THR C 325 38.14 -3.64 -18.47
C THR C 325 38.26 -2.18 -18.07
N ASP C 326 37.35 -1.69 -17.23
CA ASP C 326 37.37 -0.29 -16.85
C ASP C 326 36.70 -0.11 -15.50
N ALA C 327 36.93 1.05 -14.91
CA ALA C 327 36.35 1.41 -13.63
C ALA C 327 36.16 2.91 -13.57
N VAL C 328 35.24 3.34 -12.70
CA VAL C 328 34.92 4.76 -12.54
C VAL C 328 34.74 5.06 -11.06
N ASP C 329 34.95 6.33 -10.72
CA ASP C 329 34.77 6.82 -9.36
C ASP C 329 33.40 7.48 -9.22
N CYS C 330 33.06 7.84 -7.99
CA CYS C 330 31.83 8.56 -7.71
C CYS C 330 32.06 9.96 -7.17
N ALA C 331 33.06 10.15 -6.32
CA ALA C 331 33.29 11.41 -5.64
C ALA C 331 34.31 12.30 -6.34
N LEU C 332 34.84 11.88 -7.49
CA LEU C 332 35.82 12.72 -8.18
C LEU C 332 35.19 14.02 -8.66
N ASP C 333 33.98 13.96 -9.19
CA ASP C 333 33.37 15.14 -9.79
C ASP C 333 31.89 14.90 -10.06
N PRO C 334 31.13 15.93 -10.45
CA PRO C 334 29.71 15.69 -10.76
C PRO C 334 29.49 14.62 -11.81
N LEU C 335 30.33 14.59 -12.84
CA LEU C 335 30.19 13.58 -13.88
C LEU C 335 30.39 12.18 -13.32
N SER C 336 31.41 12.00 -12.49
CA SER C 336 31.66 10.69 -11.89
C SER C 336 30.51 10.28 -10.98
N GLU C 337 29.99 11.21 -10.19
CA GLU C 337 28.87 10.89 -9.32
C GLU C 337 27.64 10.52 -10.13
N THR C 338 27.39 11.23 -11.22
CA THR C 338 26.27 10.90 -12.09
C THR C 338 26.43 9.50 -12.68
N LYS C 339 27.65 9.17 -13.14
CA LYS C 339 27.90 7.85 -13.68
C LYS C 339 27.64 6.78 -12.64
N CYS C 340 28.12 7.00 -11.42
CA CYS C 340 27.88 6.02 -10.36
C CYS C 340 26.39 5.87 -10.09
N THR C 341 25.66 6.99 -10.06
CA THR C 341 24.24 6.93 -9.78
C THR C 341 23.49 6.14 -10.85
N LEU C 342 23.81 6.39 -12.12
CA LEU C 342 23.09 5.76 -13.21
C LEU C 342 23.62 4.38 -13.59
N LYS C 343 24.74 3.95 -12.98
CA LYS C 343 25.29 2.62 -13.23
C LYS C 343 25.66 2.42 -14.69
N SER C 344 26.04 3.50 -15.37
CA SER C 344 26.41 3.44 -16.78
C SER C 344 27.71 4.21 -16.99
N PHE C 345 28.47 3.76 -17.99
CA PHE C 345 29.68 4.47 -18.38
C PHE C 345 29.40 5.67 -19.27
N THR C 346 28.18 5.79 -19.78
CA THR C 346 27.76 6.93 -20.55
C THR C 346 26.42 7.43 -20.01
N VAL C 347 26.21 8.74 -20.12
CA VAL C 347 24.98 9.37 -19.64
C VAL C 347 24.38 10.18 -20.78
N GLU C 348 23.08 10.05 -20.97
CA GLU C 348 22.39 10.81 -22.01
C GLU C 348 22.37 12.29 -21.66
N LYS C 349 22.31 13.13 -22.70
CA LYS C 349 22.19 14.56 -22.51
C LYS C 349 20.95 14.88 -21.67
N GLY C 350 21.10 15.82 -20.76
CA GLY C 350 19.97 16.34 -20.01
C GLY C 350 20.33 16.62 -18.57
N ILE C 351 19.30 16.57 -17.73
CA ILE C 351 19.41 16.87 -16.31
C ILE C 351 19.23 15.57 -15.53
N TYR C 352 19.89 15.50 -14.38
CA TYR C 352 19.77 14.32 -13.52
C TYR C 352 19.86 14.74 -12.07
N GLN C 353 18.87 14.34 -11.28
CA GLN C 353 18.92 14.52 -9.84
C GLN C 353 20.02 13.64 -9.27
N THR C 354 20.73 14.14 -8.25
CA THR C 354 21.83 13.40 -7.66
C THR C 354 21.75 13.57 -6.15
N SER C 355 22.84 13.21 -5.47
CA SER C 355 22.88 13.30 -4.02
C SER C 355 22.60 14.73 -3.57
N ASN C 356 21.78 14.86 -2.53
CA ASN C 356 21.43 16.16 -1.99
C ASN C 356 22.58 16.68 -1.13
N PHE C 357 22.33 17.76 -0.38
CA PHE C 357 23.32 18.35 0.50
C PHE C 357 22.64 18.72 1.82
N ARG C 358 23.43 19.27 2.74
CA ARG C 358 22.91 19.65 4.05
C ARG C 358 23.89 20.59 4.72
N VAL C 359 23.40 21.74 5.18
CA VAL C 359 24.24 22.67 5.94
C VAL C 359 24.48 22.08 7.32
N GLN C 360 25.76 22.01 7.71
CA GLN C 360 26.10 21.40 8.98
C GLN C 360 25.98 22.41 10.12
N PRO C 361 25.69 21.93 11.34
CA PRO C 361 25.47 22.86 12.46
C PRO C 361 26.72 23.17 13.27
N THR C 362 26.54 23.95 14.34
CA THR C 362 27.56 24.27 15.32
C THR C 362 26.93 24.21 16.69
N GLU C 363 27.59 23.58 17.65
CA GLU C 363 26.97 23.39 18.96
C GLU C 363 26.68 24.74 19.61
N SER C 364 25.45 24.91 20.09
CA SER C 364 25.06 26.06 20.90
C SER C 364 24.11 25.62 22.01
N ILE C 365 24.29 24.40 22.50
CA ILE C 365 23.36 23.74 23.41
C ILE C 365 23.38 24.42 24.76
N VAL C 366 22.44 24.02 25.63
CA VAL C 366 22.40 24.44 27.03
C VAL C 366 22.25 25.96 27.09
N ARG C 367 22.86 26.60 28.09
CA ARG C 367 22.49 27.95 28.48
C ARG C 367 21.13 27.94 29.20
N PHE C 368 20.90 26.86 29.96
CA PHE C 368 19.66 26.65 30.71
C PHE C 368 19.48 27.72 31.76
N PRO C 369 18.37 27.71 32.52
CA PRO C 369 18.25 28.66 33.63
C PRO C 369 19.28 28.39 34.71
N ASN C 370 19.22 29.19 35.78
CA ASN C 370 20.29 29.33 36.74
C ASN C 370 19.76 29.28 38.17
N ILE C 371 20.36 28.40 38.98
CA ILE C 371 19.76 28.00 40.25
C ILE C 371 20.23 28.95 41.34
N THR C 372 19.29 29.71 41.90
CA THR C 372 19.62 30.59 43.02
C THR C 372 19.86 29.79 44.29
N ASN C 373 19.21 28.64 44.44
CA ASN C 373 19.36 27.83 45.65
C ASN C 373 20.73 27.17 45.67
N LEU C 374 21.54 27.52 46.66
CA LEU C 374 22.86 26.93 46.84
C LEU C 374 22.80 25.85 47.90
N CYS C 375 23.49 24.75 47.66
CA CYS C 375 23.45 23.63 48.59
C CYS C 375 24.09 24.03 49.91
N PRO C 376 23.46 23.74 51.05
CA PRO C 376 24.09 24.06 52.35
C PRO C 376 25.12 23.02 52.78
N PHE C 377 25.61 22.21 51.85
CA PHE C 377 26.65 21.24 52.16
C PHE C 377 27.73 21.85 53.05
N GLY C 378 28.02 23.13 52.83
CA GLY C 378 29.01 23.81 53.66
C GLY C 378 28.66 23.77 55.13
N GLU C 379 27.38 24.03 55.47
CA GLU C 379 26.96 24.02 56.86
C GLU C 379 26.51 22.64 57.34
N VAL C 380 26.38 21.66 56.45
CA VAL C 380 25.96 20.33 56.87
C VAL C 380 27.01 19.72 57.80
N PHE C 381 28.22 19.50 57.28
CA PHE C 381 29.30 18.91 58.08
C PHE C 381 30.16 20.00 58.72
N ASN C 382 29.52 20.91 59.46
CA ASN C 382 30.19 22.13 59.88
C ASN C 382 30.11 22.34 61.39
N ALA C 383 28.99 21.97 62.00
CA ALA C 383 28.80 22.20 63.42
C ALA C 383 29.56 21.15 64.24
N THR C 384 29.64 21.38 65.54
CA THR C 384 30.39 20.50 66.41
C THR C 384 29.79 19.10 66.45
N ARG C 385 28.53 18.99 66.89
CA ARG C 385 27.83 17.73 66.97
C ARG C 385 26.55 17.79 66.15
N PHE C 386 26.26 16.70 65.45
CA PHE C 386 25.08 16.60 64.61
C PHE C 386 24.08 15.65 65.27
N ALA C 387 23.01 15.33 64.54
CA ALA C 387 22.02 14.40 65.06
C ALA C 387 22.69 13.07 65.39
N SER C 388 22.26 12.46 66.49
CA SER C 388 22.93 11.29 67.03
C SER C 388 23.12 10.20 65.99
N VAL C 389 24.07 9.29 66.22
CA VAL C 389 24.31 8.20 65.29
C VAL C 389 23.03 7.39 65.11
N TYR C 390 22.31 7.13 66.19
CA TYR C 390 21.02 6.46 66.09
C TYR C 390 19.94 7.38 65.55
N ALA C 391 20.03 8.67 65.86
CA ALA C 391 19.07 9.67 65.39
C ALA C 391 19.59 10.44 64.19
N TRP C 392 20.35 9.79 63.32
CA TRP C 392 20.92 10.42 62.14
C TRP C 392 19.92 11.33 61.45
N ASN C 393 20.42 12.44 60.91
CA ASN C 393 19.58 13.49 60.37
C ASN C 393 18.75 12.97 59.19
N ARG C 394 17.79 13.81 58.76
CA ARG C 394 16.97 13.50 57.60
C ARG C 394 16.69 14.73 56.74
N LYS C 395 17.34 15.86 57.01
CA LYS C 395 17.07 17.08 56.26
C LYS C 395 17.19 16.86 54.77
N ARG C 396 16.15 17.23 54.02
CA ARG C 396 16.10 17.05 52.58
C ARG C 396 16.84 18.20 51.91
N ILE C 397 18.17 18.11 51.90
CA ILE C 397 19.00 19.06 51.17
C ILE C 397 19.02 18.63 49.71
N SER C 398 18.40 19.43 48.85
CA SER C 398 18.25 19.06 47.45
C SER C 398 17.90 20.31 46.65
N ASN C 399 17.58 20.13 45.38
CA ASN C 399 17.23 21.20 44.45
C ASN C 399 18.13 22.41 44.67
N CYS C 400 19.43 22.17 44.57
CA CYS C 400 20.43 23.21 44.77
C CYS C 400 21.63 22.89 43.88
N VAL C 401 22.72 23.63 44.08
CA VAL C 401 23.93 23.51 43.27
C VAL C 401 25.01 22.87 44.13
N ALA C 402 25.50 21.71 43.71
CA ALA C 402 26.59 21.02 44.41
C ALA C 402 27.94 21.46 43.84
N ASP C 403 28.16 22.77 43.90
CA ASP C 403 29.38 23.35 43.35
C ASP C 403 30.61 22.74 44.02
N TYR C 404 31.61 22.40 43.19
CA TYR C 404 32.84 21.80 43.72
C TYR C 404 34.08 22.30 43.00
N SER C 405 34.00 23.34 42.18
CA SER C 405 35.14 23.73 41.35
C SER C 405 36.37 24.02 42.21
N VAL C 406 36.30 25.06 43.04
CA VAL C 406 37.40 25.36 43.94
C VAL C 406 37.44 24.39 45.12
N LEU C 407 36.32 23.75 45.43
CA LEU C 407 36.28 22.80 46.54
C LEU C 407 37.24 21.64 46.31
N TYR C 408 37.24 21.08 45.10
CA TYR C 408 38.15 19.98 44.79
C TYR C 408 39.60 20.42 44.92
N ASN C 409 39.94 21.58 44.36
CA ASN C 409 41.31 22.06 44.43
C ASN C 409 41.70 22.44 45.85
N SER C 410 40.73 22.65 46.74
CA SER C 410 41.02 22.94 48.14
C SER C 410 41.57 21.68 48.80
N ALA C 411 42.89 21.64 49.00
CA ALA C 411 43.51 20.47 49.59
C ALA C 411 43.02 20.25 51.01
N SER C 412 42.83 21.33 51.77
CA SER C 412 42.35 21.20 53.14
C SER C 412 40.98 20.53 53.20
N PHE C 413 40.22 20.56 52.10
CA PHE C 413 38.94 19.86 52.08
C PHE C 413 39.16 18.36 52.21
N SER C 414 38.21 17.70 52.87
CA SER C 414 38.37 16.27 53.17
C SER C 414 37.97 15.40 51.99
N THR C 415 36.69 15.46 51.60
CA THR C 415 36.20 14.61 50.53
C THR C 415 34.84 15.09 50.03
N PHE C 416 34.70 15.21 48.71
CA PHE C 416 33.44 15.57 48.08
C PHE C 416 33.10 14.71 46.88
N LYS C 417 34.04 13.92 46.38
CA LYS C 417 33.77 13.02 45.26
C LYS C 417 32.89 11.86 45.75
N CYS C 418 31.72 11.70 45.15
CA CYS C 418 30.84 10.58 45.46
C CYS C 418 30.61 9.75 44.21
N TYR C 419 30.88 8.44 44.31
CA TYR C 419 30.71 7.52 43.21
C TYR C 419 29.26 7.40 42.76
N GLY C 420 28.31 7.84 43.58
CA GLY C 420 26.89 7.62 43.33
C GLY C 420 26.49 7.73 41.88
N VAL C 421 26.74 8.88 41.26
CA VAL C 421 26.56 9.07 39.83
C VAL C 421 27.89 9.33 39.13
N SER C 422 28.64 10.30 39.61
CA SER C 422 30.00 10.57 39.14
C SER C 422 30.59 11.66 40.01
N PRO C 423 31.90 11.64 40.28
CA PRO C 423 32.51 12.76 41.02
C PRO C 423 32.29 14.08 40.34
N THR C 424 32.20 14.11 39.01
CA THR C 424 32.03 15.35 38.26
C THR C 424 30.57 15.74 38.06
N LYS C 425 29.65 14.77 38.09
CA LYS C 425 28.24 15.03 37.79
C LYS C 425 27.50 15.55 39.03
N LEU C 426 27.96 16.71 39.51
CA LEU C 426 27.34 17.32 40.69
C LEU C 426 27.05 18.80 40.51
N ASN C 427 27.85 19.51 39.71
CA ASN C 427 27.81 20.96 39.71
C ASN C 427 26.41 21.49 39.41
N ASP C 428 25.90 21.26 38.21
CA ASP C 428 24.54 21.64 37.88
C ASP C 428 23.54 20.56 38.24
N LEU C 429 24.02 19.37 38.63
CA LEU C 429 23.10 18.31 39.02
C LEU C 429 22.30 18.73 40.25
N CYS C 430 21.01 18.46 40.20
CA CYS C 430 20.06 18.77 41.24
C CYS C 430 19.44 17.48 41.79
N PHE C 431 19.23 17.47 43.10
CA PHE C 431 18.81 16.27 43.82
C PHE C 431 17.29 16.21 43.89
N THR C 432 16.76 15.00 43.69
CA THR C 432 15.31 14.80 43.79
C THR C 432 14.81 15.07 45.20
N ASN C 433 15.22 14.23 46.14
CA ASN C 433 14.80 14.37 47.53
C ASN C 433 15.93 13.98 48.49
N VAL C 434 17.19 14.13 48.05
CA VAL C 434 18.31 13.65 48.85
C VAL C 434 18.21 14.21 50.26
N TYR C 435 18.38 13.33 51.24
CA TYR C 435 18.31 13.70 52.65
C TYR C 435 19.67 13.50 53.29
N ALA C 436 20.17 14.55 53.94
CA ALA C 436 21.42 14.44 54.67
C ALA C 436 21.20 13.67 55.96
N ASP C 437 22.16 12.84 56.32
CA ASP C 437 22.10 12.00 57.51
C ASP C 437 23.34 12.21 58.36
N SER C 438 23.73 13.47 58.53
CA SER C 438 25.02 13.79 59.15
C SER C 438 25.08 13.29 60.59
N PHE C 439 26.25 12.79 60.98
CA PHE C 439 26.52 12.42 62.37
C PHE C 439 28.02 12.45 62.60
N VAL C 440 28.40 12.58 63.87
CA VAL C 440 29.79 12.62 64.27
C VAL C 440 30.11 11.35 65.03
N ILE C 441 31.16 10.65 64.61
CA ILE C 441 31.61 9.40 65.22
C ILE C 441 33.08 9.57 65.51
N ARG C 442 33.76 8.49 65.91
CA ARG C 442 35.21 8.52 66.08
C ARG C 442 35.89 7.93 64.85
N GLY C 443 37.19 8.23 64.72
CA GLY C 443 37.91 7.81 63.52
C GLY C 443 37.84 6.31 63.28
N ASP C 444 38.04 5.52 64.33
CA ASP C 444 37.91 4.08 64.22
C ASP C 444 36.46 3.62 64.24
N GLU C 445 35.55 4.51 64.59
CA GLU C 445 34.12 4.21 64.63
C GLU C 445 33.48 4.18 63.24
N VAL C 446 34.28 4.25 62.18
CA VAL C 446 33.74 4.10 60.84
C VAL C 446 33.30 2.67 60.58
N ARG C 447 33.84 1.70 61.34
CA ARG C 447 33.48 0.30 61.13
C ARG C 447 32.01 0.06 61.47
N GLN C 448 31.53 0.67 62.54
CA GLN C 448 30.14 0.51 62.96
C GLN C 448 29.18 1.34 62.11
N ILE C 449 29.69 2.15 61.20
CA ILE C 449 28.87 2.87 60.23
C ILE C 449 28.94 2.15 58.90
N ALA C 450 30.06 1.50 58.63
CA ALA C 450 30.26 0.85 57.34
C ALA C 450 29.26 -0.29 57.15
N PRO C 451 28.83 -0.55 55.91
CA PRO C 451 27.88 -1.64 55.67
C PRO C 451 28.47 -2.99 56.03
N GLY C 452 27.61 -3.87 56.54
CA GLY C 452 27.97 -5.26 56.73
C GLY C 452 29.16 -5.48 57.63
N GLN C 453 29.19 -4.82 58.78
CA GLN C 453 30.29 -5.00 59.72
C GLN C 453 30.10 -6.31 60.48
N THR C 454 30.90 -6.51 61.53
CA THR C 454 30.79 -7.69 62.36
C THR C 454 29.68 -7.51 63.39
N GLY C 455 28.86 -8.55 63.55
CA GLY C 455 27.81 -8.56 64.55
C GLY C 455 26.52 -7.93 64.08
N LYS C 456 25.46 -8.19 64.86
CA LYS C 456 24.15 -7.64 64.58
C LYS C 456 24.05 -6.17 64.93
N ILE C 457 24.98 -5.64 65.74
CA ILE C 457 24.93 -4.25 66.17
C ILE C 457 25.04 -3.27 65.01
N ALA C 458 25.33 -3.77 63.80
CA ALA C 458 25.38 -2.88 62.64
C ALA C 458 24.05 -2.15 62.47
N ASP C 459 22.95 -2.90 62.44
CA ASP C 459 21.62 -2.29 62.35
C ASP C 459 20.99 -2.11 63.73
N TYR C 460 21.76 -1.52 64.65
CA TYR C 460 21.26 -1.07 65.94
C TYR C 460 21.71 0.34 66.28
N ASN C 461 22.77 0.84 65.65
CA ASN C 461 23.27 2.19 65.83
C ASN C 461 23.17 3.02 64.55
N TYR C 462 23.73 2.51 63.45
CA TYR C 462 23.49 3.07 62.13
C TYR C 462 24.05 2.10 61.10
N LYS C 463 23.21 1.67 60.17
CA LYS C 463 23.59 0.68 59.17
C LYS C 463 23.62 1.35 57.81
N LEU C 464 24.81 1.50 57.25
CA LEU C 464 24.92 1.98 55.89
C LEU C 464 24.44 0.89 54.94
N PRO C 465 23.50 1.18 54.05
CA PRO C 465 23.07 0.13 53.11
C PRO C 465 24.25 -0.36 52.29
N ASP C 466 24.30 -1.68 52.09
CA ASP C 466 25.38 -2.27 51.31
C ASP C 466 25.37 -1.79 49.87
N ASP C 467 24.22 -1.31 49.38
CA ASP C 467 24.08 -0.76 48.04
C ASP C 467 23.94 0.76 48.08
N PHE C 468 24.65 1.40 49.00
CA PHE C 468 24.51 2.84 49.22
C PHE C 468 25.01 3.59 48.00
N THR C 469 24.08 4.07 47.17
CA THR C 469 24.42 4.88 46.02
C THR C 469 24.48 6.37 46.34
N GLY C 470 24.05 6.78 47.53
CA GLY C 470 24.13 8.16 47.93
C GLY C 470 25.56 8.65 47.96
N CYS C 471 25.77 9.93 48.25
CA CYS C 471 27.10 10.50 48.31
C CYS C 471 27.61 10.43 49.74
N VAL C 472 28.77 9.79 49.92
CA VAL C 472 29.34 9.55 51.24
C VAL C 472 30.48 10.54 51.45
N ILE C 473 30.35 11.35 52.50
CA ILE C 473 31.40 12.27 52.94
C ILE C 473 31.93 11.70 54.25
N ALA C 474 33.03 10.96 54.17
CA ALA C 474 33.66 10.32 55.31
C ALA C 474 35.05 10.90 55.50
N TRP C 475 35.33 11.41 56.71
CA TRP C 475 36.61 12.07 56.96
C TRP C 475 36.75 12.30 58.46
N ASN C 476 37.93 12.77 58.84
CA ASN C 476 38.28 13.06 60.22
C ASN C 476 38.37 14.56 60.45
N SER C 477 37.75 15.03 61.53
CA SER C 477 37.73 16.44 61.87
C SER C 477 38.78 16.82 62.90
N ASN C 478 38.97 16.00 63.93
CA ASN C 478 39.98 16.24 64.95
C ASN C 478 39.65 17.47 65.79
N ASN C 479 40.46 18.53 65.68
CA ASN C 479 40.32 19.66 66.60
C ASN C 479 38.94 20.29 66.55
N LEU C 480 38.19 20.07 65.47
CA LEU C 480 36.86 20.66 65.37
C LEU C 480 35.94 20.11 66.46
N ASP C 481 36.06 18.82 66.78
CA ASP C 481 35.15 18.20 67.74
C ASP C 481 35.89 17.31 68.74
N SER C 482 37.14 17.65 69.06
CA SER C 482 37.92 16.92 70.05
C SER C 482 38.40 17.89 71.13
N LYS C 483 38.31 17.44 72.38
CA LYS C 483 38.69 18.24 73.53
C LYS C 483 39.69 17.45 74.38
N VAL C 484 40.59 18.18 75.03
CA VAL C 484 41.62 17.54 75.84
C VAL C 484 40.98 16.66 76.91
N GLY C 485 39.90 17.13 77.52
CA GLY C 485 39.19 16.34 78.52
C GLY C 485 38.35 15.22 77.96
N GLY C 486 38.19 15.16 76.65
CA GLY C 486 37.42 14.10 76.02
C GLY C 486 36.06 14.56 75.56
N ASN C 487 35.93 14.84 74.26
CA ASN C 487 34.65 15.25 73.66
C ASN C 487 34.03 14.03 73.00
N TYR C 488 33.47 13.15 73.83
CA TYR C 488 32.75 11.97 73.37
C TYR C 488 31.24 12.16 73.46
N ASN C 489 30.78 13.38 73.18
CA ASN C 489 29.35 13.68 73.26
C ASN C 489 28.53 12.69 72.45
N TYR C 490 29.07 12.22 71.33
CA TYR C 490 28.43 11.16 70.55
C TYR C 490 28.51 9.88 71.37
N LEU C 491 27.41 9.54 72.02
CA LEU C 491 27.40 8.42 72.96
C LEU C 491 27.73 7.12 72.25
N TYR C 492 28.21 6.16 73.03
CA TYR C 492 28.69 4.87 72.53
C TYR C 492 27.82 3.71 73.00
N ARG C 493 26.50 3.90 72.95
CA ARG C 493 25.55 2.86 73.36
C ARG C 493 25.09 2.03 72.18
N LEU C 494 26.00 1.78 71.24
CA LEU C 494 25.71 1.04 70.01
C LEU C 494 24.88 -0.20 70.27
N PHE C 495 25.03 -0.80 71.45
CA PHE C 495 24.30 -2.00 71.82
C PHE C 495 22.83 -1.74 72.12
N ARG C 496 22.32 -0.55 71.86
CA ARG C 496 20.89 -0.29 72.07
C ARG C 496 20.06 -1.20 71.18
N LYS C 497 18.84 -1.46 71.63
CA LYS C 497 17.97 -2.44 70.98
C LYS C 497 17.16 -1.85 69.83
N SER C 498 17.25 -0.55 69.58
CA SER C 498 16.54 0.06 68.47
C SER C 498 17.00 -0.56 67.16
N ASN C 499 16.05 -0.91 66.30
CA ASN C 499 16.35 -1.58 65.03
C ASN C 499 16.58 -0.50 63.97
N LEU C 500 17.86 -0.14 63.79
CA LEU C 500 18.24 0.86 62.80
C LEU C 500 18.78 0.14 61.57
N LYS C 501 17.85 -0.41 60.79
CA LYS C 501 18.16 -1.09 59.54
C LYS C 501 18.73 -0.07 58.54
N PRO C 502 19.23 -0.50 57.38
CA PRO C 502 19.68 0.48 56.39
C PRO C 502 18.57 1.46 56.04
N PHE C 503 18.78 2.73 56.39
CA PHE C 503 17.76 3.76 56.20
C PHE C 503 16.44 3.33 56.83
N GLU C 504 16.51 2.95 58.11
CA GLU C 504 15.30 2.50 58.80
C GLU C 504 14.24 3.59 58.83
N ARG C 505 14.65 4.85 58.87
CA ARG C 505 13.72 5.96 58.94
C ARG C 505 14.37 7.25 58.44
N PRO C 530 32.62 1.97 69.85
CA PRO C 530 32.77 1.25 71.10
C PRO C 530 33.18 2.16 72.27
N LEU C 531 33.11 1.63 73.48
CA LEU C 531 33.20 2.46 74.69
C LEU C 531 34.63 2.87 75.05
N GLN C 532 35.64 2.46 74.28
CA GLN C 532 37.01 2.73 74.69
C GLN C 532 37.35 4.22 74.71
N SER C 533 36.51 5.07 74.12
CA SER C 533 36.75 6.51 74.16
C SER C 533 36.68 7.04 75.58
N TYR C 534 37.81 7.49 76.11
CA TYR C 534 37.89 8.07 77.45
C TYR C 534 38.49 9.47 77.47
N GLY C 535 39.43 9.77 76.59
CA GLY C 535 40.04 11.08 76.53
C GLY C 535 40.49 11.42 75.12
N PHE C 536 40.17 12.64 74.67
CA PHE C 536 40.50 13.10 73.33
C PHE C 536 41.47 14.27 73.42
N GLN C 537 41.93 14.72 72.25
CA GLN C 537 42.84 15.84 72.15
C GLN C 537 42.53 16.60 70.88
N PRO C 538 42.87 17.89 70.81
CA PRO C 538 42.67 18.63 69.56
C PRO C 538 43.48 18.08 68.41
N THR C 539 44.54 17.31 68.69
CA THR C 539 45.42 16.75 67.68
C THR C 539 45.37 15.22 67.69
N ASN C 540 44.18 14.67 67.90
CA ASN C 540 44.03 13.23 67.92
C ASN C 540 44.44 12.63 66.58
N GLY C 541 45.03 11.43 66.63
CA GLY C 541 45.45 10.76 65.42
C GLY C 541 44.29 10.12 64.68
N VAL C 542 44.59 9.64 63.47
CA VAL C 542 43.58 8.96 62.67
C VAL C 542 43.11 7.73 63.40
N GLY C 543 41.82 7.43 63.28
CA GLY C 543 41.21 6.31 63.97
C GLY C 543 40.66 6.65 65.34
N TYR C 544 41.30 7.59 66.05
CA TYR C 544 40.83 8.04 67.35
C TYR C 544 40.28 9.45 67.33
N GLN C 545 40.69 10.28 66.38
CA GLN C 545 40.16 11.63 66.29
C GLN C 545 38.72 11.60 65.80
N PRO C 546 37.95 12.65 66.10
CA PRO C 546 36.56 12.68 65.63
C PRO C 546 36.46 12.58 64.12
N TYR C 547 35.41 11.91 63.66
CA TYR C 547 35.16 11.57 62.27
C TYR C 547 33.77 12.10 61.94
N ARG C 548 33.72 13.24 61.25
CA ARG C 548 32.44 13.80 60.84
C ARG C 548 32.00 13.14 59.54
N VAL C 549 30.76 12.67 59.50
CA VAL C 549 30.25 11.90 58.38
C VAL C 549 28.94 12.52 57.92
N VAL C 550 28.81 12.65 56.59
CA VAL C 550 27.56 13.05 55.97
C VAL C 550 27.18 11.96 54.97
N VAL C 551 25.94 11.50 55.01
CA VAL C 551 25.52 10.31 54.28
C VAL C 551 24.40 10.67 53.32
N LEU C 552 24.47 11.86 52.74
CA LEU C 552 23.50 12.30 51.74
C LEU C 552 23.08 11.12 50.87
N SER C 553 21.78 10.81 50.89
CA SER C 553 21.25 9.59 50.30
C SER C 553 20.32 9.94 49.15
N PHE C 554 20.55 9.31 48.01
CA PHE C 554 19.72 9.54 46.83
C PHE C 554 18.50 8.64 46.90
N GLU C 555 17.31 9.26 46.92
CA GLU C 555 16.05 8.55 46.95
C GLU C 555 15.30 8.81 45.65
N LEU C 556 14.86 7.73 45.01
CA LEU C 556 14.11 7.82 43.75
C LEU C 556 12.87 6.94 43.89
N LEU C 557 11.72 7.57 44.08
CA LEU C 557 10.47 6.85 44.30
C LEU C 557 9.34 7.69 43.73
N HIS C 558 8.10 7.39 44.14
CA HIS C 558 6.95 8.16 43.69
C HIS C 558 7.11 9.66 43.99
N ALA C 559 8.04 10.03 44.87
CA ALA C 559 8.30 11.43 45.13
C ALA C 559 8.81 12.11 43.86
N PRO C 560 8.62 13.43 43.75
CA PRO C 560 9.08 14.12 42.54
C PRO C 560 10.57 13.92 42.31
N ALA C 561 10.94 13.74 41.05
CA ALA C 561 12.32 13.47 40.65
C ALA C 561 12.91 14.73 40.06
N THR C 562 13.46 15.59 40.92
CA THR C 562 14.18 16.79 40.47
C THR C 562 15.66 16.44 40.26
N VAL C 563 15.89 15.49 39.38
CA VAL C 563 17.24 15.05 39.00
C VAL C 563 17.58 15.64 37.64
N CYS C 564 18.73 16.30 37.56
CA CYS C 564 19.16 16.93 36.32
C CYS C 564 20.65 16.66 36.15
N GLY C 565 21.21 17.17 35.05
CA GLY C 565 22.59 16.91 34.71
C GLY C 565 23.54 18.01 35.13
N PRO C 566 24.85 17.81 34.88
CA PRO C 566 25.87 18.82 35.19
C PRO C 566 26.02 19.87 34.08
N LYS C 567 24.89 20.39 33.62
CA LYS C 567 24.89 21.32 32.49
C LYS C 567 25.47 22.67 32.90
N LYS C 568 26.56 23.05 32.26
CA LYS C 568 27.14 24.37 32.44
C LYS C 568 26.59 25.31 31.37
N SER C 569 25.86 26.34 31.79
CA SER C 569 25.21 27.23 30.84
C SER C 569 26.24 27.86 29.90
N THR C 570 25.94 27.84 28.62
CA THR C 570 26.81 28.40 27.60
C THR C 570 26.29 29.77 27.17
N ASN C 571 27.05 30.41 26.27
CA ASN C 571 26.66 31.70 25.72
C ASN C 571 25.60 31.48 24.65
N LEU C 572 25.25 32.53 23.92
CA LEU C 572 24.24 32.46 22.88
C LEU C 572 24.78 33.04 21.58
N VAL C 573 24.46 32.37 20.47
CA VAL C 573 24.83 32.84 19.14
C VAL C 573 23.57 32.97 18.31
N LYS C 574 23.71 33.36 17.04
CA LYS C 574 22.56 33.54 16.18
C LYS C 574 23.06 33.62 14.74
N ASN C 575 22.10 33.56 13.80
CA ASN C 575 22.40 33.65 12.38
C ASN C 575 23.38 32.58 11.94
N LYS C 576 23.32 31.41 12.57
CA LYS C 576 24.18 30.29 12.23
C LYS C 576 23.44 28.99 12.49
N CYS C 577 23.57 28.04 11.57
CA CYS C 577 23.12 26.69 11.82
C CYS C 577 23.76 26.22 13.12
N VAL C 578 22.96 25.99 14.15
CA VAL C 578 23.48 25.63 15.47
C VAL C 578 22.55 24.60 16.09
N ASN C 579 23.16 23.63 16.77
CA ASN C 579 22.43 22.64 17.56
C ASN C 579 22.07 23.26 18.90
N PHE C 580 20.80 23.56 19.11
CA PHE C 580 20.34 24.26 20.30
C PHE C 580 19.64 23.30 21.25
N ASN C 581 19.64 23.68 22.53
CA ASN C 581 18.97 22.88 23.57
C ASN C 581 18.55 23.83 24.68
N PHE C 582 17.24 23.98 24.89
CA PHE C 582 16.68 24.90 25.87
C PHE C 582 15.88 24.10 26.89
N ASN C 583 16.27 24.19 28.16
CA ASN C 583 15.56 23.50 29.24
C ASN C 583 15.38 22.01 28.96
N GLY C 584 16.21 21.43 28.08
CA GLY C 584 16.17 20.01 27.78
C GLY C 584 15.75 19.69 26.36
N LEU C 585 14.82 20.44 25.78
CA LEU C 585 14.42 20.17 24.41
C LEU C 585 15.64 20.32 23.49
N THR C 586 15.44 20.01 22.22
CA THR C 586 16.55 20.02 21.29
C THR C 586 15.99 20.36 19.91
N GLY C 587 16.76 20.07 18.89
CA GLY C 587 16.56 20.63 17.56
C GLY C 587 17.71 21.55 17.19
N THR C 588 17.86 21.77 15.89
CA THR C 588 18.97 22.56 15.39
C THR C 588 18.49 23.44 14.25
N GLY C 589 19.03 24.65 14.20
CA GLY C 589 18.64 25.59 13.18
C GLY C 589 19.37 26.90 13.38
N VAL C 590 18.95 27.90 12.61
CA VAL C 590 19.42 29.27 12.78
C VAL C 590 18.49 29.93 13.79
N LEU C 591 19.05 30.31 14.93
CA LEU C 591 18.29 31.04 15.94
C LEU C 591 18.32 32.53 15.60
N THR C 592 17.14 33.15 15.59
CA THR C 592 17.03 34.55 15.21
C THR C 592 16.23 35.29 16.27
N GLU C 593 16.45 36.60 16.36
CA GLU C 593 15.66 37.43 17.25
C GLU C 593 14.22 37.48 16.75
N SER C 594 13.26 37.34 17.66
CA SER C 594 11.85 37.28 17.31
C SER C 594 11.10 38.40 18.01
N ASN C 595 10.09 38.93 17.31
CA ASN C 595 9.19 39.92 17.87
C ASN C 595 7.96 39.30 18.52
N LYS C 596 7.88 37.97 18.57
CA LYS C 596 6.71 37.32 19.14
C LYS C 596 6.52 37.73 20.59
N LYS C 597 5.27 37.92 21.00
CA LYS C 597 4.91 38.32 22.35
C LYS C 597 4.28 37.12 23.04
N PHE C 598 5.11 36.27 23.62
CA PHE C 598 4.61 35.17 24.43
C PHE C 598 3.94 35.72 25.69
N LEU C 599 2.99 34.95 26.21
CA LEU C 599 2.41 35.28 27.50
C LEU C 599 3.45 35.07 28.59
N PRO C 600 3.25 35.67 29.76
CA PRO C 600 4.30 35.63 30.79
C PRO C 600 4.75 34.22 31.12
N PHE C 601 3.83 33.25 31.11
CA PHE C 601 4.15 31.86 31.42
C PHE C 601 4.31 31.01 30.18
N GLN C 602 4.25 31.59 28.99
CA GLN C 602 4.45 30.83 27.76
C GLN C 602 5.93 30.73 27.45
N GLN C 603 6.38 29.54 27.10
CA GLN C 603 7.76 29.30 26.76
C GLN C 603 7.96 28.89 25.30
N PHE C 604 7.01 28.16 24.73
CA PHE C 604 7.22 27.49 23.46
C PHE C 604 6.13 27.94 22.50
N GLY C 605 6.50 28.22 21.26
CA GLY C 605 5.55 28.53 20.22
C GLY C 605 5.53 27.40 19.20
N ARG C 606 4.33 27.04 18.73
CA ARG C 606 4.18 25.96 17.77
C ARG C 606 3.29 26.41 16.62
N ASP C 607 3.46 25.75 15.48
CA ASP C 607 2.69 26.04 14.29
C ASP C 607 1.37 25.26 14.33
N ILE C 608 0.64 25.28 13.22
CA ILE C 608 -0.54 24.42 13.11
C ILE C 608 -0.12 22.96 13.11
N ALA C 609 1.03 22.65 12.53
CA ALA C 609 1.57 21.29 12.46
C ALA C 609 2.15 20.82 13.78
N ASP C 610 1.96 21.56 14.88
CA ASP C 610 2.47 21.16 16.19
C ASP C 610 3.99 21.01 16.15
N THR C 611 4.66 21.90 15.44
CA THR C 611 6.11 21.93 15.35
C THR C 611 6.63 23.19 16.00
N THR C 612 7.58 23.05 16.92
CA THR C 612 8.14 24.19 17.62
C THR C 612 8.79 25.14 16.62
N ASP C 613 8.45 26.42 16.71
CA ASP C 613 8.95 27.43 15.78
C ASP C 613 9.46 28.66 16.54
N ALA C 614 8.93 28.90 17.73
CA ALA C 614 9.34 30.03 18.54
C ALA C 614 9.64 29.56 19.95
N VAL C 615 10.70 30.10 20.54
CA VAL C 615 11.17 29.69 21.85
C VAL C 615 11.43 30.94 22.69
N ARG C 616 11.56 30.75 23.99
CA ARG C 616 12.01 31.79 24.89
C ARG C 616 13.31 31.34 25.54
N ASP C 617 14.24 32.27 25.69
CA ASP C 617 15.54 31.92 26.26
C ASP C 617 15.36 31.59 27.74
N PRO C 618 15.84 30.42 28.20
CA PRO C 618 15.72 30.13 29.64
C PRO C 618 16.36 31.17 30.52
N GLN C 619 17.52 31.70 30.13
CA GLN C 619 18.23 32.67 30.97
C GLN C 619 17.51 34.01 30.98
N THR C 620 17.35 34.61 29.81
CA THR C 620 16.69 35.90 29.68
C THR C 620 15.31 35.72 29.07
N LEU C 621 14.42 36.67 29.37
CA LEU C 621 13.05 36.61 28.87
C LEU C 621 13.00 37.21 27.47
N GLU C 622 13.65 36.51 26.54
CA GLU C 622 13.71 36.91 25.15
C GLU C 622 13.17 35.79 24.27
N ILE C 623 12.41 36.18 23.24
CA ILE C 623 11.79 35.23 22.33
C ILE C 623 12.59 35.19 21.04
N LEU C 624 12.80 33.97 20.53
CA LEU C 624 13.59 33.74 19.33
C LEU C 624 12.84 32.85 18.36
N ASP C 625 13.12 33.05 17.08
CA ASP C 625 12.58 32.27 16.00
C ASP C 625 13.55 31.18 15.57
N ILE C 626 13.01 30.06 15.12
CA ILE C 626 13.78 28.91 14.67
C ILE C 626 13.69 28.87 13.15
N THR C 627 14.84 28.80 12.48
CA THR C 627 14.88 28.72 11.03
C THR C 627 15.68 27.48 10.63
N PRO C 628 15.04 26.39 10.21
CA PRO C 628 15.81 25.18 9.91
C PRO C 628 16.89 25.47 8.89
N CYS C 629 18.08 24.92 9.15
CA CYS C 629 19.23 25.20 8.30
C CYS C 629 18.92 24.91 6.84
N SER C 630 19.47 25.74 5.96
CA SER C 630 19.15 25.63 4.55
C SER C 630 19.52 24.25 4.02
N PHE C 631 18.70 23.75 3.10
CA PHE C 631 18.95 22.47 2.47
C PHE C 631 18.12 22.41 1.19
N GLY C 632 18.48 21.47 0.32
CA GLY C 632 17.77 21.31 -0.92
C GLY C 632 18.42 20.23 -1.76
N GLY C 633 17.75 19.89 -2.86
CA GLY C 633 18.28 18.91 -3.77
C GLY C 633 19.44 19.45 -4.58
N VAL C 634 20.08 18.54 -5.30
CA VAL C 634 21.20 18.88 -6.17
C VAL C 634 21.03 18.13 -7.48
N SER C 635 21.32 18.81 -8.59
CA SER C 635 21.18 18.19 -9.90
C SER C 635 22.36 18.57 -10.78
N VAL C 636 22.61 17.72 -11.77
CA VAL C 636 23.67 17.93 -12.74
C VAL C 636 23.05 18.09 -14.13
N ILE C 637 23.68 18.92 -14.94
CA ILE C 637 23.28 19.19 -16.31
C ILE C 637 24.45 18.84 -17.21
N THR C 638 24.21 17.97 -18.19
CA THR C 638 25.26 17.52 -19.08
C THR C 638 24.77 17.54 -20.53
N PRO C 639 25.67 17.75 -21.49
CA PRO C 639 25.29 17.66 -22.90
C PRO C 639 25.43 16.28 -23.51
N GLY C 640 25.80 15.28 -22.74
CA GLY C 640 26.00 13.93 -23.24
C GLY C 640 27.46 13.53 -23.10
N THR C 641 27.67 12.26 -22.72
CA THR C 641 29.03 11.77 -22.52
C THR C 641 29.89 12.01 -23.75
N ASN C 642 29.41 11.57 -24.91
CA ASN C 642 30.16 11.76 -26.15
C ASN C 642 30.30 13.25 -26.47
N THR C 643 29.23 14.01 -26.28
CA THR C 643 29.20 15.38 -26.78
C THR C 643 30.30 16.22 -26.15
N SER C 644 30.48 16.12 -24.84
CA SER C 644 31.47 16.91 -24.12
C SER C 644 31.57 16.36 -22.71
N ASN C 645 32.35 17.05 -21.88
CA ASN C 645 32.49 16.71 -20.47
C ASN C 645 32.28 17.92 -19.57
N GLN C 646 31.89 19.06 -20.14
CA GLN C 646 31.57 20.25 -19.35
C GLN C 646 30.17 20.12 -18.78
N VAL C 647 30.05 20.35 -17.47
CA VAL C 647 28.82 20.09 -16.74
C VAL C 647 28.42 21.31 -15.93
N ALA C 648 27.15 21.36 -15.55
CA ALA C 648 26.65 22.40 -14.66
C ALA C 648 25.97 21.74 -13.46
N VAL C 649 25.90 22.50 -12.36
CA VAL C 649 25.36 21.99 -11.11
C VAL C 649 24.34 22.98 -10.57
N LEU C 650 23.19 22.45 -10.14
CA LEU C 650 22.06 23.26 -9.68
C LEU C 650 21.73 22.88 -8.25
N TYR C 651 21.59 23.90 -7.40
CA TYR C 651 21.18 23.76 -6.00
C TYR C 651 19.76 24.31 -5.91
N GLN C 652 18.82 23.42 -5.62
CA GLN C 652 17.39 23.70 -5.78
C GLN C 652 16.87 24.51 -4.59
N GLY C 653 16.18 25.61 -4.90
CA GLY C 653 15.58 26.43 -3.87
C GLY C 653 16.63 27.02 -2.95
N VAL C 654 17.89 26.97 -3.37
CA VAL C 654 19.02 27.45 -2.59
C VAL C 654 19.74 28.49 -3.42
N ASN C 655 19.98 29.65 -2.82
CA ASN C 655 20.60 30.76 -3.52
C ASN C 655 22.11 30.75 -3.30
N CYS C 656 22.80 31.71 -3.93
CA CYS C 656 24.25 31.64 -4.10
C CYS C 656 25.00 32.41 -3.01
N THR C 657 24.65 32.18 -1.74
CA THR C 657 25.54 32.48 -0.63
C THR C 657 25.89 31.23 0.16
N GLU C 658 24.88 30.49 0.60
CA GLU C 658 25.12 29.26 1.34
C GLU C 658 25.89 28.25 0.50
N VAL C 659 25.76 28.31 -0.83
CA VAL C 659 26.54 27.43 -1.69
C VAL C 659 28.02 27.79 -1.53
N PRO C 660 28.39 29.08 -1.60
CA PRO C 660 29.76 29.44 -1.19
C PRO C 660 30.11 28.96 0.20
N VAL C 661 29.16 29.03 1.14
CA VAL C 661 29.39 28.49 2.47
C VAL C 661 29.69 27.00 2.42
N ALA C 662 29.23 26.31 1.38
CA ALA C 662 29.50 24.89 1.19
C ALA C 662 30.89 24.63 0.61
N ILE C 663 31.79 25.61 0.69
CA ILE C 663 33.15 25.41 0.23
C ILE C 663 33.78 24.23 0.98
N HIS C 664 34.78 23.62 0.36
CA HIS C 664 35.39 22.41 0.89
C HIS C 664 35.92 22.58 2.31
N ALA C 665 36.06 23.81 2.80
CA ALA C 665 36.48 24.02 4.18
C ALA C 665 35.62 23.20 5.14
N ASP C 666 34.30 23.22 4.93
CA ASP C 666 33.38 22.33 5.63
C ASP C 666 32.90 21.28 4.63
N GLN C 667 33.08 20.01 4.97
CA GLN C 667 32.79 18.92 4.04
C GLN C 667 31.31 18.59 4.10
N LEU C 668 30.60 18.86 3.01
CA LEU C 668 29.22 18.47 2.85
C LEU C 668 29.14 17.18 2.04
N THR C 669 27.91 16.74 1.74
CA THR C 669 27.74 15.48 1.04
C THR C 669 28.48 15.44 -0.30
N PRO C 670 28.39 16.46 -1.17
CA PRO C 670 29.13 16.40 -2.43
C PRO C 670 30.62 16.65 -2.22
N THR C 671 31.43 15.60 -2.33
CA THR C 671 32.85 15.71 -2.04
C THR C 671 33.55 16.66 -3.02
N TRP C 672 33.29 16.48 -4.32
CA TRP C 672 33.91 17.32 -5.32
C TRP C 672 33.58 18.78 -5.07
N ARG C 673 34.58 19.65 -5.24
CA ARG C 673 34.41 21.06 -4.95
C ARG C 673 35.02 21.98 -6.00
N VAL C 674 35.66 21.46 -7.05
CA VAL C 674 36.43 22.31 -7.96
C VAL C 674 35.56 23.44 -8.52
N TYR C 675 34.25 23.23 -8.63
CA TYR C 675 33.36 24.23 -9.23
C TYR C 675 32.85 25.27 -8.24
N SER C 676 33.00 25.05 -6.94
CA SER C 676 32.56 26.03 -5.96
C SER C 676 33.29 27.36 -6.10
N THR C 677 34.42 27.37 -6.81
CA THR C 677 35.08 28.63 -7.13
C THR C 677 34.15 29.53 -7.93
N GLY C 678 33.44 28.96 -8.90
CA GLY C 678 32.39 29.69 -9.60
C GLY C 678 32.93 30.46 -10.81
N SER C 679 33.01 31.79 -10.67
CA SER C 679 33.41 32.68 -11.75
C SER C 679 32.27 32.85 -12.76
N ASN C 680 31.19 32.10 -12.57
CA ASN C 680 29.98 32.29 -13.36
C ASN C 680 28.73 32.01 -12.54
N VAL C 681 28.84 32.02 -11.22
CA VAL C 681 27.70 31.67 -10.37
C VAL C 681 26.55 32.59 -10.67
N PHE C 682 25.36 32.02 -10.86
CA PHE C 682 24.16 32.79 -11.17
C PHE C 682 23.06 32.44 -10.18
N GLN C 683 22.23 33.44 -9.90
CA GLN C 683 21.09 33.29 -9.02
C GLN C 683 19.81 33.35 -9.84
N THR C 684 18.83 32.54 -9.47
CA THR C 684 17.56 32.48 -10.17
C THR C 684 16.45 32.23 -9.15
N ARG C 685 15.21 32.25 -9.64
CA ARG C 685 14.07 31.93 -8.78
C ARG C 685 14.18 30.50 -8.25
N ALA C 686 14.59 29.57 -9.12
CA ALA C 686 14.67 28.17 -8.70
C ALA C 686 15.70 27.97 -7.61
N GLY C 687 16.85 28.62 -7.73
CA GLY C 687 17.90 28.45 -6.75
C GLY C 687 19.24 28.98 -7.23
N CYS C 688 20.31 28.22 -7.01
CA CYS C 688 21.65 28.65 -7.38
C CYS C 688 22.17 27.77 -8.51
N LEU C 689 22.77 28.40 -9.53
CA LEU C 689 23.32 27.69 -10.67
C LEU C 689 24.82 27.97 -10.76
N ILE C 690 25.59 26.92 -11.02
CA ILE C 690 27.04 27.05 -11.15
C ILE C 690 27.50 26.22 -12.33
N GLY C 691 28.56 26.68 -12.98
CA GLY C 691 29.22 25.93 -14.04
C GLY C 691 28.83 26.34 -15.45
N ALA C 692 27.75 27.10 -15.61
CA ALA C 692 27.29 27.51 -16.92
C ALA C 692 27.17 29.02 -16.98
N GLU C 693 27.47 29.58 -18.15
CA GLU C 693 27.41 31.03 -18.30
C GLU C 693 25.98 31.49 -18.50
N HIS C 694 25.62 32.59 -17.83
CA HIS C 694 24.28 33.15 -17.91
C HIS C 694 24.18 34.06 -19.12
N VAL C 695 23.60 33.54 -20.21
CA VAL C 695 23.32 34.36 -21.37
C VAL C 695 21.99 35.08 -21.14
N ASN C 696 21.78 36.23 -21.77
CA ASN C 696 20.50 36.94 -21.71
C ASN C 696 19.55 36.73 -22.90
N ASN C 697 20.00 36.26 -24.05
CA ASN C 697 19.04 35.99 -25.12
C ASN C 697 18.15 34.82 -24.66
N SER C 698 17.11 34.53 -25.44
CA SER C 698 16.16 33.49 -25.11
C SER C 698 16.00 32.54 -26.29
N TYR C 699 15.79 31.27 -25.98
CA TYR C 699 15.65 30.24 -27.00
C TYR C 699 14.75 29.14 -26.46
N GLU C 700 14.33 28.25 -27.36
CA GLU C 700 13.49 27.13 -26.95
C GLU C 700 14.22 26.28 -25.92
N CYS C 701 13.46 25.67 -25.03
CA CYS C 701 14.06 24.88 -23.97
C CYS C 701 14.84 23.71 -24.57
N ASP C 702 16.09 23.55 -24.13
CA ASP C 702 16.90 22.40 -24.45
C ASP C 702 17.05 21.46 -23.27
N ILE C 703 17.33 21.99 -22.08
CA ILE C 703 17.26 21.24 -20.84
C ILE C 703 16.55 22.11 -19.81
N PRO C 704 15.37 21.72 -19.33
CA PRO C 704 14.64 22.59 -18.39
C PRO C 704 15.40 22.76 -17.08
N ILE C 705 15.25 23.93 -16.48
CA ILE C 705 15.89 24.25 -15.22
C ILE C 705 14.83 24.51 -14.17
N GLY C 706 14.01 25.52 -14.40
CA GLY C 706 12.97 25.93 -13.47
C GLY C 706 12.75 27.42 -13.59
N ALA C 707 11.54 27.84 -13.22
CA ALA C 707 11.15 29.25 -13.28
C ALA C 707 11.37 29.81 -14.68
N GLY C 708 11.00 29.02 -15.70
CA GLY C 708 11.14 29.48 -17.07
C GLY C 708 12.57 29.73 -17.49
N ILE C 709 13.48 28.84 -17.12
CA ILE C 709 14.89 28.95 -17.47
C ILE C 709 15.33 27.62 -18.06
N CYS C 710 16.16 27.66 -19.10
CA CYS C 710 16.63 26.43 -19.72
C CYS C 710 18.08 26.55 -20.13
N ALA C 711 18.77 25.42 -20.08
CA ALA C 711 20.19 25.34 -20.39
C ALA C 711 20.41 24.66 -21.74
N SER C 712 21.50 25.04 -22.39
CA SER C 712 21.92 24.45 -23.65
C SER C 712 23.44 24.39 -23.67
N TYR C 713 24.00 23.81 -24.74
CA TYR C 713 25.43 23.72 -24.93
C TYR C 713 25.77 24.31 -26.30
N GLN C 714 26.39 25.48 -26.31
CA GLN C 714 26.65 26.20 -27.54
C GLN C 714 27.95 26.99 -27.39
N THR C 715 28.39 27.58 -28.50
CA THR C 715 29.64 28.33 -28.51
C THR C 715 29.49 29.64 -27.75
N SER C 728 34.79 27.77 -30.02
CA SER C 728 34.66 27.44 -28.60
C SER C 728 33.30 26.83 -28.31
N GLN C 729 33.21 26.08 -27.21
CA GLN C 729 31.96 25.48 -26.77
C GLN C 729 31.86 25.56 -25.26
N SER C 730 30.66 25.86 -24.78
CA SER C 730 30.42 25.98 -23.34
C SER C 730 28.92 25.86 -23.09
N ILE C 731 28.58 25.62 -21.83
CA ILE C 731 27.20 25.40 -21.41
C ILE C 731 26.61 26.73 -20.94
N ILE C 732 25.42 27.04 -21.44
CA ILE C 732 24.78 28.34 -21.26
C ILE C 732 23.42 28.14 -20.63
N ALA C 733 22.96 29.17 -19.93
CA ALA C 733 21.62 29.23 -19.36
C ALA C 733 20.92 30.46 -19.88
N TYR C 734 19.68 30.29 -20.36
CA TYR C 734 18.96 31.36 -21.02
C TYR C 734 17.51 31.39 -20.54
N THR C 735 16.92 32.57 -20.67
CA THR C 735 15.50 32.77 -20.40
C THR C 735 14.67 32.04 -21.45
N MET C 736 13.48 31.61 -21.03
CA MET C 736 12.60 30.87 -21.92
C MET C 736 12.07 31.76 -23.03
N SER C 737 11.91 31.16 -24.21
CA SER C 737 11.29 31.80 -25.36
C SER C 737 10.02 31.06 -25.70
N LEU C 738 8.92 31.80 -25.87
CA LEU C 738 7.62 31.21 -26.17
C LEU C 738 7.35 31.13 -27.66
N GLY C 739 8.39 31.09 -28.48
CA GLY C 739 8.24 31.17 -29.91
C GLY C 739 8.29 32.61 -30.41
N ALA C 740 8.65 32.75 -31.68
CA ALA C 740 8.78 34.08 -32.27
C ALA C 740 7.46 34.84 -32.13
N GLU C 741 7.55 36.08 -31.67
CA GLU C 741 6.38 36.91 -31.57
C GLU C 741 5.86 37.29 -32.95
N ASN C 742 4.54 37.24 -33.11
CA ASN C 742 3.89 37.65 -34.34
C ASN C 742 2.73 38.57 -33.99
N SER C 743 2.41 39.46 -34.92
CA SER C 743 1.29 40.40 -34.77
C SER C 743 0.51 40.39 -36.07
N VAL C 744 -0.54 39.57 -36.13
CA VAL C 744 -1.36 39.50 -37.33
C VAL C 744 -1.88 40.89 -37.67
N ALA C 745 -1.89 41.21 -38.96
CA ALA C 745 -2.42 42.49 -39.44
C ALA C 745 -3.94 42.44 -39.40
N TYR C 746 -4.46 42.37 -38.18
CA TYR C 746 -5.91 42.25 -37.98
C TYR C 746 -6.60 43.57 -38.29
N SER C 747 -7.73 43.48 -38.98
CA SER C 747 -8.59 44.63 -39.20
C SER C 747 -9.84 44.18 -39.93
N ASN C 748 -10.94 44.91 -39.75
CA ASN C 748 -12.14 44.63 -40.50
C ASN C 748 -11.91 44.90 -41.98
N ASN C 749 -12.68 44.22 -42.83
CA ASN C 749 -12.57 44.36 -44.27
C ASN C 749 -11.17 43.98 -44.76
N SER C 750 -10.80 42.73 -44.46
CA SER C 750 -9.50 42.22 -44.86
C SER C 750 -9.48 40.69 -44.72
N ILE C 751 -9.13 39.99 -45.79
CA ILE C 751 -9.07 38.52 -45.75
C ILE C 751 -7.86 38.05 -46.55
N ALA C 752 -7.18 37.05 -46.01
CA ALA C 752 -6.09 36.37 -46.71
C ALA C 752 -6.55 34.94 -46.98
N ILE C 753 -6.81 34.63 -48.25
CA ILE C 753 -7.34 33.32 -48.62
C ILE C 753 -6.20 32.47 -49.18
N PRO C 754 -6.10 31.19 -48.79
CA PRO C 754 -5.06 30.35 -49.38
C PRO C 754 -5.22 30.21 -50.89
N THR C 755 -4.08 30.16 -51.56
CA THR C 755 -4.00 29.84 -52.97
C THR C 755 -3.08 28.66 -53.24
N ASN C 756 -2.33 28.21 -52.24
CA ASN C 756 -1.42 27.08 -52.37
C ASN C 756 -1.49 26.25 -51.10
N PHE C 757 -1.20 24.96 -51.25
CA PHE C 757 -1.28 24.02 -50.15
C PHE C 757 -0.14 23.02 -50.25
N THR C 758 -0.04 22.16 -49.24
CA THR C 758 0.95 21.09 -49.23
C THR C 758 0.37 19.93 -48.44
N ILE C 759 0.32 18.75 -49.08
CA ILE C 759 -0.07 17.56 -48.33
C ILE C 759 0.93 17.34 -47.21
N SER C 760 0.43 16.84 -46.09
CA SER C 760 1.26 16.60 -44.92
C SER C 760 1.04 15.17 -44.44
N VAL C 761 2.13 14.52 -44.04
CA VAL C 761 2.09 13.19 -43.44
C VAL C 761 2.86 13.25 -42.13
N THR C 762 2.24 12.77 -41.06
CA THR C 762 2.84 12.80 -39.75
C THR C 762 2.68 11.45 -39.06
N THR C 763 3.66 11.12 -38.23
CA THR C 763 3.64 9.87 -37.49
C THR C 763 3.03 10.06 -36.11
N GLU C 764 2.47 8.98 -35.59
CA GLU C 764 2.00 8.95 -34.21
C GLU C 764 2.21 7.54 -33.68
N ILE C 765 2.51 7.46 -32.38
CA ILE C 765 2.81 6.18 -31.74
C ILE C 765 1.94 6.06 -30.50
N LEU C 766 1.35 4.89 -30.29
CA LEU C 766 0.50 4.65 -29.13
C LEU C 766 0.83 3.28 -28.54
N PRO C 767 1.32 3.21 -27.30
CA PRO C 767 1.49 1.91 -26.68
C PRO C 767 0.16 1.16 -26.60
N VAL C 768 0.23 -0.14 -26.82
CA VAL C 768 -0.98 -0.98 -26.90
C VAL C 768 -1.07 -1.92 -25.70
N SER C 769 -0.06 -2.76 -25.50
CA SER C 769 -0.11 -3.75 -24.44
C SER C 769 1.30 -4.05 -23.97
N MET C 770 1.45 -4.29 -22.67
CA MET C 770 2.73 -4.63 -22.07
C MET C 770 2.92 -6.14 -22.07
N THR C 771 4.16 -6.55 -21.83
CA THR C 771 4.49 -7.97 -21.81
C THR C 771 3.71 -8.67 -20.70
N LYS C 772 3.09 -9.80 -21.04
CA LYS C 772 2.39 -10.59 -20.05
C LYS C 772 3.39 -11.16 -19.05
N THR C 773 2.99 -11.15 -17.76
CA THR C 773 3.87 -11.58 -16.69
C THR C 773 3.11 -12.48 -15.73
N SER C 774 3.83 -13.42 -15.14
CA SER C 774 3.26 -14.38 -14.21
C SER C 774 4.22 -14.63 -13.06
N VAL C 775 3.65 -14.70 -11.85
CA VAL C 775 4.41 -14.84 -10.61
C VAL C 775 3.82 -16.01 -9.83
N ASP C 776 4.64 -16.59 -8.97
CA ASP C 776 4.20 -17.64 -8.05
C ASP C 776 4.45 -17.18 -6.62
N CYS C 777 3.59 -17.64 -5.71
CA CYS C 777 3.81 -17.35 -4.29
C CYS C 777 5.15 -17.92 -3.84
N THR C 778 5.25 -19.24 -3.85
CA THR C 778 6.30 -19.93 -3.11
C THR C 778 7.68 -19.61 -3.67
N MET C 779 7.85 -19.71 -4.99
CA MET C 779 9.18 -19.55 -5.55
C MET C 779 9.82 -18.25 -5.13
N TYR C 780 9.02 -17.23 -4.83
CA TYR C 780 9.55 -15.97 -4.34
C TYR C 780 9.56 -15.90 -2.80
N ILE C 781 8.38 -15.98 -2.19
CA ILE C 781 8.28 -15.74 -0.76
C ILE C 781 9.02 -16.84 0.01
N CYS C 782 8.78 -18.09 -0.35
CA CYS C 782 9.26 -19.25 0.38
C CYS C 782 9.78 -20.29 -0.60
N GLY C 783 10.57 -19.84 -1.57
CA GLY C 783 10.99 -20.69 -2.67
C GLY C 783 11.52 -22.03 -2.24
N ASP C 784 10.77 -23.09 -2.54
CA ASP C 784 11.19 -24.47 -2.27
C ASP C 784 11.54 -24.65 -0.80
N SER C 785 10.54 -24.47 0.06
CA SER C 785 10.72 -24.67 1.50
C SER C 785 9.39 -25.10 2.09
N THR C 786 9.31 -26.37 2.50
CA THR C 786 8.09 -26.87 3.12
C THR C 786 7.77 -26.10 4.39
N GLU C 787 8.79 -25.85 5.21
CA GLU C 787 8.57 -25.15 6.48
C GLU C 787 8.10 -23.73 6.24
N CYS C 788 8.74 -23.03 5.31
CA CYS C 788 8.35 -21.65 5.02
C CYS C 788 6.95 -21.60 4.44
N SER C 789 6.59 -22.56 3.60
CA SER C 789 5.22 -22.64 3.10
C SER C 789 4.23 -22.83 4.25
N ASN C 790 4.51 -23.79 5.13
CA ASN C 790 3.64 -24.01 6.27
C ASN C 790 3.47 -22.73 7.06
N LEU C 791 4.56 -21.99 7.26
CA LEU C 791 4.48 -20.73 8.01
C LEU C 791 3.60 -19.72 7.28
N LEU C 792 3.84 -19.51 5.99
CA LEU C 792 3.07 -18.50 5.27
C LEU C 792 1.59 -18.88 5.20
N LEU C 793 1.26 -20.16 5.39
CA LEU C 793 -0.15 -20.55 5.37
C LEU C 793 -0.96 -19.75 6.38
N GLN C 794 -0.34 -19.30 7.47
CA GLN C 794 -1.04 -18.53 8.49
C GLN C 794 -1.46 -17.16 8.00
N TYR C 795 -0.99 -16.71 6.84
CA TYR C 795 -1.23 -15.36 6.35
C TYR C 795 -2.29 -15.32 5.25
N GLY C 796 -3.34 -16.13 5.39
CA GLY C 796 -4.45 -16.04 4.45
C GLY C 796 -4.03 -16.41 3.04
N SER C 797 -4.55 -15.66 2.07
CA SER C 797 -4.35 -15.96 0.66
C SER C 797 -3.99 -14.69 -0.10
N PHE C 798 -3.12 -13.87 0.48
CA PHE C 798 -2.72 -12.63 -0.16
C PHE C 798 -2.14 -12.89 -1.54
N CYS C 799 -1.18 -13.81 -1.64
CA CYS C 799 -0.58 -14.05 -2.94
C CYS C 799 -1.58 -14.68 -3.88
N THR C 800 -2.57 -15.40 -3.35
CA THR C 800 -3.64 -15.91 -4.20
C THR C 800 -4.38 -14.76 -4.86
N GLN C 801 -4.76 -13.75 -4.07
CA GLN C 801 -5.42 -12.59 -4.66
C GLN C 801 -4.51 -11.89 -5.65
N LEU C 802 -3.21 -11.80 -5.34
CA LEU C 802 -2.27 -11.18 -6.26
C LEU C 802 -2.21 -11.94 -7.58
N ASN C 803 -2.21 -13.28 -7.50
CA ASN C 803 -2.21 -14.10 -8.70
C ASN C 803 -3.47 -13.87 -9.52
N ARG C 804 -4.62 -13.82 -8.85
CA ARG C 804 -5.86 -13.49 -9.53
C ARG C 804 -5.72 -12.15 -10.25
N ALA C 805 -5.16 -11.15 -9.57
CA ALA C 805 -5.04 -9.82 -10.15
C ALA C 805 -4.18 -9.86 -11.40
N LEU C 806 -2.98 -10.43 -11.30
CA LEU C 806 -2.09 -10.43 -12.45
C LEU C 806 -2.64 -11.27 -13.59
N THR C 807 -3.37 -12.34 -13.28
CA THR C 807 -4.05 -13.11 -14.32
C THR C 807 -5.06 -12.23 -15.05
N GLY C 808 -5.84 -11.45 -14.28
CA GLY C 808 -6.73 -10.49 -14.91
C GLY C 808 -5.98 -9.49 -15.75
N ILE C 809 -4.79 -9.07 -15.31
CA ILE C 809 -4.00 -8.12 -16.08
C ILE C 809 -3.61 -8.70 -17.43
N ALA C 810 -3.13 -9.95 -17.42
CA ALA C 810 -2.75 -10.59 -18.68
C ALA C 810 -3.95 -10.77 -19.60
N VAL C 811 -5.07 -11.21 -19.03
CA VAL C 811 -6.29 -11.34 -19.83
C VAL C 811 -6.68 -9.99 -20.41
N GLU C 812 -6.50 -8.92 -19.63
CA GLU C 812 -6.79 -7.59 -20.11
C GLU C 812 -5.86 -7.19 -21.25
N GLN C 813 -4.59 -7.55 -21.15
CA GLN C 813 -3.66 -7.29 -22.25
C GLN C 813 -4.17 -7.93 -23.53
N ASP C 814 -4.51 -9.22 -23.45
CA ASP C 814 -5.00 -9.91 -24.64
C ASP C 814 -6.29 -9.29 -25.14
N LYS C 815 -7.19 -8.90 -24.23
CA LYS C 815 -8.45 -8.29 -24.62
C LYS C 815 -8.22 -6.95 -25.32
N ASN C 816 -7.27 -6.16 -24.81
CA ASN C 816 -6.95 -4.90 -25.47
C ASN C 816 -6.43 -5.14 -26.88
N THR C 817 -5.52 -6.11 -27.03
CA THR C 817 -5.03 -6.43 -28.35
C THR C 817 -6.18 -6.80 -29.28
N GLN C 818 -7.05 -7.69 -28.82
CA GLN C 818 -8.18 -8.12 -29.62
C GLN C 818 -9.05 -6.93 -30.03
N GLU C 819 -9.45 -6.12 -29.06
CA GLU C 819 -10.35 -5.01 -29.34
C GLU C 819 -9.72 -4.03 -30.32
N VAL C 820 -8.46 -3.68 -30.10
CA VAL C 820 -7.84 -2.64 -30.90
C VAL C 820 -7.47 -3.12 -32.29
N PHE C 821 -7.25 -4.42 -32.50
CA PHE C 821 -6.79 -4.91 -33.78
C PHE C 821 -7.87 -5.64 -34.57
N ALA C 822 -8.48 -6.68 -33.99
CA ALA C 822 -9.40 -7.53 -34.73
C ALA C 822 -10.79 -6.88 -34.81
N GLN C 823 -10.82 -5.68 -35.37
CA GLN C 823 -12.08 -4.98 -35.60
C GLN C 823 -12.82 -5.49 -36.82
N VAL C 824 -12.20 -6.35 -37.62
CA VAL C 824 -12.80 -6.88 -38.84
C VAL C 824 -12.75 -8.40 -38.78
N LYS C 825 -13.78 -9.03 -39.33
CA LYS C 825 -13.95 -10.48 -39.29
C LYS C 825 -13.99 -11.05 -40.71
N GLN C 826 -13.12 -10.54 -41.59
CA GLN C 826 -13.08 -11.02 -42.96
C GLN C 826 -11.72 -10.67 -43.53
N ILE C 827 -10.90 -11.68 -43.82
CA ILE C 827 -9.55 -11.46 -44.31
C ILE C 827 -9.61 -11.10 -45.79
N TYR C 828 -8.99 -9.97 -46.14
CA TYR C 828 -8.88 -9.52 -47.53
C TYR C 828 -7.43 -9.57 -47.98
N LYS C 829 -7.23 -9.38 -49.28
CA LYS C 829 -5.90 -9.43 -49.85
C LYS C 829 -5.78 -8.40 -50.97
N THR C 830 -4.57 -7.90 -51.16
CA THR C 830 -4.32 -6.95 -52.24
C THR C 830 -4.32 -7.69 -53.58
N PRO C 831 -4.81 -7.06 -54.65
CA PRO C 831 -4.68 -7.65 -55.97
C PRO C 831 -3.27 -7.47 -56.51
N PRO C 832 -2.88 -8.27 -57.51
CA PRO C 832 -1.53 -8.11 -58.08
C PRO C 832 -1.30 -6.73 -58.67
N ILE C 833 -2.32 -6.12 -59.27
CA ILE C 833 -2.16 -4.82 -59.90
C ILE C 833 -2.18 -3.73 -58.84
N LYS C 834 -1.58 -2.58 -59.18
CA LYS C 834 -1.45 -1.46 -58.25
C LYS C 834 -1.76 -0.15 -58.98
N ASP C 835 -2.85 -0.13 -59.75
CA ASP C 835 -3.23 1.05 -60.53
C ASP C 835 -3.89 2.09 -59.61
N PHE C 836 -3.10 2.53 -58.62
CA PHE C 836 -3.58 3.48 -57.62
C PHE C 836 -3.15 4.91 -57.97
N GLY C 837 -3.59 5.34 -59.15
CA GLY C 837 -3.31 6.69 -59.62
C GLY C 837 -1.90 7.14 -59.36
N GLY C 838 -0.94 6.23 -59.46
CA GLY C 838 0.45 6.53 -59.21
C GLY C 838 0.86 6.52 -57.76
N PHE C 839 -0.08 6.43 -56.82
CA PHE C 839 0.28 6.41 -55.42
C PHE C 839 1.04 5.14 -55.08
N ASN C 840 2.11 5.30 -54.30
CA ASN C 840 3.00 4.20 -53.97
C ASN C 840 2.77 3.75 -52.53
N PHE C 841 2.56 2.45 -52.35
CA PHE C 841 2.44 1.86 -51.03
C PHE C 841 3.45 0.75 -50.81
N SER C 842 4.48 0.68 -51.67
CA SER C 842 5.44 -0.42 -51.59
C SER C 842 6.00 -0.57 -50.18
N GLN C 843 6.45 0.53 -49.60
CA GLN C 843 7.10 0.47 -48.28
C GLN C 843 6.14 -0.01 -47.21
N ILE C 844 4.83 0.08 -47.44
CA ILE C 844 3.83 -0.27 -46.45
C ILE C 844 3.14 -1.59 -46.77
N LEU C 845 2.85 -1.84 -48.04
CA LEU C 845 2.19 -3.09 -48.38
C LEU C 845 3.10 -4.26 -48.05
N PRO C 846 2.53 -5.43 -47.76
CA PRO C 846 3.38 -6.59 -47.43
C PRO C 846 4.29 -6.96 -48.58
N ASP C 847 5.50 -7.40 -48.23
CA ASP C 847 6.45 -7.88 -49.23
C ASP C 847 6.44 -9.39 -49.22
N PRO C 848 5.98 -10.06 -50.29
CA PRO C 848 6.00 -11.53 -50.28
C PRO C 848 7.39 -12.11 -50.12
N SER C 849 8.43 -11.41 -50.58
CA SER C 849 9.79 -11.95 -50.51
C SER C 849 10.17 -12.31 -49.08
N LYS C 850 9.99 -11.38 -48.16
CA LYS C 850 10.36 -11.63 -46.77
C LYS C 850 9.46 -12.73 -46.19
N PRO C 851 10.01 -13.64 -45.38
CA PRO C 851 9.16 -14.63 -44.72
C PRO C 851 8.09 -13.96 -43.87
N SER C 852 8.54 -13.13 -42.92
CA SER C 852 7.61 -12.27 -42.21
C SER C 852 7.15 -11.17 -43.15
N LYS C 853 5.83 -11.05 -43.32
CA LYS C 853 5.26 -10.10 -44.27
C LYS C 853 5.16 -8.70 -43.70
N ARG C 854 5.93 -8.40 -42.65
CA ARG C 854 6.00 -7.04 -42.14
C ARG C 854 6.40 -6.09 -43.26
N SER C 855 5.71 -4.94 -43.32
CA SER C 855 6.08 -3.94 -44.30
C SER C 855 7.53 -3.53 -44.12
N PHE C 856 8.07 -2.87 -45.14
CA PHE C 856 9.41 -2.31 -45.03
C PHE C 856 9.52 -1.44 -43.78
N ILE C 857 8.57 -0.53 -43.61
CA ILE C 857 8.59 0.39 -42.48
C ILE C 857 8.50 -0.37 -41.17
N GLU C 858 7.61 -1.36 -41.11
CA GLU C 858 7.45 -2.11 -39.86
C GLU C 858 8.70 -2.90 -39.51
N ASP C 859 9.36 -3.48 -40.51
CA ASP C 859 10.62 -4.17 -40.25
C ASP C 859 11.67 -3.21 -39.74
N LEU C 860 11.77 -2.02 -40.34
CA LEU C 860 12.71 -1.03 -39.83
C LEU C 860 12.39 -0.65 -38.39
N LEU C 861 11.11 -0.50 -38.08
CA LEU C 861 10.72 -0.18 -36.71
C LEU C 861 11.13 -1.29 -35.75
N PHE C 862 10.90 -2.55 -36.14
CA PHE C 862 11.29 -3.66 -35.29
C PHE C 862 12.79 -3.67 -35.07
N ASN C 863 13.57 -3.41 -36.13
CA ASN C 863 15.01 -3.35 -35.97
C ASN C 863 15.42 -2.24 -35.02
N LYS C 864 14.80 -1.07 -35.14
CA LYS C 864 15.12 0.05 -34.26
C LYS C 864 14.82 -0.31 -32.81
N VAL C 865 13.67 -0.93 -32.56
CA VAL C 865 13.33 -1.32 -31.20
C VAL C 865 14.31 -2.38 -30.70
N THR C 866 14.58 -2.34 -29.40
CA THR C 866 15.49 -3.27 -28.75
C THR C 866 14.72 -4.00 -27.66
N LEU C 867 14.06 -5.09 -28.03
CA LEU C 867 13.27 -5.86 -27.10
C LEU C 867 14.18 -6.68 -26.19
N ALA C 868 13.57 -7.30 -25.18
CA ALA C 868 14.27 -8.19 -24.27
C ALA C 868 13.29 -9.22 -23.71
N ASP C 869 13.80 -10.40 -23.41
CA ASP C 869 12.99 -11.49 -22.85
C ASP C 869 11.85 -11.86 -23.79
N ALA C 870 12.23 -12.36 -24.97
CA ALA C 870 11.23 -12.88 -25.90
C ALA C 870 10.47 -14.05 -25.28
N GLY C 871 11.16 -14.88 -24.50
CA GLY C 871 10.51 -15.95 -23.78
C GLY C 871 10.21 -17.20 -24.58
N PHE C 872 10.69 -17.28 -25.83
CA PHE C 872 10.39 -18.42 -26.70
C PHE C 872 11.23 -19.62 -26.27
N ILE C 873 10.84 -20.20 -25.14
CA ILE C 873 11.56 -21.34 -24.57
C ILE C 873 13.02 -20.96 -24.43
N LYS C 874 13.29 -19.93 -23.63
CA LYS C 874 14.65 -19.45 -23.47
C LYS C 874 15.47 -20.43 -22.63
N GLN C 875 16.73 -20.60 -23.00
CA GLN C 875 17.61 -21.53 -22.31
C GLN C 875 17.76 -21.15 -20.83
N ASP C 887 22.68 -13.07 -18.53
CA ASP C 887 21.47 -12.81 -19.30
C ASP C 887 20.28 -12.56 -18.38
N LEU C 888 19.67 -11.38 -18.49
CA LEU C 888 18.53 -11.06 -17.65
C LEU C 888 17.39 -12.05 -17.87
N ILE C 889 17.25 -12.56 -19.09
CA ILE C 889 16.12 -13.42 -19.41
C ILE C 889 16.16 -14.70 -18.59
N CYS C 890 17.31 -15.38 -18.60
CA CYS C 890 17.41 -16.66 -17.89
C CYS C 890 17.29 -16.48 -16.38
N ALA C 891 17.97 -15.46 -15.84
CA ALA C 891 17.88 -15.21 -14.41
C ALA C 891 16.45 -14.91 -14.00
N GLN C 892 15.75 -14.08 -14.78
CA GLN C 892 14.36 -13.79 -14.47
C GLN C 892 13.51 -15.06 -14.53
N LYS C 893 13.77 -15.93 -15.50
CA LYS C 893 13.02 -17.16 -15.59
C LYS C 893 13.25 -18.05 -14.38
N PHE C 894 14.48 -18.11 -13.90
CA PHE C 894 14.91 -19.12 -12.93
C PHE C 894 14.62 -18.72 -11.49
N ASN C 895 13.64 -17.85 -11.26
CA ASN C 895 13.26 -17.46 -9.91
C ASN C 895 11.74 -17.44 -9.77
N GLY C 896 11.06 -18.38 -10.44
CA GLY C 896 9.62 -18.46 -10.35
C GLY C 896 8.88 -17.38 -11.10
N LEU C 897 9.58 -16.59 -11.92
CA LEU C 897 8.95 -15.53 -12.71
C LEU C 897 8.90 -16.01 -14.16
N THR C 898 7.73 -15.87 -14.79
CA THR C 898 7.53 -16.38 -16.13
C THR C 898 6.84 -15.32 -16.98
N VAL C 899 7.01 -15.45 -18.29
CA VAL C 899 6.35 -14.58 -19.26
C VAL C 899 5.44 -15.45 -20.11
N LEU C 900 4.16 -15.12 -20.13
CA LEU C 900 3.23 -15.86 -20.95
C LEU C 900 3.27 -15.34 -22.38
N PRO C 901 3.50 -16.19 -23.37
CA PRO C 901 3.59 -15.70 -24.75
C PRO C 901 2.28 -15.03 -25.15
N PRO C 902 2.34 -13.98 -25.97
CA PRO C 902 1.11 -13.32 -26.39
C PRO C 902 0.21 -14.30 -27.11
N LEU C 903 -1.10 -14.21 -26.84
CA LEU C 903 -2.04 -15.06 -27.55
C LEU C 903 -1.89 -14.90 -29.05
N LEU C 904 -1.66 -13.67 -29.50
CA LEU C 904 -1.44 -13.41 -30.91
C LEU C 904 0.05 -13.50 -31.24
N THR C 905 0.35 -13.59 -32.53
CA THR C 905 1.73 -13.65 -33.00
C THR C 905 1.96 -12.55 -34.02
N ASP C 906 3.24 -12.17 -34.15
CA ASP C 906 3.61 -11.08 -35.05
C ASP C 906 3.07 -11.32 -36.45
N GLU C 907 3.18 -12.55 -36.95
CA GLU C 907 2.76 -12.82 -38.32
C GLU C 907 1.28 -12.50 -38.52
N MET C 908 0.41 -13.02 -37.66
CA MET C 908 -1.01 -12.82 -37.92
C MET C 908 -1.49 -11.43 -37.51
N ILE C 909 -0.82 -10.78 -36.55
CA ILE C 909 -1.16 -9.38 -36.29
C ILE C 909 -0.81 -8.53 -37.50
N ALA C 910 0.35 -8.78 -38.09
CA ALA C 910 0.69 -8.10 -39.34
C ALA C 910 -0.30 -8.42 -40.43
N GLN C 911 -0.80 -9.65 -40.46
CA GLN C 911 -1.83 -10.01 -41.43
C GLN C 911 -3.11 -9.21 -41.22
N TYR C 912 -3.52 -9.05 -39.97
CA TYR C 912 -4.65 -8.18 -39.67
C TYR C 912 -4.40 -6.79 -40.21
N THR C 913 -3.22 -6.24 -39.94
CA THR C 913 -2.91 -4.91 -40.45
C THR C 913 -3.02 -4.86 -41.96
N SER C 914 -2.46 -5.86 -42.64
CA SER C 914 -2.48 -5.87 -44.09
C SER C 914 -3.90 -5.93 -44.62
N ALA C 915 -4.74 -6.76 -44.01
CA ALA C 915 -6.13 -6.85 -44.43
C ALA C 915 -6.82 -5.50 -44.24
N LEU C 916 -6.57 -4.83 -43.11
CA LEU C 916 -7.16 -3.52 -42.88
C LEU C 916 -6.72 -2.54 -43.95
N LEU C 917 -5.42 -2.52 -44.25
CA LEU C 917 -4.91 -1.58 -45.25
C LEU C 917 -5.54 -1.86 -46.61
N ALA C 918 -5.62 -3.13 -47.00
CA ALA C 918 -6.19 -3.46 -48.30
C ALA C 918 -7.65 -3.07 -48.36
N GLY C 919 -8.42 -3.37 -47.31
CA GLY C 919 -9.82 -3.01 -47.30
C GLY C 919 -10.01 -1.51 -47.41
N THR C 920 -9.26 -0.75 -46.62
CA THR C 920 -9.32 0.71 -46.72
C THR C 920 -9.01 1.17 -48.13
N ILE C 921 -7.89 0.69 -48.68
CA ILE C 921 -7.44 1.14 -49.99
C ILE C 921 -8.53 0.88 -51.03
N THR C 922 -9.12 -0.31 -50.98
CA THR C 922 -10.00 -0.75 -52.06
C THR C 922 -11.45 -0.34 -51.86
N SER C 923 -11.85 0.08 -50.65
CA SER C 923 -13.26 0.32 -50.40
C SER C 923 -13.54 1.56 -49.55
N GLY C 924 -12.56 2.43 -49.36
CA GLY C 924 -12.82 3.61 -48.53
C GLY C 924 -13.33 3.19 -47.16
N TRP C 925 -14.39 3.85 -46.71
CA TRP C 925 -14.97 3.58 -45.40
C TRP C 925 -16.10 2.56 -45.47
N THR C 926 -16.45 2.07 -46.66
CA THR C 926 -17.64 1.22 -46.79
C THR C 926 -17.49 -0.06 -45.96
N PHE C 927 -16.37 -0.76 -46.12
CA PHE C 927 -16.22 -2.06 -45.46
C PHE C 927 -16.31 -1.94 -43.96
N GLY C 928 -15.99 -0.76 -43.41
CA GLY C 928 -16.05 -0.60 -41.97
C GLY C 928 -17.44 -0.91 -41.42
N ALA C 929 -18.48 -0.44 -42.09
CA ALA C 929 -19.84 -0.71 -41.65
C ALA C 929 -20.29 -2.13 -41.97
N GLY C 930 -19.54 -2.85 -42.80
CA GLY C 930 -19.94 -4.20 -43.19
C GLY C 930 -19.28 -4.66 -44.47
N ALA C 931 -20.09 -5.07 -45.44
CA ALA C 931 -19.56 -5.56 -46.70
C ALA C 931 -18.67 -4.51 -47.34
N ALA C 932 -17.52 -4.94 -47.84
CA ALA C 932 -16.61 -4.02 -48.52
C ALA C 932 -17.14 -3.70 -49.91
N LEU C 933 -16.94 -2.46 -50.34
CA LEU C 933 -17.43 -1.98 -51.63
C LEU C 933 -16.26 -1.42 -52.43
N GLN C 934 -15.99 -2.00 -53.59
CA GLN C 934 -14.88 -1.54 -54.41
C GLN C 934 -15.16 -0.13 -54.93
N ILE C 935 -14.10 0.68 -54.99
CA ILE C 935 -14.22 2.06 -55.45
C ILE C 935 -12.89 2.51 -56.05
N PRO C 936 -12.89 3.50 -56.94
CA PRO C 936 -11.61 4.06 -57.40
C PRO C 936 -10.97 4.92 -56.32
N PHE C 937 -9.64 4.81 -56.21
CA PHE C 937 -8.92 5.57 -55.21
C PHE C 937 -9.08 7.08 -55.44
N ALA C 938 -9.10 7.49 -56.70
CA ALA C 938 -9.34 8.91 -57.00
C ALA C 938 -10.71 9.34 -56.53
N MET C 939 -11.72 8.48 -56.71
CA MET C 939 -13.05 8.80 -56.20
C MET C 939 -13.01 8.95 -54.69
N GLN C 940 -12.29 8.05 -54.00
CA GLN C 940 -12.17 8.18 -52.56
C GLN C 940 -11.53 9.50 -52.17
N MET C 941 -10.47 9.89 -52.88
CA MET C 941 -9.81 11.16 -52.58
C MET C 941 -10.77 12.32 -52.76
N ALA C 942 -11.55 12.30 -53.84
CA ALA C 942 -12.54 13.35 -54.06
C ALA C 942 -13.54 13.40 -52.92
N TYR C 943 -13.99 12.24 -52.46
CA TYR C 943 -14.94 12.20 -51.35
C TYR C 943 -14.32 12.79 -50.08
N ARG C 944 -13.05 12.46 -49.82
CA ARG C 944 -12.38 13.04 -48.66
C ARG C 944 -12.31 14.55 -48.77
N PHE C 945 -11.94 15.05 -49.95
CA PHE C 945 -11.84 16.50 -50.14
C PHE C 945 -13.18 17.16 -49.93
N ASN C 946 -14.26 16.52 -50.38
CA ASN C 946 -15.59 17.01 -50.05
C ASN C 946 -15.80 17.00 -48.55
N GLY C 947 -15.31 15.96 -47.87
CA GLY C 947 -15.44 15.90 -46.43
C GLY C 947 -14.80 17.07 -45.73
N ILE C 948 -13.67 17.54 -46.26
CA ILE C 948 -13.02 18.73 -45.69
C ILE C 948 -13.52 19.98 -46.40
N GLY C 949 -14.63 19.85 -47.12
CA GLY C 949 -15.21 20.98 -47.80
C GLY C 949 -14.34 21.54 -48.90
N VAL C 950 -13.88 20.67 -49.80
CA VAL C 950 -13.05 21.06 -50.92
C VAL C 950 -13.61 20.41 -52.18
N THR C 951 -13.59 21.16 -53.29
CA THR C 951 -14.13 20.68 -54.54
C THR C 951 -13.16 19.71 -55.21
N GLN C 952 -13.72 18.65 -55.78
CA GLN C 952 -12.92 17.60 -56.40
C GLN C 952 -12.27 18.04 -57.70
N ASN C 953 -12.75 19.13 -58.30
CA ASN C 953 -12.22 19.57 -59.58
C ASN C 953 -10.73 19.82 -59.47
N VAL C 954 -10.29 20.49 -58.41
CA VAL C 954 -8.88 20.76 -58.22
C VAL C 954 -8.10 19.46 -58.06
N LEU C 955 -8.66 18.51 -57.32
CA LEU C 955 -8.00 17.22 -57.14
C LEU C 955 -7.77 16.56 -58.49
N TYR C 956 -8.80 16.54 -59.33
CA TYR C 956 -8.64 15.92 -60.65
C TYR C 956 -7.62 16.70 -61.48
N GLU C 957 -7.64 18.03 -61.37
CA GLU C 957 -6.71 18.84 -62.14
C GLU C 957 -5.27 18.51 -61.76
N ASN C 958 -5.01 18.32 -60.47
CA ASN C 958 -3.65 18.26 -59.96
C ASN C 958 -3.25 16.89 -59.46
N GLN C 959 -4.01 15.85 -59.83
CA GLN C 959 -3.69 14.48 -59.46
C GLN C 959 -2.18 14.22 -59.44
N LYS C 960 -1.48 14.64 -60.49
CA LYS C 960 -0.04 14.41 -60.55
C LYS C 960 0.67 15.08 -59.40
N LEU C 961 0.35 16.36 -59.13
CA LEU C 961 1.03 17.09 -58.08
C LEU C 961 0.74 16.48 -56.71
N ILE C 962 -0.53 16.13 -56.46
CA ILE C 962 -0.87 15.50 -55.18
C ILE C 962 -0.11 14.19 -55.02
N ALA C 963 -0.09 13.36 -56.05
CA ALA C 963 0.61 12.08 -55.94
C ALA C 963 2.10 12.29 -55.68
N ASN C 964 2.71 13.24 -56.39
CA ASN C 964 4.13 13.49 -56.22
C ASN C 964 4.43 13.97 -54.80
N GLN C 965 3.62 14.91 -54.30
CA GLN C 965 3.82 15.39 -52.94
C GLN C 965 3.65 14.25 -51.94
N PHE C 966 2.64 13.42 -52.13
CA PHE C 966 2.41 12.30 -51.23
C PHE C 966 3.62 11.36 -51.21
N ASN C 967 4.12 11.00 -52.40
CA ASN C 967 5.26 10.10 -52.46
C ASN C 967 6.50 10.72 -51.83
N SER C 968 6.72 12.01 -52.06
CA SER C 968 7.86 12.68 -51.46
C SER C 968 7.75 12.68 -49.94
N ALA C 969 6.55 12.94 -49.42
CA ALA C 969 6.35 12.89 -47.97
C ALA C 969 6.60 11.48 -47.44
N ILE C 970 6.17 10.46 -48.19
CA ILE C 970 6.41 9.08 -47.78
C ILE C 970 7.90 8.82 -47.66
N GLY C 971 8.66 9.23 -48.69
CA GLY C 971 10.10 9.06 -48.63
C GLY C 971 10.72 9.83 -47.48
N LYS C 972 10.23 11.05 -47.23
CA LYS C 972 10.77 11.85 -46.15
C LYS C 972 10.54 11.19 -44.80
N ILE C 973 9.35 10.66 -44.57
CA ILE C 973 9.08 9.99 -43.30
C ILE C 973 9.92 8.74 -43.17
N GLN C 974 10.10 8.01 -44.27
CA GLN C 974 10.97 6.84 -44.23
C GLN C 974 12.38 7.23 -43.82
N ASP C 975 12.91 8.29 -44.41
CA ASP C 975 14.25 8.75 -44.06
C ASP C 975 14.31 9.20 -42.61
N SER C 976 13.28 9.93 -42.15
CA SER C 976 13.29 10.44 -40.79
C SER C 976 13.29 9.30 -39.78
N LEU C 977 12.45 8.30 -40.00
CA LEU C 977 12.43 7.16 -39.09
C LEU C 977 13.71 6.33 -39.20
N SER C 978 14.30 6.26 -40.40
CA SER C 978 15.53 5.53 -40.58
C SER C 978 16.67 6.18 -39.79
N SER C 979 16.73 7.50 -39.80
CA SER C 979 17.81 8.21 -39.14
C SER C 979 17.56 8.34 -37.64
N THR C 980 16.49 9.01 -37.26
CA THR C 980 16.20 9.24 -35.85
C THR C 980 15.93 7.93 -35.13
N ALA C 981 16.34 7.89 -33.85
CA ALA C 981 16.11 6.73 -33.00
C ALA C 981 15.16 6.99 -31.86
N SER C 982 14.93 8.26 -31.50
CA SER C 982 14.06 8.59 -30.37
C SER C 982 12.58 8.54 -30.73
N ALA C 983 12.24 8.36 -32.01
CA ALA C 983 10.83 8.35 -32.40
C ALA C 983 10.04 7.30 -31.66
N LEU C 984 10.69 6.19 -31.27
CA LEU C 984 10.05 5.14 -30.48
C LEU C 984 10.16 5.39 -28.98
N GLY C 985 10.29 6.65 -28.58
CA GLY C 985 10.56 6.96 -27.19
C GLY C 985 9.51 6.40 -26.25
N LYS C 986 8.24 6.51 -26.61
CA LYS C 986 7.18 6.06 -25.71
C LYS C 986 7.28 4.56 -25.43
N LEU C 987 7.39 3.77 -26.49
CA LEU C 987 7.49 2.32 -26.32
C LEU C 987 8.77 1.96 -25.56
N GLN C 988 9.87 2.63 -25.88
CA GLN C 988 11.11 2.36 -25.16
C GLN C 988 10.93 2.64 -23.68
N ASP C 989 10.26 3.75 -23.33
CA ASP C 989 10.03 4.07 -21.93
C ASP C 989 9.15 3.04 -21.26
N VAL C 990 8.12 2.56 -21.95
CA VAL C 990 7.26 1.53 -21.37
C VAL C 990 8.10 0.30 -21.03
N VAL C 991 8.88 -0.17 -22.00
CA VAL C 991 9.68 -1.37 -21.79
C VAL C 991 10.67 -1.14 -20.65
N ASN C 992 11.30 0.04 -20.63
CA ASN C 992 12.27 0.33 -19.58
C ASN C 992 11.61 0.35 -18.22
N GLN C 993 10.41 0.90 -18.11
CA GLN C 993 9.71 0.91 -16.84
C GLN C 993 9.43 -0.51 -16.37
N ASN C 994 8.97 -1.36 -17.29
CA ASN C 994 8.71 -2.76 -16.92
C ASN C 994 9.99 -3.43 -16.43
N ALA C 995 11.09 -3.24 -17.17
CA ALA C 995 12.35 -3.87 -16.80
C ALA C 995 12.84 -3.35 -15.46
N GLN C 996 12.71 -2.05 -15.23
CA GLN C 996 13.14 -1.47 -13.95
C GLN C 996 12.36 -2.09 -12.81
N ALA C 997 11.03 -2.18 -12.95
CA ALA C 997 10.23 -2.79 -11.90
C ALA C 997 10.69 -4.22 -11.64
N LEU C 998 10.85 -5.00 -12.71
CA LEU C 998 11.22 -6.41 -12.55
C LEU C 998 12.57 -6.54 -11.85
N ASN C 999 13.58 -5.80 -12.33
CA ASN C 999 14.92 -5.92 -11.77
C ASN C 999 14.95 -5.44 -10.33
N THR C 1000 14.22 -4.36 -10.02
CA THR C 1000 14.17 -3.89 -8.64
C THR C 1000 13.57 -4.95 -7.73
N LEU C 1001 12.47 -5.57 -8.16
CA LEU C 1001 11.87 -6.63 -7.37
C LEU C 1001 12.86 -7.77 -7.16
N VAL C 1002 13.56 -8.16 -8.22
CA VAL C 1002 14.53 -9.24 -8.10
C VAL C 1002 15.60 -8.87 -7.08
N LYS C 1003 16.17 -7.68 -7.22
CA LYS C 1003 17.22 -7.24 -6.32
C LYS C 1003 16.75 -7.22 -4.87
N GLN C 1004 15.48 -6.90 -4.65
CA GLN C 1004 14.99 -6.81 -3.28
C GLN C 1004 15.19 -8.13 -2.53
N LEU C 1005 15.26 -9.25 -3.25
CA LEU C 1005 15.40 -10.55 -2.59
C LEU C 1005 16.67 -10.61 -1.74
N SER C 1006 17.71 -9.88 -2.12
CA SER C 1006 18.96 -9.90 -1.38
C SER C 1006 18.92 -9.04 -0.13
N SER C 1007 17.74 -8.53 0.26
CA SER C 1007 17.62 -7.65 1.40
C SER C 1007 17.43 -8.47 2.67
N ASN C 1008 18.25 -8.19 3.68
CA ASN C 1008 18.17 -8.94 4.92
C ASN C 1008 16.93 -8.59 5.74
N PHE C 1009 16.46 -7.34 5.64
CA PHE C 1009 15.33 -6.90 6.46
C PHE C 1009 15.58 -7.17 7.92
N GLY C 1010 16.84 -7.01 8.34
CA GLY C 1010 17.25 -7.36 9.68
C GLY C 1010 17.43 -8.83 9.93
N ALA C 1011 17.14 -9.68 8.95
CA ALA C 1011 17.41 -11.10 9.09
C ALA C 1011 18.91 -11.34 9.09
N ILE C 1012 19.34 -12.33 9.87
CA ILE C 1012 20.76 -12.62 10.00
C ILE C 1012 21.40 -12.88 8.64
N SER C 1013 20.62 -13.27 7.65
CA SER C 1013 21.10 -13.47 6.29
C SER C 1013 19.96 -13.23 5.32
N SER C 1014 20.27 -13.38 4.03
CA SER C 1014 19.25 -13.32 2.98
C SER C 1014 19.18 -14.63 2.20
N VAL C 1015 19.59 -15.74 2.82
CA VAL C 1015 19.59 -17.05 2.19
C VAL C 1015 18.79 -17.97 3.10
N LEU C 1016 17.51 -18.14 2.79
CA LEU C 1016 16.64 -19.00 3.59
C LEU C 1016 17.24 -20.40 3.74
N ASN C 1017 17.86 -20.90 2.67
CA ASN C 1017 18.48 -22.22 2.74
C ASN C 1017 19.60 -22.24 3.77
N ASP C 1018 20.41 -21.18 3.80
CA ASP C 1018 21.45 -21.08 4.82
C ASP C 1018 20.84 -21.03 6.21
N ILE C 1019 19.77 -20.27 6.38
CA ILE C 1019 19.10 -20.20 7.68
C ILE C 1019 18.68 -21.60 8.11
N LEU C 1020 18.04 -22.34 7.21
CA LEU C 1020 17.58 -23.69 7.53
C LEU C 1020 18.75 -24.58 7.91
N SER C 1021 19.80 -24.59 7.10
CA SER C 1021 20.95 -25.43 7.39
C SER C 1021 21.68 -25.02 8.65
N ARG C 1022 21.51 -23.78 9.10
CA ARG C 1022 22.29 -23.25 10.21
C ARG C 1022 21.58 -23.42 11.55
N LEU C 1023 20.31 -23.04 11.62
CA LEU C 1023 19.62 -22.90 12.90
C LEU C 1023 18.59 -24.03 13.10
N ASP C 1024 17.95 -23.98 14.28
CA ASP C 1024 16.90 -24.85 14.79
C ASP C 1024 15.53 -24.22 14.50
N PRO C 1025 14.51 -25.02 14.20
CA PRO C 1025 13.29 -24.46 13.59
C PRO C 1025 12.74 -23.26 14.34
N PRO C 1026 12.51 -23.37 15.66
CA PRO C 1026 11.89 -22.23 16.35
C PRO C 1026 12.68 -20.94 16.22
N GLU C 1027 14.01 -21.01 16.36
CA GLU C 1027 14.83 -19.82 16.21
C GLU C 1027 14.80 -19.32 14.77
N ALA C 1028 14.91 -20.23 13.81
CA ALA C 1028 14.85 -19.84 12.41
C ALA C 1028 13.57 -19.09 12.11
N GLU C 1029 12.46 -19.49 12.75
CA GLU C 1029 11.16 -18.91 12.42
C GLU C 1029 11.17 -17.40 12.52
N VAL C 1030 11.99 -16.83 13.41
CA VAL C 1030 12.04 -15.37 13.54
C VAL C 1030 12.55 -14.75 12.24
N GLN C 1031 13.68 -15.26 11.74
CA GLN C 1031 14.23 -14.75 10.49
C GLN C 1031 13.27 -15.04 9.34
N ILE C 1032 12.63 -16.21 9.38
CA ILE C 1032 11.64 -16.54 8.36
C ILE C 1032 10.56 -15.47 8.32
N ASP C 1033 10.05 -15.10 9.49
CA ASP C 1033 9.00 -14.10 9.57
C ASP C 1033 9.50 -12.77 9.01
N ARG C 1034 10.69 -12.34 9.43
CA ARG C 1034 11.22 -11.08 8.94
C ARG C 1034 11.28 -11.08 7.42
N LEU C 1035 11.89 -12.11 6.84
CA LEU C 1035 12.14 -12.11 5.41
C LEU C 1035 10.84 -12.23 4.63
N ILE C 1036 9.90 -13.05 5.12
CA ILE C 1036 8.63 -13.18 4.40
C ILE C 1036 7.87 -11.87 4.46
N THR C 1037 7.87 -11.20 5.62
CA THR C 1037 7.22 -9.89 5.70
C THR C 1037 7.80 -8.95 4.66
N GLY C 1038 9.13 -8.82 4.62
CA GLY C 1038 9.75 -7.93 3.66
C GLY C 1038 9.38 -8.29 2.23
N ARG C 1039 9.49 -9.57 1.89
CA ARG C 1039 9.28 -10.00 0.51
C ARG C 1039 7.83 -9.80 0.08
N LEU C 1040 6.88 -10.22 0.93
CA LEU C 1040 5.48 -10.05 0.57
C LEU C 1040 5.13 -8.58 0.43
N GLN C 1041 5.63 -7.74 1.34
CA GLN C 1041 5.37 -6.32 1.23
C GLN C 1041 5.90 -5.77 -0.09
N SER C 1042 7.14 -6.11 -0.43
CA SER C 1042 7.73 -5.61 -1.65
C SER C 1042 6.93 -6.06 -2.87
N LEU C 1043 6.55 -7.34 -2.91
CA LEU C 1043 5.90 -7.86 -4.11
C LEU C 1043 4.48 -7.31 -4.23
N GLN C 1044 3.77 -7.12 -3.12
CA GLN C 1044 2.45 -6.52 -3.23
C GLN C 1044 2.55 -5.07 -3.69
N THR C 1045 3.58 -4.36 -3.23
CA THR C 1045 3.82 -3.01 -3.75
C THR C 1045 4.04 -3.05 -5.26
N TYR C 1046 4.88 -3.98 -5.71
CA TYR C 1046 5.10 -4.14 -7.14
C TYR C 1046 3.79 -4.41 -7.86
N VAL C 1047 2.93 -5.24 -7.27
CA VAL C 1047 1.65 -5.56 -7.89
C VAL C 1047 0.80 -4.31 -8.00
N THR C 1048 0.82 -3.46 -6.98
CA THR C 1048 0.08 -2.22 -7.04
C THR C 1048 0.58 -1.34 -8.19
N GLN C 1049 1.89 -1.24 -8.34
CA GLN C 1049 2.43 -0.46 -9.46
C GLN C 1049 2.02 -1.08 -10.79
N GLN C 1050 2.02 -2.41 -10.87
CA GLN C 1050 1.54 -3.08 -12.07
C GLN C 1050 0.09 -2.72 -12.34
N LEU C 1051 -0.73 -2.65 -11.29
CA LEU C 1051 -2.13 -2.28 -11.46
C LEU C 1051 -2.25 -0.89 -12.05
N ILE C 1052 -1.47 0.06 -11.53
CA ILE C 1052 -1.54 1.42 -12.02
C ILE C 1052 -1.11 1.47 -13.49
N ARG C 1053 -0.02 0.78 -13.82
CA ARG C 1053 0.44 0.77 -15.20
C ARG C 1053 -0.60 0.14 -16.10
N ALA C 1054 -1.26 -0.93 -15.64
CA ALA C 1054 -2.32 -1.54 -16.41
C ALA C 1054 -3.45 -0.56 -16.67
N ALA C 1055 -3.83 0.21 -15.64
CA ALA C 1055 -4.90 1.18 -15.81
C ALA C 1055 -4.53 2.19 -16.89
N GLU C 1056 -3.34 2.79 -16.78
CA GLU C 1056 -2.97 3.82 -17.75
C GLU C 1056 -2.84 3.25 -19.15
N ILE C 1057 -2.23 2.07 -19.29
CA ILE C 1057 -2.08 1.49 -20.62
C ILE C 1057 -3.44 1.12 -21.18
N ARG C 1058 -4.38 0.68 -20.36
CA ARG C 1058 -5.72 0.38 -20.84
C ARG C 1058 -6.40 1.63 -21.35
N ALA C 1059 -6.25 2.75 -20.63
CA ALA C 1059 -6.79 4.00 -21.14
C ALA C 1059 -6.18 4.34 -22.48
N SER C 1060 -4.86 4.19 -22.59
CA SER C 1060 -4.19 4.45 -23.87
C SER C 1060 -4.74 3.55 -24.96
N ALA C 1061 -4.97 2.28 -24.64
CA ALA C 1061 -5.47 1.34 -25.64
C ALA C 1061 -6.88 1.70 -26.09
N ASN C 1062 -7.72 2.13 -25.16
CA ASN C 1062 -9.06 2.56 -25.53
C ASN C 1062 -9.00 3.76 -26.46
N LEU C 1063 -8.14 4.74 -26.13
CA LEU C 1063 -7.97 5.88 -27.01
C LEU C 1063 -7.49 5.44 -28.38
N ALA C 1064 -6.53 4.51 -28.42
CA ALA C 1064 -5.98 4.06 -29.69
C ALA C 1064 -7.03 3.34 -30.52
N ALA C 1065 -7.87 2.52 -29.87
CA ALA C 1065 -8.94 1.84 -30.59
C ALA C 1065 -9.94 2.84 -31.16
N THR C 1066 -10.27 3.86 -30.37
CA THR C 1066 -11.16 4.91 -30.87
C THR C 1066 -10.54 5.59 -32.09
N LYS C 1067 -9.26 5.93 -32.00
CA LYS C 1067 -8.57 6.57 -33.12
C LYS C 1067 -8.57 5.67 -34.34
N MET C 1068 -8.27 4.39 -34.15
CA MET C 1068 -8.39 3.43 -35.23
C MET C 1068 -9.76 3.53 -35.89
N SER C 1069 -10.80 3.26 -35.11
CA SER C 1069 -12.14 3.16 -35.68
C SER C 1069 -12.58 4.46 -36.33
N GLU C 1070 -12.04 5.60 -35.90
CA GLU C 1070 -12.50 6.87 -36.46
C GLU C 1070 -11.63 7.33 -37.62
N CYS C 1071 -10.34 7.56 -37.38
CA CYS C 1071 -9.47 8.06 -38.43
C CYS C 1071 -9.32 7.04 -39.56
N VAL C 1072 -9.17 5.76 -39.22
CA VAL C 1072 -8.88 4.76 -40.25
C VAL C 1072 -10.15 4.34 -40.96
N LEU C 1073 -11.19 3.96 -40.21
CA LEU C 1073 -12.41 3.44 -40.82
C LEU C 1073 -13.33 4.54 -41.32
N GLY C 1074 -13.01 5.81 -41.08
CA GLY C 1074 -13.83 6.90 -41.57
C GLY C 1074 -13.06 8.19 -41.55
N GLN C 1075 -13.70 9.24 -42.04
CA GLN C 1075 -13.15 10.59 -42.04
C GLN C 1075 -13.84 11.39 -40.94
N SER C 1076 -13.05 11.88 -39.98
CA SER C 1076 -13.58 12.63 -38.86
C SER C 1076 -13.40 14.13 -39.07
N LYS C 1077 -14.08 14.90 -38.25
CA LYS C 1077 -13.95 16.35 -38.24
C LYS C 1077 -13.40 16.90 -36.94
N ARG C 1078 -13.15 16.03 -35.95
CA ARG C 1078 -12.57 16.49 -34.69
C ARG C 1078 -11.22 17.14 -34.96
N VAL C 1079 -11.01 18.31 -34.38
CA VAL C 1079 -9.78 19.05 -34.60
C VAL C 1079 -8.65 18.44 -33.79
N ASP C 1080 -7.46 18.37 -34.38
CA ASP C 1080 -6.27 17.88 -33.70
C ASP C 1080 -6.46 16.45 -33.18
N PHE C 1081 -7.35 15.69 -33.80
CA PHE C 1081 -7.55 14.30 -33.41
C PHE C 1081 -6.70 13.36 -34.26
N CYS C 1082 -6.92 13.38 -35.58
CA CYS C 1082 -6.13 12.58 -36.50
C CYS C 1082 -5.00 13.42 -37.09
N GLY C 1083 -4.17 13.97 -36.20
CA GLY C 1083 -3.03 14.76 -36.62
C GLY C 1083 -3.38 16.22 -36.85
N LYS C 1084 -2.34 16.99 -37.17
CA LYS C 1084 -2.49 18.42 -37.38
C LYS C 1084 -3.04 18.70 -38.78
N GLY C 1085 -3.83 19.77 -38.90
CA GLY C 1085 -4.45 20.11 -40.16
C GLY C 1085 -5.68 19.25 -40.42
N TYR C 1086 -6.30 19.48 -41.57
CA TYR C 1086 -7.55 18.80 -41.87
C TYR C 1086 -7.28 17.34 -42.20
N HIS C 1087 -8.05 16.43 -41.60
CA HIS C 1087 -7.78 15.01 -41.74
C HIS C 1087 -8.24 14.49 -43.10
N LEU C 1088 -7.49 13.54 -43.65
CA LEU C 1088 -7.85 12.88 -44.90
C LEU C 1088 -8.02 11.39 -44.74
N MET C 1089 -7.07 10.72 -44.10
CA MET C 1089 -7.15 9.30 -43.81
C MET C 1089 -5.95 8.88 -42.98
N SER C 1090 -5.90 7.62 -42.56
CA SER C 1090 -4.82 7.15 -41.71
C SER C 1090 -4.51 5.69 -42.03
N PHE C 1091 -3.23 5.35 -42.00
CA PHE C 1091 -2.76 4.01 -42.32
C PHE C 1091 -2.08 3.41 -41.10
N PRO C 1092 -2.57 2.30 -40.55
CA PRO C 1092 -1.93 1.72 -39.36
C PRO C 1092 -0.75 0.83 -39.72
N GLN C 1093 0.09 0.61 -38.73
CA GLN C 1093 1.24 -0.29 -38.87
C GLN C 1093 1.53 -0.92 -37.53
N SER C 1094 1.59 -2.25 -37.50
CA SER C 1094 1.86 -2.97 -36.27
C SER C 1094 3.25 -2.66 -35.76
N ALA C 1095 3.38 -2.56 -34.44
CA ALA C 1095 4.65 -2.31 -33.78
C ALA C 1095 4.77 -3.23 -32.58
N PRO C 1096 5.99 -3.51 -32.12
CA PRO C 1096 6.14 -4.38 -30.96
C PRO C 1096 5.46 -3.79 -29.74
N HIS C 1097 4.40 -4.46 -29.26
CA HIS C 1097 3.65 -4.09 -28.07
C HIS C 1097 2.85 -2.81 -28.25
N GLY C 1098 2.95 -2.15 -29.40
CA GLY C 1098 2.25 -0.89 -29.62
C GLY C 1098 1.81 -0.75 -31.06
N VAL C 1099 1.29 0.43 -31.42
CA VAL C 1099 0.85 0.69 -32.78
C VAL C 1099 1.38 2.04 -33.23
N VAL C 1100 1.46 2.20 -34.55
CA VAL C 1100 1.87 3.44 -35.18
C VAL C 1100 0.82 3.82 -36.22
N PHE C 1101 0.53 5.11 -36.31
CA PHE C 1101 -0.44 5.65 -37.24
C PHE C 1101 0.24 6.69 -38.14
N LEU C 1102 -0.18 6.73 -39.38
CA LEU C 1102 0.30 7.71 -40.36
C LEU C 1102 -0.87 8.61 -40.71
N HIS C 1103 -0.93 9.77 -40.07
CA HIS C 1103 -2.01 10.71 -40.33
C HIS C 1103 -1.66 11.57 -41.53
N VAL C 1104 -2.55 11.59 -42.52
CA VAL C 1104 -2.39 12.39 -43.72
C VAL C 1104 -3.37 13.55 -43.64
N THR C 1105 -2.87 14.76 -43.78
CA THR C 1105 -3.66 15.95 -43.51
C THR C 1105 -3.41 17.02 -44.58
N TYR C 1106 -4.50 17.69 -44.94
CA TYR C 1106 -4.45 18.86 -45.79
C TYR C 1106 -4.01 20.07 -44.97
N VAL C 1107 -3.23 20.93 -45.60
CA VAL C 1107 -2.64 22.11 -44.98
C VAL C 1107 -2.45 23.19 -46.05
N PRO C 1108 -3.07 24.36 -45.93
CA PRO C 1108 -2.77 25.44 -46.88
C PRO C 1108 -1.36 25.95 -46.70
N ALA C 1109 -0.76 26.40 -47.81
CA ALA C 1109 0.65 26.78 -47.83
C ALA C 1109 0.87 28.26 -48.07
N GLN C 1110 0.36 28.79 -49.18
CA GLN C 1110 0.52 30.20 -49.53
C GLN C 1110 -0.84 30.88 -49.52
N GLU C 1111 -0.84 32.19 -49.24
CA GLU C 1111 -2.06 32.95 -49.09
C GLU C 1111 -1.98 34.24 -49.90
N LYS C 1112 -3.15 34.72 -50.33
CA LYS C 1112 -3.25 35.95 -51.09
C LYS C 1112 -4.15 36.95 -50.36
N ASN C 1113 -3.81 38.22 -50.49
CA ASN C 1113 -4.40 39.32 -49.75
C ASN C 1113 -5.59 39.90 -50.50
N PHE C 1114 -6.63 40.29 -49.76
CA PHE C 1114 -7.84 40.77 -50.41
C PHE C 1114 -8.65 41.66 -49.46
N THR C 1115 -9.42 42.57 -50.07
CA THR C 1115 -10.41 43.38 -49.40
C THR C 1115 -11.76 42.69 -49.45
N THR C 1116 -12.57 42.88 -48.41
CA THR C 1116 -13.76 42.06 -48.23
C THR C 1116 -14.94 42.89 -47.73
N ALA C 1117 -16.14 42.38 -47.97
CA ALA C 1117 -17.39 43.00 -47.59
C ALA C 1117 -18.33 41.92 -47.06
N PRO C 1118 -19.31 42.30 -46.24
CA PRO C 1118 -20.17 41.29 -45.61
C PRO C 1118 -21.21 40.71 -46.57
N ALA C 1119 -21.80 41.55 -47.40
CA ALA C 1119 -22.80 41.13 -48.38
C ALA C 1119 -22.71 42.08 -49.56
N ILE C 1120 -23.66 42.01 -50.49
CA ILE C 1120 -23.61 42.87 -51.66
C ILE C 1120 -25.02 43.38 -51.98
N CYS C 1121 -25.12 44.66 -52.36
CA CYS C 1121 -26.37 45.26 -52.79
C CYS C 1121 -26.30 45.46 -54.30
N HIS C 1122 -27.32 44.95 -55.01
CA HIS C 1122 -27.37 45.04 -56.47
C HIS C 1122 -28.56 45.85 -56.96
N ASP C 1123 -29.75 45.60 -56.42
CA ASP C 1123 -30.97 46.27 -56.85
C ASP C 1123 -31.77 46.73 -55.62
N GLY C 1124 -31.08 47.36 -54.68
CA GLY C 1124 -31.73 47.73 -53.44
C GLY C 1124 -32.03 46.57 -52.53
N LYS C 1125 -31.52 45.38 -52.85
CA LYS C 1125 -31.72 44.18 -52.07
C LYS C 1125 -30.38 43.62 -51.63
N ALA C 1126 -30.40 42.86 -50.55
CA ALA C 1126 -29.19 42.27 -50.00
C ALA C 1126 -28.99 40.87 -50.56
N HIS C 1127 -27.77 40.58 -50.99
CA HIS C 1127 -27.40 39.29 -51.54
C HIS C 1127 -26.23 38.74 -50.74
N PHE C 1128 -26.30 37.45 -50.44
CA PHE C 1128 -25.28 36.77 -49.65
C PHE C 1128 -24.83 35.51 -50.37
N PRO C 1129 -23.57 35.11 -50.18
CA PRO C 1129 -23.11 33.87 -50.82
C PRO C 1129 -23.89 32.67 -50.30
N ARG C 1130 -24.18 31.74 -51.21
CA ARG C 1130 -24.74 30.47 -50.77
C ARG C 1130 -23.75 29.72 -49.89
N GLU C 1131 -22.47 29.73 -50.29
CA GLU C 1131 -21.40 29.18 -49.47
C GLU C 1131 -20.07 29.65 -50.05
N GLY C 1132 -19.19 30.16 -49.20
CA GLY C 1132 -17.94 30.72 -49.64
C GLY C 1132 -17.78 32.13 -49.10
N VAL C 1133 -17.22 33.04 -49.89
CA VAL C 1133 -17.10 34.42 -49.44
C VAL C 1133 -16.81 35.33 -50.62
N PHE C 1134 -17.25 36.58 -50.50
CA PHE C 1134 -16.89 37.61 -51.46
C PHE C 1134 -15.44 38.06 -51.24
N VAL C 1135 -14.87 38.65 -52.27
CA VAL C 1135 -13.45 38.96 -52.28
C VAL C 1135 -13.20 40.16 -53.16
N SER C 1136 -12.33 41.06 -52.69
CA SER C 1136 -11.86 42.19 -53.46
C SER C 1136 -10.34 42.27 -53.42
N ASN C 1137 -9.78 42.52 -54.58
CA ASN C 1137 -8.42 42.92 -54.87
C ASN C 1137 -8.40 44.12 -55.80
N GLY C 1138 -9.33 45.05 -55.58
CA GLY C 1138 -9.44 46.27 -56.37
C GLY C 1138 -10.76 46.42 -57.10
N THR C 1139 -10.70 46.28 -58.42
CA THR C 1139 -11.81 46.58 -59.33
C THR C 1139 -13.05 45.70 -59.17
N HIS C 1140 -12.93 44.42 -59.48
CA HIS C 1140 -14.09 43.55 -59.67
C HIS C 1140 -14.23 42.56 -58.51
N TRP C 1141 -15.32 42.69 -57.76
CA TRP C 1141 -15.63 41.71 -56.73
C TRP C 1141 -15.70 40.31 -57.32
N PHE C 1142 -15.49 39.31 -56.46
CA PHE C 1142 -15.72 37.92 -56.84
C PHE C 1142 -16.20 37.15 -55.62
N VAL C 1143 -16.46 35.87 -55.81
CA VAL C 1143 -16.83 34.98 -54.73
C VAL C 1143 -16.12 33.65 -54.95
N THR C 1144 -15.69 33.02 -53.85
CA THR C 1144 -15.00 31.75 -53.98
C THR C 1144 -15.11 30.97 -52.68
N GLN C 1145 -14.82 29.66 -52.77
CA GLN C 1145 -14.84 28.81 -51.60
C GLN C 1145 -13.81 29.31 -50.58
N ARG C 1146 -14.15 29.15 -49.30
CA ARG C 1146 -13.37 29.80 -48.25
C ARG C 1146 -11.98 29.20 -48.17
N ASN C 1147 -11.87 27.89 -48.32
CA ASN C 1147 -10.63 27.17 -48.01
C ASN C 1147 -9.61 27.22 -49.14
N PHE C 1148 -9.94 27.86 -50.26
CA PHE C 1148 -8.97 28.00 -51.34
C PHE C 1148 -9.43 29.10 -52.29
N TYR C 1149 -8.47 29.78 -52.89
CA TYR C 1149 -8.75 30.91 -53.77
C TYR C 1149 -9.05 30.40 -55.18
N GLU C 1150 -10.30 30.53 -55.60
CA GLU C 1150 -10.68 30.33 -57.00
C GLU C 1150 -11.83 31.27 -57.29
N PRO C 1151 -11.53 32.52 -57.64
CA PRO C 1151 -12.59 33.53 -57.72
C PRO C 1151 -13.64 33.13 -58.74
N GLN C 1152 -14.89 33.46 -58.43
CA GLN C 1152 -16.02 33.11 -59.27
C GLN C 1152 -16.88 34.34 -59.49
N ILE C 1153 -17.45 34.45 -60.69
CA ILE C 1153 -18.37 35.55 -60.97
C ILE C 1153 -19.57 35.42 -60.06
N ILE C 1154 -19.92 36.51 -59.38
CA ILE C 1154 -21.06 36.51 -58.47
C ILE C 1154 -22.33 36.63 -59.30
N THR C 1155 -23.20 35.64 -59.19
CA THR C 1155 -24.45 35.60 -59.94
C THR C 1155 -25.55 35.03 -59.06
N THR C 1156 -26.75 34.95 -59.62
CA THR C 1156 -27.90 34.45 -58.87
C THR C 1156 -27.62 33.06 -58.33
N ASP C 1157 -27.16 32.15 -59.19
CA ASP C 1157 -26.88 30.79 -58.74
C ASP C 1157 -25.82 30.78 -57.65
N ASN C 1158 -24.85 31.70 -57.73
CA ASN C 1158 -23.83 31.78 -56.69
C ASN C 1158 -24.44 32.16 -55.34
N THR C 1159 -25.35 33.12 -55.34
CA THR C 1159 -25.79 33.79 -54.13
C THR C 1159 -27.29 33.62 -53.93
N PHE C 1160 -27.82 34.31 -52.92
CA PHE C 1160 -29.25 34.34 -52.69
C PHE C 1160 -29.63 35.67 -52.06
N VAL C 1161 -30.89 36.06 -52.27
CA VAL C 1161 -31.40 37.34 -51.81
C VAL C 1161 -32.00 37.17 -50.42
N SER C 1162 -32.01 38.26 -49.65
CA SER C 1162 -32.71 38.27 -48.37
C SER C 1162 -32.86 39.70 -47.87
N GLY C 1163 -34.10 40.10 -47.57
CA GLY C 1163 -34.33 41.43 -47.04
C GLY C 1163 -33.98 42.53 -48.04
N ASN C 1164 -33.65 43.69 -47.49
CA ASN C 1164 -33.33 44.86 -48.30
C ASN C 1164 -31.98 45.44 -47.91
N CYS C 1165 -31.66 46.65 -48.38
CA CYS C 1165 -30.35 47.25 -48.23
C CYS C 1165 -30.33 48.33 -47.15
N ASP C 1166 -31.03 48.14 -46.03
CA ASP C 1166 -31.11 49.17 -45.00
C ASP C 1166 -30.87 48.61 -43.60
N VAL C 1167 -30.27 47.43 -43.48
CA VAL C 1167 -30.01 46.85 -42.17
C VAL C 1167 -28.53 46.50 -42.03
N VAL C 1168 -28.01 45.77 -43.01
CA VAL C 1168 -26.62 45.34 -42.95
C VAL C 1168 -25.70 46.55 -42.88
N ILE C 1169 -24.49 46.32 -42.37
CA ILE C 1169 -23.47 47.35 -42.21
C ILE C 1169 -22.26 46.93 -43.02
N GLY C 1170 -21.75 47.85 -43.83
CA GLY C 1170 -20.58 47.57 -44.65
C GLY C 1170 -20.87 46.88 -45.97
N ILE C 1171 -22.15 46.60 -46.27
CA ILE C 1171 -22.47 46.08 -47.58
C ILE C 1171 -21.96 47.05 -48.64
N VAL C 1172 -21.68 46.51 -49.82
CA VAL C 1172 -21.01 47.25 -50.89
C VAL C 1172 -21.83 47.14 -52.17
N ASN C 1173 -21.30 47.70 -53.24
CA ASN C 1173 -21.99 47.83 -54.52
C ASN C 1173 -21.35 46.94 -55.57
N ASN C 1174 -22.19 46.20 -56.29
CA ASN C 1174 -21.77 45.49 -57.49
C ASN C 1174 -22.99 44.89 -58.17
N THR C 1175 -23.05 44.97 -59.49
CA THR C 1175 -24.13 44.32 -60.21
C THR C 1175 -24.03 42.81 -60.04
N VAL C 1176 -25.18 42.15 -60.01
CA VAL C 1176 -25.25 40.70 -59.92
C VAL C 1176 -25.75 40.16 -61.25
N TYR C 1177 -24.96 39.27 -61.85
CA TYR C 1177 -25.30 38.73 -63.16
C TYR C 1177 -26.41 37.70 -63.04
N ASP C 1178 -27.30 37.68 -64.02
CA ASP C 1178 -28.33 36.65 -64.14
C ASP C 1178 -27.92 35.71 -65.26
N PRO C 1179 -27.56 34.45 -64.97
CA PRO C 1179 -27.19 33.55 -66.06
C PRO C 1179 -28.31 33.34 -67.06
N LEU C 1180 -29.57 33.45 -66.62
CA LEU C 1180 -30.69 33.32 -67.54
C LEU C 1180 -30.84 34.54 -68.44
N GLN C 1181 -30.22 35.66 -68.08
CA GLN C 1181 -30.41 36.89 -68.86
C GLN C 1181 -29.93 36.76 -70.29
N PRO C 1182 -28.72 36.24 -70.57
CA PRO C 1182 -28.31 36.12 -71.99
C PRO C 1182 -29.25 35.26 -72.81
N GLU C 1183 -29.74 34.15 -72.24
CA GLU C 1183 -30.66 33.30 -72.97
C GLU C 1183 -32.00 34.00 -73.17
N LEU C 1184 -32.45 34.77 -72.17
CA LEU C 1184 -33.67 35.54 -72.34
C LEU C 1184 -33.51 36.56 -73.47
N ASP C 1185 -32.36 37.22 -73.52
CA ASP C 1185 -32.11 38.20 -74.58
C ASP C 1185 -32.07 37.53 -75.95
N SER C 1186 -31.42 36.37 -76.04
CA SER C 1186 -31.40 35.64 -77.31
C SER C 1186 -32.80 35.23 -77.72
N PHE C 1187 -33.59 34.75 -76.78
CA PHE C 1187 -34.97 34.38 -77.08
C PHE C 1187 -35.74 35.59 -77.60
N LYS C 1188 -35.58 36.74 -76.95
CA LYS C 1188 -36.24 37.96 -77.41
C LYS C 1188 -35.80 38.31 -78.82
N GLU C 1189 -34.50 38.19 -79.11
CA GLU C 1189 -33.98 38.59 -80.41
C GLU C 1189 -34.49 37.69 -81.52
N GLU C 1190 -34.43 36.37 -81.31
CA GLU C 1190 -34.76 35.39 -82.34
C GLU C 1190 -35.99 34.56 -81.97
N LEU C 1191 -37.03 35.22 -81.45
CA LEU C 1191 -38.31 34.57 -81.22
C LEU C 1191 -39.19 34.83 -82.45
N ASP C 1192 -39.49 33.77 -83.19
CA ASP C 1192 -40.33 33.90 -84.37
C ASP C 1192 -39.68 34.86 -85.37
N LYS C 1193 -40.23 36.05 -85.52
CA LYS C 1193 -39.62 37.10 -86.32
C LYS C 1193 -39.72 38.46 -85.65
N TYR C 1194 -40.09 38.50 -84.37
CA TYR C 1194 -40.23 39.76 -83.67
C TYR C 1194 -38.89 40.49 -83.59
N PHE C 1195 -38.91 41.79 -83.88
CA PHE C 1195 -37.76 42.68 -83.85
C PHE C 1195 -36.83 42.47 -85.04
N LYS C 1196 -37.08 41.50 -85.91
CA LYS C 1196 -36.27 41.26 -87.10
C LYS C 1196 -37.05 41.48 -88.38
N ASN C 1197 -38.20 40.84 -88.53
CA ASN C 1197 -39.05 41.02 -89.70
C ASN C 1197 -40.48 41.42 -89.37
N HIS C 1198 -40.97 41.15 -88.16
CA HIS C 1198 -42.30 41.61 -87.77
C HIS C 1198 -42.36 43.13 -87.75
N THR C 1199 -41.30 43.78 -87.26
CA THR C 1199 -41.26 45.23 -87.19
C THR C 1199 -40.95 45.89 -88.52
N SER C 1200 -40.43 45.13 -89.49
CA SER C 1200 -40.11 45.71 -90.79
C SER C 1200 -41.32 46.35 -91.45
N PRO C 1201 -42.49 45.69 -91.54
CA PRO C 1201 -43.67 46.36 -92.09
C PRO C 1201 -44.29 47.35 -91.12
C1 NAG D . -33.59 -32.63 6.24
C2 NAG D . -33.50 -34.14 6.32
C3 NAG D . -33.90 -34.79 5.05
C4 NAG D . -35.27 -34.36 4.65
C5 NAG D . -35.33 -32.83 4.51
C6 NAG D . -36.71 -32.36 4.16
C7 NAG D . -31.82 -35.48 7.71
C8 NAG D . -32.99 -36.11 8.48
N2 NAG D . -32.09 -34.51 6.66
O3 NAG D . -33.88 -36.23 5.23
O4 NAG D . -35.60 -35.03 3.45
O5 NAG D . -34.95 -32.15 5.77
O6 NAG D . -36.94 -31.11 4.74
O7 NAG D . -30.71 -35.77 7.99
C1 NAG D . -37.02 -35.32 3.41
C2 NAG D . -37.59 -35.31 4.81
C3 NAG D . -39.07 -35.38 4.84
C4 NAG D . -39.72 -34.34 3.98
C5 NAG D . -39.15 -34.25 2.55
C6 NAG D . -39.56 -32.92 1.98
C7 NAG D . -37.61 -37.81 5.49
C8 NAG D . -37.04 -38.95 6.35
N2 NAG D . -37.07 -36.46 5.63
O3 NAG D . -39.52 -35.20 6.21
O4 NAG D . -41.15 -34.53 3.92
O5 NAG D . -37.68 -34.34 2.47
O6 NAG D . -39.34 -31.91 2.93
O7 NAG D . -38.49 -38.06 4.72
C1 BMA D . -41.66 -35.89 3.74
C2 BMA D . -41.10 -36.55 2.43
C3 BMA D . -41.81 -37.88 2.23
C4 BMA D . -41.58 -38.77 3.47
C5 BMA D . -42.03 -38.04 4.77
C6 BMA D . -41.71 -38.83 6.01
O2 BMA D . -39.73 -36.89 2.55
O3 BMA D . -41.36 -38.55 1.06
O4 BMA D . -42.31 -39.97 3.33
O5 BMA D . -41.36 -36.77 4.85
O6 BMA D . -42.13 -38.07 7.14
C1 NAG E . -46.29 -4.28 -28.99
C2 NAG E . -47.78 -3.92 -29.05
C3 NAG E . -48.49 -4.35 -27.84
C4 NAG E . -48.32 -5.82 -27.63
C5 NAG E . -46.83 -6.20 -27.54
C6 NAG E . -46.73 -7.69 -27.43
C7 NAG E . -48.60 -1.88 -30.36
C8 NAG E . -48.81 -0.36 -30.45
N2 NAG E . -47.98 -2.44 -29.16
O3 NAG E . -49.91 -4.04 -27.98
O4 NAG E . -49.00 -6.15 -26.42
O5 NAG E . -46.09 -5.75 -28.72
O6 NAG E . -46.73 -8.05 -26.07
O7 NAG E . -48.95 -2.58 -31.25
C1 NAG E . -49.86 -7.29 -26.62
C2 NAG E . -50.05 -7.61 -28.11
C3 NAG E . -50.83 -8.86 -28.30
C4 NAG E . -50.25 -10.02 -27.55
C5 NAG E . -50.08 -9.69 -26.06
C6 NAG E . -49.36 -10.82 -25.39
C7 NAG E . -50.26 -5.93 -30.05
C8 NAG E . -51.00 -4.81 -30.77
N2 NAG E . -50.79 -6.51 -28.82
O3 NAG E . -50.84 -9.19 -29.72
O4 NAG E . -51.15 -11.12 -27.65
O5 NAG E . -49.31 -8.46 -25.86
O6 NAG E . -49.41 -10.63 -24.00
O7 NAG E . -49.23 -6.34 -30.49
C1 BMA E . -52.28 -10.84 -26.80
C2 BMA E . -53.54 -10.84 -27.69
C3 BMA E . -54.78 -10.67 -26.82
C4 BMA E . -54.79 -11.67 -25.67
C5 BMA E . -53.48 -11.60 -24.86
C6 BMA E . -53.39 -12.64 -23.76
O2 BMA E . -53.67 -12.07 -28.37
O3 BMA E . -55.97 -10.80 -27.59
O4 BMA E . -55.90 -11.42 -24.80
O5 BMA E . -52.39 -11.82 -25.77
O6 BMA E . -52.29 -13.48 -24.05
C1 MAN E . -52.69 -14.88 -24.25
C2 MAN E . -52.15 -15.30 -25.65
C3 MAN E . -53.04 -14.74 -26.75
C4 MAN E . -54.47 -15.24 -26.54
C5 MAN E . -55.00 -14.71 -25.21
C6 MAN E . -56.39 -15.21 -24.89
O2 MAN E . -52.17 -16.71 -25.82
O3 MAN E . -52.58 -15.11 -28.04
O4 MAN E . -55.30 -14.76 -27.59
O5 MAN E . -54.11 -15.10 -24.11
O6 MAN E . -56.87 -14.50 -23.75
C1 NAG F . -28.48 -2.08 -65.76
C2 NAG F . -28.81 -0.64 -65.37
C3 NAG F . -30.26 -0.29 -65.36
C4 NAG F . -30.89 -0.80 -66.61
C5 NAG F . -30.54 -2.28 -66.87
C6 NAG F . -31.28 -2.82 -68.05
C7 NAG F . -27.23 0.90 -63.94
C8 NAG F . -26.68 1.35 -62.59
N2 NAG F . -28.22 -0.20 -64.05
O3 NAG F . -30.35 1.16 -65.31
O4 NAG F . -32.31 -0.59 -66.58
O5 NAG F . -29.08 -2.45 -67.09
O6 NAG F . -32.62 -2.42 -67.92
O7 NAG F . -26.85 1.47 -64.92
C1 NAG F . -32.68 0.81 -66.75
C2 NAG F . -31.94 1.42 -67.96
C3 NAG F . -32.56 2.68 -68.49
C4 NAG F . -34.02 2.49 -68.73
C5 NAG F . -34.70 2.19 -67.41
C6 NAG F . -36.19 2.04 -67.62
C7 NAG F . -29.44 1.08 -68.31
C8 NAG F . -27.97 1.37 -67.97
N2 NAG F . -30.52 1.75 -67.60
O3 NAG F . -31.91 3.05 -69.73
O4 NAG F . -34.54 3.69 -69.31
O5 NAG F . -34.19 0.93 -66.83
O6 NAG F . -36.75 1.29 -66.58
O7 NAG F . -29.71 0.28 -69.15
C1 BMA F . -35.38 3.37 -70.43
C2 BMA F . -34.64 3.72 -71.73
C3 BMA F . -35.50 3.32 -72.93
C4 BMA F . -35.97 1.86 -72.81
C5 BMA F . -36.62 1.60 -71.44
C6 BMA F . -36.93 0.15 -71.18
O2 BMA F . -33.44 2.97 -71.84
O3 BMA F . -34.81 3.50 -74.16
O4 BMA F . -36.91 1.56 -73.85
O5 BMA F . -35.70 2.00 -70.42
O6 BMA F . -36.15 -0.24 -70.06
C1 MAN F . -35.21 -1.30 -70.39
C2 MAN F . -33.79 -0.80 -69.95
C3 MAN F . -33.22 0.17 -70.97
C4 MAN F . -33.16 -0.50 -72.32
C5 MAN F . -34.59 -0.84 -72.77
C6 MAN F . -34.63 -1.58 -74.09
O2 MAN F . -32.88 -1.89 -69.97
O3 MAN F . -31.93 0.63 -70.60
O4 MAN F . -32.57 0.38 -73.25
O5 MAN F . -35.26 -1.68 -71.78
O6 MAN F . -35.99 -1.85 -74.40
C1 NAG G . -2.88 39.99 22.85
C2 NAG G . -3.03 41.15 23.81
C3 NAG G . -2.52 42.42 23.23
C4 NAG G . -3.27 42.89 22.00
C5 NAG G . -3.69 41.75 21.05
C6 NAG G . -3.10 42.06 19.70
C7 NAG G . -4.89 41.03 25.59
C8 NAG G . -6.35 41.19 26.03
N2 NAG G . -4.47 41.31 24.19
O3 NAG G . -1.16 42.20 22.81
O4 NAG G . -4.50 43.60 22.26
O5 NAG G . -3.33 40.34 21.43
O6 NAG G . -3.77 41.24 18.80
O7 NAG G . -4.09 40.69 26.39
H2 NAG G . -2.43 40.93 24.70
H3 NAG G . -2.48 43.16 24.01
H4 NAG G . -2.58 43.54 21.48
H5 NAG G . -4.75 41.80 20.91
H61 NAG G . -2.03 41.86 19.67
H62 NAG G . -3.27 43.10 19.41
H81 NAG G . -6.37 41.70 26.99
H82 NAG G . -6.82 40.22 26.13
H83 NAG G . -6.88 41.78 25.29
HN2 NAG G . -5.16 41.59 23.52
HO3 NAG G . -0.73 43.02 22.78
HO6 NAG G . -4.10 40.50 19.28
C1 NAG G . -4.54 44.25 23.55
C2 NAG G . -4.32 45.75 23.40
C3 NAG G . -4.06 46.29 24.76
C4 NAG G . -5.24 46.02 25.65
C5 NAG G . -5.68 44.53 25.64
C6 NAG G . -6.98 44.42 26.38
C7 NAG G . -1.80 46.06 22.73
C8 NAG G . -0.79 46.33 21.60
N2 NAG G . -3.24 46.01 22.39
O3 NAG G . -3.82 47.72 24.69
O4 NAG G . -4.90 46.36 26.99
O5 NAG G . -5.82 44.01 24.28
O6 NAG G . -6.72 44.14 27.72
O7 NAG G . -1.41 45.90 23.83
H2 NAG G . -5.24 46.21 23.04
H3 NAG G . -3.20 45.79 25.18
H4 NAG G . -6.07 46.63 25.32
H5 NAG G . -4.93 43.95 26.15
H61 NAG G . -7.58 43.62 25.96
H62 NAG G . -7.54 45.35 26.30
H81 NAG G . 0.12 45.81 21.81
H82 NAG G . -0.59 47.40 21.53
H83 NAG G . -1.21 45.97 20.67
HN2 NAG G . -3.50 46.15 21.44
HO3 NAG G . -3.53 48.03 25.53
HO4 NAG G . -4.84 45.57 27.52
HO6 NAG G . -7.44 43.67 28.10
C1 NAG H . -29.00 -30.03 35.65
C2 NAG H . -29.63 -31.06 34.69
C3 NAG H . -30.81 -31.79 35.20
C4 NAG H . -31.78 -30.94 35.95
C5 NAG H . -31.12 -30.07 37.03
C6 NAG H . -30.62 -30.92 38.16
C7 NAG H . -29.67 -30.82 32.10
C8 NAG H . -28.86 -32.11 31.91
N2 NAG H . -30.04 -30.33 33.43
O3 NAG H . -30.33 -32.89 36.03
O4 NAG H . -32.42 -30.04 35.02
O5 NAG H . -30.02 -29.26 36.47
O6 NAG H . -31.65 -31.75 38.63
O7 NAG H . -30.02 -30.21 31.15
H2 NAG H . -28.89 -31.80 34.44
H3 NAG H . -31.33 -32.22 34.36
H4 NAG H . -32.49 -31.58 36.43
H5 NAG H . -31.86 -29.38 37.42
H61 NAG H . -30.29 -30.28 38.98
H62 NAG H . -29.79 -31.53 37.84
H81 NAG H . -28.74 -32.30 30.85
H82 NAG H . -29.38 -32.94 32.36
H83 NAG H . -27.89 -31.99 32.36
HN2 NAG H . -30.57 -29.48 33.52
HO6 NAG H . -31.28 -32.46 39.14
C1 NAG H . -33.82 -30.32 34.77
C2 NAG H . -33.91 -31.05 33.41
C3 NAG H . -35.04 -32.02 33.21
C4 NAG H . -35.93 -32.34 34.37
C5 NAG H . -35.87 -31.38 35.55
C6 NAG H . -36.52 -32.01 36.74
C7 NAG H . -32.94 -29.04 32.14
C8 NAG H . -33.07 -27.98 31.05
N2 NAG H . -34.02 -30.01 32.35
O3 NAG H . -34.43 -33.28 32.77
O4 NAG H . -37.28 -32.34 33.89
O5 NAG H . -34.48 -31.06 35.89
O6 NAG H . -35.74 -33.10 37.17
O7 NAG H . -31.97 -29.09 32.82
H2 NAG H . -32.99 -31.59 33.26
H3 NAG H . -35.66 -31.65 32.40
H4 NAG H . -35.69 -33.34 34.73
H5 NAG H . -36.39 -30.46 35.29
H61 NAG H . -37.50 -32.36 36.46
H62 NAG H . -36.61 -31.29 37.54
H81 NAG H . -32.41 -27.15 31.28
H82 NAG H . -34.09 -27.62 31.01
H83 NAG H . -32.79 -28.40 30.09
HN2 NAG H . -34.85 -29.95 31.77
HO3 NAG H . -35.10 -33.92 32.64
HO6 NAG H . -36.09 -33.89 36.83
C1 BMA H . -37.56 -33.65 33.37
C2 BMA H . -39.09 -33.83 33.32
C3 BMA H . -39.43 -35.16 32.66
C4 BMA H . -38.67 -35.34 31.33
C5 BMA H . -37.16 -35.10 31.53
C6 BMA H . -36.37 -35.17 30.24
O2 BMA H . -39.69 -32.82 32.52
O3 BMA H . -40.83 -35.31 32.45
O4 BMA H . -38.88 -36.66 30.84
O5 BMA H . -37.00 -33.79 32.08
O6 BMA H . -36.69 -36.39 29.58
H2 BMA H . -39.50 -33.80 34.34
H3 BMA H . -39.13 -35.99 33.33
H4 BMA H . -39.05 -34.59 30.62
H5 BMA H . -36.76 -35.86 32.22
H61 BMA H . -35.30 -35.11 30.49
H62 BMA H . -36.64 -34.29 29.64
HO2 BMA H . -40.32 -33.27 31.94
HO3 BMA H . -40.92 -36.09 31.90
HO4 BMA H . -38.42 -36.69 29.98
HO6 BMA H . -36.05 -36.52 28.88
C1 FUC H . -30.34 -34.04 35.17
C2 FUC H . -28.87 -34.51 34.95
C3 FUC H . -28.85 -35.92 34.37
C4 FUC H . -30.22 -36.27 33.76
C5 FUC H . -31.31 -36.21 34.86
C6 FUC H . -32.72 -36.06 34.32
O2 FUC H . -28.08 -34.44 36.14
O3 FUC H . -27.87 -36.01 33.33
O4 FUC H . -30.53 -35.36 32.71
O5 FUC H . -31.10 -35.09 35.72
H2 FUC H . -28.40 -33.85 34.23
H3 FUC H . -28.62 -36.64 35.18
H4 FUC H . -30.19 -37.31 33.38
H5 FUC H . -31.22 -37.12 35.45
H61 FUC H . -33.44 -36.04 35.14
H62 FUC H . -32.95 -36.91 33.66
H63 FUC H . -32.81 -35.14 33.74
HO2 FUC H . -28.39 -33.63 36.59
HO3 FUC H . -28.26 -35.56 32.57
HO4 FUC H . -31.21 -35.81 32.19
C1 NAG I . -39.14 -1.01 13.91
C2 NAG I . -39.55 -1.49 12.52
C3 NAG I . -41.02 -1.62 12.41
C4 NAG I . -41.47 -2.64 13.40
C5 NAG I . -41.21 -2.10 14.81
C6 NAG I . -41.63 -3.10 15.84
C7 NAG I . -37.88 -0.78 10.66
C8 NAG I . -37.08 -2.08 10.82
N2 NAG I . -39.07 -0.52 11.48
O3 NAG I . -41.39 -2.04 11.07
O4 NAG I . -42.85 -2.91 13.17
O5 NAG I . -39.78 -1.81 15.02
O6 NAG I . -40.85 -2.93 16.99
O7 NAG I . -37.54 0.02 9.85
H2 NAG I . -39.10 -2.46 12.34
H3 NAG I . -41.47 -0.68 12.64
H4 NAG I . -40.83 -3.51 13.29
H5 NAG I . -41.79 -1.19 14.95
H61 NAG I . -41.47 -4.10 15.45
H62 NAG I . -42.68 -2.97 16.09
H81 NAG I . -36.24 -2.06 10.14
H82 NAG I . -37.70 -2.93 10.59
H83 NAG I . -36.71 -2.16 11.83
HN2 NAG I . -39.57 0.33 11.35
HO3 NAG I . -42.28 -1.80 10.91
HO6 NAG I . -40.82 -3.75 17.48
C1 NAG I . -43.32 -4.30 13.23
C2 NAG I . -42.34 -5.33 12.66
C3 NAG I . -42.96 -6.67 12.64
C4 NAG I . -43.39 -7.08 14.02
C5 NAG I . -44.26 -6.02 14.70
C6 NAG I . -44.48 -6.40 16.13
C7 NAG I . -40.52 -4.77 10.91
C8 NAG I . -40.12 -4.36 9.49
N2 NAG I . -41.93 -4.92 11.27
O3 NAG I . -41.98 -7.63 12.14
O4 NAG I . -44.12 -8.31 13.93
O5 NAG I . -43.65 -4.68 14.65
O6 NAG I . -45.07 -7.68 16.18
O7 NAG I . -39.67 -4.96 11.73
H2 NAG I . -41.47 -5.40 13.30
H3 NAG I . -43.82 -6.65 11.99
H4 NAG I . -42.50 -7.25 14.62
H5 NAG I . -45.22 -5.99 14.19
H61 NAG I . -45.13 -5.68 16.60
H62 NAG I . -43.52 -6.42 16.65
H81 NAG I . -39.04 -4.38 9.39
H82 NAG I . -40.48 -3.36 9.28
H83 NAG I . -40.55 -5.05 8.78
HN2 NAG I . -42.64 -4.76 10.57
HO3 NAG I . -41.41 -7.89 12.83
HO4 NAG I . -44.20 -8.69 14.79
HO6 NAG I . -45.58 -7.75 16.97
C1 NAG J . -37.68 37.82 -29.87
C2 NAG J . -38.36 39.06 -29.29
C3 NAG J . -37.94 39.20 -27.89
C4 NAG J . -36.47 39.48 -27.82
C5 NAG J . -35.60 38.48 -28.60
C6 NAG J . -35.29 37.27 -27.77
C7 NAG J . -38.01 40.27 -31.53
C8 NAG J . -37.55 41.51 -32.32
N2 NAG J . -37.91 40.26 -30.08
O3 NAG J . -38.21 37.94 -27.20
O4 NAG J . -36.23 40.79 -28.34
O5 NAG J . -36.19 38.02 -29.88
O6 NAG J . -36.03 37.26 -26.58
O7 NAG J . -38.44 39.33 -32.12
H2 NAG J . -39.44 38.95 -29.35
H3 NAG J . -38.50 39.99 -27.42
H4 NAG J . -36.17 39.49 -26.77
H5 NAG J . -34.67 38.98 -28.83
H61 NAG J . -34.24 37.28 -27.52
H62 NAG J . -35.51 36.38 -28.34
H81 NAG J . -37.71 41.34 -33.38
H82 NAG J . -36.50 41.69 -32.13
H83 NAG J . -38.13 42.37 -32.01
HN2 NAG J . -37.55 41.06 -29.59
HO3 NAG J . -37.57 37.82 -26.51
HO6 NAG J . -35.51 36.90 -25.89
C1 NAG J . -36.47 41.73 -27.27
C2 NAG J . -35.55 42.94 -27.38
C3 NAG J . -35.68 43.70 -26.12
C4 NAG J . -37.06 44.29 -26.08
C5 NAG J . -38.15 43.22 -26.20
C6 NAG J . -39.44 43.90 -26.55
C7 NAG J . -33.47 41.41 -27.06
C8 NAG J . -31.99 41.18 -27.38
N2 NAG J . -34.11 42.60 -27.62
O3 NAG J . -34.69 44.76 -26.07
O4 NAG J . -37.21 44.99 -24.85
O5 NAG J . -37.89 42.19 -27.23
O6 NAG J . -39.30 44.58 -27.76
O7 NAG J . -34.07 40.64 -26.39
H2 NAG J . -35.90 43.56 -28.20
H3 NAG J . -35.55 43.03 -25.28
H4 NAG J . -37.15 44.98 -26.90
H5 NAG J . -38.26 42.72 -25.24
H61 NAG J . -39.71 44.60 -25.76
H62 NAG J . -40.23 43.16 -26.64
H81 NAG J . -31.87 40.24 -27.91
H82 NAG J . -31.43 41.15 -26.45
H83 NAG J . -31.62 41.98 -27.99
HN2 NAG J . -33.56 43.22 -28.18
HO3 NAG J . -34.49 44.96 -25.17
HO6 NAG J . -39.08 45.49 -27.59
C1 BMA J . -36.99 46.38 -25.19
C2 BMA J . -38.25 47.15 -24.82
C3 BMA J . -38.05 48.64 -25.21
C4 BMA J . -36.64 49.22 -24.82
C5 BMA J . -35.49 48.19 -24.97
C6 BMA J . -34.24 48.59 -24.21
O2 BMA J . -38.48 47.07 -23.43
O3 BMA J . -39.13 49.50 -24.75
O4 BMA J . -36.35 50.34 -25.64
O5 BMA J . -35.91 46.91 -24.47
O6 BMA J . -33.24 47.62 -24.44
H2 BMA J . -39.10 46.73 -25.39
H3 BMA J . -38.10 48.70 -26.31
H4 BMA J . -36.65 49.52 -23.79
H5 BMA J . -35.22 48.10 -26.04
H61 BMA J . -34.49 48.67 -23.14
H62 BMA J . -33.93 49.58 -24.56
HO2 BMA J . -39.39 46.74 -23.33
HO4 BMA J . -37.04 50.99 -25.43
HO6 BMA J . -33.65 46.74 -24.38
C1 MAN J . -39.31 49.62 -23.30
C2 MAN J . -39.20 51.18 -23.00
C3 MAN J . -38.05 51.49 -22.09
C4 MAN J . -38.06 50.54 -20.91
C5 MAN J . -37.61 49.19 -21.39
C6 MAN J . -37.75 48.10 -20.34
O2 MAN J . -40.37 51.63 -22.32
O3 MAN J . -38.11 52.84 -21.63
O4 MAN J . -37.17 51.01 -19.91
O5 MAN J . -38.39 48.74 -22.57
O6 MAN J . -37.38 46.86 -20.94
H2 MAN J . -39.07 51.71 -23.95
H3 MAN J . -37.11 51.38 -22.62
H4 MAN J . -39.09 50.47 -20.52
H5 MAN J . -36.55 49.25 -21.67
H61 MAN J . -38.79 48.08 -19.98
H62 MAN J . -37.09 48.37 -19.50
HO2 MAN J . -40.11 52.27 -21.64
HO3 MAN J . -37.27 52.99 -21.14
HO4 MAN J . -37.29 50.41 -19.16
HO6 MAN J . -37.90 46.76 -21.75
C1 NAG K . -50.25 24.21 -30.44
C2 NAG K . -50.26 25.22 -29.28
C3 NAG K . -51.63 25.53 -28.84
C4 NAG K . -52.57 24.37 -28.98
C5 NAG K . -52.63 23.89 -30.44
C6 NAG K . -53.88 24.43 -31.05
C7 NAG K . -48.32 25.34 -27.48
C8 NAG K . -47.81 26.72 -27.90
N2 NAG K . -49.46 24.66 -28.13
O3 NAG K . -52.13 26.62 -29.67
O4 NAG K . -52.19 23.26 -28.15
O5 NAG K . -51.51 24.37 -31.24
O6 NAG K . -55.00 23.82 -30.44
O7 NAG K . -47.76 24.78 -26.58
H2 NAG K . -49.87 26.16 -29.60
H3 NAG K . -51.58 25.89 -27.80
H4 NAG K . -53.55 24.72 -28.68
H5 NAG K . -52.64 22.82 -30.46
H61 NAG K . -53.89 24.19 -32.11
H62 NAG K . -53.92 25.50 -30.92
H81 NAG K . -47.33 27.20 -27.06
H82 NAG K . -48.62 27.34 -28.25
H83 NAG K . -47.08 26.61 -28.69
HN2 NAG K . -49.70 23.75 -27.77
HO3 NAG K . -53.02 26.82 -29.41
HO6 NAG K . -55.79 24.26 -30.71
C1 NAG K . -52.02 23.64 -26.78
C2 NAG K . -53.11 22.99 -25.92
C3 NAG K . -52.92 23.31 -24.48
C4 NAG K . -51.56 22.92 -24.00
C5 NAG K . -50.46 23.52 -24.86
C6 NAG K . -49.14 22.94 -24.44
C7 NAG K . -55.09 22.89 -27.53
C8 NAG K . -56.47 23.38 -27.98
N2 NAG K . -54.44 23.48 -26.36
O3 NAG K . -53.92 22.59 -23.70
O4 NAG K . -51.41 23.36 -22.64
O5 NAG K . -50.65 23.29 -26.29
O6 NAG K . -48.31 23.95 -23.92
O7 NAG K . -54.54 22.02 -28.13
H2 NAG K . -53.05 21.92 -26.06
H3 NAG K . -53.05 24.38 -24.34
H4 NAG K . -51.48 21.83 -24.02
H5 NAG K . -50.43 24.60 -24.69
H61 NAG K . -48.66 22.48 -25.29
H62 NAG K . -49.30 22.18 -23.68
H81 NAG K . -56.79 22.81 -28.84
H82 NAG K . -56.40 24.43 -28.25
H83 NAG K . -57.18 23.26 -27.18
HN2 NAG K . -54.90 24.21 -25.85
HO3 NAG K . -53.62 22.49 -22.81
HO4 NAG K . -50.68 22.93 -22.25
HO6 NAG K . -47.52 23.57 -23.60
C1 NAG L . -51.51 32.54 -42.14
C2 NAG L . -52.36 33.68 -41.53
C3 NAG L . -53.01 34.53 -42.57
C4 NAG L . -52.01 35.14 -43.50
C5 NAG L . -51.07 34.07 -44.08
C6 NAG L . -49.94 34.74 -44.81
C7 NAG L . -53.48 33.39 -39.21
C8 NAG L . -52.33 34.10 -38.48
N2 NAG L . -53.47 33.19 -40.66
O3 NAG L . -53.73 35.59 -41.90
O4 NAG L . -52.76 35.75 -44.57
O5 NAG L . -50.50 33.15 -43.06
O6 NAG L . -49.77 36.08 -44.39
O7 NAG L . -54.40 32.99 -38.58
H2 NAG L . -51.69 34.31 -40.96
H3 NAG L . -53.70 33.93 -43.14
H4 NAG L . -51.46 35.89 -42.95
H5 NAG L . -51.63 33.48 -44.79
H61 NAG L . -50.14 34.73 -45.88
H62 NAG L . -49.02 34.20 -44.62
H81 NAG L . -52.47 34.01 -37.41
H82 NAG L . -52.29 35.14 -38.77
H83 NAG L . -51.39 33.62 -38.75
HN2 NAG L . -54.26 32.73 -41.09
HO3 NAG L . -53.92 36.28 -42.52
HO6 NAG L . -49.07 36.48 -44.88
C1 NAG L . -52.37 37.14 -44.72
C2 NAG L . -52.45 37.52 -46.19
C3 NAG L . -52.00 38.91 -46.43
C4 NAG L . -52.64 39.92 -45.53
C5 NAG L . -52.72 39.46 -44.07
C6 NAG L . -53.64 40.39 -43.31
C7 NAG L . -52.13 35.50 -47.75
C8 NAG L . -51.21 34.57 -48.54
N2 NAG L . -51.55 36.60 -46.97
O3 NAG L . -52.28 39.27 -47.81
O4 NAG L . -51.84 41.10 -45.60
O5 NAG L . -53.21 38.08 -43.91
O6 NAG L . -54.87 40.47 -43.95
O7 NAG L . -53.31 35.33 -47.77
H2 NAG L . -53.46 37.41 -46.53
H3 NAG L . -50.93 38.96 -46.27
H4 NAG L . -53.65 40.12 -45.89
H5 NAG L . -51.73 39.52 -43.64
H61 NAG L . -53.18 41.37 -43.26
H62 NAG L . -53.77 40.01 -42.30
H81 NAG L . -51.78 34.06 -49.31
H82 NAG L . -50.78 33.82 -47.87
H83 NAG L . -50.41 35.14 -49.00
HN2 NAG L . -50.56 36.73 -46.95
HO3 NAG L . -51.53 39.69 -48.18
HO6 NAG L . -54.90 41.24 -44.49
C1 BMA L . -52.53 42.29 -46.10
C2 BMA L . -52.88 42.15 -47.63
C3 BMA L . -53.62 43.41 -48.10
C4 BMA L . -54.77 43.79 -47.14
C5 BMA L . -54.25 43.86 -45.70
C6 BMA L . -55.33 44.23 -44.69
O2 BMA L . -53.73 41.06 -47.90
O3 BMA L . -54.13 43.24 -49.42
O4 BMA L . -55.31 45.05 -47.51
O5 BMA L . -53.72 42.57 -45.35
O6 BMA L . -55.97 45.41 -45.14
H2 BMA L . -51.94 42.05 -48.20
H3 BMA L . -52.93 44.26 -48.16
H4 BMA L . -55.54 43.00 -47.19
H5 BMA L . -53.45 44.62 -45.62
H61 BMA L . -54.85 44.37 -43.71
H62 BMA L . -56.02 43.37 -44.62
HO2 BMA L . -54.50 41.43 -48.36
HO3 BMA L . -55.07 43.51 -49.37
HO4 BMA L . -56.10 45.16 -46.97
HO6 BMA L . -56.20 45.93 -44.36
C1 NAG M . -56.57 16.89 -52.71
C2 NAG M . -56.55 15.93 -51.48
C3 NAG M . -57.17 14.61 -51.53
C4 NAG M . -58.38 14.53 -52.38
C5 NAG M . -58.77 15.78 -53.22
C6 NAG M . -60.18 16.13 -52.87
C7 NAG M . -54.10 14.96 -51.71
C8 NAG M . -52.69 14.90 -51.07
N2 NAG M . -55.13 15.72 -51.00
O3 NAG M . -57.59 14.31 -50.16
O4 NAG M . -58.00 13.46 -53.23
O5 NAG M . -58.00 17.05 -53.09
O6 NAG M . -61.05 15.54 -53.79
O7 NAG M . -54.31 14.43 -52.77
H2 NAG M . -57.07 16.44 -50.67
H3 NAG M . -56.46 13.86 -51.85
H4 NAG M . -59.21 14.19 -51.77
H5 NAG M . -58.80 15.49 -54.27
H61 NAG M . -60.27 17.21 -52.92
H62 NAG M . -60.44 15.80 -51.88
H81 NAG M . -52.12 14.11 -51.52
H82 NAG M . -52.80 14.70 -50.01
H83 NAG M . -52.20 15.87 -51.22
HN2 NAG M . -54.87 16.15 -50.13
HO3 NAG M . -57.11 13.57 -49.83
HO6 NAG M . -61.82 15.19 -53.35
C1 NAG M . -59.16 13.01 -53.89
C2 NAG M . -58.71 12.67 -55.29
C3 NAG M . -59.85 12.18 -56.09
C4 NAG M . -60.67 11.14 -55.40
C5 NAG M . -61.01 11.47 -53.93
C6 NAG M . -61.62 10.29 -53.21
C7 NAG M . -56.70 14.23 -55.83
C8 NAG M . -55.69 13.31 -55.15
N2 NAG M . -58.13 13.91 -55.90
O3 NAG M . -59.30 11.62 -57.32
O4 NAG M . -61.90 11.03 -56.10
O5 NAG M . -59.81 11.86 -53.18
O6 NAG M . -61.12 9.08 -53.72
O7 NAG M . -56.31 15.24 -56.33
H2 NAG M . -57.96 11.89 -55.23
H3 NAG M . -60.49 13.03 -56.33
H4 NAG M . -60.13 10.20 -55.44
H5 NAG M . -61.72 12.29 -53.91
H61 NAG M . -62.70 10.33 -53.32
H62 NAG M . -61.38 10.35 -52.16
H81 NAG M . -54.69 13.69 -55.31
H82 NAG M . -55.76 12.32 -55.56
H83 NAG M . -55.88 13.26 -54.08
HN2 NAG M . -58.74 14.56 -56.36
HO3 NAG M . -59.96 11.62 -57.98
HO6 NAG M . -61.59 8.37 -53.34
C1 BMA M . -62.14 9.64 -56.43
C2 BMA M . -63.62 9.37 -56.12
C3 BMA M . -64.02 8.00 -56.65
C4 BMA M . -63.58 7.81 -58.09
C5 BMA M . -62.07 8.06 -58.21
C6 BMA M . -61.56 7.91 -59.64
O2 BMA M . -64.45 10.32 -56.78
O3 BMA M . -65.43 7.79 -56.53
O4 BMA M . -63.88 6.50 -58.52
O5 BMA M . -61.82 9.41 -57.79
O6 BMA M . -60.15 7.95 -59.60
H2 BMA M . -63.78 9.42 -55.04
H3 BMA M . -63.54 7.22 -56.04
H4 BMA M . -64.10 8.56 -58.72
H5 BMA M . -61.53 7.35 -57.57
H61 BMA M . -61.98 8.73 -60.25
H62 BMA M . -61.94 6.95 -60.03
HO2 BMA M . -65.36 10.11 -56.53
HO3 BMA M . -65.55 6.83 -56.56
HO4 BMA M . -64.28 6.59 -59.40
HO6 BMA M . -59.82 7.89 -60.51
C1 NAG N . -17.47 47.57 -23.17
C2 NAG N . -16.80 48.49 -24.21
C3 NAG N . -16.45 49.76 -23.54
C4 NAG N . -17.63 50.50 -22.96
C5 NAG N . -18.45 49.57 -22.05
C6 NAG N . -19.77 50.21 -21.75
C7 NAG N . -14.45 47.45 -23.91
C8 NAG N . -13.14 46.99 -24.56
N2 NAG N . -15.49 48.03 -24.76
O3 NAG N . -15.80 50.64 -24.51
O4 NAG N . -17.12 51.68 -22.31
O5 NAG N . -18.72 48.27 -22.70
O6 NAG N . -20.77 49.60 -22.52
O7 NAG N . -14.64 47.30 -22.75
H2 NAG N . -17.50 48.68 -25.02
H3 NAG N . -15.75 49.55 -22.74
H4 NAG N . -18.26 50.80 -23.77
H5 NAG N . -17.91 49.35 -21.13
H61 NAG N . -19.73 51.26 -21.98
H62 NAG N . -20.00 50.07 -20.69
H81 NAG N . -12.99 45.94 -24.36
H82 NAG N . -12.32 47.56 -24.14
H83 NAG N . -13.18 47.15 -25.62
HN2 NAG N . -15.31 48.14 -25.74
HO3 NAG N . -15.28 51.28 -24.05
HO6 NAG N . -21.20 50.26 -23.05
C1 NAG N . -17.27 51.70 -20.88
C2 NAG N . -15.96 52.17 -20.24
C3 NAG N . -16.05 52.22 -18.74
C4 NAG N . -17.24 52.99 -18.24
C5 NAG N . -18.54 52.63 -18.97
C6 NAG N . -19.57 53.68 -18.63
C7 NAG N . -14.98 49.81 -20.26
C8 NAG N . -13.82 48.87 -20.61
N2 NAG N . -14.86 51.23 -20.57
O3 NAG N . -14.83 52.85 -18.26
O4 NAG N . -17.39 52.63 -16.86
O5 NAG N . -18.40 52.58 -20.44
O6 NAG N . -19.12 54.93 -19.07
O7 NAG N . -15.95 49.37 -19.75
H2 NAG N . -15.73 53.16 -20.60
H3 NAG N . -16.10 51.21 -18.35
H4 NAG N . -17.04 54.04 -18.33
H5 NAG N . -18.88 51.68 -18.62
H61 NAG N . -19.71 53.71 -17.56
H62 NAG N . -20.49 53.43 -19.12
H81 NAG N . -14.15 47.85 -20.46
H82 NAG N . -12.97 49.07 -19.97
H83 NAG N . -13.53 49.01 -21.65
HN2 NAG N . -14.02 51.58 -21.02
HO3 NAG N . -14.73 53.70 -18.67
HO6 NAG N . -18.69 55.38 -18.37
C1 BMA N . -17.22 53.74 -15.95
C2 BMA N . -15.71 54.04 -15.77
C3 BMA N . -15.53 55.27 -14.88
C4 BMA N . -16.39 56.44 -15.37
C5 BMA N . -17.86 56.00 -15.48
C6 BMA N . -18.77 57.09 -15.98
O2 BMA N . -15.08 54.35 -17.01
O3 BMA N . -14.16 55.67 -14.81
O4 BMA N . -16.30 57.54 -14.47
O5 BMA N . -17.93 54.90 -16.42
O6 BMA N . -18.63 58.22 -15.13
H2 BMA N . -15.23 53.16 -15.30
H3 BMA N . -15.83 55.03 -13.86
H4 BMA N . -16.04 56.72 -16.38
H5 BMA N . -18.21 55.67 -14.50
H61 BMA N . -19.80 56.72 -15.98
H62 BMA N . -18.48 57.32 -17.02
HO2 BMA N . -14.26 54.80 -16.78
HO3 BMA N . -14.18 56.62 -14.67
HO4 BMA N . -16.65 58.30 -14.96
HO6 BMA N . -19.03 58.98 -15.56
C1 NAG O . -51.34 9.97 -35.43
C2 NAG O . -52.46 10.98 -35.27
C3 NAG O . -53.72 10.48 -35.86
C4 NAG O . -53.51 10.14 -37.32
C5 NAG O . -52.28 9.24 -37.56
C6 NAG O . -52.01 9.16 -39.04
C7 NAG O . -52.92 12.68 -33.41
C8 NAG O . -53.15 13.02 -31.93
N2 NAG O . -52.68 11.30 -33.82
O3 NAG O . -54.70 11.54 -35.71
O4 NAG O . -54.63 9.44 -37.89
O5 NAG O . -51.07 9.73 -36.89
O6 NAG O . -52.89 9.99 -39.76
O7 NAG O . -52.94 13.55 -34.23
H2 NAG O . -52.19 11.89 -35.79
H3 NAG O . -54.02 9.59 -35.33
H4 NAG O . -53.36 11.08 -37.84
H5 NAG O . -52.51 8.25 -37.19
H61 NAG O . -52.14 8.14 -39.36
H62 NAG O . -50.99 9.47 -39.23
H81 NAG O . -53.26 14.09 -31.82
H82 NAG O . -52.29 12.69 -31.35
H83 NAG O . -54.03 12.52 -31.57
HN2 NAG O . -52.66 10.56 -33.14
HO3 NAG O . -55.25 11.34 -34.96
HO6 NAG O . -53.66 9.50 -39.97
C1 NAG O . -55.85 9.71 -37.20
C2 NAG O . -56.65 10.71 -38.03
C3 NAG O . -57.96 11.01 -37.40
C4 NAG O . -58.74 9.77 -37.12
C5 NAG O . -57.93 8.78 -36.28
C6 NAG O . -58.72 7.51 -36.13
C7 NAG O . -55.06 12.19 -39.38
C8 NAG O . -54.23 13.48 -39.51
N2 NAG O . -55.85 11.96 -38.17
O3 NAG O . -58.73 11.87 -38.30
O4 NAG O . -59.93 10.10 -36.42
O5 NAG O . -56.63 8.46 -36.91
O6 NAG O . -60.07 7.77 -36.38
O7 NAG O . -55.05 11.38 -40.24
H2 NAG O . -56.84 10.29 -39.01
H3 NAG O . -57.78 11.54 -36.47
H4 NAG O . -59.00 9.31 -38.06
H5 NAG O . -57.76 9.20 -35.31
H61 NAG O . -58.61 7.14 -35.12
H62 NAG O . -58.35 6.77 -36.83
H81 NAG O . -53.69 13.46 -40.46
H82 NAG O . -53.51 13.53 -38.70
H83 NAG O . -54.88 14.34 -39.49
HN2 NAG O . -55.86 12.64 -37.43
HO3 NAG O . -59.57 11.48 -38.47
HO4 NAG O . -60.64 9.53 -36.69
HO6 NAG O . -60.54 6.95 -36.46
C1 NAG P . -7.43 0.87 -65.28
C2 NAG P . -7.43 2.02 -66.29
C3 NAG P . -6.84 1.64 -67.59
C4 NAG P . -5.44 1.17 -67.37
C5 NAG P . -5.48 -0.12 -66.53
C6 NAG P . -4.08 -0.59 -66.27
C7 NAG P . -9.48 3.34 -65.53
C8 NAG P . -10.93 3.81 -65.74
N2 NAG P . -8.85 2.47 -66.52
O3 NAG P . -6.83 2.80 -68.47
O4 NAG P . -4.74 1.01 -68.61
O5 NAG P . -6.13 0.11 -65.23
O6 NAG P . -3.62 -0.01 -65.07
O7 NAG P . -8.88 3.68 -64.56
H2 NAG P . -6.86 2.84 -65.88
H3 NAG P . -7.42 0.84 -68.05
H4 NAG P . -4.92 1.92 -66.79
H5 NAG P . -6.04 -0.89 -67.05
H61 NAG P . -3.43 -0.28 -67.08
H62 NAG P . -4.06 -1.66 -66.18
H81 NAG P . -11.34 4.14 -64.80
H82 NAG P . -11.52 3.00 -66.13
H83 NAG P . -10.94 4.64 -66.45
HN2 NAG P . -9.34 2.18 -67.33
HO3 NAG P . -7.58 2.78 -69.03
HO6 NAG P . -4.35 0.20 -64.51
C1 NAG P . -5.22 -0.08 -69.41
C2 NAG P . -4.80 0.19 -70.86
C3 NAG P . -4.90 -1.00 -71.75
C4 NAG P . -4.13 -2.13 -71.15
C5 NAG P . -4.81 -2.52 -69.85
C6 NAG P . -4.11 -3.71 -69.26
C7 NAG P . -5.44 2.66 -70.93
C8 NAG P . -6.29 3.82 -71.46
N2 NAG P . -5.65 1.30 -71.40
O3 NAG P . -4.38 -0.66 -73.07
O4 NAG P . -4.10 -3.28 -72.00
O5 NAG P . -4.76 -1.42 -68.88
O6 NAG P . -2.76 -3.41 -69.06
O7 NAG P . -4.59 2.88 -70.11
H2 NAG P . -3.77 0.52 -70.85
H3 NAG P . -5.94 -1.27 -71.84
H4 NAG P . -3.14 -1.78 -70.89
H5 NAG P . -5.85 -2.77 -70.05
H61 NAG P . -4.20 -4.56 -69.93
H62 NAG P . -4.58 -3.96 -68.31
H81 NAG P . -5.96 4.75 -71.01
H82 NAG P . -7.33 3.64 -71.20
H83 NAG P . -6.19 3.88 -72.53
HN2 NAG P . -6.35 1.10 -72.08
HO3 NAG P . -4.95 -1.01 -73.73
HO6 NAG P . -2.67 -2.50 -68.84
C1 BMA P . -3.20 -3.25 -73.15
C2 BMA P . -1.89 -2.42 -72.90
C3 BMA P . -0.92 -2.60 -74.05
C4 BMA P . -0.69 -4.08 -74.37
C5 BMA P . -2.04 -4.75 -74.65
C6 BMA P . -1.91 -6.23 -74.93
O2 BMA P . -1.22 -2.89 -71.73
O3 BMA P . 0.33 -1.96 -73.80
O4 BMA P . 0.16 -4.21 -75.50
O5 BMA P . -2.87 -4.60 -73.49
O6 BMA P . -3.21 -6.76 -75.14
H2 BMA P . -2.15 -1.36 -72.79
H3 BMA P . -1.33 -2.12 -74.95
H4 BMA P . -0.26 -4.56 -73.47
H5 BMA P . -2.52 -4.27 -75.53
H61 BMA P . -1.41 -6.71 -74.07
H62 BMA P . -1.27 -6.35 -75.82
HO2 BMA P . -0.95 -2.10 -71.25
HO3 BMA P . 0.40 -1.91 -72.83
HO4 BMA P . 0.78 -3.48 -75.44
HO6 BMA P . -3.84 -6.16 -74.74
C1 NAG Q . -24.05 -58.78 25.49
C2 NAG Q . -24.49 -60.00 26.30
C3 NAG Q . -24.57 -59.73 27.75
C4 NAG Q . -23.23 -59.24 28.24
C5 NAG Q . -22.89 -57.92 27.54
C6 NAG Q . -21.56 -57.43 28.02
C7 NAG Q . -25.92 -61.41 24.71
C8 NAG Q . -27.29 -61.87 24.21
N2 NAG Q . -25.83 -60.44 25.81
O3 NAG Q . -24.94 -60.95 28.44
O4 NAG Q . -23.22 -59.01 29.66
O5 NAG Q . -22.85 -58.08 26.08
O6 NAG Q . -21.22 -56.26 27.35
O7 NAG Q . -24.93 -61.84 24.22
H2 NAG Q . -23.77 -60.80 26.13
H3 NAG Q . -25.31 -58.96 27.94
H4 NAG Q . -22.48 -59.96 27.97
H5 NAG Q . -23.65 -57.19 27.80
H61 NAG Q . -20.81 -58.20 27.82
H62 NAG Q . -21.60 -57.25 29.09
H81 NAG Q . -27.16 -62.65 23.46
H82 NAG Q . -27.80 -61.04 23.75
H83 NAG Q . -27.88 -62.25 25.03
HN2 NAG Q . -26.66 -60.08 26.22
HO3 NAG Q . -25.56 -60.75 29.13
HO6 NAG Q . -21.73 -56.19 26.56
C1 NAG Q . -23.20 -60.21 30.45
C2 NAG Q . -21.76 -60.74 30.56
C3 NAG Q . -21.54 -61.67 31.71
C4 NAG Q . -22.11 -61.18 32.99
C5 NAG Q . -23.62 -60.91 32.84
C6 NAG Q . -24.14 -60.37 34.14
C7 NAG Q . -20.14 -61.42 28.65
C8 NAG Q . -19.06 -60.47 29.17
N2 NAG Q . -21.44 -61.54 29.34
O3 NAG Q . -20.09 -61.83 31.89
O4 NAG Q . -21.92 -62.17 34.00
O5 NAG Q . -23.88 -59.94 31.77
O6 NAG Q . -23.76 -59.04 34.27
O7 NAG Q . -19.94 -62.07 27.68
H2 NAG Q . -21.10 -59.90 30.66
H3 NAG Q . -21.98 -62.63 31.47
H4 NAG Q . -21.62 -60.26 33.28
H5 NAG Q . -24.11 -61.84 32.60
H61 NAG Q . -23.75 -60.95 34.95
H62 NAG Q . -25.23 -60.44 34.13
H81 NAG Q . -18.20 -60.52 28.50
H82 NAG Q . -18.75 -60.78 30.17
H83 NAG Q . -19.43 -59.46 29.20
HN2 NAG Q . -22.13 -62.16 28.97
HO3 NAG Q . -19.91 -62.69 32.24
HO4 NAG Q . -21.42 -61.80 34.71
HO6 NAG Q . -23.51 -58.69 33.44
C1 NAG R . 13.34 -30.82 -23.71
C2 NAG R . 13.97 -31.39 -24.98
C3 NAG R . 14.97 -32.42 -24.63
C4 NAG R . 16.04 -31.77 -23.80
C5 NAG R . 15.38 -31.31 -22.48
C6 NAG R . 16.39 -30.79 -21.49
C7 NAG R . 11.96 -31.15 -26.59
C8 NAG R . 10.89 -31.77 -27.49
N2 NAG R . 12.91 -31.99 -25.87
O3 NAG R . 15.47 -33.01 -25.86
O4 NAG R . 17.12 -32.67 -23.55
O5 NAG R . 14.37 -30.27 -22.76
O6 NAG R . 16.08 -31.30 -20.22
O7 NAG R . 12.01 -29.96 -26.46
H2 NAG R . 14.46 -30.58 -25.51
H3 NAG R . 14.51 -33.19 -24.03
H4 NAG R . 16.40 -30.89 -24.33
H5 NAG R . 14.88 -32.17 -22.05
H61 NAG R . 16.35 -29.70 -21.47
H62 NAG R . 17.38 -31.11 -21.75
H81 NAG R . 10.28 -30.98 -27.93
H82 NAG R . 10.27 -32.44 -26.92
H83 NAG R . 11.38 -32.33 -28.29
HN2 NAG R . 12.87 -32.99 -25.98
HO3 NAG R . 15.70 -33.91 -25.70
HO6 NAG R . 16.08 -30.59 -19.58
C1 NAG R . 18.39 -32.15 -24.00
C2 NAG R . 18.53 -32.54 -25.49
C3 NAG R . 19.27 -31.54 -26.29
C4 NAG R . 18.53 -30.27 -26.17
C5 NAG R . 18.79 -29.70 -24.77
C6 NAG R . 17.92 -28.49 -24.56
C7 NAG R . 18.33 -35.07 -25.36
C8 NAG R . 18.93 -36.48 -25.42
N2 NAG R . 19.18 -33.89 -25.56
O3 NAG R . 19.32 -31.98 -27.67
O4 NAG R . 18.95 -29.33 -27.18
O5 NAG R . 18.52 -30.66 -23.69
O6 NAG R . 18.55 -27.36 -25.09
O7 NAG R . 17.17 -34.93 -25.13
H2 NAG R . 17.55 -32.62 -25.91
H3 NAG R . 20.27 -31.43 -25.89
H4 NAG R . 17.48 -30.48 -26.24
H5 NAG R . 19.83 -29.39 -24.73
H61 NAG R . 17.77 -28.35 -23.50
H62 NAG R . 16.96 -28.64 -25.04
H81 NAG R . 18.16 -37.21 -25.20
H82 NAG R . 19.72 -36.58 -24.69
H83 NAG R . 19.32 -36.66 -26.41
HN2 NAG R . 20.16 -33.98 -25.75
HO3 NAG R . 20.18 -31.80 -28.03
HO6 NAG R . 18.99 -27.59 -25.90
C1 BMA R . 17.94 -29.01 -28.18
C2 BMA R . 18.31 -29.79 -29.48
C3 BMA R . 17.06 -30.43 -30.08
C4 BMA R . 15.85 -29.47 -30.09
C5 BMA R . 15.60 -28.87 -28.69
C6 BMA R . 14.25 -29.27 -28.14
O2 BMA R . 19.22 -30.84 -29.19
O3 BMA R . 16.72 -31.64 -29.41
O4 BMA R . 16.08 -28.43 -31.02
O5 BMA R . 16.61 -29.34 -27.79
O6 BMA R . 14.19 -30.69 -28.16
H2 BMA R . 18.76 -29.08 -30.19
H3 BMA R . 17.26 -30.72 -31.12
H4 BMA R . 14.96 -30.05 -30.37
H5 BMA R . 15.63 -27.77 -28.76
H61 BMA R . 13.46 -28.82 -28.77
H62 BMA R . 14.17 -28.86 -27.13
HO2 BMA R . 18.87 -31.62 -29.66
HO3 BMA R . 16.92 -31.48 -28.47
HO4 BMA R . 15.27 -27.89 -31.01
HO6 BMA R . 13.54 -30.95 -28.81
C1 NAG S . -34.86 -5.78 -50.37
C2 NAG S . -36.08 -4.89 -50.59
C3 NAG S . -37.27 -5.29 -49.80
C4 NAG S . -37.75 -6.68 -50.08
C5 NAG S . -36.59 -7.69 -50.19
C6 NAG S . -36.62 -8.26 -51.59
C7 NAG S . -35.15 -2.57 -51.12
C8 NAG S . -34.74 -1.16 -50.65
N2 NAG S . -35.67 -3.52 -50.14
O3 NAG S . -38.35 -4.37 -50.13
O4 NAG S . -38.64 -7.02 -49.01
O5 NAG S . -35.24 -7.16 -49.89
O6 NAG S . -37.83 -8.97 -51.75
O7 NAG S . -35.05 -2.88 -52.26
H2 NAG S . -36.33 -4.88 -51.65
H3 NAG S . -37.04 -5.20 -48.75
H4 NAG S . -38.30 -6.68 -51.01
H5 NAG S . -36.76 -8.52 -49.52
H61 NAG S . -35.79 -8.93 -51.73
H62 NAG S . -36.58 -7.46 -52.31
H81 NAG S . -34.25 -0.64 -51.48
H82 NAG S . -34.04 -1.25 -49.83
H83 NAG S . -35.61 -0.62 -50.34
HN2 NAG S . -35.76 -3.26 -49.18
HO3 NAG S . -39.15 -4.86 -50.25
HO6 NAG S . -38.17 -8.82 -52.61
C1 NAG S . -39.24 -8.33 -49.11
C2 NAG S . -39.21 -8.99 -47.73
C3 NAG S . -39.84 -10.34 -47.72
C4 NAG S . -41.20 -10.37 -48.36
C5 NAG S . -41.24 -9.65 -49.71
C6 NAG S . -42.67 -9.50 -50.15
C7 NAG S . -37.02 -7.91 -46.98
C8 NAG S . -35.55 -8.02 -46.53
N2 NAG S . -37.79 -9.12 -47.29
O3 NAG S . -39.98 -10.76 -46.34
O4 NAG S . -41.57 -11.74 -48.58
O5 NAG S . -40.63 -8.31 -49.67
O6 NAG S . -42.80 -8.31 -50.88
O7 NAG S . -37.53 -6.85 -47.09
H2 NAG S . -39.75 -8.36 -47.04
H3 NAG S . -39.20 -11.03 -48.24
H4 NAG S . -41.91 -9.91 -47.68
H5 NAG S . -40.71 -10.25 -50.44
H61 NAG S . -43.32 -9.47 -49.28
H62 NAG S . -42.94 -10.34 -50.78
H81 NAG S . -35.14 -7.02 -46.44
H82 NAG S . -34.99 -8.58 -47.26
H83 NAG S . -35.50 -8.52 -45.57
HN2 NAG S . -37.37 -10.02 -47.20
HO3 NAG S . -40.22 -11.68 -46.31
HO6 NAG S . -42.29 -7.63 -50.46
C1 BMA S . -42.70 -12.11 -47.77
C2 BMA S . -43.88 -12.47 -48.71
C3 BMA S . -45.07 -13.00 -47.91
C4 BMA S . -44.65 -14.10 -46.94
C5 BMA S . -43.48 -13.62 -46.05
C6 BMA S . -42.97 -14.70 -45.12
O2 BMA S . -43.51 -13.50 -49.60
O3 BMA S . -46.10 -13.47 -48.76
O4 BMA S . -45.74 -14.47 -46.12
O5 BMA S . -42.40 -13.21 -46.91
O6 BMA S . -42.57 -15.81 -45.92
H2 BMA S . -44.17 -11.57 -49.26
H3 BMA S . -45.50 -12.17 -47.32
H4 BMA S . -44.28 -14.96 -47.54
H5 BMA S . -43.83 -12.77 -45.44
H61 BMA S . -43.77 -14.96 -44.42
H62 BMA S . -42.13 -14.28 -44.56
HO2 BMA S . -44.32 -14.00 -49.80
HO3 BMA S . -46.87 -13.63 -48.17
HO4 BMA S . -45.51 -15.34 -45.76
HO6 BMA S . -42.08 -15.48 -46.67
C1 NAG T . -19.00 -6.85 -60.41
C2 NAG T . -19.38 -7.01 -61.87
C3 NAG T . -18.96 -8.35 -62.35
C4 NAG T . -17.49 -8.54 -62.20
C5 NAG T . -17.01 -8.24 -60.76
C6 NAG T . -15.51 -8.23 -60.71
C7 NAG T . -21.46 -5.66 -62.64
C8 NAG T . -20.58 -4.47 -63.08
N2 NAG T . -20.87 -6.87 -62.05
O3 NAG T . -19.32 -8.46 -63.76
O4 NAG T . -17.11 -9.87 -62.61
O5 NAG T . -17.50 -6.93 -60.31
O6 NAG T . -15.00 -8.66 -61.94
O7 NAG T . -22.63 -5.59 -62.76
H2 NAG T . -18.86 -6.26 -62.45
H3 NAG T . -19.49 -9.11 -61.79
H4 NAG T . -17.00 -7.84 -62.86
H5 NAG T . -17.40 -8.95 -60.05
H61 NAG T . -15.18 -8.91 -59.93
H62 NAG T . -15.15 -7.23 -60.50
H81 NAG T . -21.20 -3.75 -63.61
H82 NAG T . -19.81 -4.83 -63.77
H83 NAG T . -20.12 -4.01 -62.22
HN2 NAG T . -21.47 -7.62 -61.77
HO3 NAG T . -18.53 -8.57 -64.28
HO6 NAG T . -14.48 -7.96 -62.33
C1 NAG T . -17.13 -10.79 -61.50
C2 NAG T . -17.75 -12.13 -61.90
C3 NAG T . -17.89 -13.00 -60.71
C4 NAG T . -16.59 -13.19 -59.98
C5 NAG T . -15.85 -11.87 -59.73
C6 NAG T . -14.47 -12.15 -59.22
C7 NAG T . -19.18 -11.37 -63.88
C8 NAG T . -20.56 -11.08 -64.51
N2 NAG T . -19.10 -11.87 -62.52
O3 NAG T . -18.38 -14.31 -61.13
O4 NAG T . -16.85 -13.81 -58.72
O5 NAG T . -15.76 -11.05 -60.95
O6 NAG T . -13.75 -10.95 -59.14
O7 NAG T . -18.20 -11.17 -64.52
H2 NAG T . -17.11 -12.61 -62.63
H3 NAG T . -18.60 -12.56 -60.03
H4 NAG T . -15.94 -13.84 -60.57
H5 NAG T . -16.39 -11.30 -58.97
H61 NAG T . -13.97 -12.83 -59.89
H62 NAG T . -14.52 -12.59 -58.24
H81 NAG T . -20.42 -10.76 -65.54
H82 NAG T . -21.07 -10.31 -63.95
H83 NAG T . -21.15 -12.00 -64.51
HN2 NAG T . -19.93 -12.03 -61.97
HO3 NAG T . -18.59 -14.82 -60.37
HO4 NAG T . -16.04 -14.10 -58.34
HO6 NAG T . -12.85 -11.13 -58.90
C1 NAG U . -15.24 12.02 -76.19
C2 NAG U . -14.34 10.90 -76.70
C3 NAG U . -12.97 11.43 -76.93
C4 NAG U . -13.07 12.48 -77.98
C5 NAG U . -13.96 13.65 -77.53
C6 NAG U . -14.09 14.63 -78.65
C7 NAG U . -13.94 9.77 -74.36
C8 NAG U . -13.41 11.04 -73.67
N2 NAG U . -14.36 9.72 -75.77
O3 NAG U . -12.08 10.36 -77.36
O4 NAG U . -11.80 13.00 -78.36
O5 NAG U . -15.30 13.18 -77.14
O6 NAG U . -14.60 13.98 -79.77
O7 NAG U . -14.00 8.77 -73.72
H2 NAG U . -14.73 10.57 -77.65
H3 NAG U . -12.59 11.88 -76.01
H4 NAG U . -13.56 12.03 -78.82
H5 NAG U . -13.50 14.13 -76.67
H61 NAG U . -13.12 15.05 -78.87
H62 NAG U . -14.76 15.43 -78.35
H81 NAG U . -13.48 10.91 -72.59
H82 NAG U . -13.99 11.90 -73.96
H83 NAG U . -12.37 11.19 -73.94
HN2 NAG U . -14.69 8.85 -76.12
HO3 NAG U . -12.34 10.08 -78.23
HO6 NAG U . -14.97 14.63 -80.37
C1 NAG U . -11.20 12.24 -79.42
C2 NAG U . -11.66 12.76 -80.79
C3 NAG U . -10.86 12.24 -81.92
C4 NAG U . -9.39 12.43 -81.72
C5 NAG U . -8.92 11.81 -80.41
C6 NAG U . -7.49 12.20 -80.17
C7 NAG U . -13.52 10.99 -81.08
C8 NAG U . -14.99 10.65 -81.35
N2 NAG U . -13.08 12.39 -81.07
O3 NAG U . -11.27 12.92 -83.13
O4 NAG U . -8.71 11.77 -82.80
O5 NAG U . -9.71 12.24 -79.25
O6 NAG U . -7.40 13.60 -80.07
O7 NAG U . -12.74 10.13 -80.84
H2 NAG U . -11.57 13.85 -80.78
H3 NAG U . -11.04 11.17 -82.03
H4 NAG U . -9.17 13.49 -81.71
H5 NAG U . -8.99 10.73 -80.49
H61 NAG U . -6.87 11.86 -81.00
H62 NAG U . -7.14 11.75 -79.25
H81 NAG U . -15.13 9.57 -81.29
H82 NAG U . -15.25 11.00 -82.35
H83 NAG U . -15.62 11.13 -80.62
HN2 NAG U . -13.75 13.12 -81.25
HO3 NAG U . -11.74 12.32 -83.69
HO6 NAG U . -7.19 13.96 -80.92
C1 BMA U . -7.93 12.69 -83.63
C2 BMA U . -8.91 13.44 -84.60
C3 BMA U . -8.11 14.43 -85.44
C4 BMA U . -7.23 15.33 -84.56
C5 BMA U . -6.35 14.48 -83.63
C6 BMA U . -5.50 15.31 -82.70
O2 BMA U . -9.87 14.20 -83.89
O3 BMA U . -8.96 15.22 -86.26
O4 BMA U . -6.41 16.15 -85.37
O5 BMA U . -7.20 13.63 -82.84
O6 BMA U . -6.37 16.05 -81.86
H2 BMA U . -9.40 12.69 -85.25
H3 BMA U . -7.45 13.88 -86.12
H4 BMA U . -7.89 15.93 -83.92
H5 BMA U . -5.67 13.85 -84.25
H61 BMA U . -4.84 15.95 -83.29
H62 BMA U . -4.87 14.62 -82.12
HO2 BMA U . -10.72 14.03 -84.33
HO3 BMA U . -8.37 15.84 -86.72
HO4 BMA U . -6.13 16.87 -84.79
HO6 BMA U . -5.83 16.43 -81.14
C1 NAG V . 20.44 34.32 36.26
C2 NAG V . 19.04 34.64 36.80
C3 NAG V . 18.59 35.94 36.22
C4 NAG V . 19.64 37.02 36.12
C5 NAG V . 21.08 36.51 35.84
C6 NAG V . 22.12 37.56 36.07
C7 NAG V . 17.87 33.16 35.02
C8 NAG V . 16.82 32.08 34.67
N2 NAG V . 18.04 33.59 36.41
O3 NAG V . 17.52 36.45 37.07
O4 NAG V . 19.25 37.85 35.02
O5 NAG V . 21.43 35.36 36.68
O6 NAG V . 21.78 38.39 37.15
O7 NAG V . 18.52 33.63 34.14
H2 NAG V . 19.08 34.74 37.87
H3 NAG V . 18.20 35.76 35.22
H4 NAG V . 19.65 37.57 37.05
H5 NAG V . 21.11 36.21 34.80
H61 NAG V . 22.21 38.16 35.17
H62 NAG V . 23.06 37.07 36.27
H81 NAG V . 17.01 31.69 33.67
H82 NAG V . 15.83 32.53 34.69
H83 NAG V . 16.88 31.28 35.40
HN2 NAG V . 17.47 33.17 37.12
HO3 NAG V . 16.98 37.04 36.59
HO6 NAG V . 22.18 39.22 37.02
C1 NAG V . 19.72 39.19 35.22
C2 NAG V . 19.28 40.09 34.07
C3 NAG V . 19.78 41.48 34.25
C4 NAG V . 19.47 42.03 35.62
C5 NAG V . 19.89 41.04 36.73
C6 NAG V . 19.54 41.58 38.07
C7 NAG V . 19.06 39.60 31.55
C8 NAG V . 19.67 39.09 30.23
N2 NAG V . 19.85 39.58 32.78
O3 NAG V . 19.20 42.34 33.24
O4 NAG V . 20.06 43.32 35.85
O5 NAG V . 19.23 39.75 36.53
O6 NAG V . 20.07 40.73 39.05
O7 NAG V . 17.94 40.01 31.55
H2 NAG V . 18.20 40.11 34.01
H3 NAG V . 20.85 41.42 34.10
H4 NAG V . 18.38 42.14 35.68
H5 NAG V . 20.96 40.88 36.67
H61 NAG V . 18.46 41.63 38.18
H62 NAG V . 19.96 42.57 38.20
H81 NAG V . 18.94 39.17 29.44
H82 NAG V . 19.98 38.06 30.36
H83 NAG V . 20.54 39.69 30.00
HN2 NAG V . 20.79 39.24 32.75
HO3 NAG V . 19.52 43.22 33.36
HO6 NAG V . 20.02 39.83 38.76
C1 BMA V . 21.45 43.34 35.45
C2 BMA V . 21.93 44.81 35.32
C3 BMA V . 23.42 44.83 34.97
C4 BMA V . 24.25 43.88 35.87
C5 BMA V . 23.59 42.49 35.94
C6 BMA V . 24.29 41.54 36.89
O2 BMA V . 21.78 45.50 36.55
O3 BMA V . 23.95 46.15 35.03
O4 BMA V . 25.56 43.76 35.37
O5 BMA V . 22.27 42.66 36.40
O6 BMA V . 23.55 40.32 36.92
H2 BMA V . 21.35 45.30 34.52
H3 BMA V . 23.55 44.50 33.94
H4 BMA V . 24.25 44.30 36.90
H5 BMA V . 23.59 42.04 34.93
H61 BMA V . 24.35 42.01 37.88
H62 BMA V . 25.32 41.39 36.52
HO2 BMA V . 22.57 46.05 36.64
HO3 BMA V . 24.87 46.06 34.76
HO4 BMA V . 26.08 43.33 36.07
HO6 BMA V . 23.98 39.74 37.57
C1 NAG W . 31.05 26.02 56.94
C2 NAG W . 30.48 27.41 57.10
C3 NAG W . 31.18 28.38 56.21
C4 NAG W . 32.64 28.09 55.92
C5 NAG W . 33.26 26.75 56.41
C6 NAG W . 34.61 27.00 57.04
C7 NAG W . 28.23 28.62 56.86
C8 NAG W . 26.74 28.60 56.51
N2 NAG W . 29.02 27.39 56.76
O3 NAG W . 31.10 29.69 56.83
O4 NAG W . 32.75 28.14 54.49
O5 NAG W . 32.46 26.03 57.39
O6 NAG W . 35.47 25.95 56.72
O7 NAG W . 28.74 29.63 57.22
H2 NAG W . 30.61 27.73 58.13
H3 NAG W . 30.65 28.41 55.27
H4 NAG W . 33.21 28.92 56.33
H5 NAG W . 33.39 26.10 55.56
H61 NAG W . 34.50 27.07 58.11
H62 NAG W . 35.04 27.93 56.67
H81 NAG W . 26.37 29.61 56.42
H82 NAG W . 26.19 28.09 57.31
H83 NAG W . 26.59 28.07 55.58
HN2 NAG W . 28.59 26.55 56.46
HO3 NAG W . 30.36 30.15 56.48
HO6 NAG W . 36.35 26.26 56.67
C1 NAG W . 34.13 28.07 54.12
C2 NAG W . 34.24 27.90 52.61
C3 NAG W . 35.64 27.82 52.14
C4 NAG W . 36.52 28.91 52.71
C5 NAG W . 36.31 29.10 54.22
C6 NAG W . 37.10 30.28 54.69
C7 NAG W . 33.02 26.47 50.86
C8 NAG W . 32.27 25.18 50.47
N2 NAG W . 33.52 26.63 52.22
O3 NAG W . 35.61 27.90 50.69
O4 NAG W . 37.91 28.62 52.54
O5 NAG W . 34.90 29.28 54.56
O6 NAG W . 36.73 31.42 53.96
O7 NAG W . 33.17 27.33 50.06
H2 NAG W . 33.76 28.74 52.13
H3 NAG W . 36.06 26.86 52.43
H4 NAG W . 36.28 29.84 52.21
H5 NAG W . 36.68 28.21 54.72
H61 NAG W . 38.16 30.10 54.56
H62 NAG W . 36.90 30.45 55.75
H81 NAG W . 31.95 25.25 49.43
H82 NAG W . 31.42 25.05 51.11
H83 NAG W . 32.94 24.33 50.57
HN2 NAG W . 33.39 25.92 52.90
HO3 NAG W . 34.83 28.36 50.41
HO6 NAG W . 37.33 32.13 54.15
C1 BMA W . 38.22 28.13 51.21
C2 BMA W . 38.16 29.32 50.21
C3 BMA W . 38.63 28.85 48.83
C4 BMA W . 39.97 28.10 48.93
C5 BMA W . 39.85 26.96 49.94
C6 BMA W . 41.15 26.19 50.12
O2 BMA W . 39.04 30.35 50.62
O3 BMA W . 38.75 29.94 47.94
O4 BMA W . 40.30 27.57 47.65
O5 BMA W . 39.49 27.51 51.21
O6 BMA W . 40.96 25.22 51.14
H2 BMA W . 37.13 29.69 50.15
H3 BMA W . 37.88 28.17 48.40
H4 BMA W . 40.73 28.80 49.29
H5 BMA W . 39.07 26.25 49.62
H61 BMA W . 41.94 26.91 50.37
H62 BMA W . 41.39 25.73 49.15
HO2 BMA W . 39.21 30.88 49.82
HO3 BMA W . 39.02 29.55 47.09
HO4 BMA W . 41.25 27.37 47.70
HO6 BMA W . 40.51 25.66 51.89
C1 NAG X . 38.10 -14.18 -23.05
C2 NAG X . 38.66 -12.78 -23.28
C3 NAG X . 40.10 -12.85 -23.61
C4 NAG X . 40.62 -14.27 -23.67
C5 NAG X . 40.26 -15.10 -22.43
C6 NAG X . 41.18 -14.74 -21.29
C7 NAG X . 37.00 -11.02 -24.22
C8 NAG X . 36.73 -10.44 -22.82
N2 NAG X . 37.93 -12.14 -24.42
O3 NAG X . 40.86 -12.12 -22.60
O4 NAG X . 40.07 -14.90 -24.84
O5 NAG X . 38.87 -14.89 -21.98
O6 NAG X . 41.39 -15.89 -20.51
O7 NAG X . 36.44 -10.55 -25.16
H2 NAG X . 38.55 -12.20 -22.38
H3 NAG X . 40.26 -12.38 -24.58
H4 NAG X . 41.69 -14.23 -23.77
H5 NAG X . 40.39 -16.15 -22.67
H61 NAG X . 40.73 -13.97 -20.69
H62 NAG X . 42.13 -14.40 -21.68
H81 NAG X . 36.10 -9.57 -22.92
H82 NAG X . 37.67 -10.16 -22.36
H83 NAG X . 36.24 -11.18 -22.22
HN2 NAG X . 38.07 -12.49 -25.35
HO3 NAG X . 41.75 -12.04 -22.88
HO6 NAG X . 42.17 -15.78 -19.99
C1 NAG X . 41.13 -15.07 -25.80
C2 NAG X . 41.17 -16.50 -26.29
C3 NAG X . 42.41 -16.72 -27.09
C4 NAG X . 42.54 -15.74 -28.22
C5 NAG X . 42.18 -14.29 -27.86
C6 NAG X . 41.88 -13.52 -29.11
C7 NAG X . 39.90 -17.99 -24.60
C8 NAG X . 38.56 -17.64 -25.24
N2 NAG X . 41.16 -17.43 -25.12
O3 NAG X . 42.36 -18.06 -27.64
O4 NAG X . 43.93 -15.75 -28.60
O5 NAG X . 41.01 -14.16 -26.98
O6 NAG X . 41.08 -12.41 -28.80
O7 NAG X . 39.93 -18.72 -23.67
H2 NAG X . 40.31 -16.69 -26.92
H3 NAG X . 43.26 -16.63 -26.44
H4 NAG X . 41.92 -16.08 -29.04
H5 NAG X . 43.02 -13.83 -27.37
H61 NAG X . 41.35 -14.15 -29.82
H62 NAG X . 42.81 -13.17 -29.56
H81 NAG X . 37.76 -18.14 -24.71
H82 NAG X . 38.55 -17.97 -26.27
H83 NAG X . 38.39 -16.57 -25.21
HN2 NAG X . 42.02 -17.68 -24.67
HO3 NAG X . 43.16 -18.24 -28.10
HO6 NAG X . 40.42 -12.66 -28.18
C1 BMA X . 44.17 -15.92 -30.03
C2 BMA X . 44.46 -17.43 -30.27
C3 BMA X . 44.66 -17.67 -31.77
C4 BMA X . 43.50 -17.07 -32.58
C5 BMA X . 43.32 -15.59 -32.25
C6 BMA X . 42.14 -14.96 -32.97
O2 BMA X . 43.35 -18.22 -29.87
O3 BMA X . 44.80 -19.06 -32.07
O4 BMA X . 43.77 -17.21 -33.97
O5 BMA X . 43.07 -15.47 -30.84
O6 BMA X . 40.95 -15.47 -32.40
H2 BMA X . 45.36 -17.72 -29.72
H3 BMA X . 45.59 -17.19 -32.10
H4 BMA X . 42.58 -17.60 -32.31
H5 BMA X . 44.23 -15.04 -32.52
H61 BMA X . 42.22 -15.20 -34.04
H62 BMA X . 42.21 -13.87 -32.85
HO2 BMA X . 43.40 -19.04 -30.40
HO3 BMA X . 44.80 -19.12 -33.03
HO4 BMA X . 42.90 -17.28 -34.40
HO6 BMA X . 41.16 -15.85 -31.55
C1 NAG Y . 21.17 34.45 0.45
C2 NAG Y . 21.00 35.73 -0.35
C3 NAG Y . 21.26 36.87 0.55
C4 NAG Y . 20.18 36.91 1.59
C5 NAG Y . 20.06 35.57 2.35
C6 NAG Y . 18.78 35.55 3.13
C7 NAG Y . 21.50 35.31 -2.82
C8 NAG Y . 22.46 35.32 -4.01
N2 NAG Y . 21.95 35.75 -1.50
O3 NAG Y . 21.28 38.07 -0.28
O4 NAG Y . 20.43 37.91 2.58
O5 NAG Y . 20.08 34.38 1.48
O6 NAG Y . 17.73 36.05 2.34
O7 NAG Y . 20.38 34.95 -2.96
H2 NAG Y . 19.98 35.80 -0.72
H3 NAG Y . 22.22 36.75 1.02
H4 NAG Y . 19.24 37.12 1.09
H5 NAG Y . 20.89 35.49 3.04
H61 NAG Y . 18.89 36.16 4.01
H62 NAG Y . 18.56 34.53 3.42
H81 NAG Y . 21.96 34.94 -4.89
H82 NAG Y . 23.32 34.71 -3.79
H83 NAG Y . 22.79 36.34 -4.20
HN2 NAG Y . 22.88 36.07 -1.39
HO3 NAG Y . 22.15 38.42 -0.31
C1 NAG Y . 20.69 39.23 2.06
C2 NAG Y . 19.47 39.75 1.29
C3 NAG Y . 19.34 41.22 1.22
C4 NAG Y . 19.62 41.89 2.53
C5 NAG Y . 21.03 41.53 3.02
C6 NAG Y . 21.27 42.21 4.33
C7 NAG Y . 18.36 38.75 -0.81
C8 NAG Y . 18.46 38.26 -2.26
N2 NAG Y . 19.55 39.28 -0.12
O3 NAG Y . 17.99 41.55 0.81
O4 NAG Y . 19.53 43.31 2.37
O5 NAG Y . 21.18 40.09 3.20
O6 NAG Y . 20.31 41.78 5.25
O7 NAG Y . 17.32 38.69 -0.23
H2 NAG Y . 18.58 39.34 1.75
H3 NAG Y . 20.05 41.60 0.48
H4 NAG Y . 18.89 41.55 3.26
H5 NAG Y . 21.75 41.88 2.29
H61 NAG Y . 21.21 43.28 4.22
H62 NAG Y . 22.26 41.94 4.70
H81 NAG Y . 17.53 37.76 -2.52
H82 NAG Y . 19.29 37.58 -2.36
H83 NAG Y . 18.60 39.11 -2.91
HN2 NAG Y . 20.41 39.32 -0.62
HO3 NAG Y . 17.94 42.47 0.59
HO4 NAG Y . 19.25 43.69 3.18
HO6 NAG Y . 20.33 42.33 6.01
C1 FUC Y . 16.83 34.99 2.00
C2 FUC Y . 15.43 35.57 2.15
C3 FUC Y . 15.21 36.71 1.16
C4 FUC Y . 15.48 36.23 -0.27
C5 FUC Y . 16.86 35.55 -0.37
C6 FUC Y . 17.08 34.85 -1.70
O2 FUC Y . 15.16 35.98 3.47
O3 FUC Y . 13.86 37.16 1.21
O4 FUC Y . 14.47 35.32 -0.68
O5 FUC Y . 17.04 34.54 0.66
H2 FUC Y . 14.72 34.79 1.91
H3 FUC Y . 15.91 37.53 1.41
H4 FUC Y . 15.51 37.11 -0.94
H5 FUC Y . 17.62 36.32 -0.22
H61 FUC Y . 18.14 34.89 -1.98
H62 FUC Y . 16.49 35.33 -2.47
H63 FUC Y . 16.78 33.80 -1.64
HO2 FUC Y . 16.02 36.13 3.89
HO3 FUC Y . 13.32 36.40 0.94
HO4 FUC Y . 14.69 34.49 -0.26
C1 NAG Z . 2.04 26.27 -55.53
C2 NAG Z . 1.15 25.76 -56.66
C3 NAG Z . 1.91 24.78 -57.46
C4 NAG Z . 3.13 25.40 -58.08
C5 NAG Z . 4.00 26.16 -57.04
C6 NAG Z . 4.94 27.10 -57.74
C7 NAG Z . -1.37 25.86 -56.24
C8 NAG Z . -2.64 25.22 -55.67
N2 NAG Z . -0.09 25.15 -56.10
O3 NAG Z . 1.05 24.28 -58.52
O4 NAG Z . 3.81 24.34 -58.79
O5 NAG Z . 3.21 27.00 -56.13
O6 NAG Z . 5.15 26.67 -59.06
O7 NAG Z . -1.44 26.89 -56.81
H2 NAG Z . 0.88 26.60 -57.30
H3 NAG Z . 2.21 23.97 -56.82
H4 NAG Z . 2.78 26.13 -58.81
H5 NAG Z . 4.56 25.48 -56.42
H61 NAG Z . 5.89 27.10 -57.22
H62 NAG Z . 4.53 28.09 -57.75
H81 NAG Z . -3.44 25.94 -55.66
H82 NAG Z . -2.45 24.88 -54.65
H83 NAG Z . -2.91 24.37 -56.28
HN2 NAG Z . -0.05 24.28 -55.62
HO3 NAG Z . 1.55 24.24 -59.32
HO6 NAG Z . 5.33 27.42 -59.61
C1 NAG Z . 5.07 23.96 -58.21
C2 NAG Z . 5.05 22.48 -57.84
C3 NAG Z . 6.38 21.93 -57.45
C4 NAG Z . 7.45 22.31 -58.42
C5 NAG Z . 7.48 23.83 -58.63
C6 NAG Z . 8.54 24.25 -59.60
C7 NAG Z . 4.29 22.97 -55.40
C8 NAG Z . 3.27 22.77 -54.28
N2 NAG Z . 4.08 22.31 -56.70
O3 NAG Z . 6.30 20.48 -57.41
O4 NAG Z . 8.70 21.85 -57.90
O5 NAG Z . 6.19 24.31 -59.14
O6 NAG Z . 8.25 23.72 -60.86
O7 NAG Z . 5.25 23.64 -55.22
H2 NAG Z . 4.69 21.92 -58.69
H3 NAG Z . 6.66 22.30 -56.48
H4 NAG Z . 7.26 21.83 -59.37
H5 NAG Z . 7.68 24.30 -57.67
H61 NAG Z . 9.51 23.89 -59.26
H62 NAG Z . 8.56 25.32 -59.65
H81 NAG Z . 3.53 23.41 -53.44
H82 NAG Z . 3.27 21.74 -53.95
H83 NAG Z . 2.28 23.04 -54.63
HN2 NAG Z . 3.25 21.76 -56.84
HO3 NAG Z . 7.08 20.13 -57.02
HO6 NAG Z . 9.02 23.76 -61.40
C1 BMA Z . 9.19 20.77 -58.72
C2 BMA Z . 10.25 21.37 -59.65
C3 BMA Z . 11.08 20.31 -60.38
C4 BMA Z . 11.49 19.17 -59.44
C5 BMA Z . 10.27 18.65 -58.68
C6 BMA Z . 10.62 17.52 -57.72
O2 BMA Z . 11.17 22.15 -58.90
O3 BMA Z . 12.24 20.88 -60.99
O4 BMA Z . 12.06 18.12 -60.20
O5 BMA Z . 9.73 19.73 -57.92
O6 BMA Z . 11.70 17.95 -56.90
H2 BMA Z . 9.73 21.99 -60.39
H3 BMA Z . 10.48 19.87 -61.20
H4 BMA Z . 12.21 19.57 -58.72
H5 BMA Z . 9.52 18.27 -59.39
H61 BMA Z . 10.88 16.62 -58.31
H62 BMA Z . 9.73 17.29 -57.13
HO2 BMA Z . 10.82 22.16 -57.99
HO4 BMA Z . 12.27 18.50 -61.07
HO6 BMA Z . 12.08 17.16 -56.47
C1 MAN Z . 11.85 21.85 -61.99
C2 MAN Z . 13.02 21.98 -63.01
C3 MAN Z . 14.20 22.72 -62.38
C4 MAN Z . 13.76 24.03 -61.74
C5 MAN Z . 12.67 23.74 -60.72
C6 MAN Z . 12.13 25.00 -60.04
O2 MAN Z . 12.63 22.75 -64.14
O3 MAN Z . 15.24 22.96 -63.34
O4 MAN Z . 14.86 24.67 -61.10
O5 MAN Z . 11.57 23.11 -61.38
O6 MAN Z . 13.21 25.90 -59.85
H2 MAN Z . 13.33 20.96 -63.30
H3 MAN Z . 14.64 22.09 -61.60
H4 MAN Z . 13.33 24.68 -62.53
H5 MAN Z . 13.08 23.08 -59.94
H61 MAN Z . 11.67 24.70 -59.08
H62 MAN Z . 11.35 25.42 -60.68
HO2 MAN Z . 13.29 23.45 -64.29
HO3 MAN Z . 15.48 23.89 -63.22
HO4 MAN Z . 14.55 25.57 -60.91
HO6 MAN Z . 12.87 26.66 -59.35
C1 NAG AA . 6.88 2.10 -55.57
C2 NAG AA . 7.14 1.96 -57.06
C3 NAG AA . 8.05 0.83 -57.34
C4 NAG AA . 9.35 1.05 -56.63
C5 NAG AA . 9.14 1.16 -55.11
C6 NAG AA . 10.44 1.48 -54.45
C7 NAG AA . 5.07 2.87 -58.26
C8 NAG AA . 3.74 2.64 -58.99
N2 NAG AA . 5.84 1.73 -57.76
O3 NAG AA . 8.26 0.72 -58.76
O4 NAG AA . 10.20 -0.04 -56.97
O5 NAG AA . 8.16 2.22 -54.78
O6 NAG AA . 10.99 2.63 -55.04
O7 NAG AA . 5.49 3.97 -58.11
H2 NAG AA . 7.59 2.87 -57.44
H3 NAG AA . 7.59 -0.08 -56.96
H4 NAG AA . 9.76 2.00 -56.95
H5 NAG AA . 8.77 0.21 -54.74
H61 NAG AA . 11.12 0.65 -54.58
H62 NAG AA . 10.28 1.66 -53.40
H81 NAG AA . 3.34 3.59 -59.31
H82 NAG AA . 3.03 2.17 -58.30
H83 NAG AA . 3.89 2.00 -59.84
HN2 NAG AA . 5.49 0.79 -57.89
HO3 NAG AA . 7.82 -0.06 -59.08
HO6 NAG AA . 11.93 2.52 -55.12
C1 NAG AA . 11.40 0.36 -57.67
C2 NAG AA . 11.10 1.15 -58.96
C3 NAG AA . 12.36 1.48 -59.66
C4 NAG AA . 13.18 2.34 -58.74
C5 NAG AA . 13.53 1.58 -57.45
C6 NAG AA . 14.31 2.48 -56.53
C7 NAG AA . 10.36 -0.93 -60.40
C8 NAG AA . 11.63 -1.76 -60.14
N2 NAG AA . 10.13 0.41 -59.85
O3 NAG AA . 12.08 2.19 -60.90
O4 NAG AA . 14.37 2.90 -59.34
O5 NAG AA . 12.30 1.15 -56.76
O6 NAG AA . 13.87 2.28 -55.22
O7 NAG AA . 9.51 -1.40 -61.09
H2 NAG AA . 10.65 2.09 -58.71
H3 NAG AA . 12.89 0.56 -59.87
H4 NAG AA . 12.55 3.18 -58.46
H5 NAG AA . 14.13 0.72 -57.69
H61 NAG AA . 14.15 3.51 -56.81
H62 NAG AA . 15.37 2.24 -56.60
H81 NAG AA . 11.44 -2.78 -60.44
H82 NAG AA . 11.88 -1.74 -59.09
H83 NAG AA . 12.44 -1.36 -60.73
HN2 NAG AA . 9.28 0.86 -60.08
HO3 NAG AA . 12.31 3.09 -60.80
HO6 NAG AA . 13.72 1.36 -55.07
C1 BMA AA . 15.19 2.02 -60.15
C2 BMA AA . 16.65 2.45 -59.91
C3 BMA AA . 17.52 1.22 -59.83
C4 BMA AA . 17.19 0.24 -60.96
C5 BMA AA . 15.70 -0.19 -60.86
C6 BMA AA . 15.51 -1.65 -60.47
O2 BMA AA . 16.76 3.13 -58.66
O3 BMA AA . 17.36 0.56 -58.57
O4 BMA AA . 17.42 0.87 -62.22
O5 BMA AA . 15.07 0.64 -59.87
O6 BMA AA . 14.50 -1.69 -59.46
H2 BMA AA . 16.97 3.11 -60.74
H3 BMA AA . 18.58 1.50 -59.90
H4 BMA AA . 17.82 -0.64 -60.85
H5 BMA AA . 15.22 -0.03 -61.84
H61 BMA AA . 16.47 -2.06 -60.14
H62 BMA AA . 15.20 -2.20 -61.38
HO2 BMA AA . 15.88 3.46 -58.45
HO4 BMA AA . 17.30 0.17 -62.87
C1 MAN AA . 18.63 0.36 -57.93
C2 MAN AA . 18.95 -1.15 -58.05
C3 MAN AA . 20.05 -1.61 -57.08
C4 MAN AA . 19.90 -0.99 -55.67
C5 MAN AA . 19.67 0.52 -55.74
C6 MAN AA . 20.88 1.31 -56.25
O2 MAN AA . 19.46 -1.47 -59.36
O3 MAN AA . 21.36 -1.35 -57.60
O4 MAN AA . 18.82 -1.61 -55.00
O5 MAN AA . 18.56 0.81 -56.60
O6 MAN AA . 20.56 2.69 -56.20
H2 MAN AA . 18.04 -1.71 -57.85
H3 MAN AA . 19.99 -2.69 -56.97
H4 MAN AA . 20.85 -1.17 -55.12
H5 MAN AA . 19.45 0.88 -54.73
H61 MAN AA . 21.12 0.98 -57.28
H62 MAN AA . 21.73 1.06 -55.61
HO2 MAN AA . 20.37 -1.76 -59.27
HO3 MAN AA . 21.96 -1.92 -57.09
HO4 MAN AA . 18.09 -0.97 -55.05
HO6 MAN AA . 19.61 2.77 -56.40
C1 MAN AA . 14.70 -2.71 -58.45
C2 MAN AA . 13.98 -2.20 -57.19
C3 MAN AA . 15.02 -1.75 -56.18
C4 MAN AA . 15.85 -2.96 -55.74
C5 MAN AA . 16.42 -3.68 -56.97
C6 MAN AA . 15.94 -5.11 -57.10
O2 MAN AA . 13.22 -3.23 -56.56
O3 MAN AA . 14.41 -1.12 -55.05
O4 MAN AA . 16.92 -2.51 -54.92
O5 MAN AA . 16.08 -2.97 -58.20
O6 MAN AA . 16.42 -5.85 -55.98
H2 MAN AA . 13.35 -1.36 -57.46
H3 MAN AA . 15.68 -1.01 -56.64
H4 MAN AA . 15.19 -3.65 -55.20
H5 MAN AA . 17.52 -3.71 -56.88
H61 MAN AA . 16.33 -5.53 -58.05
H62 MAN AA . 14.85 -5.11 -57.15
HO2 MAN AA . 12.64 -2.82 -55.90
HO3 MAN AA . 15.10 -1.12 -54.36
HO4 MAN AA . 17.42 -3.32 -54.71
HO6 MAN AA . 16.69 -6.72 -56.30
C1 NAG BA . -3.46 43.18 -46.26
C2 NAG BA . -2.11 42.55 -46.00
C3 NAG BA . -1.57 43.12 -44.76
C4 NAG BA . -1.31 44.59 -44.91
C5 NAG BA . -2.52 45.36 -45.49
C6 NAG BA . -2.00 46.62 -46.12
C7 NAG BA . -1.40 40.16 -46.65
C8 NAG BA . -1.51 38.65 -46.49
N2 NAG BA . -2.23 41.06 -45.84
O3 NAG BA . -0.34 42.42 -44.41
O4 NAG BA . -1.02 45.06 -43.59
O5 NAG BA . -3.28 44.64 -46.53
O6 NAG BA . -1.42 47.45 -45.15
O7 NAG BA . -0.63 40.61 -47.44
H2 NAG BA . -1.44 42.77 -46.82
H3 NAG BA . -2.29 42.98 -43.97
H4 NAG BA . -0.48 44.74 -45.58
H5 NAG BA . -3.18 45.62 -44.68
H61 NAG BA . -2.82 47.15 -46.58
H62 NAG BA . -1.26 46.38 -46.88
H81 NAG BA . -0.90 38.16 -47.22
H82 NAG BA . -2.54 38.34 -46.62
H83 NAG BA . -1.18 38.36 -45.49
HN2 NAG BA . -2.87 40.68 -45.17
HO3 NAG BA . -0.43 42.04 -43.55
HO6 NAG BA . -0.61 47.81 -45.48
C1 NAG BA . 0.24 45.76 -43.42
C2 NAG BA . 1.45 44.94 -43.93
C3 NAG BA . 2.29 45.78 -44.80
C4 NAG BA . 2.68 47.05 -44.12
C5 NAG BA . 1.43 47.88 -43.80
C6 NAG BA . 1.43 49.13 -44.62
C7 NAG BA . 3.00 43.21 -42.90
C8 NAG BA . 3.82 42.67 -41.72
N2 NAG BA . 2.25 44.46 -42.76
O3 NAG BA . 1.54 46.10 -46.01
O4 NAG BA . 3.37 46.74 -42.90
O5 NAG BA . 0.21 47.11 -44.09
O6 NAG BA . 1.13 48.82 -45.95
O7 NAG BA . 2.95 42.60 -43.91
H2 NAG BA . 1.13 44.08 -44.49
H3 NAG BA . 3.17 45.22 -45.08
H4 NAG BA . 3.34 47.61 -44.77
H5 NAG BA . 1.45 48.13 -42.75
H61 NAG BA . 2.41 49.61 -44.57
H62 NAG BA . 0.69 49.82 -44.24
H81 NAG BA . 4.46 41.86 -42.07
H82 NAG BA . 3.17 42.30 -40.95
H83 NAG BA . 4.45 43.45 -41.32
HN2 NAG BA . 2.27 44.97 -41.91
HO3 NAG BA . 1.70 47.00 -46.25
HO6 NAG BA . 1.11 49.62 -46.46
C1 BMA BA . 4.78 46.67 -43.19
C2 BMA BA . 5.55 46.75 -41.86
C3 BMA BA . 7.05 46.54 -42.11
C4 BMA BA . 7.32 45.33 -43.02
C5 BMA BA . 6.46 45.39 -44.28
C6 BMA BA . 6.60 44.17 -45.18
O2 BMA BA . 5.15 45.72 -40.97
O3 BMA BA . 7.77 46.41 -40.89
O4 BMA BA . 8.69 45.29 -43.38
O5 BMA BA . 5.09 45.47 -43.87
O6 BMA BA . 5.85 43.11 -44.60
H2 BMA BA . 5.38 47.74 -41.40
H3 BMA BA . 7.46 47.43 -42.61
H4 BMA BA . 7.03 44.41 -42.45
H5 BMA BA . 6.73 46.29 -44.86
H61 BMA BA . 7.67 43.93 -45.25
H62 BMA BA . 6.24 44.45 -46.17
HO2 BMA BA . 5.95 45.24 -40.73
HO3 BMA BA . 8.70 46.37 -41.15
HO4 BMA BA . 8.89 44.35 -43.55
HO6 BMA BA . 4.94 43.20 -44.90
C1 NAG CA . -7.90 41.31 -59.04
C2 NAG CA . -9.11 42.06 -59.52
C3 NAG CA . -9.63 41.54 -60.81
C4 NAG CA . -8.93 40.34 -61.37
C5 NAG CA . -7.40 40.24 -61.12
C6 NAG CA . -6.62 40.42 -62.39
C7 NAG CA . -10.56 43.22 -57.83
C8 NAG CA . -11.68 43.29 -56.77
N2 NAG CA . -10.22 41.99 -58.52
O3 NAG CA . -9.55 42.66 -61.74
O4 NAG CA . -9.52 39.18 -60.77
O5 NAG CA . -6.90 41.21 -60.14
O6 NAG CA . -6.50 41.79 -62.66
O7 NAG CA . -9.96 44.18 -58.13
H2 NAG CA . -8.83 43.09 -59.69
H3 NAG CA . -10.68 41.30 -60.68
H4 NAG CA . -9.11 40.31 -62.44
H5 NAG CA . -7.18 39.24 -60.74
H61 NAG CA . -7.13 39.92 -63.20
H62 NAG CA . -5.63 39.98 -62.28
H81 NAG CA . -11.32 43.77 -55.88
H82 NAG CA . -11.99 42.28 -56.53
H83 NAG CA . -12.50 43.86 -57.17
HN2 NAG CA . -10.69 41.12 -58.31
HO3 NAG CA . -10.28 43.24 -61.59
HO4 NAG CA . -10.26 38.93 -61.28
C1 NAG CA . -7.58 42.10 -63.56
C2 NAG CA . -7.79 43.60 -63.74
C3 NAG CA . -9.06 43.83 -64.49
C4 NAG CA . -9.41 42.83 -65.57
C5 NAG CA . -8.58 41.54 -65.68
C6 NAG CA . -8.18 41.34 -67.12
C7 NAG CA . -6.94 44.19 -61.37
C8 NAG CA . -7.11 45.00 -60.06
N2 NAG CA . -7.91 44.35 -62.44
O3 NAG CA . -8.95 45.13 -65.13
O4 NAG CA . -10.78 42.45 -65.34
O5 NAG CA . -7.35 41.51 -64.90
O6 NAG CA . -7.30 40.26 -67.20
O7 NAG CA . -6.01 43.45 -61.48
H2 NAG CA . -6.97 44.00 -64.31
H3 NAG CA . -9.86 43.86 -63.78
H4 NAG CA . -9.33 43.36 -66.51
H5 NAG CA . -9.19 40.70 -65.37
H61 NAG CA . -7.69 42.24 -67.47
H62 NAG CA . -9.06 41.14 -67.72
H81 NAG CA . -6.67 44.45 -59.23
H82 NAG CA . -8.16 45.17 -59.88
H83 NAG CA . -6.60 45.95 -60.17
HN2 NAG CA . -8.67 44.99 -62.32
HO3 NAG CA . -9.78 45.36 -65.53
HO6 NAG CA . -7.41 39.83 -68.04
C1 BMA CA . -11.28 41.79 -66.52
C2 BMA CA . -12.79 41.46 -66.29
C3 BMA CA . -13.45 41.02 -67.61
C4 BMA CA . -13.04 41.91 -68.81
C5 BMA CA . -11.51 41.99 -68.85
C6 BMA CA . -10.99 42.81 -70.02
O2 BMA CA . -13.49 42.60 -65.83
O3 BMA CA . -14.87 41.01 -67.50
O4 BMA CA . -13.53 41.35 -70.02
O5 BMA CA . -11.10 42.61 -67.66
O6 BMA CA . -10.37 41.90 -70.94
H2 BMA CA . -12.86 40.64 -65.56
H3 BMA CA . -13.17 39.98 -67.84
H4 BMA CA . -13.43 42.92 -68.63
H5 BMA CA . -11.09 40.97 -68.92
H61 BMA CA . -10.29 43.56 -69.63
H62 BMA CA . -11.84 43.33 -70.47
HO2 BMA CA . -12.94 43.36 -66.05
HO3 BMA CA . -15.21 41.03 -68.40
HO4 BMA CA . -13.57 42.09 -70.64
C1 MAN CA . -8.97 42.22 -71.15
C2 MAN CA . -8.38 41.02 -71.93
C3 MAN CA . -6.85 41.10 -72.03
C4 MAN CA . -6.19 41.47 -70.68
C5 MAN CA . -6.87 42.69 -70.04
C6 MAN CA . -6.63 44.00 -70.80
O2 MAN CA . -8.84 40.99 -73.27
O3 MAN CA . -6.43 42.00 -73.05
O4 MAN CA . -6.28 40.37 -69.79
O5 MAN CA . -8.29 42.46 -69.93
O6 MAN CA . -7.25 45.04 -70.05
H2 MAN CA . -8.66 40.09 -71.40
H3 MAN CA . -6.47 40.12 -72.32
H4 MAN CA . -5.14 41.72 -70.87
H5 MAN CA . -6.44 42.83 -69.04
H61 MAN CA . -7.07 43.91 -71.80
H62 MAN CA . -5.55 44.14 -70.90
HO2 MAN CA . -8.25 41.52 -73.83
HO3 MAN CA . -5.48 42.10 -72.94
HO4 MAN CA . -5.51 40.45 -69.21
HO6 MAN CA . -7.67 44.65 -69.29
C1 NAG DA . -22.44 53.43 -52.38
C2 NAG DA . -23.35 52.94 -51.24
C3 NAG DA . -24.70 53.54 -51.32
C4 NAG DA . -24.65 54.80 -52.09
C5 NAG DA . -24.39 54.42 -53.56
C6 NAG DA . -24.20 55.63 -54.42
C7 NAG DA . -22.67 50.54 -50.54
C8 NAG DA . -21.50 51.06 -49.68
N2 NAG DA . -23.53 51.46 -51.28
O3 NAG DA . -25.24 53.81 -50.00
O4 NAG DA . -25.88 55.50 -51.83
O5 NAG DA . -23.16 53.62 -53.69
O6 NAG DA . -25.25 55.72 -55.35
O7 NAG DA . -22.89 49.38 -50.62
H2 NAG DA . -22.89 53.25 -50.32
H3 NAG DA . -25.35 52.85 -51.83
H4 NAG DA . -23.84 55.41 -51.74
H5 NAG DA . -25.20 53.80 -53.95
H61 NAG DA . -23.26 55.51 -54.95
H62 NAG DA . -24.17 56.51 -53.81
H81 NAG DA . -21.09 50.25 -49.10
H82 NAG DA . -21.86 51.82 -49.01
H83 NAG DA . -20.73 51.47 -50.34
HN2 NAG DA . -24.28 51.09 -51.83
HO3 NAG DA . -25.76 54.61 -50.04
HO6 NAG DA . -25.08 55.12 -56.06
C1 NAG DA . -26.80 55.41 -52.93
C2 NAG DA . -28.16 54.99 -52.38
C3 NAG DA . -29.31 55.33 -53.25
C4 NAG DA . -29.21 56.72 -53.80
C5 NAG DA . -27.90 56.89 -54.56
C6 NAG DA . -27.77 58.26 -55.16
C7 NAG DA . -27.77 52.60 -53.27
C8 NAG DA . -27.75 51.08 -53.03
N2 NAG DA . -28.13 53.50 -52.17
O3 NAG DA . -30.52 55.22 -52.45
O4 NAG DA . -30.32 56.98 -54.67
O5 NAG DA . -26.77 56.72 -53.66
O6 NAG DA . -26.58 58.31 -55.92
O7 NAG DA . -27.50 53.04 -54.34
H2 NAG DA . -28.30 55.47 -51.41
H3 NAG DA . -29.36 54.63 -54.07
H4 NAG DA . -29.23 57.40 -52.97
H5 NAG DA . -27.84 56.14 -55.35
H61 NAG DA . -27.72 58.99 -54.38
H62 NAG DA . -28.61 58.46 -55.81
H81 NAG DA . -27.52 50.58 -53.97
H82 NAG DA . -28.73 50.76 -52.68
H83 NAG DA . -27.00 50.84 -52.30
HN2 NAG DA . -28.36 53.13 -51.26
HO3 NAG DA . -31.22 55.69 -52.87
HO6 NAG DA . -25.90 57.84 -55.46
C1 BMA DA . -30.95 58.26 -54.41
C2 BMA DA . -32.04 58.07 -53.32
C3 BMA DA . -32.39 59.46 -52.74
C4 BMA DA . -32.01 60.62 -53.71
C5 BMA DA . -30.51 60.57 -54.12
C6 BMA DA . -29.61 61.52 -53.31
O2 BMA DA . -31.57 57.29 -52.24
O3 BMA DA . -31.80 59.67 -51.46
O4 BMA DA . -32.82 60.53 -54.87
O5 BMA DA . -30.02 59.24 -53.95
O6 BMA DA . -28.64 60.75 -52.62
H2 BMA DA . -32.93 57.62 -53.78
H3 BMA DA . -33.48 59.51 -52.58
H4 BMA DA . -32.20 61.56 -53.19
H5 BMA DA . -30.43 60.86 -55.17
H61 BMA DA . -30.23 62.10 -52.63
H62 BMA DA . -29.15 62.21 -54.02
HO2 BMA DA . -32.36 57.04 -51.73
HO4 BMA DA . -32.81 61.42 -55.26
C1 MAN DA . -32.77 60.32 -50.62
C2 MAN DA . -32.13 61.63 -50.06
C3 MAN DA . -33.06 62.28 -49.03
C4 MAN DA . -33.52 61.27 -47.96
C5 MAN DA . -34.11 59.99 -48.59
C6 MAN DA . -35.46 60.19 -49.27
O2 MAN DA . -31.95 62.61 -51.07
O3 MAN DA . -34.17 62.90 -49.65
O4 MAN DA . -32.43 60.93 -47.11
O5 MAN DA . -33.18 59.45 -49.58
O6 MAN DA . -36.34 60.79 -48.34
H2 MAN DA . -31.17 61.38 -49.58
H3 MAN DA . -32.50 63.07 -48.52
H4 MAN DA . -34.33 61.75 -47.37
H5 MAN DA . -34.25 59.24 -47.80
H61 MAN DA . -35.84 59.21 -49.60
H62 MAN DA . -35.31 60.82 -50.16
HO2 MAN DA . -32.82 62.97 -51.31
HO3 MAN DA . -34.59 63.44 -48.96
HO4 MAN DA . -32.83 60.46 -46.37
HO6 MAN DA . -37.11 61.11 -48.81
C1 MAN DA . -28.57 61.20 -51.25
C2 MAN DA . -27.07 61.37 -50.88
C3 MAN DA . -26.39 60.01 -50.81
C4 MAN DA . -27.18 59.02 -49.93
C5 MAN DA . -28.62 58.95 -50.44
C6 MAN DA . -29.51 58.03 -49.62
O2 MAN DA . -26.93 61.95 -49.58
O3 MAN DA . -25.06 60.12 -50.33
O4 MAN DA . -26.60 57.74 -49.99
O5 MAN DA . -29.20 60.27 -50.40
O6 MAN DA . -29.82 58.69 -48.39
H2 MAN DA . -26.60 61.99 -51.65
H3 MAN DA . -26.32 59.59 -51.82
H4 MAN DA . -27.20 59.42 -48.90
H5 MAN DA . -28.60 58.59 -51.46
H61 MAN DA . -28.97 57.08 -49.45
H62 MAN DA . -30.40 57.82 -50.20
HO2 MAN DA . -26.36 61.38 -49.04
HO3 MAN DA . -24.76 59.20 -50.17
HO4 MAN DA . -26.88 57.29 -49.17
HO6 MAN DA . -30.19 59.56 -48.62
C1 NAG EA . -13.72 49.20 -39.61
C2 NAG EA . -14.93 49.90 -39.03
C3 NAG EA . -14.60 51.11 -38.23
C4 NAG EA . -13.34 51.82 -38.62
C5 NAG EA . -12.12 50.89 -38.77
C6 NAG EA . -11.19 51.10 -37.61
C7 NAG EA . -15.38 50.96 -41.35
C8 NAG EA . -16.36 51.32 -42.47
N2 NAG EA . -15.87 50.27 -40.15
O3 NAG EA . -14.45 50.68 -36.84
O4 NAG EA . -13.51 52.49 -39.88
O5 NAG EA . -12.49 49.46 -38.80
O6 NAG EA . -11.80 50.62 -36.45
O7 NAG EA . -14.22 51.24 -41.45
H2 NAG EA . -15.45 49.19 -38.38
H3 NAG EA . -15.44 51.80 -38.28
H4 NAG EA . -13.12 52.54 -37.86
H5 NAG EA . -11.61 51.13 -39.69
H61 NAG EA . -10.98 52.15 -37.50
H62 NAG EA . -10.27 50.56 -37.79
H81 NAG EA . -15.87 51.97 -43.19
H82 NAG EA . -17.22 51.84 -42.05
H83 NAG EA . -16.68 50.41 -42.97
HN2 NAG EA . -16.84 50.04 -40.08
HO3 NAG EA . -13.58 50.90 -36.54
HO6 NAG EA . -11.97 49.70 -36.54
C1 NAG EA . -14.31 53.68 -39.71
C2 NAG EA . -13.41 54.91 -39.62
C3 NAG EA . -14.17 56.19 -39.67
C4 NAG EA . -15.13 56.26 -40.81
C5 NAG EA . -16.07 55.05 -40.82
C6 NAG EA . -16.92 55.11 -42.06
C7 NAG EA . -11.22 54.88 -38.28
C8 NAG EA . -10.49 54.86 -36.93
N2 NAG EA . -12.68 54.89 -38.32
O3 NAG EA . -13.20 57.28 -39.83
O4 NAG EA . -15.92 57.44 -40.67
O5 NAG EA . -15.33 53.78 -40.82
O6 NAG EA . -17.94 54.16 -41.98
O7 NAG EA . -10.59 54.88 -39.28
H2 NAG EA . -12.70 54.88 -40.44
H3 NAG EA . -14.70 56.32 -38.74
H4 NAG EA . -14.59 56.29 -41.74
H5 NAG EA . -16.71 55.08 -39.96
H61 NAG EA . -16.29 54.88 -42.93
H62 NAG EA . -17.34 56.10 -42.17
H81 NAG EA . -9.43 54.70 -37.08
H82 NAG EA . -10.90 54.07 -36.31
H83 NAG EA . -10.64 55.81 -36.42
HN2 NAG EA . -13.19 54.89 -37.46
HO3 NAG EA . -13.65 58.11 -39.71
HO4 NAG EA . -16.12 57.79 -41.52
HO6 NAG EA . -18.20 53.88 -42.85
C1 NAG FA . 59.55 -12.85 23.78
C2 NAG FA . 61.01 -12.46 24.11
C3 NAG FA . 61.10 -11.21 24.88
C4 NAG FA . 60.48 -10.11 24.10
C5 NAG FA . 58.99 -10.42 23.89
C6 NAG FA . 58.34 -9.34 23.07
C7 NAG FA . 60.97 -14.16 26.04
C8 NAG FA . 61.62 -15.31 26.80
N2 NAG FA . 61.63 -13.59 24.86
O3 NAG FA . 62.50 -10.90 25.14
O4 NAG FA . 60.78 -8.86 24.76
O5 NAG FA . 58.79 -11.70 23.19
O6 NAG FA . 56.96 -9.34 23.29
O7 NAG FA . 59.93 -13.72 26.42
H2 NAG FA . 61.54 -12.33 23.18
H3 NAG FA . 60.57 -11.35 25.80
H4 NAG FA . 60.95 -10.06 23.13
H5 NAG FA . 58.50 -10.46 24.85
H61 NAG FA . 58.52 -9.52 22.01
H62 NAG FA . 58.74 -8.37 23.35
H81 NAG FA . 61.11 -15.48 27.72
H82 NAG FA . 62.66 -15.08 26.99
H83 NAG FA . 61.56 -16.20 26.17
HN2 NAG FA . 62.51 -13.99 24.56
HO3 NAG FA . 62.65 -9.97 25.08
HO6 NAG FA . 56.61 -10.21 23.16
C1 NAG FA . 59.83 -8.44 25.76
C2 NAG FA . 60.52 -8.41 27.12
C3 NAG FA . 59.72 -7.71 28.16
C4 NAG FA . 59.36 -6.32 27.72
C5 NAG FA . 58.55 -6.35 26.41
C6 NAG FA . 58.38 -4.94 25.92
C7 NAG FA . 62.07 -10.22 28.07
C8 NAG FA . 62.30 -11.65 28.56
N2 NAG FA . 60.75 -9.80 27.61
O3 NAG FA . 60.48 -7.64 29.39
O4 NAG FA . 58.58 -5.70 28.74
O5 NAG FA . 59.20 -7.13 25.34
O6 NAG FA . 58.55 -4.90 24.53
O7 NAG FA . 62.98 -9.45 28.06
H2 NAG FA . 61.47 -7.89 27.02
H3 NAG FA . 58.81 -8.27 28.33
H4 NAG FA . 60.27 -5.77 27.56
H5 NAG FA . 57.58 -6.77 26.61
H61 NAG FA . 59.11 -4.29 26.39
H62 NAG FA . 57.38 -4.58 26.18
H81 NAG FA . 63.34 -11.80 28.78
H82 NAG FA . 61.99 -12.35 27.80
H83 NAG FA . 61.71 -11.83 29.46
HN2 NAG FA . 59.99 -10.46 27.62
HO3 NAG FA . 60.02 -7.12 30.03
HO4 NAG FA . 58.43 -4.80 28.52
HO6 NAG FA . 58.87 -5.74 24.24
C1 NAG GA . 1.30 34.35 58.23
C2 NAG GA . 1.86 34.84 59.56
C3 NAG GA . 3.34 34.93 59.54
C4 NAG GA . 3.95 33.61 59.17
C5 NAG GA . 3.38 33.05 57.86
C6 NAG GA . 3.91 31.66 57.66
C7 NAG GA . 0.24 36.36 60.86
C8 NAG GA . -0.35 37.74 61.14
N2 NAG GA . 1.28 36.20 59.84
O3 NAG GA . 3.81 35.32 60.86
O4 NAG GA . 5.36 33.78 59.03
O5 NAG GA . 1.90 33.01 57.86
O6 NAG GA . 3.42 30.82 58.68
O7 NAG GA . -0.15 35.42 61.47
H2 NAG GA . 1.56 34.16 60.34
H3 NAG GA . 3.64 35.68 58.81
H4 NAG GA . 3.76 32.91 59.97
H5 NAG GA . 3.72 33.69 57.05
H61 NAG GA . 4.99 31.68 57.70
H62 NAG GA . 3.58 31.29 56.69
H81 NAG GA . -1.02 37.69 61.99
H82 NAG GA . -0.90 38.08 60.27
H83 NAG GA . 0.46 38.44 61.35
HN2 NAG GA . 1.60 36.99 59.33
HO3 NAG GA . 4.74 35.16 60.92
HO4 NAG GA . 5.80 32.98 59.28
HO6 NAG GA . 3.89 30.00 58.66
C1 NAG HA . -24.71 33.10 7.91
C2 NAG HA . -25.90 33.64 7.11
C3 NAG HA . -25.87 35.11 6.92
C4 NAG HA . -24.92 35.80 7.84
C5 NAG HA . -23.49 35.24 7.75
C6 NAG HA . -22.79 35.49 9.05
C7 NAG HA . -26.85 33.28 4.73
C8 NAG HA . -26.77 32.58 3.37
N2 NAG HA . -25.86 32.97 5.76
O3 NAG HA . -27.20 35.65 7.16
O4 NAG HA . -24.88 37.19 7.50
O5 NAG HA . -23.45 33.79 7.47
O6 NAG HA . -23.38 34.71 10.06
O7 NAG HA . -27.72 34.06 4.94
H2 NAG HA . -26.83 33.38 7.61
H3 NAG HA . -25.59 35.34 5.90
H4 NAG HA . -25.27 35.70 8.86
H5 NAG HA . -22.96 35.76 6.97
H61 NAG HA . -22.86 36.54 9.33
H62 NAG HA . -21.74 35.21 8.95
H81 NAG HA . -27.59 32.90 2.74
H82 NAG HA . -26.81 31.51 3.50
H83 NAG HA . -25.83 32.84 2.88
HN2 NAG HA . -25.14 32.32 5.57
HO3 NAG HA . -27.76 35.45 6.44
HO4 NAG HA . -25.71 37.47 7.17
HO6 NAG HA . -23.88 35.26 10.64
C1 NAG IA . -49.81 13.27 4.47
C2 NAG IA . -49.70 13.01 5.97
C3 NAG IA . -49.95 11.58 6.30
C4 NAG IA . -51.25 11.09 5.74
C5 NAG IA . -51.36 11.36 4.25
C6 NAG IA . -52.74 10.98 3.77
C7 NAG IA . -48.05 14.75 6.85
C8 NAG IA . -46.65 15.13 7.33
N2 NAG IA . -48.33 13.37 6.44
O3 NAG IA . -49.95 11.42 7.74
O4 NAG IA . -51.35 9.69 5.98
O5 NAG IA . -51.12 12.78 3.91
O6 NAG IA . -53.68 11.87 4.33
O7 NAG IA . -48.91 15.57 6.82
H2 NAG IA . -50.43 13.61 6.49
H3 NAG IA . -49.14 10.98 5.88
H4 NAG IA . -52.06 11.60 6.25
H5 NAG IA . -50.63 10.75 3.73
H61 NAG IA . -52.96 9.97 4.09
H62 NAG IA . -52.78 11.04 2.70
H81 NAG IA . -46.60 16.19 7.53
H82 NAG IA . -45.93 14.87 6.56
H83 NAG IA . -46.41 14.59 8.24
HN2 NAG IA . -47.61 12.69 6.47
HO3 NAG IA . -50.13 10.52 7.96
HO4 NAG IA . -52.26 9.45 6.07
HO6 NAG IA . -53.30 12.73 4.37
C1 NAG JA . -29.44 22.90 37.52
C2 NAG JA . -30.38 22.07 36.62
C3 NAG JA . -31.76 22.55 36.42
C4 NAG JA . -32.29 23.38 37.55
C5 NAG JA . -31.37 24.54 37.88
C6 NAG JA . -31.94 25.30 39.04
C7 NAG JA . -29.28 22.99 34.43
C8 NAG JA . -29.43 24.46 34.85
N2 NAG JA . -29.73 21.87 35.28
O3 NAG JA . -32.64 21.39 36.27
O4 NAG JA . -33.58 23.89 37.18
O5 NAG JA . -30.00 24.11 38.22
O6 NAG JA . -32.17 24.43 40.11
O7 NAG JA . -28.79 22.74 33.38
H2 NAG JA . -30.46 21.09 37.08
H3 NAG JA . -31.82 23.13 35.50
H4 NAG JA . -32.40 22.74 38.42
H5 NAG JA . -31.32 25.21 37.02
H61 NAG JA . -32.87 25.76 38.74
H62 NAG JA . -31.24 26.06 39.35
H81 NAG JA . -29.28 25.09 33.98
H82 NAG JA . -28.70 24.70 35.60
H83 NAG JA . -30.42 24.64 35.23
HN2 NAG JA . -29.60 20.94 34.94
HO3 NAG JA . -33.30 21.57 35.64
HO4 NAG JA . -34.14 23.92 37.93
HO6 NAG JA . -33.09 24.46 40.34
C1 NAG KA . -16.15 41.47 67.49
C2 NAG KA . -14.68 41.87 67.61
C3 NAG KA . -14.19 42.16 68.99
C4 NAG KA . -15.12 43.06 69.72
C5 NAG KA . -16.51 42.42 69.80
C6 NAG KA . -17.41 43.36 70.55
C7 NAG KA . -13.73 39.42 67.49
C8 NAG KA . -14.49 38.89 68.72
N2 NAG KA . -13.82 40.80 66.99
O3 NAG KA . -12.88 42.79 68.90
O4 NAG KA . -14.62 43.28 71.04
O5 NAG KA . -17.07 42.17 68.46
O6 NAG KA . -18.74 42.93 70.43
O7 NAG KA . -13.01 38.66 66.92
H2 NAG KA . -14.54 42.78 67.03
H3 NAG KA . -14.10 41.24 69.55
H4 NAG KA . -15.19 44.01 69.19
H5 NAG KA . -16.44 41.49 70.33
H61 NAG KA . -17.32 44.36 70.14
H62 NAG KA . -17.13 43.37 71.59
H81 NAG KA . -14.68 37.84 68.60
H82 NAG KA . -15.43 39.41 68.83
H83 NAG KA . -13.89 39.05 69.61
HN2 NAG KA . -13.28 41.03 66.18
HO3 NAG KA . -12.94 43.54 68.33
HO4 NAG KA . -14.18 44.11 71.07
HO6 NAG KA . -18.97 42.90 69.52
C1 NAG LA . 7.00 10.82 62.78
C2 NAG LA . 6.01 10.47 61.69
C3 NAG LA . 5.01 9.49 62.20
C4 NAG LA . 5.60 8.33 62.96
C5 NAG LA . 6.68 8.76 63.96
C6 NAG LA . 7.34 7.55 64.60
C7 NAG LA . 5.04 11.94 59.78
C8 NAG LA . 5.45 10.91 58.71
N2 NAG LA . 5.31 11.71 61.21
O3 NAG LA . 4.24 8.97 61.08
O4 NAG LA . 4.56 7.68 63.69
O5 NAG LA . 7.69 9.59 63.31
O6 NAG LA . 8.48 7.97 65.29
O7 NAG LA . 4.49 12.95 59.44
H2 NAG LA . 6.54 10.00 60.88
H3 NAG LA . 4.33 10.01 62.87
H4 NAG LA . 6.02 7.62 62.26
H5 NAG LA . 6.20 9.32 64.75
H61 NAG LA . 7.61 6.84 63.83
H62 NAG LA . 6.64 7.10 65.30
H81 NAG LA . 5.02 11.19 57.75
H82 NAG LA . 5.09 9.93 59.00
H83 NAG LA . 6.53 10.90 58.63
HN2 NAG LA . 5.03 12.40 61.89
HO3 NAG LA . 4.45 8.06 60.94
HO4 NAG LA . 4.91 6.90 64.09
HO6 NAG LA . 8.73 8.85 65.05
C1 NAG MA . -5.68 -51.88 -7.50
C2 NAG MA . -4.24 -52.14 -7.92
C3 NAG MA . -3.84 -51.31 -9.08
C4 NAG MA . -4.76 -51.49 -10.23
C5 NAG MA . -6.22 -51.24 -9.84
C6 NAG MA . -7.11 -51.61 -10.99
C7 NAG MA . -2.17 -52.65 -6.44
C8 NAG MA . -1.80 -53.88 -7.30
N2 NAG MA . -3.34 -51.83 -6.75
O3 NAG MA . -2.48 -51.68 -9.48
O4 NAG MA . -4.40 -50.57 -11.28
O5 NAG MA . -6.62 -52.02 -8.66
O6 NAG MA . -6.93 -52.95 -11.32
O7 NAG MA . -1.49 -52.38 -5.52
H2 NAG MA . -4.15 -53.19 -8.19
H3 NAG MA . -3.84 -50.27 -8.78
H4 NAG MA . -4.66 -52.50 -10.60
H5 NAG MA . -6.34 -50.18 -9.62
H61 NAG MA . -6.85 -51.00 -11.86
H62 NAG MA . -8.14 -51.43 -10.72
H81 NAG MA . -0.92 -54.35 -6.88
H82 NAG MA . -1.61 -53.57 -8.31
H83 NAG MA . -2.62 -54.59 -7.28
HN2 NAG MA . -3.55 -51.04 -6.17
HO3 NAG MA . -2.19 -51.10 -10.17
HO4 NAG MA . -4.56 -50.97 -12.11
HO6 NAG MA . -6.63 -53.42 -10.56
C1 NAG NA . 41.50 -34.20 -2.06
C2 NAG NA . 42.11 -35.55 -1.69
C3 NAG NA . 42.78 -36.14 -2.87
C4 NAG NA . 41.81 -36.35 -3.98
C5 NAG NA . 40.99 -35.09 -4.31
C6 NAG NA . 39.87 -35.47 -5.23
C7 NAG NA . 42.66 -35.53 0.82
C8 NAG NA . 43.66 -35.33 1.97
N2 NAG NA . 43.10 -35.36 -0.57
O3 NAG NA . 43.36 -37.44 -2.48
O4 NAG NA . 42.53 -36.75 -5.15
O5 NAG NA . 40.44 -34.42 -3.11
O6 NAG NA . 38.65 -35.05 -4.68
O7 NAG NA . 41.54 -35.82 1.05
H2 NAG NA . 41.33 -36.21 -1.36
H3 NAG NA . 43.58 -35.49 -3.20
H4 NAG NA . 41.13 -37.15 -3.70
H5 NAG NA . 41.65 -34.39 -4.82
H61 NAG NA . 39.86 -36.55 -5.35
H62 NAG NA . 40.01 -35.00 -6.19
H81 NAG NA . 43.16 -35.53 2.91
H82 NAG NA . 44.02 -34.31 1.96
H83 NAG NA . 44.49 -36.02 1.85
HN2 NAG NA . 44.05 -35.11 -0.78
HO3 NAG NA . 43.81 -37.80 -3.22
HO4 NAG NA . 41.94 -37.09 -5.79
HO6 NAG NA . 38.72 -35.03 -3.74
C1 NAG OA . -24.77 -29.69 -20.96
C2 NAG OA . -25.59 -29.49 -22.23
C3 NAG OA . -26.95 -28.95 -21.97
C4 NAG OA . -26.92 -27.74 -21.09
C5 NAG OA . -26.11 -27.90 -19.80
C6 NAG OA . -26.86 -28.73 -18.80
C7 NAG OA . -23.51 -28.85 -23.59
C8 NAG OA . -22.75 -27.88 -24.50
N2 NAG OA . -24.86 -28.52 -23.11
O3 NAG OA . -27.74 -29.98 -21.32
O4 NAG OA . -26.33 -26.66 -21.85
O5 NAG OA . -24.78 -28.51 -20.03
O6 NAG OA . -28.15 -28.19 -18.60
O7 NAG OA . -23.01 -29.89 -23.28
H2 NAG OA . -25.68 -30.44 -22.74
H3 NAG OA . -27.40 -28.69 -22.91
H4 NAG OA . -27.94 -27.46 -20.84
H5 NAG OA . -25.95 -26.92 -19.37
H61 NAG OA . -26.34 -28.74 -17.86
H62 NAG OA . -26.96 -29.75 -19.16
H81 NAG OA . -21.77 -28.28 -24.72
H82 NAG OA . -22.65 -26.93 -24.00
H83 NAG OA . -23.30 -27.74 -25.42
HN2 NAG OA . -25.28 -27.65 -23.38
HO3 NAG OA . -28.64 -29.69 -21.23
HO4 NAG OA . -26.45 -25.85 -21.39
HO6 NAG OA . -28.11 -27.25 -18.68
C1 NAG PA . -1.10 -32.79 -41.80
C2 NAG PA . 0.10 -31.88 -42.05
C3 NAG PA . 1.39 -32.50 -41.64
C4 NAG PA . 1.29 -33.98 -41.45
C5 NAG PA . 0.20 -34.39 -40.44
C6 NAG PA . 0.76 -34.33 -39.05
C7 NAG PA . -0.89 -30.69 -44.10
C8 NAG PA . -0.84 -30.32 -45.59
N2 NAG PA . 0.16 -31.52 -43.51
O3 NAG PA . 1.82 -31.89 -40.38
O4 NAG PA . 0.97 -34.57 -42.71
O5 NAG PA . -0.98 -33.52 -40.50
O6 NAG PA . -0.10 -33.60 -38.23
O7 NAG PA . -1.78 -30.29 -43.43
H2 NAG PA . -0.04 -30.96 -41.47
H3 NAG PA . 2.13 -32.29 -42.40
H4 NAG PA . 2.25 -34.36 -41.12
H5 NAG PA . -0.10 -35.41 -40.65
H61 NAG PA . 1.74 -33.86 -39.05
H62 NAG PA . 0.86 -35.34 -38.65
H81 NAG PA . -1.69 -29.71 -45.84
H82 NAG PA . -0.86 -31.23 -46.18
H83 NAG PA . 0.07 -29.78 -45.80
HN2 NAG PA . 0.91 -31.86 -44.07
HO3 NAG PA . 2.73 -32.09 -40.23
HO4 NAG PA . 0.99 -35.51 -42.63
HO6 NAG PA . -0.66 -33.06 -38.77
C1 NAG QA . 40.86 -33.53 27.54
C2 NAG QA . 40.23 -34.53 28.50
C3 NAG QA . 39.41 -35.53 27.78
C4 NAG QA . 38.41 -34.90 26.85
C5 NAG QA . 39.05 -33.84 25.93
C6 NAG QA . 37.96 -33.13 25.18
C7 NAG QA . 41.91 -34.64 30.43
C8 NAG QA . 43.03 -35.36 31.19
N2 NAG QA . 41.32 -35.24 29.25
O3 NAG QA . 38.68 -36.33 28.75
O4 NAG QA . 37.85 -35.92 26.03
O5 NAG QA . 39.82 -32.85 26.70
O6 NAG QA . 37.87 -31.80 25.63
O7 NAG QA . 41.52 -33.58 30.82
H2 NAG QA . 39.60 -33.99 29.21
H3 NAG QA . 40.06 -36.17 27.20
H4 NAG QA . 37.62 -34.43 27.43
H5 NAG QA . 39.71 -34.33 25.24
H61 NAG QA . 37.02 -33.63 25.34
H62 NAG QA . 38.19 -33.14 24.12
H81 NAG QA . 43.33 -34.78 32.05
H82 NAG QA . 43.87 -35.51 30.53
H83 NAG QA . 42.67 -36.34 31.52
HN2 NAG QA . 41.64 -36.13 28.92
HO3 NAG QA . 38.18 -37.00 28.30
HO4 NAG QA . 36.90 -35.85 26.03
HO6 NAG QA . 38.47 -31.68 26.36
C1 NAG RA . -21.95 -83.03 10.83
C2 NAG RA . -21.26 -82.23 9.71
C3 NAG RA . -21.84 -82.23 8.34
C4 NAG RA . -22.76 -83.36 7.97
C5 NAG RA . -23.55 -84.00 9.10
C6 NAG RA . -23.87 -85.41 8.65
C7 NAG RA . -22.26 -79.90 10.37
C8 NAG RA . -23.72 -80.38 10.35
N2 NAG RA . -21.12 -80.78 10.09
O3 NAG RA . -20.73 -82.28 7.41
O4 NAG RA . -23.71 -82.83 7.02
O5 NAG RA . -22.86 -84.13 10.38
O6 NAG RA . -24.45 -85.37 7.37
O7 NAG RA . -22.04 -78.76 10.67
H2 NAG RA . -20.26 -82.65 9.62
H3 NAG RA . -22.36 -81.30 8.17
H4 NAG RA . -22.18 -84.12 7.47
H5 NAG RA . -24.48 -83.46 9.24
H61 NAG RA . -24.54 -85.88 9.35
H62 NAG RA . -22.95 -85.97 8.61
H81 NAG RA . -24.37 -79.51 10.26
H82 NAG RA . -23.94 -80.89 11.27
H83 NAG RA . -23.89 -81.04 9.52
HN2 NAG RA . -20.20 -80.39 10.13
HO3 NAG RA . -21.05 -82.14 6.53
HO4 NAG RA . -24.45 -83.40 6.97
HO6 NAG RA . -23.83 -85.69 6.74
C1 NAG SA . -0.48 -54.23 37.45
C2 NAG SA . 0.00 -52.79 37.06
C3 NAG SA . 1.45 -52.62 36.82
C4 NAG SA . 2.19 -53.12 38.02
C5 NAG SA . 1.76 -54.55 38.40
C6 NAG SA . 2.51 -54.85 39.65
C7 NAG SA . -0.42 -52.35 34.49
C8 NAG SA . -1.30 -51.72 33.41
N2 NAG SA . -0.79 -52.20 35.90
O3 NAG SA . 1.74 -51.21 36.57
O4 NAG SA . 3.59 -53.10 37.73
O5 NAG SA . 0.31 -54.72 38.65
O6 NAG SA . 2.15 -56.13 40.14
O7 NAG SA . 0.54 -52.98 34.14
H2 NAG SA . -0.25 -52.18 37.90
H3 NAG SA . 1.73 -53.21 35.94
H4 NAG SA . 2.01 -52.46 38.87
H5 NAG SA . 2.06 -55.21 37.59
H61 NAG SA . 2.26 -54.12 40.43
H62 NAG SA . 3.57 -54.87 39.46
H81 NAG SA . -0.88 -51.89 32.44
H82 NAG SA . -1.33 -50.65 33.59
H83 NAG SA . -2.28 -52.16 33.51
HN2 NAG SA . -1.62 -51.68 36.08
HO3 NAG SA . 2.64 -51.05 36.32
HO4 NAG SA . 4.05 -52.81 38.50
HO6 NAG SA . 2.41 -56.20 41.05
C1 NAG TA . 50.16 18.04 -5.98
C2 NAG TA . 48.69 18.03 -5.52
C3 NAG TA . 48.22 19.35 -5.00
C4 NAG TA . 49.17 20.07 -4.10
C5 NAG TA . 50.59 20.11 -4.66
C6 NAG TA . 51.52 20.68 -3.64
C7 NAG TA . 46.51 17.05 -6.54
C8 NAG TA . 46.03 16.47 -5.19
N2 NAG TA . 47.78 17.78 -6.68
O3 NAG TA . 46.99 19.16 -4.27
O4 NAG TA . 48.72 21.41 -3.93
O5 NAG TA . 51.04 18.75 -4.99
O6 NAG TA . 52.21 19.63 -3.01
O7 NAG TA . 45.83 16.87 -7.50
H2 NAG TA . 48.56 17.29 -4.74
H3 NAG TA . 48.02 19.99 -5.85
H4 NAG TA . 49.20 19.58 -3.13
H5 NAG TA . 50.60 20.72 -5.56
H61 NAG TA . 50.96 21.25 -2.92
H62 NAG TA . 52.24 21.34 -4.14
H81 NAG TA . 45.22 15.78 -5.37
H82 NAG TA . 45.68 17.28 -4.56
H83 NAG TA . 46.84 15.95 -4.69
HN2 NAG TA . 48.04 18.12 -7.57
HO3 NAG TA . 46.51 19.97 -4.22
HO4 NAG TA . 48.84 21.68 -3.04
HO6 NAG TA . 51.92 18.82 -3.36
C1 NAG UA . 28.05 10.14 -29.54
C2 NAG UA . 27.32 8.81 -29.37
C3 NAG UA . 27.79 7.77 -30.31
C4 NAG UA . 27.79 8.25 -31.73
C5 NAG UA . 28.55 9.57 -31.89
C6 NAG UA . 28.38 10.05 -33.30
C7 NAG UA . 26.48 7.78 -27.15
C8 NAG UA . 25.04 7.69 -27.67
N2 NAG UA . 27.56 8.32 -27.97
O3 NAG UA . 26.90 6.63 -30.21
O4 NAG UA . 28.41 7.25 -32.56
O5 NAG UA . 28.06 10.60 -30.97
O6 NAG UA . 27.70 11.28 -33.29
O7 NAG UA . 26.73 7.40 -26.04
H2 NAG UA . 26.26 8.98 -29.53
H3 NAG UA . 28.79 7.47 -30.04
H4 NAG UA . 26.76 8.39 -32.06
H5 NAG UA . 29.60 9.39 -31.71
H61 NAG UA . 27.80 9.34 -33.87
H62 NAG UA . 29.35 10.19 -33.76
H81 NAG UA . 24.40 7.24 -26.92
H82 NAG UA . 25.02 7.10 -28.57
H83 NAG UA . 24.67 8.69 -27.89
HN2 NAG UA . 28.49 8.36 -27.59
HO3 NAG UA . 27.31 5.86 -30.59
HO4 NAG UA . 27.77 6.89 -33.14
HO6 NAG UA . 27.33 11.43 -32.43
C1 NAG VA . 21.11 41.26 -21.46
C2 NAG VA . 21.95 42.14 -20.52
C3 NAG VA . 21.18 43.31 -20.01
C4 NAG VA . 20.49 44.14 -21.04
C5 NAG VA . 19.60 43.28 -21.93
C6 NAG VA . 19.19 44.05 -23.16
C7 NAG VA . 23.62 41.00 -18.89
C8 NAG VA . 23.86 40.28 -17.56
N2 NAG VA . 22.26 41.40 -19.25
O3 NAG VA . 22.07 44.18 -19.25
O4 NAG VA . 19.65 45.08 -20.37
O5 NAG VA . 20.30 42.09 -22.41
O6 NAG VA . 18.77 43.13 -24.14
O7 NAG VA . 24.52 41.23 -19.63
H2 NAG VA . 22.84 42.47 -21.03
H3 NAG VA . 20.41 42.94 -19.34
H4 NAG VA . 21.22 44.67 -21.63
H5 NAG VA . 18.72 42.97 -21.38
H61 NAG VA . 20.02 44.63 -23.54
H62 NAG VA . 18.36 44.72 -22.93
H81 NAG VA . 24.86 39.89 -17.55
H82 NAG VA . 23.14 39.48 -17.44
H83 NAG VA . 23.75 40.98 -16.76
HN2 NAG VA . 21.52 41.22 -18.61
HO3 NAG VA . 21.57 44.88 -18.87
HO4 NAG VA . 19.40 45.76 -20.98
HO6 NAG VA . 18.79 42.25 -23.78
C1 NAG WA . 85.91 -2.75 -8.55
C2 NAG WA . 85.75 -3.63 -9.78
C3 NAG WA . 85.52 -2.86 -11.04
C4 NAG WA . 86.45 -1.71 -11.24
C5 NAG WA . 86.76 -0.86 -9.99
C6 NAG WA . 85.68 0.16 -9.78
C7 NAG WA . 86.79 -5.91 -10.33
C8 NAG WA . 88.02 -6.81 -10.49
N2 NAG WA . 86.96 -4.51 -9.94
O3 NAG WA . 84.15 -2.38 -11.06
O4 NAG WA . 87.69 -2.22 -11.73
O5 NAG WA . 86.93 -1.65 -8.74
O6 NAG WA . 84.43 -0.46 -9.61
O7 NAG WA . 85.70 -6.34 -10.51
H2 NAG WA . 84.88 -4.27 -9.62
H3 NAG WA . 85.65 -3.55 -11.86
H4 NAG WA . 86.04 -1.05 -11.99
H5 NAG WA . 87.69 -0.34 -10.17
H61 NAG WA . 85.64 0.82 -10.65
H62 NAG WA . 85.91 0.75 -8.90
H81 NAG WA . 87.71 -7.80 -10.81
H82 NAG WA . 88.54 -6.90 -9.54
H83 NAG WA . 88.69 -6.38 -11.22
HN2 NAG WA . 87.87 -4.13 -9.78
HO3 NAG WA . 84.00 -1.79 -10.34
HO4 NAG WA . 88.32 -1.53 -11.81
HO6 NAG WA . 83.81 0.17 -9.30
C1 NAG XA . 49.13 0.31 16.30
C2 NAG XA . 48.19 1.06 17.25
C3 NAG XA . 48.92 1.75 18.34
C4 NAG XA . 49.85 0.83 19.08
C5 NAG XA . 50.78 0.07 18.12
C6 NAG XA . 51.57 -0.93 18.90
C7 NAG XA . 48.10 3.08 15.66
C8 NAG XA . 47.28 4.11 14.87
N2 NAG XA . 47.41 2.07 16.47
O3 NAG XA . 47.95 2.29 19.29
O4 NAG XA . 50.64 1.60 19.99
O5 NAG XA . 50.04 -0.62 17.05
O6 NAG XA . 51.73 -2.10 18.14
O7 NAG XA . 49.29 3.09 15.60
H2 NAG XA . 47.49 0.34 17.69
H3 NAG XA . 49.50 2.56 17.91
H4 NAG XA . 49.26 0.11 19.64
H5 NAG XA . 51.46 0.79 17.67
H61 NAG XA . 51.05 -1.18 19.82
H62 NAG XA . 52.54 -0.53 19.14
H81 NAG XA . 47.96 4.82 14.41
H82 NAG XA . 46.62 4.63 15.54
H83 NAG XA . 46.70 3.60 14.11
HN2 NAG XA . 46.41 2.06 16.51
HO3 NAG XA . 48.40 2.87 19.89
HO4 NAG XA . 51.02 1.03 20.64
HO6 NAG XA . 50.95 -2.25 17.63
#